data_6LU9
#
_entry.id   6LU9
#
_cell.length_a   1.00
_cell.length_b   1.00
_cell.length_c   1.00
_cell.angle_alpha   90.00
_cell.angle_beta   90.00
_cell.angle_gamma   90.00
#
_symmetry.space_group_name_H-M   'P 1'
#
_entity_poly.entity_id   1
_entity_poly.type   'polypeptide(L)'
_entity_poly.pdbx_seq_one_letter_code
;DSIIHIGAIFDESAKKDDEVFRTAVGDLNQNEEILQTEKITFSVTFVDGNNPFQAVQEACELMNQGILALVSSIGCTSAG
SLQSLADAMHIPHLFIQRSTAGTPRSGCGLTRSNRNDDYTLSVRPPVYLNEVILRVVTEYAWQKFIIFYDSEYDIRGIQE
FLDKVSQQGMDVALQKVENNINKMITTLFDTMRIEELNRYRDTLRRAILVMNPATAKSFISEVVETNLVAFDCHWIIINE
EINDVDVQELVRRSIGRLTIIRQTFPVPQNISQRCFRGNHRISSTLCDPKDPFAQNMEISNLYIYDTVLLLANAFHKKLQ
DRKWHSMASLSCIRKNSKPWQGGRSMLETIKKGGVNGLTGDLEFGENGGNPNVHFEILGTNYGEELGRGVRKLGCWNPVT
GLNGSLTDKKLENNMRGVVLRVVTVLEEPFVMVSENVLGKPKKYQGFSIDVLDALSNYLGFNYEIYVAPDHKYGSPQEDG
TWNGLVGELVFKRADIGISALTITPDRENVVDFTTRYMDYSVGVLLRRAEKTVDMFACLAPFDLSLWACIAGTVLLVGLL
VYLLNWLNPPRLQMGSMTSTTLYNSMWFVYGSFVQQGGEVPYTTLATRMMMGAWWLFALIVISSYTANLAAFLTITRIES
SIQSLQDLSKQTDIPYGTVLDSAVYQHVRMKGLNPFERDSMYSQMWRMINRSNGSENNVLESQAGIQKVKYGNYAFVWDA
AVLEYVAINDPDCSFYTVGNTVADRGYGIALQHGSPYRDVFSQRILELQQSGDMDILKHKWWPKNGQCDLYSSVDAKQKG
GALDIKSLAGVFCILAAGIVLSCLIAVLETWWSRRKGSRVPSKEDDKEIDLEHLHRRVNSLCTDDDSPHKGLVPRGS
;
_entity_poly.pdbx_strand_id   A,B,C,D
#
# COMPACT_ATOMS: atom_id res chain seq x y z
N ASP A 1 18.24 -38.93 78.56
CA ASP A 1 16.78 -38.75 78.47
C ASP A 1 16.45 -37.50 77.65
N SER A 2 15.48 -37.65 76.74
CA SER A 2 15.07 -36.54 75.90
C SER A 2 13.63 -36.18 76.22
N ILE A 3 13.38 -34.88 76.53
CA ILE A 3 12.04 -34.36 76.70
C ILE A 3 11.65 -33.48 75.50
N ILE A 4 12.55 -33.29 74.51
CA ILE A 4 12.30 -32.45 73.37
C ILE A 4 12.30 -33.30 72.14
N HIS A 5 11.08 -33.61 71.62
CA HIS A 5 10.92 -34.49 70.49
C HIS A 5 9.95 -33.83 69.54
N ILE A 6 10.34 -33.75 68.24
CA ILE A 6 9.51 -33.13 67.22
C ILE A 6 9.25 -34.13 66.13
N GLY A 7 8.12 -33.98 65.41
CA GLY A 7 7.78 -34.87 64.32
C GLY A 7 7.88 -34.15 63.01
N ALA A 8 8.15 -34.90 61.93
CA ALA A 8 8.16 -34.32 60.61
C ALA A 8 7.51 -35.25 59.60
N ILE A 9 6.66 -34.66 58.73
CA ILE A 9 6.00 -35.39 57.65
C ILE A 9 6.46 -34.74 56.35
N PHE A 10 7.08 -35.53 55.47
CA PHE A 10 7.61 -35.03 54.23
C PHE A 10 6.93 -35.75 53.09
N ASP A 11 6.64 -35.01 51.99
CA ASP A 11 6.37 -35.62 50.70
C ASP A 11 7.55 -36.49 50.23
N GLU A 12 7.30 -37.55 49.42
CA GLU A 12 8.32 -38.41 48.84
C GLU A 12 9.35 -37.67 47.99
N SER A 13 9.00 -36.47 47.44
CA SER A 13 9.89 -35.64 46.63
C SER A 13 10.80 -34.73 47.48
N ALA A 14 10.65 -34.75 48.82
CA ALA A 14 11.25 -33.82 49.73
C ALA A 14 12.44 -34.39 50.50
N LYS A 15 13.27 -35.24 49.85
CA LYS A 15 14.48 -35.80 50.45
C LYS A 15 15.47 -34.74 50.94
N LYS A 16 15.66 -33.65 50.18
CA LYS A 16 16.48 -32.52 50.58
C LYS A 16 15.95 -31.78 51.81
N ASP A 17 14.61 -31.66 51.99
CA ASP A 17 14.00 -31.11 53.18
C ASP A 17 14.36 -31.94 54.43
N ASP A 18 14.33 -33.29 54.33
CA ASP A 18 14.77 -34.21 55.38
C ASP A 18 16.26 -34.04 55.72
N GLU A 19 17.15 -33.94 54.70
CA GLU A 19 18.57 -33.75 54.91
C GLU A 19 18.87 -32.47 55.68
N VAL A 20 18.26 -31.35 55.26
CA VAL A 20 18.39 -30.06 55.94
C VAL A 20 17.77 -30.03 57.32
N PHE A 21 16.60 -30.69 57.52
CA PHE A 21 15.96 -30.85 58.81
C PHE A 21 16.89 -31.54 59.82
N ARG A 22 17.51 -32.67 59.44
CA ARG A 22 18.45 -33.39 60.25
C ARG A 22 19.72 -32.60 60.56
N THR A 23 20.28 -31.89 59.55
CA THR A 23 21.41 -30.97 59.72
C THR A 23 21.09 -29.85 60.69
N ALA A 24 19.90 -29.22 60.60
CA ALA A 24 19.47 -28.17 61.53
C ALA A 24 19.35 -28.62 62.98
N VAL A 25 18.82 -29.83 63.22
CA VAL A 25 18.80 -30.46 64.53
C VAL A 25 20.20 -30.72 65.06
N GLY A 26 21.11 -31.23 64.20
CA GLY A 26 22.53 -31.38 64.47
C GLY A 26 23.23 -30.11 64.91
N ASP A 27 23.05 -29.01 64.15
CA ASP A 27 23.59 -27.68 64.42
C ASP A 27 23.12 -27.11 65.76
N LEU A 28 21.81 -27.20 66.06
CA LEU A 28 21.26 -26.80 67.33
C LEU A 28 21.72 -27.60 68.51
N ASN A 29 21.85 -28.93 68.37
CA ASN A 29 22.37 -29.77 69.42
C ASN A 29 23.85 -29.58 69.70
N GLN A 30 24.58 -28.87 68.81
CA GLN A 30 25.94 -28.39 69.04
C GLN A 30 25.97 -26.96 69.57
N ASN A 31 24.83 -26.24 69.63
CA ASN A 31 24.79 -24.89 70.14
C ASN A 31 24.57 -24.96 71.65
N GLU A 32 25.56 -24.50 72.45
CA GLU A 32 25.46 -24.49 73.91
C GLU A 32 24.60 -23.37 74.47
N GLU A 33 24.29 -22.31 73.68
CA GLU A 33 23.56 -21.16 74.16
C GLU A 33 22.05 -21.40 74.16
N ILE A 34 21.55 -22.26 73.24
CA ILE A 34 20.12 -22.50 73.07
C ILE A 34 19.87 -23.91 73.50
N LEU A 35 18.93 -24.12 74.45
CA LEU A 35 18.66 -25.44 75.02
C LEU A 35 19.85 -26.07 75.71
N GLN A 36 20.42 -25.36 76.70
CA GLN A 36 21.74 -25.60 77.24
C GLN A 36 21.98 -27.01 77.76
N THR A 37 20.92 -27.65 78.26
CA THR A 37 20.99 -28.96 78.90
C THR A 37 20.11 -29.98 78.22
N GLU A 38 19.53 -29.70 77.02
CA GLU A 38 18.56 -30.58 76.41
C GLU A 38 18.85 -30.78 74.93
N LYS A 39 18.91 -32.04 74.48
CA LYS A 39 19.07 -32.37 73.08
C LYS A 39 17.72 -32.52 72.42
N ILE A 40 17.63 -32.09 71.14
CA ILE A 40 16.44 -32.29 70.33
C ILE A 40 16.53 -33.64 69.64
N THR A 41 15.48 -34.45 69.78
CA THR A 41 15.30 -35.71 69.09
C THR A 41 14.11 -35.57 68.14
N PHE A 42 13.94 -36.52 67.21
CA PHE A 42 12.88 -36.37 66.23
C PHE A 42 12.47 -37.70 65.65
N SER A 43 11.29 -37.73 65.03
CA SER A 43 10.81 -38.84 64.23
C SER A 43 10.32 -38.29 62.90
N VAL A 44 10.80 -38.85 61.77
CA VAL A 44 10.48 -38.37 60.42
C VAL A 44 9.76 -39.47 59.69
N THR A 45 8.67 -39.14 58.96
CA THR A 45 7.97 -40.08 58.10
C THR A 45 7.77 -39.46 56.73
N PHE A 46 8.08 -40.21 55.65
CA PHE A 46 7.78 -39.82 54.27
C PHE A 46 6.42 -40.39 53.88
N VAL A 47 5.60 -39.61 53.15
CA VAL A 47 4.28 -40.03 52.70
C VAL A 47 4.09 -39.60 51.26
N ASP A 48 3.17 -40.29 50.53
CA ASP A 48 2.62 -39.82 49.27
C ASP A 48 1.83 -38.55 49.60
N GLY A 49 2.25 -37.40 49.05
CA GLY A 49 1.62 -36.12 49.33
C GLY A 49 0.33 -35.92 48.61
N ASN A 50 -0.06 -36.86 47.72
CA ASN A 50 -1.36 -36.89 47.10
C ASN A 50 -2.29 -37.86 47.80
N ASN A 51 -1.87 -38.50 48.92
CA ASN A 51 -2.74 -39.31 49.72
C ASN A 51 -3.03 -38.64 51.08
N PRO A 52 -4.16 -37.94 51.28
CA PRO A 52 -4.40 -37.21 52.51
C PRO A 52 -4.67 -38.12 53.69
N PHE A 53 -5.27 -39.30 53.49
CA PHE A 53 -5.49 -40.27 54.55
C PHE A 53 -4.17 -40.81 55.07
N GLN A 54 -3.22 -41.16 54.16
CA GLN A 54 -1.88 -41.59 54.57
C GLN A 54 -1.15 -40.51 55.35
N ALA A 55 -1.23 -39.24 54.93
CA ALA A 55 -0.65 -38.13 55.65
C ALA A 55 -1.20 -37.97 57.07
N VAL A 56 -2.53 -38.07 57.26
CA VAL A 56 -3.19 -38.07 58.56
C VAL A 56 -2.78 -39.26 59.40
N GLN A 57 -2.78 -40.48 58.83
CA GLN A 57 -2.42 -41.69 59.55
C GLN A 57 -1.01 -41.64 60.10
N GLU A 58 -0.02 -41.29 59.28
CA GLU A 58 1.37 -41.19 59.68
C GLU A 58 1.64 -40.04 60.65
N ALA A 59 0.97 -38.87 60.49
CA ALA A 59 1.02 -37.78 61.45
C ALA A 59 0.45 -38.20 62.81
N CYS A 60 -0.65 -38.97 62.84
CA CYS A 60 -1.22 -39.59 64.03
C CYS A 60 -0.28 -40.57 64.73
N GLU A 61 0.47 -41.40 63.98
CA GLU A 61 1.51 -42.27 64.54
C GLU A 61 2.63 -41.49 65.22
N LEU A 62 3.09 -40.37 64.63
CA LEU A 62 4.03 -39.45 65.28
C LEU A 62 3.50 -38.83 66.57
N MET A 63 2.22 -38.43 66.60
CA MET A 63 1.56 -37.95 67.80
C MET A 63 1.41 -39.00 68.90
N ASN A 64 1.22 -40.29 68.54
CA ASN A 64 1.25 -41.44 69.44
C ASN A 64 2.63 -41.64 70.09
N GLN A 65 3.73 -41.47 69.33
CA GLN A 65 5.06 -41.45 69.90
C GLN A 65 5.27 -40.33 70.92
N GLY A 66 4.69 -39.15 70.64
CA GLY A 66 4.71 -37.99 71.51
C GLY A 66 5.59 -36.93 70.93
N ILE A 67 5.01 -35.80 70.48
CA ILE A 67 5.76 -34.73 69.84
C ILE A 67 5.31 -33.39 70.41
N LEU A 68 6.20 -32.38 70.40
CA LEU A 68 5.88 -31.02 70.80
C LEU A 68 5.34 -30.18 69.67
N ALA A 69 5.68 -30.55 68.42
CA ALA A 69 5.27 -29.83 67.26
C ALA A 69 5.44 -30.75 66.08
N LEU A 70 4.70 -30.47 65.00
CA LEU A 70 4.74 -31.21 63.77
C LEU A 70 5.23 -30.27 62.67
N VAL A 71 6.30 -30.64 61.96
CA VAL A 71 6.78 -29.90 60.81
C VAL A 71 6.31 -30.64 59.57
N SER A 72 5.75 -29.94 58.58
CA SER A 72 5.38 -30.62 57.33
C SER A 72 6.00 -29.90 56.16
N SER A 73 6.48 -30.67 55.16
CA SER A 73 6.87 -30.07 53.89
C SER A 73 6.15 -30.85 52.82
N ILE A 74 5.08 -30.25 52.26
CA ILE A 74 4.10 -31.00 51.50
C ILE A 74 3.30 -30.05 50.62
N GLY A 75 2.65 -30.55 49.56
CA GLY A 75 1.75 -29.75 48.73
C GLY A 75 0.38 -29.55 49.35
N CYS A 76 -0.49 -28.82 48.62
CA CYS A 76 -1.81 -28.42 49.07
C CYS A 76 -2.81 -29.55 49.28
N THR A 77 -2.65 -30.68 48.56
CA THR A 77 -3.57 -31.84 48.55
C THR A 77 -3.78 -32.43 49.92
N SER A 78 -2.71 -32.58 50.71
CA SER A 78 -2.78 -33.15 52.05
C SER A 78 -2.65 -32.10 53.11
N ALA A 79 -2.42 -30.82 52.73
CA ALA A 79 -2.24 -29.72 53.67
C ALA A 79 -3.49 -29.51 54.52
N GLY A 80 -4.69 -29.53 53.90
CA GLY A 80 -5.95 -29.31 54.61
C GLY A 80 -6.28 -30.33 55.65
N SER A 81 -5.99 -31.60 55.36
CA SER A 81 -6.13 -32.72 56.26
C SER A 81 -5.17 -32.71 57.43
N LEU A 82 -3.89 -32.32 57.22
CA LEU A 82 -2.94 -32.12 58.30
C LEU A 82 -3.27 -30.96 59.21
N GLN A 83 -3.70 -29.82 58.63
CA GLN A 83 -4.11 -28.65 59.39
C GLN A 83 -5.32 -28.94 60.27
N SER A 84 -6.36 -29.61 59.74
CA SER A 84 -7.53 -30.01 60.52
C SER A 84 -7.23 -31.04 61.60
N LEU A 85 -6.32 -32.01 61.34
CA LEU A 85 -5.79 -32.90 62.37
C LEU A 85 -5.06 -32.17 63.49
N ALA A 86 -4.17 -31.21 63.16
CA ALA A 86 -3.43 -30.41 64.12
C ALA A 86 -4.35 -29.59 65.03
N ASP A 87 -5.41 -28.97 64.45
CA ASP A 87 -6.47 -28.28 65.16
C ASP A 87 -7.23 -29.17 66.14
N ALA A 88 -7.58 -30.41 65.74
CA ALA A 88 -8.24 -31.38 66.60
C ALA A 88 -7.38 -31.84 67.78
N MET A 89 -6.06 -32.03 67.57
CA MET A 89 -5.18 -32.62 68.56
C MET A 89 -4.39 -31.60 69.36
N HIS A 90 -4.51 -30.31 69.03
CA HIS A 90 -3.76 -29.21 69.62
C HIS A 90 -2.25 -29.35 69.46
N ILE A 91 -1.79 -29.78 68.28
CA ILE A 91 -0.37 -29.98 68.04
C ILE A 91 0.06 -28.81 67.17
N PRO A 92 0.98 -27.92 67.56
CA PRO A 92 1.50 -26.87 66.68
C PRO A 92 2.05 -27.40 65.36
N HIS A 93 1.54 -26.88 64.23
CA HIS A 93 1.84 -27.40 62.93
C HIS A 93 2.59 -26.35 62.13
N LEU A 94 3.86 -26.63 61.79
CA LEU A 94 4.71 -25.70 61.08
C LEU A 94 4.68 -26.16 59.64
N PHE A 95 3.91 -25.44 58.79
CA PHE A 95 3.60 -25.88 57.45
C PHE A 95 4.49 -25.15 56.46
N ILE A 96 5.27 -25.95 55.70
CA ILE A 96 6.12 -25.46 54.64
C ILE A 96 5.48 -25.97 53.37
N GLN A 97 4.87 -25.04 52.61
CA GLN A 97 4.25 -25.41 51.36
C GLN A 97 5.28 -25.73 50.27
N ARG A 98 5.19 -26.94 49.70
CA ARG A 98 5.95 -27.32 48.53
C ARG A 98 5.11 -27.12 47.30
N SER A 99 5.72 -26.60 46.23
CA SER A 99 5.12 -26.55 44.92
C SER A 99 5.38 -27.85 44.18
N THR A 100 4.51 -28.18 43.21
CA THR A 100 4.65 -29.40 42.42
C THR A 100 5.61 -29.15 41.28
N ALA A 101 6.75 -29.89 41.23
CA ALA A 101 7.69 -29.87 40.12
C ALA A 101 8.32 -28.52 39.80
N GLY A 102 8.47 -27.63 40.80
CA GLY A 102 9.04 -26.31 40.60
C GLY A 102 8.09 -25.33 39.94
N THR A 103 6.78 -25.66 39.76
CA THR A 103 5.76 -24.73 39.28
C THR A 103 5.67 -23.53 40.22
N PRO A 104 5.39 -22.29 39.81
CA PRO A 104 5.08 -21.21 40.73
C PRO A 104 4.01 -21.55 41.75
N ARG A 105 4.25 -21.24 43.03
CA ARG A 105 3.24 -21.41 44.04
C ARG A 105 1.99 -20.57 43.80
N SER A 106 0.83 -21.16 44.13
CA SER A 106 -0.41 -20.44 44.30
C SER A 106 -0.83 -20.77 45.70
N GLY A 107 -1.71 -19.94 46.31
CA GLY A 107 -2.28 -20.22 47.61
C GLY A 107 -3.03 -21.54 47.63
N CYS A 108 -2.95 -22.27 48.71
CA CYS A 108 -3.62 -23.56 48.75
C CYS A 108 -5.13 -23.45 48.59
N GLY A 109 -5.72 -22.40 49.16
CA GLY A 109 -7.15 -22.18 49.11
C GLY A 109 -7.97 -23.27 49.81
N LEU A 110 -7.38 -23.86 50.84
CA LEU A 110 -8.02 -24.94 51.58
C LEU A 110 -9.28 -24.51 52.31
N THR A 111 -9.36 -23.22 52.66
CA THR A 111 -10.50 -22.62 53.38
C THR A 111 -10.84 -23.37 54.68
N ARG A 112 -9.79 -23.72 55.42
CA ARG A 112 -9.91 -24.45 56.69
C ARG A 112 -10.97 -23.89 57.62
N SER A 113 -11.79 -24.79 58.16
CA SER A 113 -12.84 -24.42 59.09
C SER A 113 -12.37 -23.53 60.23
N ASN A 114 -12.97 -22.35 60.39
CA ASN A 114 -12.48 -21.31 61.26
C ASN A 114 -13.21 -21.29 62.59
N ARG A 115 -14.08 -22.29 62.84
CA ARG A 115 -14.78 -22.43 64.10
C ARG A 115 -13.87 -22.82 65.24
N ASN A 116 -12.79 -23.56 64.91
CA ASN A 116 -11.83 -24.07 65.85
C ASN A 116 -10.57 -23.23 65.75
N ASP A 117 -9.77 -23.18 66.84
CA ASP A 117 -8.47 -22.55 66.89
C ASP A 117 -7.53 -23.13 65.85
N ASP A 118 -6.75 -22.26 65.18
CA ASP A 118 -5.85 -22.64 64.12
C ASP A 118 -4.50 -22.94 64.74
N TYR A 119 -4.05 -24.20 64.61
CA TYR A 119 -2.80 -24.67 65.15
C TYR A 119 -1.73 -24.65 64.08
N THR A 120 -2.05 -24.16 62.86
CA THR A 120 -1.09 -24.12 61.77
C THR A 120 -0.44 -22.79 61.62
N LEU A 121 0.89 -22.81 61.55
CA LEU A 121 1.65 -21.63 61.24
C LEU A 121 2.27 -21.85 59.87
N SER A 122 1.98 -20.92 58.94
CA SER A 122 2.45 -21.00 57.57
C SER A 122 3.81 -20.36 57.47
N VAL A 123 4.85 -21.19 57.30
CA VAL A 123 6.26 -20.80 57.34
C VAL A 123 6.71 -20.01 56.14
N ARG A 124 6.28 -20.41 54.94
CA ARG A 124 6.56 -19.64 53.73
C ARG A 124 5.67 -18.41 53.67
N PRO A 125 6.13 -17.30 53.10
CA PRO A 125 5.35 -16.08 52.98
C PRO A 125 4.12 -16.26 52.09
N PRO A 126 3.13 -15.36 52.13
CA PRO A 126 2.05 -15.30 51.15
C PRO A 126 2.54 -15.32 49.72
N VAL A 127 1.73 -15.86 48.80
CA VAL A 127 2.04 -15.83 47.40
C VAL A 127 1.76 -14.43 46.88
N TYR A 128 2.80 -13.72 46.41
CA TYR A 128 2.70 -12.35 45.96
C TYR A 128 2.94 -12.24 44.47
N LEU A 129 2.97 -13.37 43.73
CA LEU A 129 3.27 -13.42 42.30
C LEU A 129 2.43 -12.47 41.47
N ASN A 130 1.10 -12.43 41.73
CA ASN A 130 0.11 -11.58 41.08
C ASN A 130 0.38 -10.09 41.27
N GLU A 131 0.75 -9.65 42.49
CA GLU A 131 1.10 -8.27 42.81
C GLU A 131 2.39 -7.84 42.10
N VAL A 132 3.45 -8.68 42.17
CA VAL A 132 4.74 -8.38 41.57
C VAL A 132 4.66 -8.25 40.07
N ILE A 133 3.98 -9.20 39.40
CA ILE A 133 3.83 -9.19 37.96
C ILE A 133 3.07 -7.98 37.46
N LEU A 134 2.01 -7.56 38.18
CA LEU A 134 1.24 -6.37 37.89
C LEU A 134 2.09 -5.12 37.95
N ARG A 135 2.94 -4.99 38.97
CA ARG A 135 3.84 -3.86 39.05
C ARG A 135 4.84 -3.80 37.90
N VAL A 136 5.47 -4.93 37.53
CA VAL A 136 6.43 -5.01 36.44
C VAL A 136 5.82 -4.72 35.06
N VAL A 137 4.63 -5.28 34.71
CA VAL A 137 3.97 -5.00 33.44
C VAL A 137 3.58 -3.54 33.30
N THR A 138 3.14 -2.91 34.41
CA THR A 138 2.80 -1.48 34.50
C THR A 138 3.99 -0.60 34.23
N GLU A 139 5.17 -0.89 34.82
CA GLU A 139 6.43 -0.19 34.60
C GLU A 139 6.89 -0.25 33.15
N TYR A 140 6.67 -1.40 32.49
CA TYR A 140 7.05 -1.55 31.09
C TYR A 140 5.98 -1.02 30.14
N ALA A 141 4.85 -0.50 30.67
CA ALA A 141 3.73 0.05 29.92
C ALA A 141 3.10 -0.94 28.94
N TRP A 142 3.03 -2.23 29.33
CA TRP A 142 2.43 -3.25 28.51
C TRP A 142 0.92 -3.08 28.40
N GLN A 143 0.36 -3.38 27.21
CA GLN A 143 -1.06 -3.22 26.96
C GLN A 143 -1.62 -4.49 26.32
N LYS A 144 -0.75 -5.30 25.70
CA LYS A 144 -1.18 -6.50 25.06
C LYS A 144 -0.09 -7.53 25.27
N PHE A 145 -0.45 -8.73 25.76
CA PHE A 145 0.54 -9.76 26.03
C PHE A 145 -0.15 -11.10 26.21
N ILE A 146 0.64 -12.19 26.23
CA ILE A 146 0.15 -13.52 26.47
C ILE A 146 0.76 -14.10 27.74
N ILE A 147 -0.04 -14.79 28.56
CA ILE A 147 0.44 -15.50 29.72
C ILE A 147 0.48 -16.97 29.39
N PHE A 148 1.69 -17.56 29.43
CA PHE A 148 1.90 -18.97 29.26
C PHE A 148 2.10 -19.57 30.63
N TYR A 149 1.38 -20.65 30.94
CA TYR A 149 1.54 -21.32 32.23
C TYR A 149 1.75 -22.81 32.01
N ASP A 150 2.38 -23.45 32.98
CA ASP A 150 2.67 -24.89 32.93
C ASP A 150 1.43 -25.76 33.21
N SER A 151 1.60 -27.06 33.08
CA SER A 151 0.54 -28.00 33.30
C SER A 151 0.15 -28.19 34.76
N GLU A 152 0.98 -27.74 35.73
CA GLU A 152 0.74 -27.91 37.16
C GLU A 152 0.33 -26.59 37.81
N TYR A 153 0.46 -25.45 37.12
CA TYR A 153 0.07 -24.16 37.67
C TYR A 153 -1.44 -24.00 37.96
N ASP A 154 -1.77 -23.50 39.17
CA ASP A 154 -3.13 -23.20 39.58
C ASP A 154 -3.38 -21.73 39.18
N ILE A 155 -4.24 -21.52 38.15
CA ILE A 155 -4.53 -20.21 37.59
C ILE A 155 -5.34 -19.30 38.49
N ARG A 156 -5.91 -19.83 39.60
CA ARG A 156 -6.50 -19.01 40.66
C ARG A 156 -5.47 -18.06 41.26
N GLY A 157 -4.18 -18.42 41.21
CA GLY A 157 -3.05 -17.57 41.59
C GLY A 157 -2.90 -16.30 40.79
N ILE A 158 -3.43 -16.22 39.55
CA ILE A 158 -3.39 -14.99 38.75
C ILE A 158 -4.77 -14.41 38.56
N GLN A 159 -5.84 -14.90 39.24
CA GLN A 159 -7.19 -14.40 39.00
C GLN A 159 -7.34 -12.91 39.26
N GLU A 160 -6.71 -12.40 40.34
CA GLU A 160 -6.68 -10.99 40.67
C GLU A 160 -5.93 -10.16 39.65
N PHE A 161 -4.80 -10.66 39.12
CA PHE A 161 -4.04 -10.04 38.05
C PHE A 161 -4.88 -9.93 36.77
N LEU A 162 -5.61 -11.00 36.39
CA LEU A 162 -6.52 -11.02 35.26
C LEU A 162 -7.66 -10.03 35.40
N ASP A 163 -8.30 -9.92 36.57
CA ASP A 163 -9.30 -8.91 36.83
C ASP A 163 -8.77 -7.48 36.66
N LYS A 164 -7.56 -7.18 37.20
CA LYS A 164 -6.95 -5.87 37.09
C LYS A 164 -6.57 -5.44 35.68
N VAL A 165 -5.97 -6.32 34.87
CA VAL A 165 -5.62 -6.03 33.48
C VAL A 165 -6.86 -5.80 32.64
N SER A 166 -7.96 -6.57 32.88
CA SER A 166 -9.27 -6.40 32.24
C SER A 166 -9.90 -5.06 32.57
N GLN A 167 -9.82 -4.60 33.84
CA GLN A 167 -10.27 -3.28 34.28
C GLN A 167 -9.54 -2.14 33.60
N GLN A 168 -8.26 -2.33 33.26
CA GLN A 168 -7.44 -1.34 32.58
C GLN A 168 -7.52 -1.50 31.07
N GLY A 169 -8.36 -2.42 30.54
CA GLY A 169 -8.65 -2.51 29.12
C GLY A 169 -7.60 -3.20 28.27
N MET A 170 -6.71 -3.99 28.89
CA MET A 170 -5.64 -4.67 28.21
C MET A 170 -6.08 -5.92 27.44
N ASP A 171 -5.35 -6.26 26.36
CA ASP A 171 -5.59 -7.44 25.54
C ASP A 171 -4.67 -8.55 26.07
N VAL A 172 -5.18 -9.41 26.98
CA VAL A 172 -4.38 -10.43 27.64
C VAL A 172 -4.87 -11.81 27.25
N ALA A 173 -4.02 -12.57 26.52
CA ALA A 173 -4.29 -13.94 26.19
C ALA A 173 -3.76 -14.89 27.25
N LEU A 174 -4.43 -16.05 27.44
CA LEU A 174 -3.95 -17.13 28.27
C LEU A 174 -3.67 -18.30 27.39
N GLN A 175 -2.63 -19.09 27.74
CA GLN A 175 -2.44 -20.37 27.12
C GLN A 175 -1.71 -21.30 28.08
N LYS A 176 -2.22 -22.53 28.27
CA LYS A 176 -1.44 -23.54 28.93
C LYS A 176 -0.38 -24.08 27.99
N VAL A 177 0.86 -24.24 28.46
CA VAL A 177 1.90 -24.91 27.72
C VAL A 177 1.87 -26.35 28.18
N GLU A 178 1.55 -27.28 27.26
CA GLU A 178 1.71 -28.71 27.49
C GLU A 178 3.14 -29.10 27.84
N ASN A 179 3.31 -30.17 28.63
CA ASN A 179 4.61 -30.67 29.05
C ASN A 179 5.50 -31.06 27.85
N ASN A 180 4.86 -31.49 26.75
CA ASN A 180 5.51 -31.71 25.49
C ASN A 180 5.28 -30.51 24.57
N ILE A 181 6.28 -29.62 24.46
CA ILE A 181 6.25 -28.38 23.71
C ILE A 181 6.30 -28.61 22.21
N ASN A 182 7.16 -29.54 21.74
CA ASN A 182 7.38 -29.80 20.31
C ASN A 182 6.09 -30.16 19.65
N LYS A 183 5.28 -31.04 20.23
CA LYS A 183 3.97 -31.35 19.66
C LYS A 183 3.05 -30.14 19.57
N MET A 184 2.98 -29.28 20.59
CA MET A 184 2.16 -28.08 20.59
C MET A 184 2.53 -27.10 19.49
N ILE A 185 3.83 -26.80 19.32
CA ILE A 185 4.37 -25.96 18.25
C ILE A 185 4.33 -26.62 16.88
N THR A 186 4.69 -27.91 16.76
CA THR A 186 4.64 -28.64 15.48
C THR A 186 3.24 -28.67 14.93
N THR A 187 2.23 -28.98 15.79
CA THR A 187 0.81 -28.93 15.44
C THR A 187 0.42 -27.54 14.95
N LEU A 188 0.97 -26.47 15.55
CA LEU A 188 0.71 -25.09 15.20
C LEU A 188 1.12 -24.68 13.79
N PHE A 189 2.33 -25.07 13.33
CA PHE A 189 2.82 -24.80 11.98
C PHE A 189 2.03 -25.52 10.92
N ASP A 190 1.66 -26.80 11.16
CA ASP A 190 0.91 -27.64 10.26
C ASP A 190 -0.49 -27.11 9.97
N THR A 191 -1.16 -26.50 10.98
CA THR A 191 -2.54 -26.06 10.88
C THR A 191 -2.71 -24.61 10.44
N MET A 192 -1.74 -23.73 10.74
CA MET A 192 -1.83 -22.31 10.50
C MET A 192 -1.26 -21.86 9.16
N ARG A 193 -1.43 -20.57 8.89
CA ARG A 193 -0.93 -19.98 7.65
C ARG A 193 -0.08 -18.72 7.89
N ILE A 194 0.29 -18.04 6.80
CA ILE A 194 1.12 -16.84 6.88
C ILE A 194 0.48 -15.67 7.64
N GLU A 195 -0.82 -15.43 7.41
CA GLU A 195 -1.50 -14.34 8.09
C GLU A 195 -1.58 -14.68 9.58
N GLU A 196 -2.24 -15.80 9.87
CA GLU A 196 -2.38 -16.32 11.20
C GLU A 196 -1.02 -16.35 11.93
N LEU A 197 0.04 -16.82 11.24
CA LEU A 197 1.40 -16.94 11.76
C LEU A 197 2.02 -15.63 12.16
N ASN A 198 1.85 -14.59 11.32
CA ASN A 198 2.20 -13.21 11.60
C ASN A 198 1.46 -12.67 12.81
N ARG A 199 0.16 -12.98 12.95
CA ARG A 199 -0.62 -12.68 14.15
C ARG A 199 -0.11 -13.38 15.40
N TYR A 200 0.23 -14.68 15.33
CA TYR A 200 0.78 -15.40 16.46
C TYR A 200 2.15 -14.89 16.88
N ARG A 201 3.05 -14.61 15.91
CA ARG A 201 4.33 -13.98 16.14
C ARG A 201 4.23 -12.62 16.80
N ASP A 202 3.23 -11.79 16.40
CA ASP A 202 2.91 -10.54 17.06
C ASP A 202 2.49 -10.76 18.51
N THR A 203 1.60 -11.73 18.77
CA THR A 203 1.17 -12.12 20.12
C THR A 203 2.33 -12.54 21.00
N LEU A 204 3.34 -13.24 20.43
CA LEU A 204 4.50 -13.72 21.14
C LEU A 204 5.58 -12.69 21.35
N ARG A 205 5.43 -11.44 20.86
CA ARG A 205 6.38 -10.37 21.11
C ARG A 205 6.41 -9.97 22.57
N ARG A 206 5.29 -10.10 23.29
CA ARG A 206 5.26 -9.83 24.72
C ARG A 206 4.60 -10.98 25.44
N ALA A 207 5.34 -11.69 26.33
CA ALA A 207 4.77 -12.82 27.02
C ALA A 207 5.26 -12.92 28.45
N ILE A 208 4.46 -13.59 29.29
CA ILE A 208 4.80 -13.87 30.66
C ILE A 208 4.79 -15.37 30.81
N LEU A 209 5.87 -15.94 31.37
CA LEU A 209 5.97 -17.36 31.63
C LEU A 209 5.77 -17.61 33.11
N VAL A 210 4.67 -18.29 33.46
CA VAL A 210 4.32 -18.70 34.81
C VAL A 210 4.50 -20.21 34.87
N MET A 211 5.76 -20.65 34.99
CA MET A 211 6.05 -22.05 34.83
C MET A 211 7.35 -22.37 35.52
N ASN A 212 7.59 -23.67 35.74
CA ASN A 212 8.85 -24.19 36.22
C ASN A 212 10.05 -23.86 35.31
N PRO A 213 11.28 -23.72 35.78
CA PRO A 213 12.42 -23.36 34.95
C PRO A 213 12.72 -24.33 33.82
N ALA A 214 12.57 -25.65 34.02
CA ALA A 214 12.86 -26.68 33.03
C ALA A 214 11.97 -26.59 31.79
N THR A 215 10.64 -26.44 32.01
CA THR A 215 9.65 -26.19 30.96
C THR A 215 9.89 -24.90 30.25
N ALA A 216 10.21 -23.80 30.97
CA ALA A 216 10.53 -22.51 30.37
C ALA A 216 11.75 -22.55 29.45
N LYS A 217 12.84 -23.24 29.86
CA LYS A 217 14.01 -23.45 29.02
C LYS A 217 13.74 -24.20 27.73
N SER A 218 12.95 -25.28 27.80
CA SER A 218 12.48 -26.03 26.64
C SER A 218 11.58 -25.19 25.74
N PHE A 219 10.59 -24.47 26.32
CA PHE A 219 9.67 -23.63 25.60
C PHE A 219 10.34 -22.47 24.84
N ILE A 220 11.29 -21.78 25.49
CA ILE A 220 12.09 -20.73 24.86
C ILE A 220 12.91 -21.25 23.71
N SER A 221 13.60 -22.40 23.90
CA SER A 221 14.43 -22.97 22.85
C SER A 221 13.62 -23.30 21.62
N GLU A 222 12.46 -23.96 21.80
CA GLU A 222 11.61 -24.38 20.71
C GLU A 222 11.04 -23.22 19.88
N VAL A 223 10.58 -22.12 20.52
CA VAL A 223 10.12 -20.94 19.78
C VAL A 223 11.22 -20.16 19.08
N VAL A 224 12.43 -20.12 19.67
CA VAL A 224 13.62 -19.50 19.10
C VAL A 224 14.08 -20.25 17.86
N GLU A 225 14.18 -21.60 17.95
CA GLU A 225 14.57 -22.48 16.86
C GLU A 225 13.60 -22.42 15.69
N THR A 226 12.28 -22.30 15.96
CA THR A 226 11.28 -22.24 14.90
C THR A 226 11.02 -20.83 14.40
N ASN A 227 11.78 -19.82 14.90
CA ASN A 227 11.68 -18.42 14.47
C ASN A 227 10.29 -17.83 14.70
N LEU A 228 9.67 -18.14 15.87
CA LEU A 228 8.39 -17.59 16.24
C LEU A 228 8.56 -16.33 17.05
N VAL A 229 9.81 -16.05 17.49
CA VAL A 229 10.19 -14.85 18.19
C VAL A 229 11.45 -14.33 17.52
N ALA A 230 11.80 -13.06 17.78
CA ALA A 230 12.95 -12.41 17.20
C ALA A 230 13.54 -11.50 18.27
N PHE A 231 14.57 -10.72 17.91
CA PHE A 231 15.31 -9.81 18.78
C PHE A 231 14.45 -8.73 19.47
N ASP A 232 13.25 -8.39 18.97
CA ASP A 232 12.38 -7.36 19.49
C ASP A 232 11.45 -7.90 20.58
N CYS A 233 11.45 -9.25 20.78
CA CYS A 233 10.65 -9.90 21.79
C CYS A 233 11.02 -9.49 23.21
N HIS A 234 10.02 -9.51 24.11
CA HIS A 234 10.32 -9.30 25.50
C HIS A 234 9.49 -10.22 26.34
N TRP A 235 10.15 -11.21 27.00
CA TRP A 235 9.47 -12.18 27.82
C TRP A 235 9.82 -11.96 29.28
N ILE A 236 8.83 -12.17 30.16
CA ILE A 236 9.01 -12.07 31.60
C ILE A 236 8.82 -13.47 32.16
N ILE A 237 9.75 -13.96 32.99
CA ILE A 237 9.61 -15.24 33.67
C ILE A 237 9.50 -14.94 35.14
N ILE A 238 8.44 -15.46 35.80
CA ILE A 238 8.24 -15.24 37.21
C ILE A 238 8.00 -16.55 37.92
N ASN A 239 8.76 -16.76 39.00
CA ASN A 239 8.64 -17.94 39.83
C ASN A 239 9.48 -17.60 41.03
N GLU A 240 9.08 -17.95 42.27
CA GLU A 240 9.88 -17.77 43.48
C GLU A 240 11.21 -18.50 43.34
N GLU A 241 11.21 -19.70 42.76
CA GLU A 241 12.38 -20.54 42.70
C GLU A 241 12.94 -20.66 41.30
N ILE A 242 14.02 -19.90 41.03
CA ILE A 242 14.83 -20.07 39.84
C ILE A 242 16.25 -19.93 40.31
N ASN A 243 17.08 -21.00 40.25
CA ASN A 243 18.46 -20.90 40.75
C ASN A 243 19.38 -20.21 39.73
N ASP A 244 20.64 -19.92 40.10
CA ASP A 244 21.59 -19.24 39.23
C ASP A 244 21.91 -20.01 37.96
N VAL A 245 22.03 -21.35 38.02
CA VAL A 245 22.20 -22.22 36.88
C VAL A 245 21.02 -22.11 35.91
N ASP A 246 19.78 -22.12 36.44
CA ASP A 246 18.58 -21.92 35.66
C ASP A 246 18.54 -20.56 34.99
N VAL A 247 18.88 -19.46 35.70
CA VAL A 247 18.94 -18.11 35.15
C VAL A 247 19.87 -18.02 33.96
N GLN A 248 21.11 -18.54 34.10
CA GLN A 248 22.10 -18.49 33.03
C GLN A 248 21.68 -19.27 31.80
N GLU A 249 21.12 -20.47 31.98
CA GLU A 249 20.59 -21.27 30.91
C GLU A 249 19.39 -20.63 30.20
N LEU A 250 18.47 -19.97 30.93
CA LEU A 250 17.37 -19.19 30.36
C LEU A 250 17.83 -18.01 29.51
N VAL A 251 18.81 -17.23 29.99
CA VAL A 251 19.45 -16.14 29.25
C VAL A 251 20.19 -16.62 28.01
N ARG A 252 20.89 -17.76 28.12
CA ARG A 252 21.63 -18.40 27.05
C ARG A 252 20.76 -18.92 25.91
N ARG A 253 19.58 -19.48 26.21
CA ARG A 253 18.67 -20.02 25.23
C ARG A 253 17.78 -18.95 24.59
N SER A 254 17.69 -17.76 25.20
CA SER A 254 16.80 -16.70 24.76
C SER A 254 17.44 -15.69 23.83
N ILE A 255 16.65 -15.20 22.88
CA ILE A 255 17.01 -14.06 22.07
C ILE A 255 16.13 -12.93 22.52
N GLY A 256 16.47 -11.68 22.15
CA GLY A 256 15.76 -10.51 22.61
C GLY A 256 15.89 -10.24 24.08
N ARG A 257 14.84 -9.64 24.66
CA ARG A 257 14.84 -9.19 26.03
C ARG A 257 14.18 -10.21 26.96
N LEU A 258 14.82 -10.47 28.11
CA LEU A 258 14.30 -11.39 29.07
C LEU A 258 14.36 -10.70 30.41
N THR A 259 13.24 -10.75 31.16
CA THR A 259 13.16 -10.24 32.53
C THR A 259 12.87 -11.45 33.39
N ILE A 260 13.65 -11.64 34.46
CA ILE A 260 13.49 -12.81 35.34
C ILE A 260 13.17 -12.27 36.72
N ILE A 261 12.09 -12.77 37.33
CA ILE A 261 11.64 -12.33 38.63
C ILE A 261 11.63 -13.54 39.54
N ARG A 262 12.43 -13.49 40.63
CA ARG A 262 12.54 -14.61 41.52
C ARG A 262 12.71 -14.15 42.94
N GLN A 263 12.48 -15.08 43.91
CA GLN A 263 12.67 -14.78 45.31
C GLN A 263 14.15 -14.67 45.66
N THR A 264 14.49 -13.75 46.56
CA THR A 264 15.86 -13.56 47.04
C THR A 264 15.78 -13.51 48.56
N PHE A 265 16.91 -13.76 49.25
CA PHE A 265 16.94 -13.92 50.69
C PHE A 265 17.93 -12.91 51.28
N PRO A 266 17.55 -11.98 52.16
CA PRO A 266 18.43 -10.93 52.64
C PRO A 266 19.32 -11.43 53.78
N VAL A 267 20.44 -12.09 53.46
CA VAL A 267 21.35 -12.63 54.44
C VAL A 267 22.60 -11.74 54.53
N PRO A 268 23.34 -11.71 55.67
CA PRO A 268 24.57 -10.95 55.86
C PRO A 268 25.58 -11.02 54.72
N GLN A 269 26.43 -10.02 54.48
CA GLN A 269 27.38 -10.06 53.37
C GLN A 269 28.72 -10.65 53.72
N ASN A 270 29.29 -10.23 54.87
CA ASN A 270 30.59 -10.63 55.37
C ASN A 270 30.70 -12.15 55.48
N ILE A 271 31.86 -12.74 55.09
CA ILE A 271 32.10 -14.18 55.10
C ILE A 271 31.90 -14.78 56.48
N SER A 272 32.36 -14.10 57.53
CA SER A 272 32.25 -14.54 58.90
C SER A 272 30.81 -14.61 59.33
N GLN A 273 29.98 -13.62 58.96
CA GLN A 273 28.61 -13.53 59.45
C GLN A 273 27.65 -14.30 58.54
N ARG A 274 28.16 -14.92 57.45
CA ARG A 274 27.38 -15.76 56.57
C ARG A 274 26.91 -17.05 57.21
N CYS A 275 27.79 -17.72 57.96
CA CYS A 275 27.52 -19.01 58.57
C CYS A 275 27.24 -18.89 60.05
N PHE A 276 26.93 -17.68 60.52
CA PHE A 276 26.63 -17.41 61.91
C PHE A 276 25.39 -16.56 61.94
N ARG A 277 24.55 -16.74 62.97
CA ARG A 277 23.48 -15.81 63.26
C ARG A 277 23.53 -15.57 64.74
N GLY A 278 24.12 -14.42 65.16
CA GLY A 278 24.58 -14.25 66.54
C GLY A 278 25.65 -15.29 66.85
N ASN A 279 25.44 -16.12 67.89
CA ASN A 279 26.37 -17.16 68.24
C ASN A 279 25.95 -18.52 67.68
N HIS A 280 24.80 -18.62 66.97
CA HIS A 280 24.41 -19.88 66.34
C HIS A 280 25.20 -20.09 65.08
N ARG A 281 25.98 -21.18 65.02
CA ARG A 281 26.79 -21.54 63.87
C ARG A 281 26.00 -22.48 62.99
N ILE A 282 25.93 -22.17 61.69
CA ILE A 282 25.24 -22.96 60.70
C ILE A 282 26.29 -23.82 60.04
N SER A 283 26.00 -25.13 59.77
CA SER A 283 26.84 -25.97 58.91
C SER A 283 27.16 -25.32 57.57
N SER A 284 28.46 -25.36 57.18
CA SER A 284 29.03 -24.66 56.05
C SER A 284 28.36 -24.98 54.74
N THR A 285 27.87 -26.22 54.60
CA THR A 285 27.18 -26.80 53.45
C THR A 285 25.88 -26.10 53.09
N LEU A 286 25.31 -25.29 54.00
CA LEU A 286 24.05 -24.62 53.78
C LEU A 286 24.18 -23.11 53.67
N CYS A 287 25.28 -22.53 54.18
CA CYS A 287 25.43 -21.09 54.30
C CYS A 287 26.58 -20.54 53.46
N ASP A 288 27.56 -21.38 53.07
CA ASP A 288 28.63 -20.96 52.21
C ASP A 288 28.09 -20.98 50.77
N PRO A 289 27.95 -19.89 50.02
CA PRO A 289 27.46 -19.89 48.66
C PRO A 289 28.45 -20.49 47.68
N LYS A 290 29.66 -20.92 48.09
CA LYS A 290 30.58 -21.61 47.21
C LYS A 290 30.45 -23.12 47.36
N ASP A 291 29.76 -23.62 48.42
CA ASP A 291 29.48 -25.03 48.58
C ASP A 291 28.53 -25.53 47.46
N PRO A 292 28.70 -26.69 46.82
CA PRO A 292 27.79 -27.21 45.81
C PRO A 292 26.40 -27.49 46.36
N PHE A 293 26.27 -27.93 47.64
CA PHE A 293 24.99 -28.25 48.24
C PHE A 293 24.16 -27.00 48.40
N ALA A 294 24.76 -25.91 48.94
CA ALA A 294 24.12 -24.63 49.20
C ALA A 294 23.54 -23.98 47.95
N GLN A 295 24.28 -24.06 46.82
CA GLN A 295 23.83 -23.60 45.52
C GLN A 295 22.70 -24.41 44.91
N ASN A 296 22.59 -25.69 45.30
CA ASN A 296 21.57 -26.61 44.82
C ASN A 296 20.45 -26.77 45.84
N MET A 297 20.42 -26.00 46.95
CA MET A 297 19.30 -26.02 47.89
C MET A 297 18.00 -25.53 47.27
N GLU A 298 16.89 -26.22 47.59
CA GLU A 298 15.57 -25.76 47.24
C GLU A 298 15.18 -24.65 48.21
N ILE A 299 14.22 -23.78 47.84
CA ILE A 299 13.70 -22.75 48.73
C ILE A 299 13.09 -23.31 50.00
N SER A 300 12.34 -24.42 49.89
CA SER A 300 11.72 -25.13 51.00
C SER A 300 12.75 -25.57 52.03
N ASN A 301 13.95 -26.00 51.58
CA ASN A 301 15.07 -26.41 52.42
C ASN A 301 15.53 -25.30 53.37
N LEU A 302 15.63 -24.04 52.87
CA LEU A 302 15.99 -22.88 53.68
C LEU A 302 14.97 -22.63 54.79
N TYR A 303 13.67 -22.68 54.45
CA TYR A 303 12.58 -22.54 55.41
C TYR A 303 12.55 -23.64 56.46
N ILE A 304 12.84 -24.90 56.09
CA ILE A 304 12.96 -26.01 57.03
C ILE A 304 14.04 -25.80 58.08
N TYR A 305 15.22 -25.28 57.70
CA TYR A 305 16.30 -24.98 58.64
C TYR A 305 15.87 -23.95 59.68
N ASP A 306 15.27 -22.84 59.22
CA ASP A 306 14.83 -21.74 60.03
C ASP A 306 13.67 -22.12 60.93
N THR A 307 12.78 -23.02 60.47
CA THR A 307 11.72 -23.61 61.29
C THR A 307 12.25 -24.37 62.48
N VAL A 308 13.29 -25.21 62.30
CA VAL A 308 13.94 -25.92 63.40
C VAL A 308 14.59 -24.95 64.38
N LEU A 309 15.28 -23.90 63.88
CA LEU A 309 15.88 -22.83 64.66
C LEU A 309 14.86 -22.07 65.50
N LEU A 310 13.71 -21.73 64.91
CA LEU A 310 12.59 -21.10 65.58
C LEU A 310 11.97 -21.95 66.68
N LEU A 311 11.71 -23.25 66.41
CA LEU A 311 11.18 -24.19 67.40
C LEU A 311 12.09 -24.35 68.60
N ALA A 312 13.41 -24.48 68.40
CA ALA A 312 14.38 -24.59 69.47
C ALA A 312 14.42 -23.38 70.41
N ASN A 313 14.37 -22.15 69.85
CA ASN A 313 14.24 -20.91 70.59
C ASN A 313 12.93 -20.84 71.39
N ALA A 314 11.80 -21.28 70.80
CA ALA A 314 10.52 -21.38 71.50
C ALA A 314 10.54 -22.36 72.68
N PHE A 315 11.14 -23.53 72.46
CA PHE A 315 11.24 -24.55 73.50
C PHE A 315 12.16 -24.04 74.60
N HIS A 316 13.19 -23.30 74.19
CA HIS A 316 14.16 -22.75 75.13
C HIS A 316 13.52 -21.71 76.04
N LYS A 317 12.62 -20.91 75.48
CA LYS A 317 11.92 -19.88 76.23
C LYS A 317 10.91 -20.49 77.18
N LYS A 318 10.31 -21.61 76.77
CA LYS A 318 9.32 -22.30 77.59
C LYS A 318 9.97 -23.02 78.76
N LEU A 319 11.22 -23.41 78.58
CA LEU A 319 11.96 -24.11 79.63
C LEU A 319 12.64 -23.12 80.57
N GLN A 320 12.85 -21.90 80.10
CA GLN A 320 13.50 -20.86 80.89
C GLN A 320 12.48 -19.93 81.54
N ASP A 321 11.20 -20.28 81.41
CA ASP A 321 10.13 -19.50 82.03
C ASP A 321 9.26 -20.37 82.92
N ARG A 322 9.73 -21.58 83.20
CA ARG A 322 9.02 -22.54 84.04
C ARG A 322 7.56 -22.71 83.62
N LYS A 323 7.36 -22.98 82.33
CA LYS A 323 6.02 -23.17 81.78
C LYS A 323 5.95 -24.42 80.93
N TRP A 324 6.92 -25.32 81.12
CA TRP A 324 6.98 -26.56 80.38
C TRP A 324 5.76 -27.44 80.60
N HIS A 325 5.20 -27.97 79.50
CA HIS A 325 4.19 -29.01 79.56
C HIS A 325 4.82 -30.15 78.84
N SER A 326 4.92 -31.32 79.49
CA SER A 326 5.43 -32.54 78.89
C SER A 326 4.60 -32.98 77.70
N MET A 327 5.28 -33.54 76.67
CA MET A 327 4.63 -34.22 75.56
C MET A 327 3.74 -35.36 76.00
N ALA A 328 2.68 -35.65 75.23
CA ALA A 328 1.80 -36.74 75.56
C ALA A 328 1.68 -37.63 74.35
N SER A 329 1.49 -38.94 74.60
CA SER A 329 1.10 -39.92 73.59
C SER A 329 -0.37 -39.71 73.30
N LEU A 330 -0.67 -39.29 72.07
CA LEU A 330 -2.02 -39.03 71.65
C LEU A 330 -2.52 -40.13 70.74
N SER A 331 -3.84 -40.26 70.63
CA SER A 331 -4.42 -41.25 69.75
C SER A 331 -5.45 -40.55 68.91
N CYS A 332 -5.48 -40.87 67.60
CA CYS A 332 -6.47 -40.33 66.68
C CYS A 332 -7.58 -41.33 66.48
N ILE A 333 -8.84 -40.87 66.33
CA ILE A 333 -9.99 -41.71 65.97
C ILE A 333 -10.25 -42.84 66.97
N ARG A 334 -10.26 -42.52 68.27
CA ARG A 334 -10.52 -43.44 69.32
C ARG A 334 -11.58 -42.79 70.16
N LYS A 335 -12.23 -43.60 70.99
CA LYS A 335 -13.34 -43.17 71.83
C LYS A 335 -13.02 -42.04 72.80
N ASN A 336 -11.80 -42.05 73.36
CA ASN A 336 -11.30 -41.09 74.30
C ASN A 336 -10.09 -40.37 73.74
N SER A 337 -10.01 -40.18 72.40
CA SER A 337 -9.04 -39.23 71.82
C SER A 337 -9.16 -37.85 72.43
N LYS A 338 -8.04 -37.24 72.84
CA LYS A 338 -8.06 -35.98 73.54
C LYS A 338 -6.89 -35.19 73.03
N PRO A 339 -6.97 -33.87 72.90
CA PRO A 339 -5.86 -33.06 72.48
C PRO A 339 -4.76 -32.97 73.51
N TRP A 340 -3.55 -32.57 73.05
CA TRP A 340 -2.46 -32.25 73.93
C TRP A 340 -2.75 -31.02 74.79
N GLN A 341 -2.70 -31.17 76.13
CA GLN A 341 -2.99 -30.10 77.07
C GLN A 341 -1.95 -28.98 77.03
N GLY A 342 -0.71 -29.30 76.64
CA GLY A 342 0.36 -28.32 76.48
C GLY A 342 0.32 -27.55 75.19
N GLY A 343 -0.62 -27.90 74.28
CA GLY A 343 -0.59 -27.43 72.91
C GLY A 343 -0.89 -25.98 72.71
N ARG A 344 -1.91 -25.44 73.42
CA ARG A 344 -2.29 -24.05 73.30
C ARG A 344 -1.19 -23.09 73.72
N SER A 345 -0.52 -23.36 74.86
CA SER A 345 0.60 -22.55 75.34
C SER A 345 1.84 -22.67 74.49
N MET A 346 2.13 -23.86 73.93
CA MET A 346 3.22 -24.05 72.99
C MET A 346 3.02 -23.31 71.68
N LEU A 347 1.80 -23.36 71.09
CA LEU A 347 1.46 -22.65 69.88
C LEU A 347 1.65 -21.15 70.00
N GLU A 348 1.17 -20.54 71.09
CA GLU A 348 1.33 -19.12 71.38
C GLU A 348 2.79 -18.70 71.56
N THR A 349 3.60 -19.54 72.24
CA THR A 349 5.05 -19.30 72.34
C THR A 349 5.78 -19.34 71.02
N ILE A 350 5.47 -20.33 70.14
CA ILE A 350 6.04 -20.43 68.80
C ILE A 350 5.59 -19.28 67.90
N LYS A 351 4.30 -18.90 67.97
CA LYS A 351 3.70 -17.86 67.15
C LYS A 351 4.34 -16.50 67.31
N LYS A 352 4.76 -16.14 68.54
CA LYS A 352 5.42 -14.88 68.82
C LYS A 352 6.94 -15.00 68.82
N GLY A 353 7.49 -16.16 68.38
CA GLY A 353 8.92 -16.33 68.16
C GLY A 353 9.42 -15.64 66.91
N GLY A 354 10.74 -15.39 66.86
CA GLY A 354 11.34 -14.78 65.68
C GLY A 354 12.79 -15.10 65.67
N VAL A 355 13.36 -15.50 64.51
CA VAL A 355 14.75 -15.89 64.39
C VAL A 355 15.33 -15.32 63.13
N ASN A 356 16.65 -15.01 63.13
CA ASN A 356 17.41 -14.68 61.95
C ASN A 356 18.03 -15.99 61.48
N GLY A 357 17.78 -16.38 60.21
CA GLY A 357 18.23 -17.64 59.66
C GLY A 357 18.72 -17.54 58.23
N LEU A 358 18.51 -18.62 57.46
CA LEU A 358 18.89 -18.72 56.07
C LEU A 358 17.94 -17.99 55.15
N THR A 359 16.68 -17.73 55.57
CA THR A 359 15.71 -17.01 54.74
C THR A 359 15.74 -15.53 55.00
N GLY A 360 16.55 -15.06 55.97
CA GLY A 360 16.49 -13.71 56.50
C GLY A 360 15.87 -13.81 57.86
N ASP A 361 14.71 -13.15 58.08
CA ASP A 361 14.02 -13.18 59.35
C ASP A 361 12.77 -14.04 59.20
N LEU A 362 12.63 -15.04 60.09
CA LEU A 362 11.44 -15.87 60.16
C LEU A 362 10.69 -15.53 61.43
N GLU A 363 9.41 -15.15 61.28
CA GLU A 363 8.53 -14.74 62.35
C GLU A 363 7.12 -14.93 61.82
N PHE A 364 6.07 -14.71 62.65
CA PHE A 364 4.69 -14.88 62.21
C PHE A 364 3.88 -13.65 62.57
N GLY A 365 3.03 -13.18 61.65
CA GLY A 365 2.03 -12.17 61.97
C GLY A 365 0.85 -12.75 62.74
N GLU A 366 -0.14 -11.89 63.05
CA GLU A 366 -1.35 -12.25 63.80
C GLU A 366 -2.17 -13.36 63.12
N ASN A 367 -2.13 -13.40 61.78
CA ASN A 367 -2.83 -14.36 60.95
C ASN A 367 -2.13 -15.72 60.94
N GLY A 368 -0.99 -15.89 61.65
CA GLY A 368 -0.27 -17.16 61.71
C GLY A 368 0.64 -17.41 60.55
N GLY A 369 0.86 -16.41 59.67
CA GLY A 369 1.72 -16.57 58.51
C GLY A 369 2.94 -15.72 58.62
N ASN A 370 4.06 -16.19 58.03
CA ASN A 370 5.27 -15.41 57.86
C ASN A 370 5.05 -14.22 56.93
N PRO A 371 5.35 -12.96 57.23
CA PRO A 371 5.00 -11.85 56.36
C PRO A 371 6.17 -11.53 55.43
N ASN A 372 7.39 -12.05 55.68
CA ASN A 372 8.60 -11.53 55.08
C ASN A 372 8.95 -12.17 53.75
N VAL A 373 9.12 -11.35 52.69
CA VAL A 373 9.52 -11.86 51.40
C VAL A 373 10.19 -10.76 50.62
N HIS A 374 11.15 -11.12 49.74
CA HIS A 374 11.82 -10.20 48.87
C HIS A 374 11.97 -10.89 47.52
N PHE A 375 11.69 -10.15 46.44
CA PHE A 375 11.88 -10.60 45.07
C PHE A 375 12.95 -9.73 44.47
N GLU A 376 13.80 -10.31 43.60
CA GLU A 376 14.72 -9.56 42.79
C GLU A 376 14.29 -9.68 41.35
N ILE A 377 14.65 -8.66 40.55
CA ILE A 377 14.25 -8.55 39.17
C ILE A 377 15.53 -8.44 38.35
N LEU A 378 15.77 -9.43 37.47
CA LEU A 378 16.94 -9.50 36.64
C LEU A 378 16.54 -9.18 35.22
N GLY A 379 17.49 -8.66 34.43
CA GLY A 379 17.22 -8.34 33.04
C GLY A 379 18.42 -8.51 32.17
N THR A 380 18.18 -8.93 30.92
CA THR A 380 19.19 -9.05 29.88
C THR A 380 19.59 -7.70 29.30
N ASN A 381 20.75 -7.65 28.61
CA ASN A 381 21.13 -6.48 27.86
C ASN A 381 21.92 -6.96 26.65
N TYR A 382 22.23 -6.05 25.71
CA TYR A 382 23.13 -6.39 24.64
C TYR A 382 23.83 -5.14 24.09
N GLY A 383 25.15 -5.22 23.86
CA GLY A 383 25.84 -4.36 22.90
C GLY A 383 26.83 -5.24 22.20
N GLU A 384 27.48 -4.75 21.11
CA GLU A 384 28.60 -5.40 20.45
C GLU A 384 29.81 -5.58 21.36
N GLU A 385 30.07 -4.58 22.22
CA GLU A 385 31.13 -4.55 23.22
C GLU A 385 30.99 -5.58 24.33
N LEU A 386 29.77 -5.78 24.87
CA LEU A 386 29.57 -6.61 26.05
C LEU A 386 29.02 -7.98 25.70
N GLY A 387 28.44 -8.16 24.50
CA GLY A 387 27.69 -9.35 24.18
C GLY A 387 26.47 -9.60 25.05
N ARG A 388 26.11 -10.88 25.23
CA ARG A 388 24.96 -11.30 26.03
C ARG A 388 25.29 -11.39 27.51
N GLY A 389 24.29 -11.20 28.39
CA GLY A 389 24.55 -11.22 29.82
C GLY A 389 23.29 -10.87 30.54
N VAL A 390 23.38 -10.70 31.87
CA VAL A 390 22.25 -10.42 32.72
C VAL A 390 22.73 -9.59 33.89
N ARG A 391 21.86 -8.69 34.41
CA ARG A 391 22.19 -7.91 35.58
C ARG A 391 20.95 -7.68 36.41
N LYS A 392 21.12 -7.26 37.66
CA LYS A 392 20.04 -6.96 38.57
C LYS A 392 19.47 -5.57 38.28
N LEU A 393 18.18 -5.50 37.95
CA LEU A 393 17.46 -4.27 37.66
C LEU A 393 16.87 -3.67 38.91
N GLY A 394 16.31 -4.50 39.81
CA GLY A 394 15.60 -3.93 40.94
C GLY A 394 15.21 -4.96 41.94
N CYS A 395 14.46 -4.53 42.96
CA CYS A 395 13.97 -5.38 44.03
C CYS A 395 12.53 -5.04 44.28
N TRP A 396 11.77 -6.02 44.81
CA TRP A 396 10.40 -5.80 45.23
C TRP A 396 10.18 -6.48 46.57
N ASN A 397 9.43 -5.83 47.49
CA ASN A 397 8.95 -6.51 48.67
C ASN A 397 7.57 -5.92 48.98
N PRO A 398 6.66 -6.50 49.77
CA PRO A 398 5.30 -6.02 49.95
C PRO A 398 5.22 -4.78 50.83
N VAL A 399 6.34 -4.31 51.44
CA VAL A 399 6.34 -3.17 52.33
C VAL A 399 6.74 -1.92 51.56
N THR A 400 7.96 -1.90 50.97
CA THR A 400 8.47 -0.69 50.31
C THR A 400 8.13 -0.72 48.83
N GLY A 401 7.63 -1.85 48.32
CA GLY A 401 7.31 -2.04 46.93
C GLY A 401 8.52 -2.18 46.05
N LEU A 402 8.46 -1.57 44.86
CA LEU A 402 9.50 -1.63 43.85
C LEU A 402 10.58 -0.60 44.11
N ASN A 403 11.85 -1.05 44.18
CA ASN A 403 13.01 -0.20 44.36
C ASN A 403 13.98 -0.44 43.23
N GLY A 404 14.50 0.68 42.67
CA GLY A 404 15.31 0.70 41.46
C GLY A 404 14.41 0.69 40.24
N SER A 405 14.46 1.74 39.42
CA SER A 405 13.70 1.83 38.16
C SER A 405 14.12 0.77 37.15
N LEU A 406 13.16 0.21 36.38
CA LEU A 406 13.37 -0.86 35.42
C LEU A 406 13.62 -0.38 33.96
N VAL A 418 25.37 10.55 31.75
CA VAL A 418 26.25 11.19 30.75
C VAL A 418 25.88 12.61 30.70
N VAL A 419 26.89 13.43 30.46
CA VAL A 419 26.86 14.81 30.35
C VAL A 419 27.30 15.00 28.94
N LEU A 420 26.50 15.69 28.15
CA LEU A 420 26.86 16.01 26.77
C LEU A 420 27.58 17.37 26.78
N ARG A 421 28.61 17.48 25.94
CA ARG A 421 29.38 18.70 25.77
C ARG A 421 28.69 19.36 24.59
N VAL A 422 28.04 20.49 24.84
CA VAL A 422 27.28 21.16 23.83
C VAL A 422 28.04 22.37 23.44
N VAL A 423 28.36 22.47 22.10
CA VAL A 423 28.92 23.67 21.52
C VAL A 423 27.73 24.37 20.91
N THR A 424 27.62 25.76 20.92
CA THR A 424 26.53 26.53 20.32
C THR A 424 27.32 27.71 19.76
N VAL A 425 26.64 28.48 18.97
CA VAL A 425 27.06 29.76 18.36
C VAL A 425 25.89 30.71 18.61
N LEU A 426 26.13 31.99 19.10
CA LEU A 426 25.10 32.97 19.30
C LEU A 426 24.72 33.56 17.97
N GLU A 427 23.42 33.45 17.59
CA GLU A 427 22.83 33.91 16.42
C GLU A 427 21.36 33.84 16.52
N GLU A 428 20.70 34.99 16.93
CA GLU A 428 19.32 35.06 17.11
C GLU A 428 18.54 34.68 15.82
N PRO A 429 17.28 34.23 15.96
CA PRO A 429 16.70 33.91 17.26
C PRO A 429 16.84 32.42 17.59
N PHE A 430 17.79 31.75 16.94
CA PHE A 430 17.99 30.33 17.19
C PHE A 430 18.62 30.22 18.56
N VAL A 431 19.75 30.88 18.74
CA VAL A 431 20.44 30.92 20.02
C VAL A 431 20.32 32.36 20.49
N MET A 432 19.74 32.53 21.67
CA MET A 432 19.56 33.85 22.26
C MET A 432 19.95 33.83 23.73
N VAL A 433 20.73 34.81 24.16
CA VAL A 433 21.18 34.89 25.54
C VAL A 433 20.09 35.42 26.47
N SER A 434 19.61 34.54 27.36
CA SER A 434 18.58 34.90 28.31
C SER A 434 19.30 35.43 29.59
N GLU A 435 20.51 34.97 30.01
CA GLU A 435 21.13 35.40 31.21
C GLU A 435 22.61 35.33 30.92
N ASN A 436 23.30 36.49 31.22
CA ASN A 436 24.70 36.63 31.17
C ASN A 436 25.06 36.71 32.63
N VAL A 437 26.12 35.94 33.06
CA VAL A 437 26.67 36.02 34.45
C VAL A 437 28.16 36.08 34.08
N LEU A 438 28.69 37.18 34.54
CA LEU A 438 30.08 37.64 34.30
C LEU A 438 30.33 37.91 32.78
N GLY A 439 29.29 38.09 31.95
CA GLY A 439 29.37 38.62 30.60
C GLY A 439 29.42 37.46 29.65
N LYS A 440 28.96 36.26 30.02
CA LYS A 440 29.04 35.06 29.17
C LYS A 440 27.71 34.31 29.53
N PRO A 441 27.06 33.68 28.66
CA PRO A 441 25.79 33.06 28.95
C PRO A 441 25.77 31.91 29.94
N LYS A 442 24.71 31.88 30.76
CA LYS A 442 24.36 30.79 31.62
C LYS A 442 23.12 30.21 31.10
N LYS A 443 22.18 31.05 30.59
CA LYS A 443 20.87 30.55 30.14
C LYS A 443 20.70 31.05 28.70
N TYR A 444 20.34 30.11 27.86
CA TYR A 444 20.08 30.27 26.48
C TYR A 444 18.65 29.98 26.30
N GLN A 445 18.09 30.61 25.25
CA GLN A 445 16.65 30.43 25.01
C GLN A 445 16.71 30.54 23.51
N GLY A 446 15.66 30.14 22.94
CA GLY A 446 15.68 30.14 21.50
C GLY A 446 15.00 28.99 20.93
N PHE A 447 14.83 28.99 19.59
CA PHE A 447 14.15 27.96 18.87
C PHE A 447 14.93 26.66 19.01
N SER A 448 16.24 26.77 18.81
CA SER A 448 17.12 25.61 18.92
C SER A 448 17.18 25.06 20.35
N ILE A 449 17.34 25.96 21.33
CA ILE A 449 17.42 25.56 22.72
C ILE A 449 16.20 24.89 23.33
N ASP A 450 15.02 25.35 22.88
CA ASP A 450 13.79 24.72 23.35
C ASP A 450 13.66 23.25 22.86
N VAL A 451 14.07 22.96 21.59
CA VAL A 451 14.23 21.62 21.10
C VAL A 451 15.22 20.88 21.89
N LEU A 452 16.34 21.47 22.29
CA LEU A 452 17.34 20.84 23.16
C LEU A 452 16.78 20.51 24.52
N ASP A 453 15.98 21.30 25.20
CA ASP A 453 15.38 21.07 26.50
C ASP A 453 14.28 20.04 26.41
N ALA A 454 13.59 19.90 25.27
CA ALA A 454 12.71 18.71 24.95
C ALA A 454 13.54 17.42 24.76
N LEU A 455 14.78 17.53 24.21
CA LEU A 455 15.66 16.40 24.15
C LEU A 455 16.22 15.97 25.49
N SER A 456 16.70 16.94 26.32
CA SER A 456 17.41 16.66 27.58
C SER A 456 16.53 15.93 28.59
N ASN A 457 15.25 16.35 28.74
CA ASN A 457 14.26 15.91 29.66
C ASN A 457 13.77 14.58 29.22
N TYR A 458 13.60 14.33 27.90
CA TYR A 458 13.00 13.20 27.37
C TYR A 458 13.91 12.01 27.29
N LEU A 459 15.15 12.20 26.92
CA LEU A 459 16.06 11.11 26.83
C LEU A 459 16.74 10.98 28.15
N GLY A 460 16.62 12.01 29.02
CA GLY A 460 17.12 11.92 30.40
C GLY A 460 18.62 12.01 30.46
N PHE A 461 19.19 13.02 29.69
CA PHE A 461 20.64 13.30 29.72
C PHE A 461 20.84 14.65 30.44
N ASN A 462 22.07 14.98 30.91
CA ASN A 462 22.48 16.21 31.52
C ASN A 462 23.38 16.85 30.47
N TYR A 463 23.56 18.20 30.50
CA TYR A 463 24.37 18.87 29.56
C TYR A 463 25.13 20.10 30.15
N GLU A 464 26.15 20.59 29.42
CA GLU A 464 26.71 21.85 29.73
C GLU A 464 26.89 22.34 28.37
N ILE A 465 26.73 23.67 28.20
CA ILE A 465 26.74 24.39 26.93
C ILE A 465 27.85 25.39 27.08
N TYR A 466 28.76 25.45 26.07
CA TYR A 466 29.79 26.45 25.97
C TYR A 466 29.76 27.02 24.57
N VAL A 467 30.17 28.25 24.40
CA VAL A 467 30.14 28.75 23.05
C VAL A 467 31.28 28.15 22.26
N ALA A 468 31.17 28.35 20.95
CA ALA A 468 32.21 28.14 19.95
C ALA A 468 33.34 29.18 20.06
N PRO A 469 34.52 29.02 19.57
CA PRO A 469 35.62 29.84 19.94
C PRO A 469 35.54 31.22 19.25
N ASP A 470 34.50 31.47 18.47
CA ASP A 470 34.40 32.73 17.73
C ASP A 470 32.98 33.10 17.38
N HIS A 471 32.05 32.28 17.84
CA HIS A 471 30.53 32.52 17.66
C HIS A 471 30.12 32.56 16.19
N LYS A 472 30.74 31.72 15.44
CA LYS A 472 30.59 31.70 14.06
C LYS A 472 30.94 30.30 13.71
N TYR A 473 30.57 29.85 12.52
CA TYR A 473 30.84 28.53 12.05
C TYR A 473 32.23 28.53 11.48
N GLY A 474 32.82 29.79 11.29
CA GLY A 474 34.17 30.01 10.82
C GLY A 474 34.27 29.84 9.33
N SER A 475 35.49 29.91 8.83
CA SER A 475 35.84 29.54 7.46
C SER A 475 36.65 28.25 7.57
N PRO A 476 36.50 27.35 6.60
CA PRO A 476 37.25 26.08 6.57
C PRO A 476 38.67 26.36 6.12
N GLN A 477 39.64 26.05 6.97
CA GLN A 477 41.05 26.26 6.68
C GLN A 477 41.57 25.27 5.65
N GLU A 478 42.72 25.60 5.05
CA GLU A 478 43.34 24.77 4.03
C GLU A 478 43.71 23.40 4.60
N ASP A 479 43.58 22.38 3.74
CA ASP A 479 43.82 20.95 4.01
C ASP A 479 42.68 20.24 4.77
N GLY A 480 41.51 20.85 4.77
CA GLY A 480 40.34 20.30 5.44
C GLY A 480 40.21 20.63 6.92
N THR A 481 41.01 21.57 7.39
CA THR A 481 40.97 21.96 8.80
C THR A 481 39.83 22.94 9.12
N TRP A 482 39.08 22.63 10.17
CA TRP A 482 38.02 23.40 10.65
C TRP A 482 38.23 24.08 11.96
N ASN A 483 37.54 25.21 12.18
CA ASN A 483 37.59 25.95 13.38
C ASN A 483 36.17 26.22 13.75
N GLY A 484 36.00 27.10 14.76
CA GLY A 484 34.71 27.51 15.18
C GLY A 484 33.99 26.33 15.80
N LEU A 485 32.66 26.39 15.70
CA LEU A 485 31.75 25.40 16.15
C LEU A 485 31.89 24.05 15.40
N VAL A 486 32.06 24.11 13.98
CA VAL A 486 32.16 22.96 13.08
C VAL A 486 33.38 22.12 13.44
N GLY A 487 34.57 22.78 13.74
CA GLY A 487 35.86 22.18 14.08
C GLY A 487 35.75 21.47 15.34
N GLU A 488 34.78 21.99 16.16
CA GLU A 488 34.54 21.31 17.48
C GLU A 488 33.87 20.00 17.28
N LEU A 489 33.10 19.79 16.22
CA LEU A 489 32.46 18.50 16.00
C LEU A 489 33.47 17.53 15.41
N VAL A 490 34.25 18.00 14.43
CA VAL A 490 35.26 17.18 13.77
C VAL A 490 36.36 16.69 14.70
N PHE A 491 36.84 17.58 15.58
CA PHE A 491 37.90 17.21 16.51
C PHE A 491 37.31 16.51 17.73
N LYS A 492 36.02 16.21 17.63
CA LYS A 492 35.29 15.56 18.66
C LYS A 492 35.46 16.24 20.01
N ARG A 493 35.45 17.54 20.08
CA ARG A 493 35.70 18.30 21.25
C ARG A 493 34.38 18.81 21.82
N ALA A 494 33.27 18.49 21.10
CA ALA A 494 31.94 18.74 21.55
C ALA A 494 31.09 17.55 21.17
N ASP A 495 30.26 17.04 22.10
CA ASP A 495 29.49 15.88 21.84
C ASP A 495 28.50 16.12 20.72
N ILE A 496 27.63 17.13 20.98
CA ILE A 496 26.60 17.53 20.14
C ILE A 496 26.73 19.12 20.02
N GLY A 497 26.20 19.69 18.88
CA GLY A 497 26.16 21.04 18.54
C GLY A 497 24.68 21.43 18.42
N ILE A 498 24.23 22.42 19.26
CA ILE A 498 22.87 22.96 19.24
C ILE A 498 22.98 24.35 18.69
N SER A 499 22.56 24.62 17.43
CA SER A 499 22.67 25.91 16.74
C SER A 499 21.84 25.69 15.53
N ALA A 500 21.69 26.82 14.78
CA ALA A 500 21.28 26.82 13.45
C ALA A 500 22.50 26.51 12.53
N LEU A 501 23.06 25.32 12.60
CA LEU A 501 24.30 24.91 11.83
C LEU A 501 23.64 24.36 10.58
N THR A 502 23.96 24.97 9.43
CA THR A 502 23.65 24.52 8.06
C THR A 502 24.25 23.20 7.63
N ILE A 503 23.39 22.32 7.04
CA ILE A 503 23.76 21.08 6.51
C ILE A 503 24.26 21.35 5.10
N THR A 504 25.63 21.32 4.98
CA THR A 504 26.34 21.51 3.75
C THR A 504 26.97 20.24 3.48
N PRO A 505 27.06 19.77 2.16
CA PRO A 505 27.61 18.50 1.78
C PRO A 505 29.01 18.16 2.25
N ASP A 506 29.79 19.22 2.37
CA ASP A 506 31.18 19.24 2.93
C ASP A 506 31.17 18.75 4.38
N ARG A 507 30.29 19.34 5.18
CA ARG A 507 30.19 19.02 6.61
C ARG A 507 29.66 17.62 6.96
N GLU A 508 28.68 17.13 6.19
CA GLU A 508 28.08 15.82 6.44
C GLU A 508 29.11 14.70 6.62
N ASN A 509 30.09 14.67 5.73
CA ASN A 509 31.19 13.63 5.75
C ASN A 509 32.16 13.84 6.89
N VAL A 510 31.90 14.88 7.74
CA VAL A 510 32.74 15.03 8.88
C VAL A 510 31.98 15.20 10.16
N VAL A 511 30.70 15.72 10.17
CA VAL A 511 29.94 15.85 11.37
C VAL A 511 28.67 15.26 10.88
N ASP A 512 28.01 14.30 11.55
CA ASP A 512 26.73 13.75 11.10
C ASP A 512 25.52 14.52 11.71
N PHE A 513 24.63 14.98 10.81
CA PHE A 513 23.45 15.76 11.11
C PHE A 513 22.27 14.90 11.17
N THR A 514 21.37 15.34 12.08
CA THR A 514 20.02 14.94 12.12
C THR A 514 19.18 15.51 10.86
N THR A 515 18.01 14.90 10.65
CA THR A 515 17.08 15.32 9.62
C THR A 515 16.70 16.79 9.80
N ARG A 516 16.58 17.43 8.65
CA ARG A 516 16.28 18.82 8.43
C ARG A 516 14.85 19.17 9.03
N TYR A 517 14.77 20.36 9.78
CA TYR A 517 13.56 20.72 10.50
C TYR A 517 13.22 22.20 10.14
N MET A 518 14.19 22.96 9.52
CA MET A 518 14.03 24.30 9.07
C MET A 518 14.96 24.44 7.87
N ASP A 519 14.42 25.12 6.78
CA ASP A 519 15.12 25.41 5.57
C ASP A 519 16.01 26.56 5.66
N TYR A 520 17.23 26.43 5.11
CA TYR A 520 18.15 27.54 5.05
C TYR A 520 17.57 28.42 4.00
N SER A 521 17.68 29.77 4.18
CA SER A 521 17.02 30.69 3.27
C SER A 521 17.89 31.97 3.24
N VAL A 522 18.07 32.69 2.13
CA VAL A 522 18.94 33.80 2.06
C VAL A 522 18.01 35.01 1.62
N GLY A 523 18.19 36.22 2.25
CA GLY A 523 17.37 37.31 1.88
C GLY A 523 18.21 38.60 2.01
N VAL A 524 17.61 39.74 1.75
CA VAL A 524 18.15 41.06 1.75
C VAL A 524 17.19 41.84 2.56
N LEU A 525 17.78 42.68 3.44
CA LEU A 525 17.14 43.58 4.36
C LEU A 525 17.08 44.89 3.60
N LEU A 526 15.81 45.48 3.56
CA LEU A 526 15.52 46.56 2.69
C LEU A 526 14.94 47.60 3.62
N ARG A 527 15.15 48.92 3.24
CA ARG A 527 14.52 50.07 3.94
C ARG A 527 13.03 49.94 3.83
N ARG A 528 12.17 50.39 4.80
CA ARG A 528 10.70 50.33 4.65
C ARG A 528 10.31 51.63 4.04
N SER A 641 10.44 49.02 -1.93
CA SER A 641 9.79 47.81 -2.31
C SER A 641 10.51 47.33 -3.52
N ILE A 642 11.22 46.19 -3.19
CA ILE A 642 11.90 45.46 -4.21
C ILE A 642 11.23 44.09 -4.09
N GLN A 643 10.67 43.58 -5.18
CA GLN A 643 9.97 42.32 -5.31
C GLN A 643 10.72 41.10 -4.89
N SER A 644 12.02 40.97 -5.39
CA SER A 644 12.71 39.73 -5.16
C SER A 644 14.15 39.99 -5.22
N LEU A 645 14.93 38.89 -4.97
CA LEU A 645 16.34 38.95 -5.00
C LEU A 645 16.85 39.25 -6.42
N GLN A 646 16.07 38.75 -7.42
CA GLN A 646 16.34 38.80 -8.81
C GLN A 646 16.51 40.18 -9.31
N ASP A 647 15.44 41.03 -9.00
CA ASP A 647 15.31 42.45 -9.29
C ASP A 647 16.42 43.33 -8.78
N LEU A 648 16.77 43.10 -7.49
CA LEU A 648 17.75 43.85 -6.63
C LEU A 648 19.17 43.77 -7.18
N SER A 649 19.53 42.57 -7.68
CA SER A 649 20.82 42.31 -8.28
C SER A 649 20.92 42.83 -9.65
N LYS A 650 19.76 43.05 -10.32
CA LYS A 650 19.75 43.75 -11.61
C LYS A 650 19.69 45.24 -11.51
N GLN A 651 20.09 45.81 -10.35
CA GLN A 651 20.37 47.18 -10.13
C GLN A 651 21.46 47.28 -9.15
N THR A 652 22.10 48.48 -9.11
CA THR A 652 23.24 48.73 -8.28
C THR A 652 23.04 50.08 -7.72
N ASP A 653 21.76 50.39 -7.53
CA ASP A 653 21.24 51.65 -7.10
C ASP A 653 21.50 51.74 -5.56
N ILE A 654 21.65 50.63 -4.89
CA ILE A 654 21.99 50.74 -3.52
C ILE A 654 23.12 49.77 -3.33
N PRO A 655 24.24 50.22 -2.72
CA PRO A 655 25.29 49.27 -2.31
C PRO A 655 24.89 48.13 -1.42
N TYR A 656 25.44 46.88 -1.51
CA TYR A 656 25.05 45.73 -0.72
C TYR A 656 26.24 44.89 -0.44
N GLY A 657 26.13 43.95 0.48
CA GLY A 657 27.23 43.13 0.96
C GLY A 657 26.67 42.20 2.03
N THR A 658 27.60 41.54 2.77
CA THR A 658 27.30 40.56 3.74
C THR A 658 28.57 40.44 4.52
N VAL A 659 28.52 39.89 5.78
CA VAL A 659 29.59 39.50 6.62
C VAL A 659 30.47 38.53 5.90
N LEU A 660 31.79 38.69 5.99
CA LEU A 660 32.72 37.71 5.36
C LEU A 660 32.75 36.43 6.20
N ASP A 661 33.11 35.29 5.60
CA ASP A 661 33.25 33.99 6.31
C ASP A 661 31.95 33.59 7.03
N SER A 662 30.79 33.72 6.37
CA SER A 662 29.49 33.32 6.97
C SER A 662 28.74 32.40 6.01
N ALA A 663 27.87 31.51 6.52
CA ALA A 663 27.16 30.63 5.65
C ALA A 663 26.65 31.25 4.40
N VAL A 664 26.05 32.45 4.55
CA VAL A 664 25.59 33.38 3.49
C VAL A 664 26.70 33.64 2.51
N TYR A 665 27.90 33.97 2.97
CA TYR A 665 28.99 34.27 2.05
C TYR A 665 29.35 33.11 1.12
N GLN A 666 29.59 31.95 1.72
CA GLN A 666 29.97 30.76 1.02
C GLN A 666 28.88 30.26 0.13
N HIS A 667 27.58 30.57 0.35
CA HIS A 667 26.50 30.17 -0.55
C HIS A 667 26.55 31.03 -1.83
N VAL A 668 26.70 32.35 -1.71
CA VAL A 668 26.94 33.32 -2.79
C VAL A 668 28.18 32.92 -3.52
N ARG A 669 29.29 32.52 -2.87
CA ARG A 669 30.51 32.07 -3.54
C ARG A 669 30.31 30.83 -4.37
N MET A 670 29.58 29.88 -3.73
CA MET A 670 29.32 28.56 -4.30
C MET A 670 28.50 28.68 -5.63
N LYS A 671 27.43 29.48 -5.60
CA LYS A 671 26.53 29.87 -6.70
C LYS A 671 27.18 30.67 -7.80
N GLY A 672 28.19 31.50 -7.44
CA GLY A 672 28.82 32.42 -8.31
C GLY A 672 29.91 31.81 -9.08
N LEU A 673 30.37 30.59 -8.76
CA LEU A 673 31.38 29.87 -9.48
C LEU A 673 30.68 28.66 -10.07
N ASN A 674 29.38 28.61 -9.95
CA ASN A 674 28.52 27.55 -10.38
C ASN A 674 28.25 27.73 -11.93
N PRO A 675 28.60 26.82 -12.79
CA PRO A 675 28.41 26.91 -14.16
C PRO A 675 26.91 26.78 -14.52
N PHE A 676 26.24 25.98 -13.64
CA PHE A 676 24.79 25.82 -13.78
C PHE A 676 24.03 27.09 -13.49
N GLU A 677 24.47 27.76 -12.43
CA GLU A 677 23.87 29.00 -12.00
C GLU A 677 24.42 30.17 -12.82
N ARG A 678 24.65 29.94 -14.11
CA ARG A 678 25.15 30.98 -15.00
C ARG A 678 23.98 31.91 -15.27
N ASP A 679 23.53 32.56 -14.20
CA ASP A 679 22.38 33.47 -14.23
C ASP A 679 22.99 34.76 -13.72
N SER A 680 22.49 35.91 -14.32
CA SER A 680 23.05 37.20 -14.03
C SER A 680 22.87 37.68 -12.63
N MET A 681 21.95 37.16 -11.80
CA MET A 681 21.79 37.47 -10.38
C MET A 681 22.98 37.05 -9.50
N TYR A 682 23.42 35.75 -9.46
CA TYR A 682 24.49 35.20 -8.64
C TYR A 682 25.84 35.63 -9.12
N SER A 683 26.01 35.99 -10.40
CA SER A 683 27.24 36.57 -10.86
C SER A 683 27.37 37.99 -10.40
N GLN A 684 26.23 38.80 -10.48
CA GLN A 684 26.26 40.20 -10.03
C GLN A 684 26.44 40.22 -8.52
N MET A 685 25.79 39.27 -7.77
CA MET A 685 25.97 39.25 -6.38
C MET A 685 27.44 38.92 -6.05
N TRP A 686 28.02 37.91 -6.72
CA TRP A 686 29.36 37.51 -6.35
C TRP A 686 30.45 38.56 -6.52
N ARG A 687 30.32 39.37 -7.62
CA ARG A 687 31.22 40.47 -7.88
C ARG A 687 31.11 41.56 -6.81
N MET A 688 29.89 41.80 -6.36
CA MET A 688 29.71 42.80 -5.34
C MET A 688 30.19 42.41 -4.02
N ILE A 689 29.81 41.19 -3.50
CA ILE A 689 30.23 40.70 -2.25
C ILE A 689 31.71 40.51 -2.21
N ASN A 690 32.45 40.15 -3.28
CA ASN A 690 33.79 39.73 -3.24
C ASN A 690 34.64 40.89 -3.54
N ARG A 691 34.09 42.16 -3.45
CA ARG A 691 34.94 43.34 -3.52
C ARG A 691 35.90 43.42 -2.39
N SER A 692 37.21 43.60 -2.77
CA SER A 692 38.32 43.61 -1.89
C SER A 692 38.46 42.33 -1.06
N ASN A 693 38.30 41.16 -1.66
CA ASN A 693 38.38 39.89 -0.93
C ASN A 693 37.46 39.94 0.29
N GLY A 694 36.22 40.38 0.06
CA GLY A 694 35.23 40.48 1.11
C GLY A 694 35.33 41.63 2.09
N SER A 695 36.11 42.66 1.76
CA SER A 695 36.28 43.79 2.66
C SER A 695 36.07 45.18 2.02
N GLU A 696 34.81 45.52 1.74
CA GLU A 696 34.50 46.82 1.14
C GLU A 696 33.05 47.21 1.43
N ASN A 697 32.17 47.02 0.45
CA ASN A 697 30.76 47.32 0.64
C ASN A 697 30.18 46.14 1.39
N ASN A 698 30.99 45.60 2.28
CA ASN A 698 30.67 44.44 3.09
C ASN A 698 30.94 44.88 4.46
N VAL A 699 29.91 44.88 5.21
CA VAL A 699 29.99 45.25 6.57
C VAL A 699 30.28 43.89 7.20
N LEU A 700 31.26 43.90 8.15
CA LEU A 700 31.71 42.60 8.69
C LEU A 700 31.04 42.29 9.98
N GLU A 701 30.17 43.24 10.51
CA GLU A 701 29.42 43.10 11.72
C GLU A 701 27.97 43.18 11.34
N SER A 702 27.27 42.04 11.46
CA SER A 702 26.02 41.91 10.93
C SER A 702 25.01 42.81 11.63
N GLN A 703 25.13 42.97 12.94
CA GLN A 703 24.32 43.84 13.74
C GLN A 703 24.40 45.28 13.38
N ALA A 704 25.63 45.66 13.14
CA ALA A 704 25.96 46.98 12.68
C ALA A 704 25.35 47.15 11.24
N GLY A 705 25.29 46.15 10.38
CA GLY A 705 24.80 46.08 9.01
C GLY A 705 23.26 46.31 8.85
N ILE A 706 22.48 45.84 9.94
CA ILE A 706 21.07 46.02 10.03
C ILE A 706 20.75 47.40 10.24
N GLN A 707 21.47 48.02 11.21
CA GLN A 707 21.35 49.43 11.54
C GLN A 707 21.75 50.31 10.40
N LYS A 708 22.67 49.92 9.46
CA LYS A 708 23.10 50.64 8.29
C LYS A 708 21.97 50.67 7.27
N VAL A 709 21.07 49.71 7.22
CA VAL A 709 19.86 49.69 6.41
C VAL A 709 18.87 50.67 7.06
N LYS A 710 18.88 50.67 8.41
CA LYS A 710 17.86 51.53 9.03
C LYS A 710 18.17 53.04 8.89
N TYR A 711 19.48 53.42 8.97
CA TYR A 711 19.86 54.77 8.95
C TYR A 711 20.75 55.21 7.78
N GLY A 712 20.94 54.37 6.82
CA GLY A 712 21.82 54.62 5.69
C GLY A 712 21.11 54.16 4.41
N ASN A 713 21.95 54.33 3.28
CA ASN A 713 21.69 53.98 1.94
C ASN A 713 22.35 52.70 1.64
N TYR A 714 21.73 51.59 2.20
CA TYR A 714 22.41 50.28 2.24
C TYR A 714 21.29 49.21 2.09
N ALA A 715 21.64 47.99 1.48
CA ALA A 715 20.74 46.86 1.59
C ALA A 715 21.71 45.87 2.22
N PHE A 716 21.29 45.06 3.23
CA PHE A 716 22.07 44.06 3.91
C PHE A 716 21.63 42.66 3.51
N VAL A 717 22.47 41.88 2.87
CA VAL A 717 22.20 40.49 2.56
C VAL A 717 22.66 39.60 3.72
N TRP A 718 21.73 38.72 4.14
CA TRP A 718 21.90 37.85 5.35
C TRP A 718 21.02 36.66 5.22
N ASP A 719 20.95 35.87 6.27
CA ASP A 719 20.04 34.86 6.45
C ASP A 719 18.69 35.47 6.60
N ALA A 720 17.75 35.04 5.84
CA ALA A 720 16.36 35.52 5.74
C ALA A 720 15.62 35.33 6.99
N ALA A 721 15.79 34.19 7.73
CA ALA A 721 15.07 33.88 8.99
C ALA A 721 15.39 34.81 10.10
N VAL A 722 16.67 35.22 10.19
CA VAL A 722 17.17 36.23 11.07
C VAL A 722 16.53 37.58 10.86
N LEU A 723 16.45 37.91 9.56
CA LEU A 723 15.81 39.18 9.17
C LEU A 723 14.33 39.25 9.27
N GLU A 724 13.65 38.12 9.09
CA GLU A 724 12.20 38.02 9.27
C GLU A 724 11.86 38.23 10.75
N TYR A 725 12.60 37.63 11.68
CA TYR A 725 12.38 37.76 13.11
C TYR A 725 12.54 39.16 13.56
N VAL A 726 13.56 39.83 13.02
CA VAL A 726 13.85 41.21 13.39
C VAL A 726 12.73 42.11 12.90
N ALA A 727 12.28 41.84 11.68
CA ALA A 727 11.25 42.58 11.12
C ALA A 727 9.92 42.44 11.88
N ILE A 728 9.49 41.22 12.19
CA ILE A 728 8.25 40.87 12.84
C ILE A 728 8.14 41.35 14.19
N ASN A 729 9.19 41.31 14.99
CA ASN A 729 9.14 41.53 16.41
C ASN A 729 9.56 42.96 16.74
N ASP A 730 9.93 43.80 15.71
CA ASP A 730 10.29 45.14 15.89
C ASP A 730 8.98 45.89 15.95
N PRO A 731 8.63 46.79 16.85
CA PRO A 731 7.28 47.42 16.90
C PRO A 731 7.14 48.44 15.81
N ASP A 732 8.25 48.96 15.22
CA ASP A 732 8.19 50.00 14.21
C ASP A 732 7.91 49.39 12.87
N CYS A 733 8.37 48.21 12.68
CA CYS A 733 8.43 47.40 11.45
C CYS A 733 9.04 48.20 10.32
N SER A 734 10.31 48.80 10.60
CA SER A 734 11.02 49.77 9.74
C SER A 734 11.84 49.03 8.70
N PHE A 735 11.73 47.69 8.74
CA PHE A 735 12.46 46.75 7.87
C PHE A 735 11.45 46.13 6.89
N TYR A 736 11.93 45.71 5.80
CA TYR A 736 11.28 44.93 4.74
C TYR A 736 12.29 43.89 4.38
N THR A 737 11.84 42.71 3.98
CA THR A 737 12.74 41.67 3.59
C THR A 737 12.02 40.87 2.51
N VAL A 738 12.86 40.46 1.50
CA VAL A 738 12.54 39.48 0.54
C VAL A 738 13.71 38.52 0.43
N GLY A 739 13.49 37.34 -0.16
CA GLY A 739 14.53 36.36 -0.33
C GLY A 739 13.99 35.02 -0.81
N ASN A 740 14.88 34.15 -1.26
CA ASN A 740 14.50 32.83 -1.75
C ASN A 740 15.15 31.70 -0.95
N THR A 741 14.34 30.71 -0.57
CA THR A 741 14.83 29.56 0.19
C THR A 741 15.78 28.70 -0.64
N VAL A 742 16.68 28.00 0.05
CA VAL A 742 17.67 27.13 -0.65
C VAL A 742 17.39 25.67 -0.38
N ALA A 743 17.03 24.83 -1.40
CA ALA A 743 16.91 23.42 -1.16
C ALA A 743 18.21 22.67 -0.93
N ASP A 744 18.04 21.49 -0.31
CA ASP A 744 19.11 20.64 0.31
C ASP A 744 20.02 21.33 1.22
N ARG A 745 19.51 22.31 2.03
CA ARG A 745 20.36 23.06 2.93
C ARG A 745 19.40 23.42 3.98
N GLY A 746 19.78 23.26 5.23
CA GLY A 746 18.84 23.60 6.20
C GLY A 746 19.52 23.41 7.46
N TYR A 747 18.86 23.72 8.56
CA TYR A 747 19.54 23.61 9.83
C TYR A 747 19.25 22.34 10.44
N GLY A 748 20.29 21.78 11.11
CA GLY A 748 20.14 20.49 11.79
C GLY A 748 20.85 20.68 13.10
N ILE A 749 20.60 19.65 14.01
CA ILE A 749 21.36 19.49 15.19
C ILE A 749 22.48 18.66 14.69
N ALA A 750 23.66 18.99 15.08
CA ALA A 750 24.88 18.31 14.68
C ALA A 750 25.40 17.53 15.81
N LEU A 751 26.09 16.43 15.42
CA LEU A 751 26.71 15.47 16.35
C LEU A 751 28.03 15.22 15.67
N GLN A 752 29.02 14.63 16.40
CA GLN A 752 30.30 14.27 15.90
C GLN A 752 30.10 13.14 15.03
N HIS A 753 31.05 12.84 14.21
CA HIS A 753 31.09 11.83 13.15
C HIS A 753 30.93 10.51 13.80
N GLY A 754 29.67 9.92 13.69
CA GLY A 754 29.26 8.66 14.30
C GLY A 754 28.85 9.04 15.73
N SER A 755 27.59 8.71 16.09
CA SER A 755 27.07 9.04 17.39
C SER A 755 25.86 8.18 17.66
N PRO A 756 25.67 7.69 18.89
CA PRO A 756 24.54 6.83 19.20
C PRO A 756 23.40 7.61 19.81
N TYR A 757 23.38 8.92 19.60
CA TYR A 757 22.33 9.70 20.15
C TYR A 757 21.64 10.35 18.97
N ARG A 758 22.19 10.19 17.72
CA ARG A 758 21.71 10.73 16.50
C ARG A 758 20.32 10.24 16.19
N ASP A 759 20.15 8.88 16.33
CA ASP A 759 18.91 8.16 16.10
C ASP A 759 17.69 8.60 16.91
N VAL A 760 17.88 8.80 18.21
CA VAL A 760 16.88 9.32 19.07
C VAL A 760 16.68 10.82 18.75
N PHE A 761 17.64 11.66 18.34
CA PHE A 761 17.40 13.09 18.02
C PHE A 761 16.50 13.22 16.79
N SER A 762 16.73 12.45 15.80
CA SER A 762 16.02 12.50 14.50
C SER A 762 14.63 12.05 14.75
N GLN A 763 14.39 10.97 15.59
CA GLN A 763 13.13 10.51 15.97
C GLN A 763 12.43 11.66 16.73
N ARG A 764 13.05 12.33 17.74
CA ARG A 764 12.39 13.37 18.51
C ARG A 764 11.98 14.61 17.74
N ILE A 765 12.81 15.03 16.74
CA ILE A 765 12.50 16.10 15.85
C ILE A 765 11.26 15.85 15.05
N LEU A 766 11.04 14.60 14.52
CA LEU A 766 9.76 14.16 13.92
C LEU A 766 8.63 14.14 14.96
N GLU A 767 8.91 13.60 16.13
CA GLU A 767 7.92 13.54 17.09
C GLU A 767 7.38 14.95 17.56
N LEU A 768 8.27 16.00 17.78
CA LEU A 768 7.90 17.37 18.07
C LEU A 768 7.09 18.08 16.97
N GLN A 769 7.37 17.79 15.69
CA GLN A 769 6.70 18.35 14.54
C GLN A 769 5.34 17.78 14.51
N GLN A 770 5.19 16.44 14.65
CA GLN A 770 3.94 15.69 14.61
C GLN A 770 3.12 16.05 15.75
N SER A 771 3.62 16.27 17.01
CA SER A 771 2.78 16.50 18.23
C SER A 771 2.15 17.87 18.21
N GLY A 772 2.79 18.73 17.37
CA GLY A 772 2.51 20.16 17.31
C GLY A 772 3.10 20.91 18.42
N ASP A 773 4.12 20.31 19.14
CA ASP A 773 4.83 21.00 20.15
C ASP A 773 5.86 21.97 19.52
N MET A 774 6.34 21.59 18.28
CA MET A 774 7.20 22.37 17.45
C MET A 774 6.50 23.61 16.89
N ASP A 775 5.18 23.50 16.65
CA ASP A 775 4.41 24.58 16.02
C ASP A 775 4.16 25.74 16.99
N ILE A 776 4.18 25.44 18.28
CA ILE A 776 3.97 26.45 19.30
C ILE A 776 5.22 27.34 19.38
N LEU A 777 6.38 26.70 19.20
CA LEU A 777 7.65 27.42 19.23
C LEU A 777 7.77 28.46 18.12
N LYS A 778 7.32 28.10 16.92
CA LYS A 778 7.41 29.03 15.80
C LYS A 778 6.60 30.29 16.07
N HIS A 779 5.41 30.11 16.63
CA HIS A 779 4.56 31.25 16.98
C HIS A 779 5.21 32.08 18.07
N LYS A 780 5.82 31.39 19.03
CA LYS A 780 6.49 32.03 20.15
C LYS A 780 7.54 33.05 19.74
N TRP A 781 8.55 32.62 18.98
CA TRP A 781 9.65 33.57 18.55
C TRP A 781 9.08 34.22 17.35
N TRP A 782 8.14 33.61 16.61
CA TRP A 782 7.60 34.28 15.43
C TRP A 782 6.11 34.32 15.63
N PRO A 783 5.47 35.44 16.04
CA PRO A 783 4.05 35.58 16.14
C PRO A 783 3.49 35.87 14.73
N ASP B 1 -32.89 -59.44 62.70
CA ASP B 1 -31.49 -59.38 62.31
C ASP B 1 -31.32 -58.75 60.93
N SER B 2 -30.32 -57.89 60.80
CA SER B 2 -30.05 -57.21 59.54
C SER B 2 -28.61 -57.40 59.09
N ILE B 3 -28.43 -57.84 57.84
CA ILE B 3 -27.11 -58.06 57.30
C ILE B 3 -26.77 -57.03 56.22
N ILE B 4 -27.71 -56.09 55.92
CA ILE B 4 -27.51 -55.09 54.88
C ILE B 4 -27.50 -53.74 55.53
N HIS B 5 -26.30 -53.17 55.70
CA HIS B 5 -26.12 -51.90 56.37
C HIS B 5 -25.22 -51.04 55.53
N ILE B 6 -25.63 -49.80 55.25
CA ILE B 6 -24.86 -48.87 54.45
C ILE B 6 -24.58 -47.62 55.25
N GLY B 7 -23.48 -46.92 54.94
CA GLY B 7 -23.14 -45.68 55.63
C GLY B 7 -23.28 -44.52 54.73
N ALA B 8 -23.56 -43.34 55.29
CA ALA B 8 -23.62 -42.14 54.50
C ALA B 8 -22.96 -40.97 55.22
N ILE B 9 -22.16 -40.19 54.49
CA ILE B 9 -21.50 -38.99 54.99
C ILE B 9 -22.01 -37.83 54.17
N PHE B 10 -22.63 -36.84 54.82
CA PHE B 10 -23.20 -35.70 54.16
C PHE B 10 -22.53 -34.45 54.63
N ASP B 11 -22.29 -33.49 53.73
CA ASP B 11 -22.02 -32.11 54.10
C ASP B 11 -23.19 -31.52 54.94
N GLU B 12 -22.93 -30.55 55.83
CA GLU B 12 -23.92 -29.85 56.63
C GLU B 12 -25.00 -29.15 55.80
N SER B 13 -24.70 -28.81 54.51
CA SER B 13 -25.65 -28.17 53.59
C SER B 13 -26.55 -29.16 52.88
N ALA B 14 -26.37 -30.47 53.11
CA ALA B 14 -26.99 -31.53 52.35
C ALA B 14 -28.13 -32.21 53.08
N LYS B 15 -28.96 -31.47 53.85
CA LYS B 15 -30.13 -31.99 54.55
C LYS B 15 -31.14 -32.66 53.62
N LYS B 16 -31.38 -32.09 52.42
CA LYS B 16 -32.22 -32.69 51.41
C LYS B 16 -31.70 -34.01 50.86
N ASP B 17 -30.36 -34.18 50.72
CA ASP B 17 -29.74 -35.44 50.35
C ASP B 17 -30.04 -36.53 51.38
N ASP B 18 -29.97 -36.22 52.70
CA ASP B 18 -30.36 -37.11 53.79
C ASP B 18 -31.83 -37.50 53.73
N GLU B 19 -32.76 -36.52 53.51
CA GLU B 19 -34.17 -36.79 53.40
C GLU B 19 -34.50 -37.78 52.27
N VAL B 20 -33.94 -37.53 51.08
CA VAL B 20 -34.09 -38.40 49.92
C VAL B 20 -33.44 -39.75 50.10
N PHE B 21 -32.25 -39.83 50.73
CA PHE B 21 -31.58 -41.07 51.08
C PHE B 21 -32.45 -41.96 51.95
N ARG B 22 -33.04 -41.40 53.03
CA ARG B 22 -33.95 -42.11 53.91
C ARG B 22 -35.23 -42.57 53.23
N THR B 23 -35.83 -41.70 52.38
CA THR B 23 -36.98 -42.04 51.56
C THR B 23 -36.69 -43.19 50.60
N ALA B 24 -35.52 -43.17 49.91
CA ALA B 24 -35.10 -44.24 49.02
C ALA B 24 -34.94 -45.60 49.68
N VAL B 25 -34.35 -45.63 50.90
CA VAL B 25 -34.28 -46.82 51.74
C VAL B 25 -35.67 -47.33 52.13
N GLY B 26 -36.57 -46.41 52.53
CA GLY B 26 -37.99 -46.69 52.77
C GLY B 26 -38.71 -47.34 51.62
N ASP B 27 -38.59 -46.77 50.39
CA ASP B 27 -39.17 -47.26 49.15
C ASP B 27 -38.69 -48.66 48.79
N LEU B 28 -37.37 -48.91 48.89
CA LEU B 28 -36.79 -50.23 48.67
C LEU B 28 -37.20 -51.28 49.67
N ASN B 29 -37.30 -50.91 50.95
CA ASN B 29 -37.75 -51.81 51.99
C ASN B 29 -39.24 -52.15 51.90
N GLN B 30 -40.01 -51.41 51.07
CA GLN B 30 -41.38 -51.73 50.69
C GLN B 30 -41.44 -52.50 49.36
N ASN B 31 -40.33 -52.65 48.63
CA ASN B 31 -40.31 -53.37 47.38
C ASN B 31 -40.07 -54.86 47.68
N GLU B 32 -41.06 -55.74 47.40
CA GLU B 32 -40.92 -57.17 47.62
C GLU B 32 -40.08 -57.90 46.58
N GLU B 33 -39.83 -57.28 45.39
CA GLU B 33 -39.13 -57.93 44.30
C GLU B 33 -37.60 -57.86 44.49
N ILE B 34 -37.09 -56.82 45.17
CA ILE B 34 -35.67 -56.57 45.31
C ILE B 34 -35.36 -56.77 46.78
N LEU B 35 -34.39 -57.65 47.10
CA LEU B 35 -34.05 -57.99 48.48
C LEU B 35 -35.21 -58.58 49.26
N GLN B 36 -35.79 -59.69 48.74
CA GLN B 36 -37.08 -60.21 49.11
C GLN B 36 -37.27 -60.49 50.60
N THR B 37 -36.17 -60.87 51.28
CA THR B 37 -36.18 -61.28 52.67
C THR B 37 -35.28 -60.42 53.53
N GLU B 38 -34.75 -59.28 53.04
CA GLU B 38 -33.76 -58.51 53.78
C GLU B 38 -34.08 -57.03 53.74
N LYS B 39 -34.10 -56.37 54.92
CA LYS B 39 -34.28 -54.95 55.01
C LYS B 39 -32.95 -54.23 55.00
N ILE B 40 -32.89 -53.05 54.37
CA ILE B 40 -31.72 -52.20 54.39
C ILE B 40 -31.79 -51.31 55.61
N THR B 41 -30.70 -51.29 56.40
CA THR B 41 -30.50 -50.39 57.52
C THR B 41 -29.34 -49.47 57.19
N PHE B 42 -29.16 -48.39 57.96
CA PHE B 42 -28.14 -47.43 57.61
C PHE B 42 -27.70 -46.62 58.82
N SER B 43 -26.52 -45.98 58.69
CA SER B 43 -26.02 -45.00 59.65
C SER B 43 -25.59 -43.77 58.88
N VAL B 44 -26.08 -42.57 59.25
CA VAL B 44 -25.80 -41.33 58.54
C VAL B 44 -25.07 -40.41 59.49
N THR B 45 -24.01 -39.73 59.01
CA THR B 45 -23.30 -38.71 59.77
C THR B 45 -23.14 -37.45 58.93
N PHE B 46 -23.45 -36.27 59.50
CA PHE B 46 -23.21 -34.98 58.89
C PHE B 46 -21.84 -34.47 59.32
N VAL B 47 -21.06 -33.86 58.41
CA VAL B 47 -19.73 -33.33 58.69
C VAL B 47 -19.59 -31.98 58.04
N ASP B 48 -18.68 -31.11 58.55
CA ASP B 48 -18.16 -29.95 57.87
C ASP B 48 -17.42 -30.47 56.64
N GLY B 49 -17.89 -30.11 55.43
CA GLY B 49 -17.29 -30.59 54.20
C GLY B 49 -16.02 -29.89 53.82
N ASN B 50 -15.63 -28.85 54.59
CA ASN B 50 -14.34 -28.21 54.48
C ASN B 50 -13.36 -28.73 55.52
N ASN B 51 -13.74 -29.73 56.34
CA ASN B 51 -12.82 -30.37 57.25
C ASN B 51 -12.53 -31.82 56.79
N PRO B 52 -11.41 -32.10 56.10
CA PRO B 52 -11.16 -33.44 55.57
C PRO B 52 -10.84 -34.45 56.65
N PHE B 53 -10.20 -34.04 57.76
CA PHE B 53 -9.93 -34.93 58.87
C PHE B 53 -11.22 -35.37 59.54
N GLN B 54 -12.17 -34.44 59.77
CA GLN B 54 -13.48 -34.80 60.31
C GLN B 54 -14.24 -35.77 59.41
N ALA B 55 -14.20 -35.54 58.07
CA ALA B 55 -14.80 -36.45 57.12
C ALA B 55 -14.24 -37.87 57.17
N VAL B 56 -12.89 -38.01 57.25
CA VAL B 56 -12.20 -39.28 57.45
C VAL B 56 -12.55 -39.94 58.76
N GLN B 57 -12.52 -39.17 59.88
CA GLN B 57 -12.82 -39.68 61.20
C GLN B 57 -14.22 -40.28 61.30
N GLU B 58 -15.25 -39.52 60.85
CA GLU B 58 -16.62 -39.96 60.86
C GLU B 58 -16.91 -41.12 59.90
N ALA B 59 -16.28 -41.13 58.70
CA ALA B 59 -16.34 -42.25 57.79
C ALA B 59 -15.74 -43.53 58.40
N CYS B 60 -14.61 -43.40 59.13
CA CYS B 60 -14.00 -44.47 59.91
C CYS B 60 -14.87 -45.01 61.02
N GLU B 61 -15.62 -44.16 61.75
CA GLU B 61 -16.61 -44.58 62.73
C GLU B 61 -17.74 -45.41 62.11
N LEU B 62 -18.24 -45.01 60.93
CA LEU B 62 -19.20 -45.82 60.17
C LEU B 62 -18.67 -47.18 59.74
N MET B 63 -17.40 -47.26 59.32
CA MET B 63 -16.72 -48.50 59.01
C MET B 63 -16.51 -49.42 60.22
N ASN B 64 -16.29 -48.84 61.43
CA ASN B 64 -16.26 -49.55 62.70
C ASN B 64 -17.62 -50.18 63.06
N GLN B 65 -18.73 -49.48 62.80
CA GLN B 65 -20.06 -50.07 62.93
C GLN B 65 -20.28 -51.26 62.00
N GLY B 66 -19.74 -51.18 60.76
CA GLY B 66 -19.78 -52.22 59.76
C GLY B 66 -20.72 -51.83 58.65
N ILE B 67 -20.18 -51.56 57.45
CA ILE B 67 -20.98 -51.12 56.31
C ILE B 67 -20.57 -51.90 55.09
N LEU B 68 -21.49 -52.06 54.11
CA LEU B 68 -21.20 -52.68 52.82
C LEU B 68 -20.72 -51.69 51.78
N ALA B 69 -21.07 -50.40 51.97
CA ALA B 69 -20.72 -49.37 51.04
C ALA B 69 -20.89 -48.05 51.76
N LEU B 70 -20.19 -47.03 51.29
CA LEU B 70 -20.24 -45.69 51.82
C LEU B 70 -20.77 -44.77 50.74
N VAL B 71 -21.85 -44.02 51.02
CA VAL B 71 -22.39 -43.02 50.13
C VAL B 71 -21.92 -41.68 50.63
N SER B 72 -21.40 -40.79 49.77
CA SER B 72 -21.05 -39.45 50.20
C SER B 72 -21.72 -38.43 49.35
N SER B 73 -22.20 -37.31 49.95
CA SER B 73 -22.64 -36.17 49.17
C SER B 73 -21.91 -34.98 49.73
N ILE B 74 -20.89 -34.49 49.02
CA ILE B 74 -19.90 -33.61 49.59
C ILE B 74 -19.15 -32.89 48.48
N GLY B 75 -18.50 -31.75 48.78
CA GLY B 75 -17.66 -31.05 47.83
C GLY B 75 -16.28 -31.65 47.67
N CYS B 76 -15.45 -31.04 46.81
CA CYS B 76 -14.14 -31.53 46.44
C CYS B 76 -13.10 -31.53 47.55
N THR B 77 -13.23 -30.63 48.54
CA THR B 77 -12.28 -30.42 49.65
C THR B 77 -12.00 -31.67 50.46
N SER B 78 -13.06 -32.45 50.77
CA SER B 78 -12.92 -33.68 51.54
C SER B 78 -13.07 -34.90 50.68
N ALA B 79 -13.37 -34.74 49.37
CA ALA B 79 -13.54 -35.84 48.45
C ALA B 79 -12.29 -36.69 48.33
N GLY B 80 -11.10 -36.06 48.20
CA GLY B 80 -9.83 -36.78 48.06
C GLY B 80 -9.44 -37.63 49.22
N SER B 81 -9.71 -37.13 50.43
CA SER B 81 -9.51 -37.83 51.69
C SER B 81 -10.43 -39.02 51.89
N LEU B 82 -11.74 -38.89 51.54
CA LEU B 82 -12.66 -40.01 51.55
C LEU B 82 -12.35 -41.08 50.53
N GLN B 83 -11.97 -40.70 49.29
CA GLN B 83 -11.57 -41.62 48.25
C GLN B 83 -10.34 -42.43 48.64
N SER B 84 -9.29 -41.77 49.18
CA SER B 84 -8.09 -42.45 49.66
C SER B 84 -8.33 -43.36 50.86
N LEU B 85 -9.21 -42.97 51.80
CA LEU B 85 -9.68 -43.84 52.87
C LEU B 85 -10.41 -45.08 52.36
N ALA B 86 -11.34 -44.92 51.39
CA ALA B 86 -12.08 -46.02 50.79
C ALA B 86 -11.18 -47.03 50.09
N ASP B 87 -10.15 -46.54 49.35
CA ASP B 87 -9.10 -47.33 48.74
C ASP B 87 -8.28 -48.15 49.75
N ALA B 88 -7.89 -47.54 50.90
CA ALA B 88 -7.20 -48.22 51.97
C ALA B 88 -8.00 -49.32 52.65
N MET B 89 -9.31 -49.11 52.85
CA MET B 89 -10.16 -50.01 53.62
C MET B 89 -10.96 -50.98 52.78
N HIS B 90 -10.89 -50.86 51.44
CA HIS B 90 -11.66 -51.63 50.48
C HIS B 90 -13.16 -51.48 50.66
N ILE B 91 -13.65 -50.26 50.91
CA ILE B 91 -15.06 -50.01 51.10
C ILE B 91 -15.55 -49.35 49.84
N PRO B 92 -16.49 -49.89 49.06
CA PRO B 92 -17.07 -49.22 47.90
C PRO B 92 -17.63 -47.84 48.22
N HIS B 93 -17.17 -46.80 47.51
CA HIS B 93 -17.48 -45.42 47.82
C HIS B 93 -18.29 -44.83 46.69
N LEU B 94 -19.55 -44.48 46.95
CA LEU B 94 -20.45 -43.93 45.95
C LEU B 94 -20.43 -42.44 46.17
N PHE B 95 -19.72 -41.71 45.30
CA PHE B 95 -19.42 -40.31 45.50
C PHE B 95 -20.36 -39.46 44.66
N ILE B 96 -21.14 -38.60 45.33
CA ILE B 96 -22.04 -37.65 44.73
C ILE B 96 -21.40 -36.31 44.99
N GLN B 97 -20.84 -35.69 43.93
CA GLN B 97 -20.24 -34.39 44.07
C GLN B 97 -21.28 -33.28 44.25
N ARG B 98 -21.16 -32.51 45.34
CA ARG B 98 -21.95 -31.31 45.56
C ARG B 98 -21.14 -30.11 45.13
N SER B 99 -21.80 -29.16 44.47
CA SER B 99 -21.22 -27.86 44.17
C SER B 99 -21.46 -26.92 45.34
N THR B 100 -20.60 -25.90 45.49
CA THR B 100 -20.72 -24.93 46.56
C THR B 100 -21.72 -23.86 46.17
N ALA B 101 -22.83 -23.71 46.93
CA ALA B 101 -23.79 -22.63 46.77
C ALA B 101 -24.49 -22.55 45.40
N GLY B 102 -24.64 -23.69 44.70
CA GLY B 102 -25.25 -23.71 43.38
C GLY B 102 -24.35 -23.21 42.27
N THR B 103 -23.04 -22.96 42.52
CA THR B 103 -22.05 -22.62 41.48
C THR B 103 -21.99 -23.73 40.45
N PRO B 104 -21.76 -23.53 39.16
CA PRO B 104 -21.47 -24.60 38.23
C PRO B 104 -20.36 -25.53 38.69
N ARG B 105 -20.58 -26.85 38.60
CA ARG B 105 -19.53 -27.81 38.89
C ARG B 105 -18.33 -27.68 37.98
N SER B 106 -17.14 -27.89 38.57
CA SER B 106 -15.92 -28.15 37.84
C SER B 106 -15.46 -29.47 38.38
N GLY B 107 -14.60 -30.19 37.62
CA GLY B 107 -13.97 -31.41 38.10
C GLY B 107 -13.19 -31.21 39.36
N CYS B 108 -13.10 -32.21 40.26
CA CYS B 108 -12.37 -32.03 41.50
C CYS B 108 -10.87 -31.97 41.28
N GLY B 109 -10.43 -32.41 40.09
CA GLY B 109 -9.02 -32.41 39.71
C GLY B 109 -8.19 -33.05 40.79
N LEU B 110 -8.80 -34.04 41.42
CA LEU B 110 -8.23 -34.76 42.54
C LEU B 110 -6.81 -35.30 42.51
N THR B 111 -6.27 -35.67 41.33
CA THR B 111 -4.96 -36.31 41.22
C THR B 111 -4.77 -37.39 42.29
N ARG B 112 -5.81 -38.21 42.47
CA ARG B 112 -5.79 -39.27 43.44
C ARG B 112 -4.87 -40.39 43.01
N SER B 113 -4.07 -40.90 43.97
CA SER B 113 -3.01 -41.86 43.70
C SER B 113 -3.49 -43.13 43.04
N ASN B 114 -2.92 -43.47 41.87
CA ASN B 114 -3.42 -44.52 41.00
C ASN B 114 -2.66 -45.82 41.18
N ARG B 115 -1.76 -45.89 42.18
CA ARG B 115 -1.01 -47.09 42.49
C ARG B 115 -1.89 -48.17 43.09
N ASN B 116 -2.95 -47.75 43.80
CA ASN B 116 -3.87 -48.61 44.50
C ASN B 116 -5.16 -48.67 43.72
N ASP B 117 -5.93 -49.77 43.87
CA ASP B 117 -7.25 -49.94 43.30
C ASP B 117 -8.20 -48.84 43.73
N ASP B 118 -9.02 -48.33 42.79
CA ASP B 118 -9.94 -47.25 43.03
C ASP B 118 -11.25 -47.83 43.49
N TYR B 119 -11.66 -47.51 44.72
CA TYR B 119 -12.89 -47.98 45.31
C TYR B 119 -13.98 -46.95 45.16
N THR B 120 -13.71 -45.83 44.47
CA THR B 120 -14.68 -44.77 44.29
C THR B 120 -15.39 -44.86 42.98
N LEU B 121 -16.72 -44.80 43.04
CA LEU B 121 -17.53 -44.70 41.86
C LEU B 121 -18.17 -43.33 41.85
N SER B 122 -17.94 -42.55 40.78
CA SER B 122 -18.44 -41.19 40.67
C SER B 122 -19.82 -41.23 40.07
N VAL B 123 -20.84 -40.95 40.89
CA VAL B 123 -22.26 -41.08 40.56
C VAL B 123 -22.76 -40.03 39.61
N ARG B 124 -22.36 -38.77 39.79
CA ARG B 124 -22.68 -37.71 38.85
C ARG B 124 -21.84 -37.83 37.59
N PRO B 125 -22.35 -37.46 36.43
CA PRO B 125 -21.61 -37.53 35.17
C PRO B 125 -20.40 -36.61 35.15
N PRO B 126 -19.43 -36.77 34.24
CA PRO B 126 -18.39 -35.79 33.98
C PRO B 126 -18.91 -34.39 33.79
N VAL B 127 -18.10 -33.39 34.14
CA VAL B 127 -18.45 -32.01 33.89
C VAL B 127 -18.23 -31.72 32.41
N TYR B 128 -19.31 -31.39 31.69
CA TYR B 128 -19.26 -31.17 30.25
C TYR B 128 -19.55 -29.72 29.90
N LEU B 129 -19.55 -28.80 30.90
CA LEU B 129 -19.88 -27.40 30.73
C LEU B 129 -19.09 -26.72 29.62
N ASN B 130 -17.76 -26.96 29.58
CA ASN B 130 -16.83 -26.43 28.60
C ASN B 130 -17.13 -26.86 27.16
N GLU B 131 -17.49 -28.15 26.95
CA GLU B 131 -17.88 -28.69 25.66
C GLU B 131 -19.20 -28.10 25.16
N VAL B 132 -20.23 -28.04 26.05
CA VAL B 132 -21.54 -27.52 25.70
C VAL B 132 -21.50 -26.06 25.32
N ILE B 133 -20.79 -25.24 26.13
CA ILE B 133 -20.69 -23.81 25.88
C ILE B 133 -19.98 -23.50 24.57
N LEU B 134 -18.91 -24.27 24.24
CA LEU B 134 -18.20 -24.16 22.99
C LEU B 134 -19.09 -24.42 21.79
N ARG B 135 -19.92 -25.49 21.88
CA ARG B 135 -20.85 -25.76 20.81
C ARG B 135 -21.88 -24.66 20.58
N VAL B 136 -22.48 -24.12 21.67
CA VAL B 136 -23.46 -23.04 21.61
C VAL B 136 -22.91 -21.72 21.07
N VAL B 137 -21.71 -21.28 21.53
CA VAL B 137 -21.08 -20.05 21.02
C VAL B 137 -20.74 -20.13 19.53
N THR B 138 -20.29 -21.32 19.08
CA THR B 138 -20.01 -21.64 17.68
C THR B 138 -21.23 -21.54 16.79
N GLU B 139 -22.39 -22.10 17.24
CA GLU B 139 -23.67 -22.01 16.56
C GLU B 139 -24.17 -20.59 16.40
N TYR B 140 -23.93 -19.73 17.41
CA TYR B 140 -24.33 -18.35 17.34
C TYR B 140 -23.31 -17.47 16.64
N ALA B 141 -22.18 -18.06 16.16
CA ALA B 141 -21.10 -17.39 15.45
C ALA B 141 -20.45 -16.26 16.24
N TRP B 142 -20.33 -16.43 17.58
CA TRP B 142 -19.71 -15.43 18.44
C TRP B 142 -18.22 -15.33 18.20
N GLN B 143 -17.68 -14.10 18.27
CA GLN B 143 -16.27 -13.85 18.03
C GLN B 143 -15.68 -13.00 19.14
N LYS B 144 -16.54 -12.27 19.87
CA LYS B 144 -16.09 -11.44 20.95
C LYS B 144 -17.14 -11.49 22.03
N PHE B 145 -16.74 -11.77 23.28
CA PHE B 145 -17.67 -11.90 24.38
C PHE B 145 -16.95 -11.84 25.70
N ILE B 146 -17.69 -11.70 26.80
CA ILE B 146 -17.15 -11.71 28.15
C ILE B 146 -17.71 -12.87 28.93
N ILE B 147 -16.87 -13.56 29.73
CA ILE B 147 -17.29 -14.60 30.63
C ILE B 147 -17.29 -14.03 32.03
N PHE B 148 -18.48 -13.99 32.66
CA PHE B 148 -18.64 -13.60 34.03
C PHE B 148 -18.79 -14.85 34.86
N TYR B 149 -18.03 -14.98 35.95
CA TYR B 149 -18.13 -16.13 36.82
C TYR B 149 -18.30 -15.69 38.25
N ASP B 150 -18.87 -16.55 39.08
CA ASP B 150 -19.11 -16.26 40.49
C ASP B 150 -17.85 -16.38 41.36
N SER B 151 -17.98 -16.04 42.63
CA SER B 151 -16.88 -16.08 43.55
C SER B 151 -16.45 -17.49 43.96
N GLU B 152 -17.26 -18.53 43.70
CA GLU B 152 -17.00 -19.91 44.09
C GLU B 152 -16.61 -20.76 42.88
N TYR B 153 -16.79 -20.26 41.64
CA TYR B 153 -16.43 -21.01 40.45
C TYR B 153 -14.92 -21.30 40.28
N ASP B 154 -14.57 -22.57 39.98
CA ASP B 154 -13.22 -22.99 39.69
C ASP B 154 -13.03 -22.84 38.18
N ILE B 155 -12.21 -21.84 37.77
CA ILE B 155 -11.97 -21.50 36.37
C ILE B 155 -11.17 -22.52 35.60
N ARG B 156 -10.56 -23.53 36.27
CA ARG B 156 -9.98 -24.69 35.62
C ARG B 156 -11.01 -25.46 34.80
N GLY B 157 -12.30 -25.37 35.21
CA GLY B 157 -13.44 -25.90 34.48
C GLY B 157 -13.66 -25.32 33.09
N ILE B 158 -13.16 -24.11 32.79
CA ILE B 158 -13.26 -23.51 31.46
C ILE B 158 -11.90 -23.39 30.81
N GLN B 159 -10.81 -23.97 31.35
CA GLN B 159 -9.48 -23.78 30.78
C GLN B 159 -9.37 -24.28 29.33
N GLU B 160 -9.99 -25.44 29.04
CA GLU B 160 -10.06 -26.00 27.71
C GLU B 160 -10.86 -25.14 26.73
N PHE B 161 -11.99 -24.56 27.20
CA PHE B 161 -12.79 -23.62 26.44
C PHE B 161 -11.99 -22.36 26.09
N LEU B 162 -11.24 -21.80 27.06
CA LEU B 162 -10.34 -20.67 26.86
C LEU B 162 -9.23 -20.93 25.86
N ASP B 163 -8.59 -22.11 25.92
CA ASP B 163 -7.62 -22.51 24.92
C ASP B 163 -8.20 -22.58 23.51
N LYS B 164 -9.40 -23.18 23.35
CA LYS B 164 -10.06 -23.30 22.06
C LYS B 164 -10.48 -21.99 21.42
N VAL B 165 -11.07 -21.06 22.18
CA VAL B 165 -11.46 -19.75 21.68
C VAL B 165 -10.25 -18.92 21.27
N SER B 166 -9.12 -19.02 22.02
CA SER B 166 -7.84 -18.39 21.70
C SER B 166 -7.24 -18.92 20.41
N GLN B 167 -7.30 -20.25 20.18
CA GLN B 167 -6.89 -20.89 18.93
C GLN B 167 -7.67 -20.43 17.71
N GLN B 168 -8.96 -20.08 17.89
CA GLN B 168 -9.83 -19.58 16.85
C GLN B 168 -9.78 -18.06 16.75
N GLY B 169 -8.92 -17.38 17.55
CA GLY B 169 -8.66 -15.95 17.39
C GLY B 169 -9.70 -15.03 17.96
N MET B 170 -10.55 -15.53 18.88
CA MET B 170 -11.62 -14.76 19.49
C MET B 170 -11.16 -13.78 20.57
N ASP B 171 -11.90 -12.67 20.77
CA ASP B 171 -11.65 -11.68 21.79
C ASP B 171 -12.50 -12.04 23.00
N VAL B 172 -11.94 -12.78 23.97
CA VAL B 172 -12.70 -13.28 25.12
C VAL B 172 -12.17 -12.65 26.39
N ALA B 173 -13.02 -11.85 27.06
CA ALA B 173 -12.70 -11.27 28.35
C ALA B 173 -13.17 -12.18 29.48
N LEU B 174 -12.46 -12.16 30.62
CA LEU B 174 -12.89 -12.81 31.84
C LEU B 174 -13.15 -11.76 32.86
N GLN B 175 -14.14 -11.99 33.73
CA GLN B 175 -14.31 -11.18 34.91
C GLN B 175 -14.98 -11.98 36.00
N LYS B 176 -14.43 -11.97 37.22
CA LYS B 176 -15.15 -12.46 38.37
C LYS B 176 -16.23 -11.47 38.78
N VAL B 177 -17.44 -11.92 39.07
CA VAL B 177 -18.48 -11.11 39.64
C VAL B 177 -18.38 -11.32 41.13
N GLU B 178 -18.07 -10.26 41.90
CA GLU B 178 -18.17 -10.26 43.34
C GLU B 178 -19.57 -10.57 43.83
N ASN B 179 -19.69 -11.18 45.03
CA ASN B 179 -20.96 -11.54 45.64
C ASN B 179 -21.87 -10.31 45.86
N ASN B 180 -21.24 -9.14 46.08
CA ASN B 180 -21.90 -7.86 46.12
C ASN B 180 -21.74 -7.15 44.78
N ILE B 181 -22.77 -7.22 43.91
CA ILE B 181 -22.81 -6.66 42.56
C ILE B 181 -22.88 -5.15 42.55
N ASN B 182 -23.73 -4.54 43.43
CA ASN B 182 -23.96 -3.11 43.47
C ASN B 182 -22.67 -2.36 43.64
N LYS B 183 -21.82 -2.79 44.59
CA LYS B 183 -20.53 -2.16 44.75
C LYS B 183 -19.65 -2.22 43.51
N MET B 184 -19.59 -3.39 42.83
CA MET B 184 -18.81 -3.57 41.62
C MET B 184 -19.24 -2.64 40.47
N ILE B 185 -20.56 -2.55 40.21
CA ILE B 185 -21.13 -1.64 39.22
C ILE B 185 -21.11 -0.18 39.66
N THR B 186 -21.43 0.15 40.92
CA THR B 186 -21.39 1.52 41.43
C THR B 186 -19.99 2.10 41.31
N THR B 187 -18.96 1.32 41.72
CA THR B 187 -17.55 1.69 41.56
C THR B 187 -17.20 1.95 40.10
N LEU B 188 -17.80 1.17 39.17
CA LEU B 188 -17.59 1.29 37.74
C LEU B 188 -18.04 2.62 37.12
N PHE B 189 -19.25 3.10 37.48
CA PHE B 189 -19.77 4.37 37.01
C PHE B 189 -18.99 5.57 37.51
N ASP B 190 -18.58 5.54 38.80
CA ASP B 190 -17.82 6.58 39.46
C ASP B 190 -16.43 6.81 38.84
N THR B 191 -15.77 5.72 38.38
CA THR B 191 -14.41 5.77 37.86
C THR B 191 -14.30 5.96 36.36
N MET B 192 -15.29 5.52 35.58
CA MET B 192 -15.26 5.52 34.14
C MET B 192 -15.86 6.75 33.50
N ARG B 193 -15.75 6.81 32.17
CA ARG B 193 -16.30 7.94 31.41
C ARG B 193 -17.18 7.47 30.24
N ILE B 194 -17.62 8.42 29.41
CA ILE B 194 -18.48 8.13 28.27
C ILE B 194 -17.86 7.21 27.22
N GLU B 195 -16.59 7.42 26.89
CA GLU B 195 -15.92 6.59 25.91
C GLU B 195 -15.79 5.18 26.47
N GLU B 196 -15.09 5.09 27.59
CA GLU B 196 -14.91 3.87 28.32
C GLU B 196 -16.22 3.13 28.53
N LEU B 197 -17.29 3.85 28.91
CA LEU B 197 -18.63 3.34 29.17
C LEU B 197 -19.30 2.71 27.96
N ASN B 198 -19.17 3.38 26.79
CA ASN B 198 -19.57 2.86 25.50
C ASN B 198 -18.81 1.60 25.13
N ARG B 199 -17.49 1.54 25.41
CA ARG B 199 -16.71 0.32 25.28
C ARG B 199 -17.16 -0.81 26.20
N TYR B 200 -17.46 -0.53 27.48
CA TYR B 200 -17.96 -1.54 28.40
C TYR B 200 -19.34 -2.05 28.01
N ARG B 201 -20.26 -1.16 27.61
CA ARG B 201 -21.56 -1.51 27.07
C ARG B 201 -21.48 -2.39 25.83
N ASP B 202 -20.53 -2.12 24.91
CA ASP B 202 -20.23 -2.95 23.78
C ASP B 202 -19.77 -4.36 24.21
N THR B 203 -18.84 -4.43 25.19
CA THR B 203 -18.36 -5.69 25.77
C THR B 203 -19.50 -6.51 26.37
N LEU B 204 -20.49 -5.85 27.00
CA LEU B 204 -21.62 -6.50 27.63
C LEU B 204 -22.73 -6.90 26.69
N ARG B 205 -22.63 -6.61 25.38
CA ARG B 205 -23.61 -7.05 24.41
C ARG B 205 -23.62 -8.56 24.24
N ARG B 206 -22.47 -9.23 24.45
CA ARG B 206 -22.41 -10.67 24.42
C ARG B 206 -21.70 -11.20 25.65
N ALA B 207 -22.39 -11.95 26.50
CA ALA B 207 -21.78 -12.45 27.71
C ALA B 207 -22.22 -13.84 28.06
N ILE B 208 -21.38 -14.56 28.82
CA ILE B 208 -21.67 -15.87 29.34
C ILE B 208 -21.61 -15.77 30.84
N LEU B 209 -22.65 -16.24 31.54
CA LEU B 209 -22.70 -16.27 32.99
C LEU B 209 -22.46 -17.68 33.46
N VAL B 210 -21.32 -17.90 34.15
CA VAL B 210 -20.94 -19.16 34.75
C VAL B 210 -21.06 -18.99 36.26
N MET B 211 -22.30 -19.05 36.77
CA MET B 211 -22.55 -18.67 38.14
C MET B 211 -23.82 -19.31 38.61
N ASN B 212 -24.00 -19.33 39.93
CA ASN B 212 -25.23 -19.74 40.58
C ASN B 212 -26.47 -18.91 40.14
N PRO B 213 -27.70 -19.44 40.13
CA PRO B 213 -28.87 -18.69 39.68
C PRO B 213 -29.16 -17.42 40.47
N ALA B 214 -28.96 -17.39 41.81
CA ALA B 214 -29.24 -16.25 42.66
C ALA B 214 -28.38 -15.04 42.34
N THR B 215 -27.06 -15.25 42.17
CA THR B 215 -26.10 -14.25 41.72
C THR B 215 -26.41 -13.74 40.34
N ALA B 216 -26.74 -14.65 39.38
CA ALA B 216 -27.13 -14.28 38.03
C ALA B 216 -28.36 -13.38 37.97
N LYS B 217 -29.42 -13.68 38.75
CA LYS B 217 -30.60 -12.85 38.86
C LYS B 217 -30.34 -11.45 39.38
N SER B 218 -29.51 -11.32 40.43
CA SER B 218 -29.03 -10.05 40.97
C SER B 218 -28.19 -9.28 39.95
N PHE B 219 -27.21 -9.96 39.31
CA PHE B 219 -26.33 -9.37 38.32
C PHE B 219 -27.05 -8.83 37.09
N ILE B 220 -28.02 -9.59 36.54
CA ILE B 220 -28.87 -9.17 35.43
C ILE B 220 -29.70 -7.96 35.79
N SER B 221 -30.34 -7.96 36.97
CA SER B 221 -31.18 -6.84 37.40
C SER B 221 -30.39 -5.56 37.50
N GLU B 222 -29.19 -5.62 38.13
CA GLU B 222 -28.37 -4.45 38.33
C GLU B 222 -27.87 -3.81 37.04
N VAL B 223 -27.42 -4.62 36.04
CA VAL B 223 -27.02 -4.08 34.74
C VAL B 223 -28.16 -3.54 33.90
N VAL B 224 -29.37 -4.15 34.00
CA VAL B 224 -30.58 -3.70 33.34
C VAL B 224 -31.04 -2.37 33.91
N GLU B 225 -31.09 -2.24 35.25
CA GLU B 225 -31.48 -1.03 35.95
C GLU B 225 -30.55 0.14 35.67
N THR B 226 -29.23 -0.12 35.54
CA THR B 226 -28.24 0.92 35.27
C THR B 226 -28.05 1.19 33.79
N ASN B 227 -28.83 0.53 32.90
CA ASN B 227 -28.79 0.71 31.46
C ASN B 227 -27.41 0.42 30.86
N LEU B 228 -26.77 -0.66 31.33
CA LEU B 228 -25.48 -1.10 30.80
C LEU B 228 -25.68 -2.11 29.69
N VAL B 229 -26.92 -2.61 29.54
CA VAL B 229 -27.34 -3.50 28.47
C VAL B 229 -28.62 -2.96 27.91
N ALA B 230 -29.01 -3.42 26.71
CA ALA B 230 -30.20 -2.99 26.02
C ALA B 230 -30.79 -4.18 25.31
N PHE B 231 -31.86 -3.98 24.52
CA PHE B 231 -32.60 -5.00 23.80
C PHE B 231 -31.76 -5.86 22.82
N ASP B 232 -30.58 -5.38 22.34
CA ASP B 232 -29.74 -6.06 21.38
C ASP B 232 -28.77 -7.03 22.07
N CYS B 233 -28.70 -7.00 23.42
CA CYS B 233 -27.87 -7.88 24.21
C CYS B 233 -28.21 -9.34 24.05
N HIS B 234 -27.20 -10.22 24.17
CA HIS B 234 -27.47 -11.62 24.20
C HIS B 234 -26.60 -12.28 25.22
N TRP B 235 -27.19 -12.78 26.32
CA TRP B 235 -26.47 -13.43 27.39
C TRP B 235 -26.79 -14.91 27.42
N ILE B 236 -25.78 -15.73 27.73
CA ILE B 236 -25.93 -17.17 27.88
C ILE B 236 -25.68 -17.49 29.33
N ILE B 237 -26.56 -18.24 29.99
CA ILE B 237 -26.36 -18.70 31.36
C ILE B 237 -26.22 -20.20 31.31
N ILE B 238 -25.14 -20.74 31.88
CA ILE B 238 -24.91 -22.17 31.89
C ILE B 238 -24.62 -22.65 33.28
N ASN B 239 -25.33 -23.70 33.70
CA ASN B 239 -25.16 -24.31 34.99
C ASN B 239 -25.98 -25.58 34.87
N GLU B 240 -25.53 -26.74 35.41
CA GLU B 240 -26.31 -27.97 35.47
C GLU B 240 -27.62 -27.74 36.20
N GLU B 241 -27.59 -26.95 37.30
CA GLU B 241 -28.73 -26.78 38.16
C GLU B 241 -29.32 -25.40 38.07
N ILE B 242 -30.44 -25.28 37.32
CA ILE B 242 -31.26 -24.08 37.31
C ILE B 242 -32.69 -24.60 37.32
N ASN B 243 -33.48 -24.39 38.38
CA ASN B 243 -34.85 -24.92 38.43
C ASN B 243 -35.81 -24.06 37.61
N ASP B 244 -37.07 -24.49 37.43
CA ASP B 244 -38.07 -23.76 36.65
C ASP B 244 -38.39 -22.37 37.22
N VAL B 245 -38.46 -22.23 38.56
CA VAL B 245 -38.63 -20.95 39.24
C VAL B 245 -37.48 -20.00 38.93
N ASP B 246 -36.23 -20.49 38.98
CA ASP B 246 -35.05 -19.74 38.61
C ASP B 246 -35.06 -19.29 37.15
N VAL B 247 -35.44 -20.18 36.20
CA VAL B 247 -35.55 -19.86 34.78
C VAL B 247 -36.52 -18.72 34.54
N GLN B 248 -37.73 -18.79 35.11
CA GLN B 248 -38.75 -17.76 34.93
C GLN B 248 -38.33 -16.42 35.48
N GLU B 249 -37.72 -16.40 36.67
CA GLU B 249 -37.19 -15.19 37.27
C GLU B 249 -36.04 -14.57 36.48
N LEU B 250 -35.12 -15.39 35.91
CA LEU B 250 -34.06 -14.94 35.01
C LEU B 250 -34.58 -14.29 33.72
N VAL B 251 -35.58 -14.91 33.07
CA VAL B 251 -36.27 -14.38 31.90
C VAL B 251 -37.02 -13.08 32.20
N ARG B 252 -37.69 -13.03 33.37
CA ARG B 252 -38.42 -11.88 33.85
C ARG B 252 -37.57 -10.64 34.15
N ARG B 253 -36.36 -10.83 34.70
CA ARG B 253 -35.46 -9.76 35.04
C ARG B 253 -34.62 -9.29 33.85
N SER B 254 -34.56 -10.09 32.76
CA SER B 254 -33.71 -9.80 31.62
C SER B 254 -34.42 -9.07 30.50
N ILE B 255 -33.66 -8.19 29.82
CA ILE B 255 -34.08 -7.59 28.58
C ILE B 255 -33.22 -8.21 27.52
N GLY B 256 -33.62 -8.04 26.23
CA GLY B 256 -32.93 -8.68 25.12
C GLY B 256 -33.04 -10.18 25.10
N ARG B 257 -32.00 -10.83 24.57
CA ARG B 257 -31.98 -12.25 24.35
C ARG B 257 -31.27 -12.99 25.47
N LEU B 258 -31.88 -14.09 25.95
CA LEU B 258 -31.30 -14.88 27.00
C LEU B 258 -31.34 -16.31 26.54
N THR B 259 -30.21 -17.03 26.66
CA THR B 259 -30.11 -18.45 26.38
C THR B 259 -29.77 -19.11 27.69
N ILE B 260 -30.50 -20.15 28.10
CA ILE B 260 -30.29 -20.82 29.37
C ILE B 260 -29.95 -22.25 29.07
N ILE B 261 -28.84 -22.76 29.62
CA ILE B 261 -28.37 -24.10 29.38
C ILE B 261 -28.31 -24.81 30.71
N ARG B 262 -29.06 -25.90 30.88
CA ARG B 262 -29.13 -26.61 32.13
C ARG B 262 -29.27 -28.07 31.93
N GLN B 263 -28.99 -28.88 32.96
CA GLN B 263 -29.15 -30.31 32.92
C GLN B 263 -30.63 -30.70 32.92
N THR B 264 -30.99 -31.76 32.18
CA THR B 264 -32.34 -32.28 32.11
C THR B 264 -32.23 -33.78 32.31
N PHE B 265 -33.33 -34.44 32.72
CA PHE B 265 -33.32 -35.84 33.11
C PHE B 265 -34.33 -36.61 32.24
N PRO B 266 -33.96 -37.61 31.44
CA PRO B 266 -34.87 -38.29 30.53
C PRO B 266 -35.70 -39.33 31.24
N VAL B 267 -36.81 -38.93 31.88
CA VAL B 267 -37.69 -39.82 32.61
C VAL B 267 -38.96 -40.10 31.80
N PRO B 268 -39.66 -41.23 31.98
CA PRO B 268 -40.92 -41.56 31.30
C PRO B 268 -41.95 -40.42 31.24
N GLN B 269 -42.84 -40.39 30.22
CA GLN B 269 -43.81 -39.30 30.12
C GLN B 269 -45.13 -39.57 30.82
N ASN B 270 -45.69 -40.79 30.60
CA ASN B 270 -46.96 -41.24 31.14
C ASN B 270 -47.02 -41.11 32.65
N ILE B 271 -48.17 -40.65 33.22
CA ILE B 271 -48.35 -40.43 34.65
C ILE B 271 -48.09 -41.68 35.46
N SER B 272 -48.57 -42.84 34.96
CA SER B 272 -48.40 -44.12 35.62
C SER B 272 -46.94 -44.51 35.71
N GLN B 273 -46.16 -44.30 34.63
CA GLN B 273 -44.79 -44.75 34.58
C GLN B 273 -43.82 -43.72 35.15
N ARG B 274 -44.33 -42.56 35.60
CA ARG B 274 -43.55 -41.53 36.26
C ARG B 274 -43.02 -41.94 37.62
N CYS B 275 -43.86 -42.59 38.43
CA CYS B 275 -43.53 -42.97 39.81
C CYS B 275 -43.22 -44.45 39.92
N PHE B 276 -42.95 -45.10 38.78
CA PHE B 276 -42.61 -46.50 38.73
C PHE B 276 -41.40 -46.66 37.85
N ARG B 277 -40.53 -47.62 38.16
CA ARG B 277 -39.48 -48.05 37.26
C ARG B 277 -39.51 -49.55 37.26
N GLY B 278 -40.13 -50.16 36.22
CA GLY B 278 -40.57 -51.56 36.29
C GLY B 278 -41.59 -51.72 37.40
N ASN B 279 -41.31 -52.60 38.38
CA ASN B 279 -42.21 -52.79 39.51
C ASN B 279 -41.76 -52.01 40.74
N HIS B 280 -40.62 -51.27 40.68
CA HIS B 280 -40.21 -50.43 41.80
C HIS B 280 -41.03 -49.17 41.84
N ARG B 281 -41.76 -48.95 42.93
CA ARG B 281 -42.58 -47.78 43.13
C ARG B 281 -41.80 -46.73 43.88
N ILE B 282 -41.76 -45.51 43.36
CA ILE B 282 -41.08 -44.39 43.96
C ILE B 282 -42.11 -43.61 44.75
N SER B 283 -41.78 -43.13 45.97
CA SER B 283 -42.61 -42.15 46.69
C SER B 283 -42.98 -40.95 45.85
N SER B 284 -44.28 -40.59 45.87
CA SER B 284 -44.92 -39.58 45.02
C SER B 284 -44.26 -38.22 45.09
N THR B 285 -43.73 -37.88 46.28
CA THR B 285 -43.05 -36.65 46.63
C THR B 285 -41.79 -36.38 45.84
N LEU B 286 -41.22 -37.40 45.17
CA LEU B 286 -39.98 -37.28 44.43
C LEU B 286 -40.17 -37.41 42.92
N CYS B 287 -41.28 -38.03 42.46
CA CYS B 287 -41.47 -38.38 41.08
C CYS B 287 -42.66 -37.67 40.44
N ASP B 288 -43.62 -37.17 41.24
CA ASP B 288 -44.73 -36.41 40.73
C ASP B 288 -44.22 -34.96 40.50
N PRO B 289 -44.14 -34.41 39.28
CA PRO B 289 -43.69 -33.05 39.05
C PRO B 289 -44.68 -32.00 39.52
N LYS B 290 -45.85 -32.36 40.06
CA LYS B 290 -46.77 -31.41 40.63
C LYS B 290 -46.59 -31.30 42.14
N ASP B 291 -45.85 -32.25 42.79
CA ASP B 291 -45.52 -32.16 44.19
C ASP B 291 -44.58 -30.97 44.46
N PRO B 292 -44.74 -30.15 45.51
CA PRO B 292 -43.83 -29.06 45.81
C PRO B 292 -42.43 -29.53 46.14
N PHE B 293 -42.24 -30.71 46.76
CA PHE B 293 -40.94 -31.23 47.13
C PHE B 293 -40.14 -31.57 45.89
N ALA B 294 -40.77 -32.29 44.93
CA ALA B 294 -40.17 -32.76 43.69
C ALA B 294 -39.64 -31.61 42.83
N GLN B 295 -40.40 -30.50 42.76
CA GLN B 295 -40.00 -29.29 42.06
C GLN B 295 -38.86 -28.53 42.72
N ASN B 296 -38.70 -28.70 44.04
CA ASN B 296 -37.67 -28.06 44.84
C ASN B 296 -36.52 -29.02 45.11
N MET B 297 -36.48 -30.24 44.54
CA MET B 297 -35.34 -31.14 44.66
C MET B 297 -34.08 -30.59 44.04
N GLU B 298 -32.93 -30.77 44.72
CA GLU B 298 -31.63 -30.48 44.16
C GLU B 298 -31.25 -31.60 43.21
N ILE B 299 -30.34 -31.38 42.26
CA ILE B 299 -29.83 -32.41 41.37
C ILE B 299 -29.17 -33.56 42.11
N SER B 300 -28.40 -33.25 43.16
CA SER B 300 -27.72 -34.23 44.01
C SER B 300 -28.72 -35.18 44.65
N ASN B 301 -29.91 -34.69 45.04
CA ASN B 301 -30.99 -35.47 45.63
C ASN B 301 -31.46 -36.59 44.70
N LEU B 302 -31.61 -36.31 43.38
CA LEU B 302 -31.98 -37.30 42.39
C LEU B 302 -30.96 -38.43 42.28
N TYR B 303 -29.66 -38.05 42.23
CA TYR B 303 -28.56 -39.00 42.20
C TYR B 303 -28.47 -39.86 43.46
N ILE B 304 -28.72 -39.29 44.66
CA ILE B 304 -28.78 -40.04 45.91
C ILE B 304 -29.84 -41.14 45.91
N TYR B 305 -31.06 -40.86 45.38
CA TYR B 305 -32.11 -41.86 45.27
C TYR B 305 -31.69 -43.05 44.41
N ASP B 306 -31.14 -42.76 43.22
CA ASP B 306 -30.72 -43.73 42.25
C ASP B 306 -29.52 -44.55 42.72
N THR B 307 -28.62 -43.93 43.51
CA THR B 307 -27.52 -44.61 44.19
C THR B 307 -28.00 -45.67 45.15
N VAL B 308 -29.01 -45.38 45.99
CA VAL B 308 -29.60 -46.36 46.89
C VAL B 308 -30.28 -47.50 46.12
N LEU B 309 -31.00 -47.17 45.02
CA LEU B 309 -31.62 -48.14 44.12
C LEU B 309 -30.62 -49.07 43.46
N LEU B 310 -29.48 -48.52 42.99
CA LEU B 310 -28.37 -49.27 42.43
C LEU B 310 -27.70 -50.21 43.43
N LEU B 311 -27.40 -49.73 44.67
CA LEU B 311 -26.81 -50.53 45.73
C LEU B 311 -27.68 -51.71 46.13
N ALA B 312 -29.01 -51.51 46.26
CA ALA B 312 -29.95 -52.58 46.57
C ALA B 312 -30.01 -53.71 45.54
N ASN B 313 -30.01 -53.35 44.24
CA ASN B 313 -29.91 -54.28 43.13
C ASN B 313 -28.58 -55.05 43.15
N ALA B 314 -27.45 -54.38 43.45
CA ALA B 314 -26.16 -55.03 43.61
C ALA B 314 -26.11 -56.03 44.76
N PHE B 315 -26.69 -55.68 45.94
CA PHE B 315 -26.82 -56.57 47.09
C PHE B 315 -27.70 -57.77 46.81
N HIS B 316 -28.85 -57.55 46.13
CA HIS B 316 -29.75 -58.58 45.68
C HIS B 316 -29.08 -59.59 44.76
N LYS B 317 -28.33 -59.11 43.75
CA LYS B 317 -27.56 -59.96 42.86
C LYS B 317 -26.50 -60.78 43.59
N LYS B 318 -25.76 -60.15 44.52
CA LYS B 318 -24.73 -60.84 45.29
C LYS B 318 -25.24 -61.98 46.17
N LEU B 319 -26.42 -61.79 46.78
CA LEU B 319 -27.16 -62.83 47.48
C LEU B 319 -27.68 -63.94 46.58
N GLN B 320 -28.28 -63.59 45.42
CA GLN B 320 -28.79 -64.53 44.44
C GLN B 320 -27.73 -65.45 43.86
N ASP B 321 -26.54 -64.87 43.58
CA ASP B 321 -25.38 -65.56 43.03
C ASP B 321 -24.64 -66.37 44.12
N ARG B 322 -25.05 -66.29 45.42
CA ARG B 322 -24.49 -67.03 46.55
C ARG B 322 -23.04 -66.66 46.85
N LYS B 323 -22.71 -65.36 46.76
CA LYS B 323 -21.35 -64.85 46.89
C LYS B 323 -21.33 -63.73 47.89
N TRP B 324 -22.18 -63.82 48.92
CA TRP B 324 -22.22 -62.88 50.02
C TRP B 324 -20.96 -62.92 50.89
N HIS B 325 -20.43 -61.74 51.21
CA HIS B 325 -19.38 -61.61 52.20
C HIS B 325 -19.99 -60.73 53.23
N SER B 326 -20.02 -61.19 54.50
CA SER B 326 -20.50 -60.40 55.62
C SER B 326 -19.70 -59.14 55.82
N MET B 327 -20.37 -58.04 56.24
CA MET B 327 -19.73 -56.83 56.71
C MET B 327 -18.79 -57.06 57.86
N ALA B 328 -17.75 -56.23 57.99
CA ALA B 328 -16.83 -56.36 59.07
C ALA B 328 -16.69 -55.03 59.75
N SER B 329 -16.45 -55.06 61.08
CA SER B 329 -16.06 -53.89 61.87
C SER B 329 -14.61 -53.62 61.56
N LEU B 330 -14.35 -52.46 60.93
CA LEU B 330 -13.02 -52.06 60.56
C LEU B 330 -12.50 -50.98 61.48
N SER B 331 -11.18 -50.82 61.54
CA SER B 331 -10.59 -49.79 62.35
C SER B 331 -9.61 -49.04 61.49
N CYS B 332 -9.59 -47.71 61.58
CA CYS B 332 -8.66 -46.86 60.87
C CYS B 332 -7.51 -46.48 61.79
N ILE B 333 -6.27 -46.39 61.25
CA ILE B 333 -5.11 -45.87 61.98
C ILE B 333 -4.78 -46.67 63.25
N ARG B 334 -4.75 -48.01 63.14
CA ARG B 334 -4.44 -48.89 64.21
C ARG B 334 -3.38 -49.80 63.67
N LYS B 335 -2.67 -50.48 64.57
CA LYS B 335 -1.57 -51.35 64.26
C LYS B 335 -1.89 -52.51 63.30
N ASN B 336 -3.11 -53.07 63.47
CA ASN B 336 -3.61 -54.17 62.67
C ASN B 336 -4.86 -53.75 61.92
N SER B 337 -4.98 -52.48 61.51
CA SER B 337 -5.98 -52.07 60.53
C SER B 337 -5.91 -52.90 59.26
N LYS B 338 -7.03 -53.43 58.77
CA LYS B 338 -7.05 -54.32 57.64
C LYS B 338 -8.25 -53.96 56.82
N PRO B 339 -8.21 -54.05 55.50
CA PRO B 339 -9.36 -53.78 54.67
C PRO B 339 -10.44 -54.82 54.79
N TRP B 340 -11.67 -54.47 54.36
CA TRP B 340 -12.75 -55.41 54.24
C TRP B 340 -12.50 -56.45 53.15
N GLN B 341 -12.50 -57.75 53.52
CA GLN B 341 -12.22 -58.84 52.61
C GLN B 341 -13.29 -59.02 51.53
N GLY B 342 -14.55 -58.59 51.82
CA GLY B 342 -15.64 -58.62 50.87
C GLY B 342 -15.66 -57.47 49.91
N GLY B 343 -14.74 -56.51 50.06
CA GLY B 343 -14.81 -55.23 49.38
C GLY B 343 -14.56 -55.26 47.91
N ARG B 344 -13.55 -56.03 47.46
CA ARG B 344 -13.23 -56.14 46.05
C ARG B 344 -14.35 -56.72 45.20
N SER B 345 -14.98 -57.82 45.68
CA SER B 345 -16.10 -58.45 45.02
C SER B 345 -17.36 -57.60 45.04
N MET B 346 -17.63 -56.87 46.13
CA MET B 346 -18.73 -55.92 46.20
C MET B 346 -18.59 -54.74 45.25
N LEU B 347 -17.38 -54.14 45.17
CA LEU B 347 -17.09 -53.06 44.24
C LEU B 347 -17.34 -53.42 42.80
N GLU B 348 -16.84 -54.60 42.35
CA GLU B 348 -17.05 -55.12 41.01
C GLU B 348 -18.51 -55.39 40.69
N THR B 349 -19.28 -55.93 41.65
CA THR B 349 -20.73 -56.10 41.49
C THR B 349 -21.50 -54.80 41.34
N ILE B 350 -21.18 -53.77 42.16
CA ILE B 350 -21.77 -52.43 42.06
C ILE B 350 -21.39 -51.74 40.77
N LYS B 351 -20.10 -51.84 40.36
CA LYS B 351 -19.56 -51.18 39.17
C LYS B 351 -20.24 -51.58 37.87
N LYS B 352 -20.64 -52.87 37.74
CA LYS B 352 -21.34 -53.35 36.57
C LYS B 352 -22.86 -53.36 36.74
N GLY B 353 -23.38 -52.75 37.83
CA GLY B 353 -24.81 -52.53 38.02
C GLY B 353 -25.36 -51.42 37.16
N GLY B 354 -26.68 -51.43 36.94
CA GLY B 354 -27.32 -50.38 36.18
C GLY B 354 -28.77 -50.35 36.55
N VAL B 355 -29.34 -49.16 36.78
CA VAL B 355 -30.74 -49.00 37.19
C VAL B 355 -31.37 -47.84 36.45
N ASN B 356 -32.69 -47.93 36.20
CA ASN B 356 -33.49 -46.84 35.70
C ASN B 356 -34.08 -46.16 36.94
N GLY B 357 -33.85 -44.85 37.11
CA GLY B 357 -34.27 -44.10 38.28
C GLY B 357 -34.80 -42.73 37.97
N LEU B 358 -34.56 -41.78 38.88
CA LEU B 358 -34.98 -40.40 38.78
C LEU B 358 -34.07 -39.59 37.88
N THR B 359 -32.82 -40.02 37.64
CA THR B 359 -31.89 -39.31 36.77
C THR B 359 -31.96 -39.81 35.33
N GLY B 360 -32.76 -40.86 35.07
CA GLY B 360 -32.73 -41.60 33.81
C GLY B 360 -32.08 -42.91 34.13
N ASP B 361 -30.94 -43.21 33.47
CA ASP B 361 -30.22 -44.45 33.68
C ASP B 361 -28.96 -44.15 34.45
N LEU B 362 -28.74 -44.85 35.58
CA LEU B 362 -27.53 -44.76 36.36
C LEU B 362 -26.76 -46.06 36.20
N GLU B 363 -25.49 -45.96 35.76
CA GLU B 363 -24.60 -47.05 35.49
C GLU B 363 -23.21 -46.47 35.54
N PHE B 364 -22.15 -47.30 35.42
CA PHE B 364 -20.78 -46.83 35.48
C PHE B 364 -20.01 -47.37 34.29
N GLY B 365 -19.18 -46.52 33.65
CA GLY B 365 -18.21 -46.99 32.65
C GLY B 365 -17.00 -47.62 33.29
N GLU B 366 -16.02 -48.05 32.47
CA GLU B 366 -14.79 -48.70 32.91
C GLU B 366 -13.95 -47.85 33.85
N ASN B 367 -14.02 -46.52 33.68
CA ASN B 367 -13.31 -45.53 34.47
C ASN B 367 -13.95 -45.31 35.84
N GLY B 368 -15.08 -45.99 36.15
CA GLY B 368 -15.76 -45.87 37.45
C GLY B 368 -16.68 -44.69 37.54
N GLY B 369 -16.96 -43.99 36.42
CA GLY B 369 -17.84 -42.84 36.42
C GLY B 369 -19.07 -43.11 35.64
N ASN B 370 -20.20 -42.48 36.06
CA ASN B 370 -21.45 -42.46 35.30
C ASN B 370 -21.28 -41.72 33.97
N PRO B 371 -21.62 -42.24 32.79
CA PRO B 371 -21.33 -41.55 31.54
C PRO B 371 -22.53 -40.70 31.11
N ASN B 372 -23.72 -40.89 31.72
CA ASN B 372 -24.96 -40.41 31.14
C ASN B 372 -25.32 -38.99 31.56
N VAL B 373 -25.55 -38.09 30.61
CA VAL B 373 -25.97 -36.73 30.91
C VAL B 373 -26.69 -36.16 29.73
N HIS B 374 -27.65 -35.25 29.97
CA HIS B 374 -28.38 -34.56 28.94
C HIS B 374 -28.54 -33.13 29.40
N PHE B 375 -28.31 -32.17 28.50
CA PHE B 375 -28.51 -30.75 28.72
C PHE B 375 -29.63 -30.31 27.82
N GLU B 376 -30.47 -29.38 28.27
CA GLU B 376 -31.44 -28.71 27.44
C GLU B 376 -31.05 -27.27 27.29
N ILE B 377 -31.46 -26.66 26.18
CA ILE B 377 -31.10 -25.30 25.83
C ILE B 377 -32.38 -24.54 25.64
N LEU B 378 -32.62 -23.52 26.48
CA LEU B 378 -33.81 -22.69 26.47
C LEU B 378 -33.47 -21.34 25.91
N GLY B 379 -34.45 -20.67 25.29
CA GLY B 379 -34.22 -19.34 24.73
C GLY B 379 -35.42 -18.49 24.80
N THR B 380 -35.20 -17.17 24.99
CA THR B 380 -36.24 -16.15 24.98
C THR B 380 -36.71 -15.81 23.59
N ASN B 381 -37.87 -15.16 23.47
CA ASN B 381 -38.32 -14.62 22.21
C ASN B 381 -39.11 -13.36 22.51
N TYR B 382 -39.48 -12.59 21.48
CA TYR B 382 -40.40 -11.49 21.66
C TYR B 382 -41.13 -11.16 20.37
N GLY B 383 -42.46 -10.94 20.46
CA GLY B 383 -43.21 -10.16 19.49
C GLY B 383 -44.20 -9.34 20.27
N GLU B 384 -44.88 -8.36 19.64
CA GLU B 384 -45.98 -7.61 20.21
C GLU B 384 -47.17 -8.50 20.59
N GLU B 385 -47.44 -9.53 19.74
CA GLU B 385 -48.48 -10.53 19.92
C GLU B 385 -48.29 -11.46 21.11
N LEU B 386 -47.04 -11.94 21.34
CA LEU B 386 -46.78 -12.96 22.35
C LEU B 386 -46.20 -12.38 23.63
N GLY B 387 -45.63 -11.17 23.58
CA GLY B 387 -44.85 -10.64 24.69
C GLY B 387 -43.61 -11.42 25.03
N ARG B 388 -43.20 -11.40 26.31
CA ARG B 388 -42.02 -12.09 26.80
C ARG B 388 -42.31 -13.54 27.15
N GLY B 389 -41.30 -14.43 27.06
CA GLY B 389 -41.52 -15.83 27.33
C GLY B 389 -40.26 -16.59 27.05
N VAL B 390 -40.32 -17.93 27.11
CA VAL B 390 -39.17 -18.79 26.93
C VAL B 390 -39.65 -20.08 26.31
N ARG B 391 -38.81 -20.74 25.48
CA ARG B 391 -39.13 -22.01 24.91
C ARG B 391 -37.88 -22.84 24.77
N LYS B 392 -38.04 -24.16 24.56
CA LYS B 392 -36.95 -25.08 24.38
C LYS B 392 -36.43 -25.01 22.95
N LEU B 393 -35.15 -24.67 22.77
CA LEU B 393 -34.49 -24.57 21.48
C LEU B 393 -33.88 -25.89 21.07
N GLY B 394 -33.28 -26.64 22.02
CA GLY B 394 -32.55 -27.83 21.62
C GLY B 394 -32.11 -28.65 22.79
N CYS B 395 -31.35 -29.71 22.49
CA CYS B 395 -30.80 -30.61 23.48
C CYS B 395 -29.36 -30.89 23.14
N TRP B 396 -28.57 -31.23 24.16
CA TRP B 396 -27.20 -31.66 23.96
C TRP B 396 -26.92 -32.87 24.84
N ASN B 397 -26.17 -33.86 24.33
CA ASN B 397 -25.64 -34.92 25.16
C ASN B 397 -24.27 -35.28 24.58
N PRO B 398 -23.34 -35.96 25.26
CA PRO B 398 -21.97 -36.19 24.75
C PRO B 398 -21.92 -37.25 23.66
N VAL B 399 -23.04 -37.95 23.36
CA VAL B 399 -23.07 -39.01 22.37
C VAL B 399 -23.52 -38.47 21.02
N THR B 400 -24.75 -37.92 20.96
CA THR B 400 -25.31 -37.46 19.69
C THR B 400 -25.02 -35.99 19.46
N GLY B 401 -24.49 -35.30 20.48
CA GLY B 401 -24.19 -33.88 20.42
C GLY B 401 -25.42 -33.03 20.46
N LEU B 402 -25.40 -31.95 19.67
CA LEU B 402 -26.46 -30.96 19.60
C LEU B 402 -27.58 -31.40 18.66
N ASN B 403 -28.83 -31.43 19.16
CA ASN B 403 -30.01 -31.76 18.39
C ASN B 403 -31.00 -30.63 18.48
N GLY B 404 -31.58 -30.27 17.32
CA GLY B 404 -32.41 -29.08 17.12
C GLY B 404 -31.53 -27.87 16.91
N SER B 405 -31.64 -27.23 15.73
CA SER B 405 -30.92 -25.99 15.41
C SER B 405 -31.33 -24.82 16.31
N LEU B 406 -30.36 -23.97 16.70
CA LEU B 406 -30.57 -22.85 17.62
C LEU B 406 -30.87 -21.48 16.92
N VAL B 418 -14.59 -2.07 13.68
CA VAL B 418 -13.17 -1.73 13.22
C VAL B 418 -12.95 -0.31 13.56
N VAL B 419 -11.67 -0.01 13.70
CA VAL B 419 -11.28 1.34 14.11
C VAL B 419 -10.50 1.92 12.94
N LEU B 420 -11.03 3.11 12.46
CA LEU B 420 -10.42 3.84 11.39
C LEU B 420 -9.45 4.86 11.95
N ARG B 421 -8.39 5.07 11.18
CA ARG B 421 -7.37 6.05 11.41
C ARG B 421 -7.62 7.22 10.53
N VAL B 422 -7.92 8.37 11.07
CA VAL B 422 -8.15 9.54 10.32
C VAL B 422 -6.97 10.46 10.37
N VAL B 423 -6.41 10.71 9.10
CA VAL B 423 -5.42 11.79 8.89
C VAL B 423 -6.33 12.91 8.42
N THR B 424 -6.09 14.18 8.88
CA THR B 424 -6.84 15.28 8.50
C THR B 424 -5.86 16.37 8.29
N VAL B 425 -6.31 17.51 7.71
CA VAL B 425 -5.53 18.70 7.53
C VAL B 425 -6.44 19.78 8.04
N LEU B 426 -5.94 20.51 9.01
CA LEU B 426 -6.59 21.60 9.68
C LEU B 426 -6.73 22.84 8.79
N GLU B 427 -7.98 23.23 8.57
CA GLU B 427 -8.34 24.39 7.76
C GLU B 427 -9.80 24.73 7.99
N GLU B 428 -10.05 25.72 8.85
CA GLU B 428 -11.41 26.12 9.16
C GLU B 428 -12.11 26.71 7.93
N PRO B 429 -13.42 26.48 7.82
CA PRO B 429 -14.23 25.86 8.86
C PRO B 429 -14.58 24.39 8.56
N PHE B 430 -13.83 23.76 7.66
CA PHE B 430 -14.10 22.36 7.32
C PHE B 430 -13.77 21.46 8.50
N VAL B 431 -12.48 21.61 9.01
CA VAL B 431 -12.11 21.03 10.22
C VAL B 431 -11.58 22.10 11.01
N MET B 432 -12.16 22.32 12.15
CA MET B 432 -11.95 23.48 13.00
C MET B 432 -11.61 22.92 14.31
N VAL B 433 -10.66 23.52 14.99
CA VAL B 433 -10.28 23.09 16.31
C VAL B 433 -11.26 23.72 17.28
N SER B 434 -11.89 22.87 18.09
CA SER B 434 -12.86 23.36 19.07
C SER B 434 -12.22 23.51 20.44
N GLU B 435 -11.08 22.85 20.61
CA GLU B 435 -10.32 22.88 21.85
C GLU B 435 -8.94 22.44 21.53
N ASN B 436 -7.99 23.31 21.95
CA ASN B 436 -6.63 23.19 21.75
C ASN B 436 -6.07 22.90 23.14
N VAL B 437 -5.14 21.90 23.22
CA VAL B 437 -4.44 21.50 24.47
C VAL B 437 -3.02 21.34 24.08
N LEU B 438 -2.08 22.07 24.72
CA LEU B 438 -0.65 22.14 24.41
C LEU B 438 -0.34 22.32 22.89
N GLY B 439 -0.99 23.41 22.32
CA GLY B 439 -0.72 23.94 21.01
C GLY B 439 -1.08 22.98 19.87
N LYS B 440 -2.01 22.02 20.10
CA LYS B 440 -2.40 21.01 19.16
C LYS B 440 -3.92 20.81 19.51
N PRO B 441 -4.80 20.63 18.53
CA PRO B 441 -6.21 20.32 18.76
C PRO B 441 -6.44 18.96 19.39
N LYS B 442 -7.44 18.98 20.28
CA LYS B 442 -7.89 17.82 21.01
C LYS B 442 -9.33 17.48 20.61
N LYS B 443 -10.14 18.49 20.31
CA LYS B 443 -11.52 18.20 19.92
C LYS B 443 -11.71 19.00 18.64
N TYR B 444 -12.28 18.31 17.62
CA TYR B 444 -12.49 18.86 16.29
C TYR B 444 -14.00 18.96 16.22
N GLN B 445 -14.36 20.06 15.49
CA GLN B 445 -15.76 20.49 15.17
C GLN B 445 -15.71 21.01 13.74
N GLY B 446 -16.87 21.30 13.14
CA GLY B 446 -16.95 21.79 11.78
C GLY B 446 -17.75 20.84 10.93
N PHE B 447 -17.95 21.21 9.67
CA PHE B 447 -18.81 20.45 8.76
C PHE B 447 -18.37 19.03 8.45
N SER B 448 -17.07 18.85 8.28
CA SER B 448 -16.53 17.55 7.94
C SER B 448 -16.66 16.55 9.05
N ILE B 449 -16.53 16.91 10.27
CA ILE B 449 -16.63 16.11 11.50
C ILE B 449 -18.06 15.71 11.80
N ASP B 450 -19.03 16.60 11.54
CA ASP B 450 -20.42 16.23 11.68
C ASP B 450 -20.71 15.17 10.58
N VAL B 451 -20.19 15.30 9.32
CA VAL B 451 -20.49 14.39 8.28
C VAL B 451 -19.97 12.96 8.60
N LEU B 452 -18.76 12.96 9.23
CA LEU B 452 -18.18 11.76 9.75
C LEU B 452 -19.05 11.17 10.91
N ASP B 453 -19.68 12.00 11.83
CA ASP B 453 -20.56 11.43 12.86
C ASP B 453 -21.82 10.76 12.23
N ALA B 454 -22.29 11.24 11.08
CA ALA B 454 -23.39 10.64 10.38
C ALA B 454 -22.89 9.32 9.72
N LEU B 455 -21.63 9.24 9.14
CA LEU B 455 -21.10 8.12 8.48
C LEU B 455 -20.79 6.95 9.41
N SER B 456 -20.28 7.31 10.61
CA SER B 456 -19.87 6.46 11.69
C SER B 456 -21.00 5.74 12.29
N ASN B 457 -22.21 6.44 12.44
CA ASN B 457 -23.37 5.80 13.05
C ASN B 457 -23.95 4.75 12.15
N TYR B 458 -23.83 4.94 10.81
CA TYR B 458 -24.45 4.04 9.74
C TYR B 458 -23.68 2.82 9.56
N LEU B 459 -22.28 2.94 9.50
CA LEU B 459 -21.46 1.75 9.39
C LEU B 459 -21.12 1.11 10.68
N GLY B 460 -21.29 1.93 11.72
CA GLY B 460 -21.01 1.61 13.13
C GLY B 460 -19.53 1.45 13.39
N PHE B 461 -18.68 2.22 12.69
CA PHE B 461 -17.33 2.16 12.96
C PHE B 461 -17.00 3.26 13.98
N ASN B 462 -15.88 3.09 14.74
CA ASN B 462 -15.33 4.14 15.61
C ASN B 462 -14.04 4.56 14.93
N TYR B 463 -13.55 5.78 15.31
CA TYR B 463 -12.41 6.43 14.70
C TYR B 463 -11.62 7.12 15.75
N GLU B 464 -10.43 7.49 15.37
CA GLU B 464 -9.53 8.38 16.02
C GLU B 464 -8.94 9.29 14.98
N ILE B 465 -8.71 10.56 15.33
CA ILE B 465 -8.27 11.62 14.50
C ILE B 465 -6.94 12.04 15.11
N TYR B 466 -5.90 12.20 14.17
CA TYR B 466 -4.62 12.80 14.48
C TYR B 466 -4.43 13.71 13.35
N VAL B 467 -3.68 14.83 13.67
CA VAL B 467 -3.40 15.89 12.71
C VAL B 467 -2.25 15.55 11.83
N ALA B 468 -2.32 15.85 10.55
CA ALA B 468 -1.31 15.61 9.55
C ALA B 468 -0.15 16.47 9.94
N PRO B 469 1.03 15.91 10.19
CA PRO B 469 2.14 16.64 10.78
C PRO B 469 2.69 17.68 9.81
N ASP B 470 2.55 17.54 8.46
CA ASP B 470 3.17 18.43 7.52
C ASP B 470 2.34 19.65 7.15
N HIS B 471 1.02 19.57 7.43
CA HIS B 471 0.09 20.66 7.18
C HIS B 471 -0.04 20.96 5.68
N LYS B 472 -0.16 19.81 4.92
CA LYS B 472 -0.15 19.79 3.52
C LYS B 472 -1.22 18.80 3.16
N TYR B 473 -1.85 19.06 2.02
CA TYR B 473 -2.93 18.22 1.55
C TYR B 473 -2.36 17.18 0.60
N GLY B 474 -1.30 17.57 -0.09
CA GLY B 474 -0.65 16.66 -1.02
C GLY B 474 -0.95 17.04 -2.45
N SER B 475 0.01 16.96 -3.35
CA SER B 475 -0.22 17.19 -4.76
C SER B 475 1.01 16.55 -5.43
N PRO B 476 0.95 16.17 -6.72
CA PRO B 476 1.99 15.47 -7.46
C PRO B 476 3.38 15.79 -7.09
N GLN B 477 4.24 14.76 -6.69
CA GLN B 477 5.60 14.92 -6.21
C GLN B 477 6.46 14.26 -7.26
N GLU B 478 7.34 15.05 -7.88
CA GLU B 478 8.23 14.53 -8.91
C GLU B 478 9.61 14.42 -8.29
N ASP B 479 9.71 14.97 -7.09
CA ASP B 479 10.87 14.98 -6.31
C ASP B 479 10.90 13.74 -5.48
N GLY B 480 9.95 12.82 -5.61
CA GLY B 480 9.96 11.63 -4.91
C GLY B 480 8.69 11.42 -4.27
N THR B 481 8.73 11.14 -2.99
CA THR B 481 7.58 10.78 -2.19
C THR B 481 6.56 11.85 -2.09
N TRP B 482 5.28 11.39 -2.12
CA TRP B 482 4.04 12.16 -1.92
C TRP B 482 4.08 12.82 -0.57
N ASN B 483 3.79 14.15 -0.49
CA ASN B 483 3.74 14.97 0.76
C ASN B 483 2.24 15.04 1.05
N GLY B 484 1.92 15.60 2.24
CA GLY B 484 0.57 15.87 2.64
C GLY B 484 -0.36 14.71 2.80
N LEU B 485 -1.64 14.86 2.61
CA LEU B 485 -2.68 13.85 2.95
C LEU B 485 -2.40 12.58 2.08
N VAL B 486 -2.11 12.81 0.78
CA VAL B 486 -1.89 11.80 -0.21
C VAL B 486 -0.79 10.86 0.03
N GLY B 487 0.37 11.33 0.50
CA GLY B 487 1.50 10.53 0.90
C GLY B 487 1.15 9.64 2.14
N GLU B 488 0.30 10.11 3.06
CA GLU B 488 -0.02 9.32 4.30
C GLU B 488 -0.80 8.09 3.89
N LEU B 489 -1.68 8.21 2.83
CA LEU B 489 -2.48 7.09 2.38
C LEU B 489 -1.68 6.17 1.46
N VAL B 490 -0.78 6.74 0.66
CA VAL B 490 0.00 5.98 -0.27
C VAL B 490 0.95 5.02 0.47
N PHE B 491 1.62 5.58 1.48
CA PHE B 491 2.47 4.83 2.34
C PHE B 491 1.80 4.12 3.48
N LYS B 492 0.48 4.22 3.52
CA LYS B 492 -0.34 3.58 4.55
C LYS B 492 -0.02 3.92 6.03
N ARG B 493 -0.32 5.15 6.44
CA ARG B 493 -0.16 5.59 7.78
C ARG B 493 -1.49 6.11 8.29
N ALA B 494 -2.52 6.02 7.47
CA ALA B 494 -3.92 6.28 7.70
C ALA B 494 -4.73 5.42 6.72
N ASP B 495 -5.97 5.16 7.04
CA ASP B 495 -6.85 4.31 6.26
C ASP B 495 -7.77 5.17 5.51
N ILE B 496 -8.24 6.29 6.12
CA ILE B 496 -9.01 7.25 5.41
C ILE B 496 -8.45 8.61 5.64
N GLY B 497 -8.64 9.57 4.71
CA GLY B 497 -8.26 10.93 4.79
C GLY B 497 -9.40 11.84 4.64
N ILE B 498 -9.69 12.67 5.69
CA ILE B 498 -10.88 13.56 5.80
C ILE B 498 -10.27 14.93 5.63
N SER B 499 -10.40 15.60 4.47
CA SER B 499 -9.97 16.96 4.24
C SER B 499 -10.62 17.36 2.97
N ALA B 500 -10.34 18.67 2.68
CA ALA B 500 -10.74 19.33 1.47
C ALA B 500 -9.67 19.08 0.41
N LEU B 501 -9.47 17.82 0.00
CA LEU B 501 -8.47 17.41 -0.96
C LEU B 501 -9.14 17.35 -2.26
N THR B 502 -8.66 18.25 -3.17
CA THR B 502 -9.23 18.38 -4.55
C THR B 502 -8.99 17.09 -5.33
N ILE B 503 -10.07 16.55 -5.97
CA ILE B 503 -10.02 15.53 -6.96
C ILE B 503 -9.26 15.90 -8.18
N THR B 504 -8.31 14.99 -8.52
CA THR B 504 -7.61 15.09 -9.75
C THR B 504 -7.46 13.63 -10.34
N PRO B 505 -7.65 13.47 -11.67
CA PRO B 505 -7.60 12.13 -12.33
C PRO B 505 -6.26 11.41 -12.21
N ASP B 506 -5.17 12.24 -12.21
CA ASP B 506 -3.77 11.89 -11.82
C ASP B 506 -3.68 11.34 -10.38
N ARG B 507 -4.34 12.04 -9.44
CA ARG B 507 -4.33 11.68 -8.05
C ARG B 507 -5.18 10.47 -7.81
N GLU B 508 -6.16 10.25 -8.75
CA GLU B 508 -7.14 9.16 -8.65
C GLU B 508 -6.51 7.84 -8.86
N ASN B 509 -5.28 7.84 -9.46
CA ASN B 509 -4.51 6.65 -9.75
C ASN B 509 -3.80 6.13 -8.55
N VAL B 510 -3.74 6.97 -7.51
CA VAL B 510 -2.92 6.66 -6.28
C VAL B 510 -3.76 6.73 -5.01
N VAL B 511 -4.99 7.23 -5.11
CA VAL B 511 -5.92 7.33 -3.97
C VAL B 511 -7.35 7.20 -4.48
N ASP B 512 -8.24 6.52 -3.74
CA ASP B 512 -9.60 6.39 -4.19
C ASP B 512 -10.35 7.56 -3.61
N PHE B 513 -11.02 8.35 -4.41
CA PHE B 513 -11.93 9.48 -4.03
C PHE B 513 -13.37 9.13 -4.12
N THR B 514 -14.18 9.67 -3.21
CA THR B 514 -15.61 9.62 -3.17
C THR B 514 -16.11 10.51 -4.29
N THR B 515 -17.43 10.67 -4.32
CA THR B 515 -18.09 11.77 -5.06
C THR B 515 -17.98 12.97 -4.16
N ARG B 516 -17.96 14.15 -4.80
CA ARG B 516 -17.86 15.41 -4.04
C ARG B 516 -19.00 15.67 -3.13
N TYR B 517 -18.72 16.33 -2.00
CA TYR B 517 -19.55 16.63 -0.89
C TYR B 517 -19.50 18.14 -0.66
N MET B 518 -18.57 18.75 -1.36
CA MET B 518 -18.29 20.17 -1.38
C MET B 518 -17.79 20.38 -2.74
N ASP B 519 -18.33 21.40 -3.48
CA ASP B 519 -17.85 21.77 -4.77
C ASP B 519 -16.66 22.67 -4.65
N TYR B 520 -15.56 22.45 -5.45
CA TYR B 520 -14.38 23.36 -5.45
C TYR B 520 -14.79 24.65 -5.95
N SER B 521 -14.16 25.74 -5.35
CA SER B 521 -14.40 27.05 -5.67
C SER B 521 -13.19 27.80 -5.36
N VAL B 522 -12.85 28.78 -6.19
CA VAL B 522 -11.64 29.59 -6.07
C VAL B 522 -12.25 30.98 -5.95
N GLY B 523 -11.70 31.81 -4.99
CA GLY B 523 -12.18 33.12 -4.67
C GLY B 523 -10.99 33.91 -4.36
N VAL B 524 -11.20 35.24 -4.11
CA VAL B 524 -10.09 36.10 -3.81
C VAL B 524 -10.39 37.04 -2.71
N LEU B 525 -9.47 37.14 -1.73
CA LEU B 525 -9.69 38.05 -0.57
C LEU B 525 -9.04 39.31 -0.99
N LEU B 526 -9.83 40.36 -0.91
CA LEU B 526 -9.63 41.61 -1.47
C LEU B 526 -9.70 42.61 -0.28
N ARG B 527 -8.96 43.77 -0.54
CA ARG B 527 -9.05 44.92 0.25
C ARG B 527 -10.48 45.44 0.09
N ARG B 528 -11.04 46.06 1.19
CA ARG B 528 -12.39 46.52 1.12
C ARG B 528 -12.52 47.88 0.47
N SER B 641 -12.21 47.64 -6.88
CA SER B 641 -12.84 47.68 -8.16
C SER B 641 -12.88 46.32 -8.80
N ILE B 642 -12.66 45.15 -8.01
CA ILE B 642 -12.64 43.85 -8.51
C ILE B 642 -13.92 43.23 -8.00
N GLN B 643 -14.86 42.97 -8.93
CA GLN B 643 -16.15 42.37 -8.69
C GLN B 643 -16.26 40.91 -9.12
N SER B 644 -15.15 40.55 -9.80
CA SER B 644 -15.02 39.23 -10.39
C SER B 644 -13.55 38.99 -10.75
N LEU B 645 -13.24 37.70 -10.81
CA LEU B 645 -11.90 37.15 -11.18
C LEU B 645 -11.56 37.47 -12.62
N GLN B 646 -12.61 37.60 -13.41
CA GLN B 646 -12.57 38.10 -14.75
C GLN B 646 -11.96 39.53 -14.84
N ASP B 647 -12.52 40.41 -14.02
CA ASP B 647 -11.96 41.71 -13.92
C ASP B 647 -10.47 41.60 -13.41
N LEU B 648 -10.13 40.77 -12.35
CA LEU B 648 -8.80 40.62 -11.75
C LEU B 648 -7.68 40.22 -12.66
N SER B 649 -7.89 39.42 -13.72
CA SER B 649 -6.93 38.98 -14.72
C SER B 649 -6.64 39.99 -15.71
N LYS B 650 -7.47 41.05 -15.90
CA LYS B 650 -7.41 42.05 -17.04
C LYS B 650 -6.41 43.20 -16.83
N GLN B 651 -5.94 43.24 -15.59
CA GLN B 651 -4.91 44.13 -15.22
C GLN B 651 -4.09 43.33 -14.23
N THR B 652 -2.86 43.82 -13.99
CA THR B 652 -1.80 43.27 -13.18
C THR B 652 -1.43 44.32 -12.22
N ASP B 653 -2.19 45.41 -12.19
CA ASP B 653 -1.99 46.54 -11.30
C ASP B 653 -2.08 46.23 -9.83
N ILE B 654 -2.93 45.23 -9.55
CA ILE B 654 -2.95 44.56 -8.32
C ILE B 654 -2.09 43.29 -8.44
N PRO B 655 -0.99 43.18 -7.65
CA PRO B 655 -0.21 41.96 -7.61
C PRO B 655 -1.02 40.91 -6.86
N TYR B 656 -0.96 39.66 -7.29
CA TYR B 656 -1.70 38.61 -6.73
C TYR B 656 -0.91 37.30 -6.69
N GLY B 657 -1.45 36.33 -6.00
CA GLY B 657 -0.70 35.15 -5.68
C GLY B 657 -1.67 34.31 -4.82
N THR B 658 -1.08 33.27 -4.26
CA THR B 658 -1.73 32.15 -3.49
C THR B 658 -0.53 31.57 -2.84
N VAL B 659 -0.64 30.37 -2.27
CA VAL B 659 0.52 29.68 -1.69
C VAL B 659 1.50 29.37 -2.85
N LEU B 660 2.80 29.45 -2.59
CA LEU B 660 3.76 29.28 -3.60
C LEU B 660 3.88 27.82 -3.80
N ASP B 661 3.71 27.32 -5.05
CA ASP B 661 3.79 25.92 -5.24
C ASP B 661 2.61 25.19 -4.55
N SER B 662 1.33 25.52 -4.85
CA SER B 662 0.17 24.87 -4.36
C SER B 662 -0.67 24.42 -5.55
N ALA B 663 -1.95 23.96 -5.40
CA ALA B 663 -2.81 23.50 -6.40
C ALA B 663 -3.25 24.65 -7.34
N VAL B 664 -3.69 25.69 -6.72
CA VAL B 664 -4.11 26.98 -7.31
C VAL B 664 -2.96 27.56 -8.20
N TYR B 665 -1.74 27.47 -7.67
CA TYR B 665 -0.52 27.85 -8.41
C TYR B 665 -0.37 27.04 -9.70
N GLN B 666 -0.31 25.69 -9.52
CA GLN B 666 -0.10 24.77 -10.57
C GLN B 666 -1.22 24.70 -11.57
N HIS B 667 -2.47 25.16 -11.23
CA HIS B 667 -3.59 25.16 -12.15
C HIS B 667 -3.39 26.32 -13.03
N VAL B 668 -2.99 27.53 -12.53
CA VAL B 668 -2.62 28.74 -13.29
C VAL B 668 -1.50 28.38 -14.20
N ARG B 669 -0.48 27.64 -13.70
CA ARG B 669 0.55 27.14 -14.62
C ARG B 669 0.09 26.24 -15.74
N MET B 670 -0.72 25.22 -15.50
CA MET B 670 -1.23 24.26 -16.48
C MET B 670 -2.05 24.91 -17.58
N LYS B 671 -3.04 25.66 -17.12
CA LYS B 671 -4.03 26.38 -17.93
C LYS B 671 -3.42 27.55 -18.70
N GLY B 672 -2.41 28.11 -18.03
CA GLY B 672 -1.69 29.32 -18.46
C GLY B 672 -0.57 29.08 -19.44
N LEU B 673 -0.22 27.81 -19.55
CA LEU B 673 0.80 27.34 -20.49
C LEU B 673 0.14 26.50 -21.58
N ASN B 674 -1.19 26.50 -21.63
CA ASN B 674 -1.95 25.74 -22.62
C ASN B 674 -2.41 26.65 -23.77
N PRO B 675 -1.99 26.33 -25.00
CA PRO B 675 -2.30 27.09 -26.19
C PRO B 675 -3.48 26.62 -26.91
N PHE B 676 -4.11 25.50 -26.41
CA PHE B 676 -5.32 24.90 -27.03
C PHE B 676 -6.45 25.48 -26.36
N GLU B 677 -6.39 25.51 -25.05
CA GLU B 677 -7.34 26.01 -24.12
C GLU B 677 -6.74 27.33 -23.76
N ARG B 678 -6.71 28.22 -24.76
CA ARG B 678 -6.21 29.58 -24.60
C ARG B 678 -7.43 30.39 -24.46
N ASP B 679 -7.46 31.00 -23.23
CA ASP B 679 -8.35 32.00 -22.75
C ASP B 679 -7.37 32.87 -22.00
N SER B 680 -7.35 34.13 -22.37
CA SER B 680 -6.38 35.10 -21.90
C SER B 680 -6.29 35.43 -20.47
N MET B 681 -7.28 35.00 -19.65
CA MET B 681 -7.29 35.20 -18.20
C MET B 681 -6.07 34.49 -17.62
N TYR B 682 -5.84 33.23 -17.95
CA TYR B 682 -4.69 32.48 -17.43
C TYR B 682 -3.44 32.95 -18.06
N SER B 683 -3.45 33.60 -19.23
CA SER B 683 -2.21 34.08 -19.75
C SER B 683 -1.80 35.27 -18.95
N GLN B 684 -2.71 36.15 -18.64
CA GLN B 684 -2.48 37.41 -17.95
C GLN B 684 -2.12 37.21 -16.47
N MET B 685 -2.84 36.18 -15.90
CA MET B 685 -2.56 35.73 -14.59
C MET B 685 -1.23 35.02 -14.36
N TRP B 686 -0.87 34.10 -15.34
CA TRP B 686 0.32 33.30 -15.27
C TRP B 686 1.60 34.12 -15.33
N ARG B 687 1.67 35.19 -16.17
CA ARG B 687 2.86 36.09 -16.06
C ARG B 687 3.04 36.80 -14.70
N MET B 688 1.94 37.17 -14.05
CA MET B 688 1.99 37.84 -12.76
C MET B 688 2.36 36.89 -11.62
N ILE B 689 1.69 35.74 -11.56
CA ILE B 689 1.96 34.77 -10.50
C ILE B 689 3.34 34.20 -10.67
N ASN B 690 3.89 33.98 -11.81
CA ASN B 690 5.23 33.40 -11.87
C ASN B 690 6.37 34.43 -12.09
N ARG B 691 6.25 35.78 -11.87
CA ARG B 691 7.46 36.67 -12.03
C ARG B 691 8.56 36.19 -11.08
N SER B 692 9.82 36.19 -11.59
CA SER B 692 10.97 35.61 -10.90
C SER B 692 10.84 34.22 -10.42
N ASN B 693 10.14 33.31 -11.24
CA ASN B 693 9.71 32.00 -10.99
C ASN B 693 8.82 31.86 -9.79
N GLY B 694 8.19 32.92 -9.38
CA GLY B 694 7.18 32.96 -8.35
C GLY B 694 7.59 33.40 -7.00
N SER B 695 8.88 33.85 -6.88
CA SER B 695 9.46 34.44 -5.64
C SER B 695 9.33 35.90 -5.49
N GLU B 696 8.48 36.49 -6.36
CA GLU B 696 8.33 37.96 -6.30
C GLU B 696 6.88 38.21 -5.84
N ASN B 697 5.88 37.30 -6.02
CA ASN B 697 4.42 37.65 -5.83
C ASN B 697 3.59 36.52 -5.28
N ASN B 698 4.24 35.55 -4.55
CA ASN B 698 3.48 34.53 -3.79
C ASN B 698 4.02 34.53 -2.31
N VAL B 699 3.04 34.21 -1.45
CA VAL B 699 3.16 34.19 -0.01
C VAL B 699 3.49 32.75 0.34
N LEU B 700 4.13 32.52 1.47
CA LEU B 700 4.56 31.20 1.82
C LEU B 700 3.69 30.66 2.91
N GLU B 701 2.53 31.34 3.10
CA GLU B 701 1.58 30.92 4.11
C GLU B 701 0.37 31.52 3.64
N SER B 702 -0.74 30.82 3.91
CA SER B 702 -2.10 31.32 3.64
C SER B 702 -2.41 32.44 4.55
N GLN B 703 -1.97 32.36 5.83
CA GLN B 703 -2.02 33.40 6.80
C GLN B 703 -1.24 34.59 6.38
N ALA B 704 -0.06 34.40 5.73
CA ALA B 704 0.76 35.50 5.33
C ALA B 704 0.06 36.36 4.27
N GLY B 705 -0.72 35.72 3.37
CA GLY B 705 -1.51 36.37 2.35
C GLY B 705 -2.74 37.17 2.83
N ILE B 706 -3.43 36.69 3.96
CA ILE B 706 -4.57 37.35 4.57
C ILE B 706 -4.17 38.68 5.17
N GLN B 707 -3.02 38.62 5.89
CA GLN B 707 -2.33 39.77 6.48
C GLN B 707 -1.87 40.75 5.44
N LYS B 708 -1.47 40.30 4.23
CA LYS B 708 -0.90 41.20 3.16
C LYS B 708 -2.02 42.06 2.54
N VAL B 709 -3.27 41.50 2.56
CA VAL B 709 -4.42 42.19 2.07
C VAL B 709 -4.77 43.31 3.12
N LYS B 710 -4.57 43.02 4.42
CA LYS B 710 -4.87 43.84 5.61
C LYS B 710 -4.01 45.07 5.67
N TYR B 711 -2.75 45.04 5.33
CA TYR B 711 -1.76 46.05 5.51
C TYR B 711 -1.20 46.51 4.18
N GLY B 712 -1.66 46.07 3.00
CA GLY B 712 -1.05 46.42 1.72
C GLY B 712 -2.14 46.13 0.69
N ASN B 713 -1.82 46.58 -0.58
CA ASN B 713 -2.70 46.43 -1.76
C ASN B 713 -2.20 45.10 -2.36
N TYR B 714 -3.08 44.07 -2.30
CA TYR B 714 -2.75 42.72 -2.61
C TYR B 714 -4.07 42.02 -2.66
N ALA B 715 -4.04 40.93 -3.45
CA ALA B 715 -5.17 40.03 -3.47
C ALA B 715 -4.61 38.63 -3.12
N PHE B 716 -5.27 37.85 -2.23
CA PHE B 716 -4.83 36.51 -1.92
C PHE B 716 -5.87 35.61 -2.44
N VAL B 717 -5.53 34.74 -3.44
CA VAL B 717 -6.41 33.83 -4.14
C VAL B 717 -6.35 32.56 -3.32
N TRP B 718 -7.54 32.00 -3.01
CA TRP B 718 -7.63 30.76 -2.23
C TRP B 718 -8.98 30.25 -2.51
N ASP B 719 -9.40 29.22 -1.72
CA ASP B 719 -10.69 28.65 -1.78
C ASP B 719 -11.65 29.72 -1.40
N ALA B 720 -12.77 29.93 -2.15
CA ALA B 720 -13.71 30.93 -1.86
C ALA B 720 -14.39 30.68 -0.49
N ALA B 721 -14.61 29.37 -0.24
CA ALA B 721 -15.36 28.97 0.92
C ALA B 721 -14.65 29.28 2.24
N VAL B 722 -13.28 29.13 2.31
CA VAL B 722 -12.46 29.58 3.51
C VAL B 722 -12.48 31.09 3.65
N LEU B 723 -12.24 31.87 2.51
CA LEU B 723 -12.12 33.32 2.49
C LEU B 723 -13.42 34.02 2.77
N GLU B 724 -14.57 33.36 2.40
CA GLU B 724 -15.86 33.79 2.53
C GLU B 724 -16.13 33.80 4.01
N TYR B 725 -15.67 32.73 4.68
CA TYR B 725 -15.83 32.62 6.13
C TYR B 725 -15.00 33.71 6.92
N VAL B 726 -13.66 33.92 6.56
CA VAL B 726 -12.85 34.91 7.25
C VAL B 726 -13.41 36.35 7.07
N ALA B 727 -13.73 36.73 5.81
CA ALA B 727 -14.21 38.07 5.45
C ALA B 727 -15.53 38.39 6.04
N ILE B 728 -16.40 37.40 6.20
CA ILE B 728 -17.72 37.63 6.81
C ILE B 728 -17.81 37.54 8.36
N ASN B 729 -16.69 37.26 9.03
CA ASN B 729 -16.65 37.14 10.44
C ASN B 729 -15.57 38.12 10.90
N ASP B 730 -15.03 38.91 10.00
CA ASP B 730 -14.13 40.01 10.35
C ASP B 730 -15.04 41.12 10.85
N PRO B 731 -14.86 41.69 12.09
CA PRO B 731 -15.82 42.60 12.65
C PRO B 731 -15.39 44.02 12.16
N ASP B 732 -14.26 44.06 11.39
CA ASP B 732 -13.84 45.31 10.84
C ASP B 732 -14.64 45.59 9.63
N CYS B 733 -14.96 44.51 8.95
CA CYS B 733 -15.53 44.35 7.61
C CYS B 733 -14.48 44.89 6.68
N SER B 734 -13.16 44.67 6.84
CA SER B 734 -12.10 45.20 6.05
C SER B 734 -11.69 44.26 4.89
N PHE B 735 -12.38 43.07 4.84
CA PHE B 735 -12.14 42.15 3.73
C PHE B 735 -13.38 42.14 2.92
N TYR B 736 -13.19 41.87 1.59
CA TYR B 736 -14.27 41.63 0.65
C TYR B 736 -13.88 40.39 -0.10
N THR B 737 -14.78 39.53 -0.54
CA THR B 737 -14.50 38.24 -1.25
C THR B 737 -15.43 38.09 -2.37
N VAL B 738 -14.91 37.61 -3.53
CA VAL B 738 -15.68 37.44 -4.74
C VAL B 738 -15.08 36.11 -5.20
N GLY B 739 -15.84 35.36 -6.01
CA GLY B 739 -15.35 34.10 -6.40
C GLY B 739 -16.33 33.43 -7.29
N ASN B 740 -15.86 32.58 -8.27
CA ASN B 740 -16.70 31.78 -9.10
C ASN B 740 -16.45 30.43 -8.61
N THR B 741 -17.47 29.59 -8.60
CA THR B 741 -17.37 28.14 -8.32
C THR B 741 -16.73 27.42 -9.52
N VAL B 742 -16.17 26.19 -9.25
CA VAL B 742 -15.58 25.44 -10.29
C VAL B 742 -16.31 24.16 -10.35
N ALA B 743 -17.06 23.92 -11.48
CA ALA B 743 -17.80 22.72 -11.69
C ALA B 743 -16.84 21.56 -12.01
N ASP B 744 -17.27 20.28 -11.86
CA ASP B 744 -16.59 19.02 -12.14
C ASP B 744 -15.25 18.85 -11.44
N ARG B 745 -15.12 19.45 -10.29
CA ARG B 745 -13.97 19.59 -9.48
C ARG B 745 -14.56 19.75 -8.14
N GLY B 746 -13.98 19.05 -7.16
CA GLY B 746 -14.50 19.19 -5.89
C GLY B 746 -13.64 18.42 -4.99
N TYR B 747 -13.98 18.58 -3.68
CA TYR B 747 -13.22 17.95 -2.70
C TYR B 747 -13.87 16.62 -2.42
N GLY B 748 -13.10 15.57 -2.21
CA GLY B 748 -13.71 14.32 -1.93
C GLY B 748 -13.03 13.67 -0.78
N ILE B 749 -13.64 12.60 -0.19
CA ILE B 749 -12.89 11.86 0.82
C ILE B 749 -11.97 10.85 0.04
N ALA B 750 -10.68 10.76 0.54
CA ALA B 750 -9.64 9.95 0.03
C ALA B 750 -9.59 8.83 0.98
N LEU B 751 -9.21 7.71 0.37
CA LEU B 751 -9.05 6.39 1.01
C LEU B 751 -7.69 5.94 0.44
N GLN B 752 -7.15 4.83 1.02
CA GLN B 752 -6.11 4.09 0.42
C GLN B 752 -6.74 3.56 -0.87
N HIS B 753 -5.93 3.53 -1.98
CA HIS B 753 -6.36 3.11 -3.32
C HIS B 753 -6.88 1.73 -3.22
N GLY B 754 -8.17 1.46 -3.47
CA GLY B 754 -8.60 0.10 -3.39
C GLY B 754 -9.09 -0.34 -2.07
N SER B 755 -9.40 0.58 -1.16
CA SER B 755 -10.10 0.32 0.11
C SER B 755 -11.59 0.10 -0.24
N PRO B 756 -12.37 -0.92 0.11
CA PRO B 756 -13.81 -1.12 -0.25
C PRO B 756 -14.77 -0.29 0.60
N TYR B 757 -14.31 0.88 1.12
CA TYR B 757 -15.15 1.69 1.91
C TYR B 757 -15.58 2.92 1.11
N ARG B 758 -15.00 3.08 -0.11
CA ARG B 758 -15.32 4.11 -1.05
C ARG B 758 -16.79 4.17 -1.41
N ASP B 759 -17.45 3.02 -1.87
CA ASP B 759 -18.80 2.89 -2.33
C ASP B 759 -19.83 3.21 -1.21
N VAL B 760 -19.65 2.70 0.04
CA VAL B 760 -20.53 2.91 1.15
C VAL B 760 -20.45 4.34 1.60
N PHE B 761 -19.26 4.95 1.44
CA PHE B 761 -18.96 6.31 1.70
C PHE B 761 -19.73 7.25 0.78
N SER B 762 -19.68 6.91 -0.51
CA SER B 762 -20.26 7.63 -1.67
C SER B 762 -21.80 7.63 -1.65
N GLN B 763 -22.34 6.45 -1.28
CA GLN B 763 -23.84 6.30 -0.97
C GLN B 763 -24.38 7.06 0.18
N ARG B 764 -23.67 7.09 1.28
CA ARG B 764 -24.08 7.84 2.41
C ARG B 764 -23.96 9.36 2.10
N ILE B 765 -22.86 9.87 1.35
CA ILE B 765 -22.67 11.31 0.99
C ILE B 765 -23.88 11.71 0.13
N LEU B 766 -24.38 10.81 -0.81
CA LEU B 766 -25.59 11.09 -1.54
C LEU B 766 -26.77 11.26 -0.65
N GLU B 767 -26.87 10.38 0.36
CA GLU B 767 -28.03 10.24 1.32
C GLU B 767 -28.25 11.49 2.25
N LEU B 768 -27.11 12.13 2.70
CA LEU B 768 -27.10 13.41 3.43
C LEU B 768 -27.68 14.49 2.54
N GLN B 769 -27.38 14.46 1.20
CA GLN B 769 -27.94 15.46 0.20
C GLN B 769 -29.37 15.27 -0.05
N GLN B 770 -29.80 14.00 -0.28
CA GLN B 770 -31.16 13.70 -0.69
C GLN B 770 -32.20 14.05 0.35
N SER B 771 -31.77 13.68 1.63
CA SER B 771 -32.53 14.01 2.80
C SER B 771 -32.43 15.54 3.12
N GLY B 772 -31.43 16.17 2.48
CA GLY B 772 -31.27 17.61 2.54
C GLY B 772 -30.60 18.12 3.74
N ASP B 773 -29.98 17.21 4.53
CA ASP B 773 -29.29 17.44 5.79
C ASP B 773 -27.97 18.02 5.52
N MET B 774 -27.37 17.66 4.33
CA MET B 774 -26.01 18.07 3.95
C MET B 774 -25.95 19.55 3.77
N ASP B 775 -27.01 20.18 3.26
CA ASP B 775 -27.15 21.63 3.04
C ASP B 775 -27.35 22.37 4.28
N ILE B 776 -27.77 21.69 5.36
CA ILE B 776 -28.02 22.20 6.65
C ILE B 776 -26.75 22.26 7.42
N LEU B 777 -25.90 21.25 7.28
CA LEU B 777 -24.59 21.11 7.86
C LEU B 777 -23.69 22.18 7.29
N LYS B 778 -23.70 22.49 6.00
CA LYS B 778 -22.95 23.48 5.33
C LYS B 778 -23.28 24.85 5.85
N HIS B 779 -24.57 25.08 6.15
CA HIS B 779 -25.01 26.32 6.75
C HIS B 779 -24.77 26.49 8.26
N LYS B 780 -24.68 25.40 9.06
CA LYS B 780 -24.47 25.46 10.46
C LYS B 780 -23.14 26.10 10.88
N TRP B 781 -22.10 25.91 10.00
CA TRP B 781 -20.75 26.36 10.27
C TRP B 781 -20.44 27.53 9.44
N TRP B 782 -21.00 27.69 8.22
CA TRP B 782 -20.76 28.90 7.45
C TRP B 782 -21.64 29.97 7.95
N PRO B 783 -21.32 31.24 7.88
CA PRO B 783 -22.08 32.32 8.36
C PRO B 783 -23.28 32.58 7.43
N ASP C 1 -13.72 -43.17 2.83
CA ASP C 1 -13.79 -41.79 3.35
C ASP C 1 -13.18 -40.81 2.36
N SER C 2 -12.01 -40.23 2.64
CA SER C 2 -11.33 -39.42 1.66
C SER C 2 -9.93 -39.94 1.43
N ILE C 3 -9.55 -40.18 0.17
CA ILE C 3 -8.21 -40.64 -0.21
C ILE C 3 -7.61 -39.76 -1.29
N ILE C 4 -8.32 -38.68 -1.68
CA ILE C 4 -7.90 -37.78 -2.74
C ILE C 4 -7.55 -36.45 -2.12
N HIS C 5 -6.24 -36.15 -2.11
CA HIS C 5 -5.73 -34.93 -1.54
C HIS C 5 -4.83 -34.27 -2.56
N ILE C 6 -5.07 -32.98 -2.75
CA ILE C 6 -4.46 -32.24 -3.83
C ILE C 6 -3.81 -30.98 -3.30
N GLY C 7 -2.77 -30.49 -4.01
CA GLY C 7 -2.04 -29.31 -3.58
C GLY C 7 -2.29 -28.15 -4.49
N ALA C 8 -2.29 -26.94 -3.93
CA ALA C 8 -2.48 -25.74 -4.71
C ALA C 8 -1.46 -24.71 -4.32
N ILE C 9 -0.89 -24.07 -5.35
CA ILE C 9 0.06 -22.99 -5.22
C ILE C 9 -0.61 -21.77 -5.81
N PHE C 10 -0.87 -20.78 -4.95
CA PHE C 10 -1.51 -19.54 -5.33
C PHE C 10 -0.57 -18.41 -4.99
N ASP C 11 -0.49 -17.40 -5.87
CA ASP C 11 0.14 -16.13 -5.55
C ASP C 11 -0.77 -15.31 -4.62
N GLU C 12 -0.26 -14.20 -4.06
CA GLU C 12 -1.03 -13.31 -3.21
C GLU C 12 -2.08 -12.53 -4.00
N SER C 13 -1.95 -12.49 -5.34
CA SER C 13 -2.96 -11.92 -6.22
C SER C 13 -3.93 -12.97 -6.76
N ALA C 14 -3.80 -14.24 -6.29
CA ALA C 14 -4.61 -15.39 -6.65
C ALA C 14 -5.50 -15.83 -5.49
N LYS C 15 -5.85 -14.93 -4.56
CA LYS C 15 -6.77 -15.17 -3.48
C LYS C 15 -8.18 -15.56 -3.93
N LYS C 16 -8.65 -14.93 -5.02
CA LYS C 16 -9.92 -15.25 -5.61
C LYS C 16 -9.93 -16.62 -6.24
N ASP C 17 -8.78 -17.05 -6.82
CA ASP C 17 -8.60 -18.42 -7.25
C ASP C 17 -8.70 -19.40 -6.08
N ASP C 18 -8.13 -19.06 -4.90
CA ASP C 18 -8.28 -19.81 -3.65
C ASP C 18 -9.76 -19.89 -3.19
N GLU C 19 -10.53 -18.78 -3.23
CA GLU C 19 -11.96 -18.79 -2.94
C GLU C 19 -12.77 -19.68 -3.87
N VAL C 20 -12.57 -19.57 -5.19
CA VAL C 20 -13.32 -20.37 -6.16
C VAL C 20 -12.92 -21.83 -6.10
N PHE C 21 -11.63 -22.12 -5.87
CA PHE C 21 -11.10 -23.45 -5.61
C PHE C 21 -11.76 -24.11 -4.40
N ARG C 22 -11.82 -23.39 -3.26
CA ARG C 22 -12.44 -23.89 -2.06
C ARG C 22 -13.94 -24.11 -2.16
N THR C 23 -14.67 -23.19 -2.81
CA THR C 23 -16.09 -23.35 -3.10
C THR C 23 -16.37 -24.55 -3.99
N ALA C 24 -15.58 -24.76 -5.07
CA ALA C 24 -15.82 -25.85 -6.01
C ALA C 24 -15.67 -27.25 -5.42
N VAL C 25 -14.65 -27.44 -4.57
CA VAL C 25 -14.48 -28.62 -3.72
C VAL C 25 -15.65 -28.79 -2.77
N GLY C 26 -16.14 -27.66 -2.21
CA GLY C 26 -17.32 -27.64 -1.36
C GLY C 26 -18.61 -28.02 -2.05
N ASP C 27 -18.83 -27.55 -3.31
CA ASP C 27 -19.95 -27.91 -4.15
C ASP C 27 -19.97 -29.42 -4.42
N LEU C 28 -18.81 -29.98 -4.81
CA LEU C 28 -18.62 -31.42 -5.00
C LEU C 28 -18.80 -32.26 -3.75
N ASN C 29 -18.34 -31.77 -2.57
CA ASN C 29 -18.51 -32.51 -1.33
C ASN C 29 -19.95 -32.55 -0.83
N GLN C 30 -20.80 -31.60 -1.32
CA GLN C 30 -22.22 -31.51 -1.01
C GLN C 30 -23.09 -32.09 -2.11
N ASN C 31 -22.49 -32.33 -3.27
CA ASN C 31 -23.23 -32.90 -4.38
C ASN C 31 -22.58 -34.21 -4.81
N GLU C 32 -23.37 -35.27 -4.87
CA GLU C 32 -22.86 -36.58 -5.27
C GLU C 32 -22.87 -36.68 -6.79
N GLU C 33 -21.91 -36.00 -7.43
CA GLU C 33 -21.80 -36.00 -8.87
C GLU C 33 -20.70 -36.95 -9.31
N ILE C 34 -19.52 -36.84 -8.69
CA ILE C 34 -18.43 -37.72 -9.07
C ILE C 34 -17.67 -38.29 -7.87
N LEU C 35 -17.54 -39.61 -7.82
CA LEU C 35 -16.84 -40.31 -6.75
C LEU C 35 -17.31 -39.84 -5.37
N GLN C 36 -18.58 -40.11 -5.08
CA GLN C 36 -19.16 -39.69 -3.83
C GLN C 36 -18.50 -40.25 -2.58
N THR C 37 -18.05 -41.52 -2.72
CA THR C 37 -17.32 -42.30 -1.73
C THR C 37 -16.10 -41.57 -1.22
N GLU C 38 -15.32 -40.97 -2.15
CA GLU C 38 -14.13 -40.20 -1.87
C GLU C 38 -14.34 -38.69 -1.91
N LYS C 39 -13.88 -37.94 -0.89
CA LYS C 39 -13.98 -36.49 -0.93
C LYS C 39 -12.67 -35.92 -1.36
N ILE C 40 -12.69 -34.62 -1.69
CA ILE C 40 -11.46 -33.93 -2.04
C ILE C 40 -11.03 -33.07 -0.87
N THR C 41 -9.82 -33.31 -0.38
CA THR C 41 -9.18 -32.51 0.64
C THR C 41 -8.01 -31.80 0.00
N PHE C 42 -7.45 -30.79 0.69
CA PHE C 42 -6.48 -29.93 0.07
C PHE C 42 -5.51 -29.44 1.11
N SER C 43 -4.33 -29.04 0.64
CA SER C 43 -3.47 -28.17 1.41
C SER C 43 -3.17 -27.04 0.49
N VAL C 44 -3.26 -25.79 1.00
CA VAL C 44 -3.07 -24.60 0.21
C VAL C 44 -1.82 -23.94 0.74
N THR C 45 -0.95 -23.46 -0.17
CA THR C 45 0.29 -22.82 0.19
C THR C 45 0.43 -21.58 -0.65
N PHE C 46 0.87 -20.48 -0.01
CA PHE C 46 1.03 -19.20 -0.67
C PHE C 46 2.48 -18.94 -0.97
N VAL C 47 2.78 -18.38 -2.16
CA VAL C 47 4.14 -18.11 -2.59
C VAL C 47 4.19 -16.79 -3.32
N ASP C 48 5.42 -16.31 -3.57
CA ASP C 48 5.65 -15.20 -4.47
C ASP C 48 5.65 -15.68 -5.92
N GLY C 49 4.99 -14.93 -6.82
CA GLY C 49 5.03 -15.10 -8.26
C GLY C 49 6.21 -14.44 -8.91
N ASN C 50 7.05 -13.77 -8.11
CA ASN C 50 8.24 -13.10 -8.56
C ASN C 50 9.51 -13.76 -8.00
N ASN C 51 9.37 -14.93 -7.34
CA ASN C 51 10.47 -15.74 -6.86
C ASN C 51 10.26 -17.18 -7.33
N PRO C 52 10.98 -17.67 -8.34
CA PRO C 52 10.82 -19.04 -8.80
C PRO C 52 11.24 -20.13 -7.81
N PHE C 53 12.30 -19.92 -7.00
CA PHE C 53 12.76 -20.87 -5.99
C PHE C 53 11.72 -21.11 -4.92
N GLN C 54 11.08 -20.04 -4.44
CA GLN C 54 10.06 -20.13 -3.41
C GLN C 54 8.85 -20.94 -3.82
N ALA C 55 8.39 -20.82 -5.08
CA ALA C 55 7.33 -21.64 -5.62
C ALA C 55 7.64 -23.13 -5.66
N VAL C 56 8.86 -23.48 -6.11
CA VAL C 56 9.38 -24.84 -6.12
C VAL C 56 9.55 -25.45 -4.74
N GLN C 57 10.08 -24.68 -3.78
CA GLN C 57 10.31 -25.12 -2.41
C GLN C 57 9.04 -25.60 -1.72
N GLU C 58 7.99 -24.75 -1.75
CA GLU C 58 6.73 -25.07 -1.11
C GLU C 58 5.96 -26.17 -1.85
N ALA C 59 6.05 -26.22 -3.20
CA ALA C 59 5.47 -27.28 -4.00
C ALA C 59 6.05 -28.65 -3.69
N CYS C 60 7.39 -28.73 -3.52
CA CYS C 60 8.08 -29.92 -3.05
C CYS C 60 7.66 -30.37 -1.67
N GLU C 61 7.46 -29.45 -0.71
CA GLU C 61 6.97 -29.80 0.61
C GLU C 61 5.56 -30.41 0.60
N LEU C 62 4.68 -29.93 -0.29
CA LEU C 62 3.42 -30.58 -0.58
C LEU C 62 3.58 -32.00 -1.13
N MET C 63 4.55 -32.24 -2.02
CA MET C 63 4.88 -33.57 -2.50
C MET C 63 5.42 -34.53 -1.44
N ASN C 64 6.21 -34.03 -0.47
CA ASN C 64 6.71 -34.83 0.66
C ASN C 64 5.58 -35.39 1.53
N GLN C 65 4.53 -34.57 1.77
CA GLN C 65 3.28 -35.00 2.40
C GLN C 65 2.54 -36.03 1.55
N GLY C 66 2.52 -35.79 0.22
CA GLY C 66 1.91 -36.68 -0.75
C GLY C 66 0.75 -36.01 -1.38
N ILE C 67 0.71 -35.95 -2.73
CA ILE C 67 -0.34 -35.28 -3.45
C ILE C 67 -0.55 -36.02 -4.74
N LEU C 68 -1.76 -35.90 -5.32
CA LEU C 68 -2.04 -36.52 -6.60
C LEU C 68 -2.45 -35.53 -7.69
N ALA C 69 -2.76 -34.28 -7.32
CA ALA C 69 -2.95 -33.22 -8.25
C ALA C 69 -2.30 -31.99 -7.82
N LEU C 70 -1.92 -31.21 -8.83
CA LEU C 70 -1.28 -29.98 -8.60
C LEU C 70 -1.91 -28.94 -9.47
N VAL C 71 -2.35 -27.85 -8.83
CA VAL C 71 -2.95 -26.74 -9.52
C VAL C 71 -2.16 -25.50 -9.16
N SER C 72 -1.75 -24.71 -10.16
CA SER C 72 -1.11 -23.44 -9.91
C SER C 72 -1.84 -22.33 -10.62
N SER C 73 -2.05 -21.19 -9.93
CA SER C 73 -2.41 -19.96 -10.62
C SER C 73 -1.40 -18.95 -10.18
N ILE C 74 -0.55 -18.53 -11.15
CA ILE C 74 0.66 -17.80 -10.90
C ILE C 74 1.06 -17.19 -12.23
N GLY C 75 1.90 -16.14 -12.24
CA GLY C 75 2.39 -15.53 -13.47
C GLY C 75 3.38 -16.35 -14.29
N CYS C 76 3.97 -15.71 -15.32
CA CYS C 76 4.80 -16.41 -16.29
C CYS C 76 6.26 -16.45 -15.90
N THR C 77 6.63 -15.73 -14.83
CA THR C 77 7.97 -15.64 -14.27
C THR C 77 8.43 -16.92 -13.64
N SER C 78 7.52 -17.55 -12.87
CA SER C 78 7.81 -18.77 -12.15
C SER C 78 7.26 -19.97 -12.88
N ALA C 79 6.61 -19.74 -14.04
CA ALA C 79 5.95 -20.76 -14.84
C ALA C 79 6.89 -21.84 -15.34
N GLY C 80 8.06 -21.48 -15.93
CA GLY C 80 8.97 -22.46 -16.52
C GLY C 80 9.54 -23.42 -15.52
N SER C 81 9.83 -22.89 -14.33
CA SER C 81 10.30 -23.62 -13.16
C SER C 81 9.29 -24.56 -12.54
N LEU C 82 7.99 -24.18 -12.43
CA LEU C 82 6.97 -25.13 -12.02
C LEU C 82 6.67 -26.19 -13.06
N GLN C 83 6.67 -25.79 -14.35
CA GLN C 83 6.52 -26.72 -15.46
C GLN C 83 7.63 -27.78 -15.44
N SER C 84 8.90 -27.38 -15.26
CA SER C 84 10.00 -28.34 -15.15
C SER C 84 9.95 -29.23 -13.92
N LEU C 85 9.45 -28.71 -12.78
CA LEU C 85 9.24 -29.45 -11.57
C LEU C 85 8.21 -30.57 -11.73
N ALA C 86 7.10 -30.28 -12.44
CA ALA C 86 6.09 -31.23 -12.82
C ALA C 86 6.61 -32.36 -13.69
N ASP C 87 7.40 -32.02 -14.72
CA ASP C 87 8.01 -32.93 -15.68
C ASP C 87 8.98 -33.93 -15.07
N ALA C 88 9.87 -33.47 -14.17
CA ALA C 88 10.84 -34.32 -13.53
C ALA C 88 10.29 -35.28 -12.47
N MET C 89 9.32 -34.79 -11.66
CA MET C 89 8.83 -35.53 -10.52
C MET C 89 7.53 -36.23 -10.84
N HIS C 90 7.00 -35.97 -12.05
CA HIS C 90 5.80 -36.55 -12.60
C HIS C 90 4.54 -36.27 -11.81
N ILE C 91 4.23 -34.97 -11.57
CA ILE C 91 2.98 -34.58 -10.93
C ILE C 91 2.22 -33.86 -12.02
N PRO C 92 1.00 -34.25 -12.42
CA PRO C 92 0.29 -33.55 -13.49
C PRO C 92 -0.05 -32.13 -13.10
N HIS C 93 0.13 -31.18 -14.03
CA HIS C 93 0.25 -29.80 -13.68
C HIS C 93 -0.78 -28.98 -14.42
N LEU C 94 -1.72 -28.37 -13.67
CA LEU C 94 -2.73 -27.52 -14.26
C LEU C 94 -2.24 -26.09 -14.08
N PHE C 95 -1.69 -25.51 -15.16
CA PHE C 95 -1.05 -24.21 -15.10
C PHE C 95 -2.02 -23.15 -15.58
N ILE C 96 -2.48 -22.28 -14.64
CA ILE C 96 -3.32 -21.16 -15.00
C ILE C 96 -2.46 -19.93 -15.09
N GLN C 97 -2.18 -19.56 -16.36
CA GLN C 97 -1.48 -18.38 -16.76
C GLN C 97 -2.21 -17.11 -16.34
N ARG C 98 -1.45 -16.18 -15.74
CA ARG C 98 -1.93 -14.88 -15.35
C ARG C 98 -1.22 -13.86 -16.19
N SER C 99 -1.96 -12.86 -16.66
CA SER C 99 -1.44 -11.79 -17.48
C SER C 99 -1.38 -10.56 -16.63
N THR C 100 -0.20 -9.90 -16.67
CA THR C 100 0.18 -8.81 -15.77
C THR C 100 -0.79 -7.63 -15.67
N ALA C 101 -1.30 -7.37 -14.45
CA ALA C 101 -1.97 -6.14 -14.06
C ALA C 101 -3.38 -5.94 -14.59
N GLY C 102 -3.96 -6.92 -15.30
CA GLY C 102 -5.32 -6.76 -15.84
C GLY C 102 -5.34 -5.92 -17.09
N THR C 103 -4.14 -5.84 -17.70
CA THR C 103 -3.88 -5.33 -19.03
C THR C 103 -4.19 -6.44 -20.02
N PRO C 104 -4.47 -6.25 -21.33
CA PRO C 104 -4.72 -7.35 -22.26
C PRO C 104 -3.82 -8.56 -22.16
N ARG C 105 -4.36 -9.77 -22.39
CA ARG C 105 -3.57 -10.98 -22.31
C ARG C 105 -2.38 -11.09 -23.27
N SER C 106 -1.29 -11.68 -22.75
CA SER C 106 -0.13 -12.04 -23.55
C SER C 106 0.24 -13.39 -23.04
N GLY C 107 0.90 -14.22 -23.88
CA GLY C 107 1.33 -15.53 -23.42
C GLY C 107 2.51 -15.54 -22.48
N CYS C 108 2.89 -16.76 -22.04
CA CYS C 108 4.09 -16.97 -21.25
C CYS C 108 5.24 -17.27 -22.21
N GLY C 109 5.35 -18.55 -22.65
CA GLY C 109 6.31 -18.96 -23.68
C GLY C 109 7.56 -19.52 -23.11
N LEU C 110 7.58 -19.70 -21.79
CA LEU C 110 8.78 -19.99 -21.06
C LEU C 110 9.00 -21.48 -21.00
N THR C 111 10.10 -21.93 -21.62
CA THR C 111 10.44 -23.34 -21.73
C THR C 111 10.64 -24.08 -20.41
N ARG C 112 10.54 -25.42 -20.50
CA ARG C 112 10.45 -26.34 -19.41
C ARG C 112 11.31 -27.51 -19.74
N SER C 113 11.43 -28.50 -18.84
CA SER C 113 12.26 -29.67 -19.11
C SER C 113 11.83 -30.48 -20.32
N ASN C 114 12.83 -30.90 -21.11
CA ASN C 114 12.62 -31.51 -22.41
C ASN C 114 13.23 -32.89 -22.43
N ARG C 115 13.60 -33.38 -21.24
CA ARG C 115 14.20 -34.69 -21.04
C ARG C 115 13.16 -35.67 -20.53
N ASN C 116 11.91 -35.21 -20.41
CA ASN C 116 10.82 -35.91 -19.79
C ASN C 116 9.64 -35.73 -20.72
N ASP C 117 8.59 -36.56 -20.60
CA ASP C 117 7.28 -36.29 -21.16
C ASP C 117 6.71 -35.04 -20.51
N ASP C 118 5.84 -34.28 -21.21
CA ASP C 118 5.29 -33.05 -20.66
C ASP C 118 4.10 -33.35 -19.75
N TYR C 119 4.08 -32.68 -18.58
CA TYR C 119 3.03 -32.84 -17.59
C TYR C 119 2.21 -31.58 -17.47
N THR C 120 2.51 -30.55 -18.28
CA THR C 120 1.81 -29.29 -18.21
C THR C 120 0.64 -29.26 -19.14
N LEU C 121 -0.53 -28.97 -18.58
CA LEU C 121 -1.69 -28.71 -19.36
C LEU C 121 -1.94 -27.22 -19.27
N SER C 122 -1.83 -26.48 -20.41
CA SER C 122 -2.09 -25.06 -20.40
C SER C 122 -3.57 -24.80 -20.30
N VAL C 123 -4.04 -24.27 -19.16
CA VAL C 123 -5.46 -24.17 -18.93
C VAL C 123 -6.14 -23.10 -19.77
N ARG C 124 -5.49 -21.92 -19.78
CA ARG C 124 -5.87 -20.76 -20.55
C ARG C 124 -5.87 -20.94 -22.09
N PRO C 125 -6.67 -20.20 -22.85
CA PRO C 125 -6.67 -20.27 -24.30
C PRO C 125 -5.54 -19.45 -24.93
N PRO C 126 -4.97 -19.82 -26.07
CA PRO C 126 -4.01 -19.00 -26.79
C PRO C 126 -4.35 -17.53 -27.04
N VAL C 127 -3.36 -16.73 -27.45
CA VAL C 127 -3.58 -15.35 -27.84
C VAL C 127 -4.04 -15.26 -29.29
N TYR C 128 -5.23 -14.67 -29.53
CA TYR C 128 -5.76 -14.44 -30.88
C TYR C 128 -5.85 -12.94 -31.14
N LEU C 129 -5.24 -12.12 -30.24
CA LEU C 129 -5.36 -10.67 -30.17
C LEU C 129 -4.96 -9.96 -31.47
N ASN C 130 -3.86 -10.42 -32.11
CA ASN C 130 -3.37 -9.94 -33.39
C ASN C 130 -4.38 -10.08 -34.52
N GLU C 131 -5.00 -11.27 -34.60
CA GLU C 131 -6.04 -11.55 -35.56
C GLU C 131 -7.30 -10.74 -35.34
N VAL C 132 -7.75 -10.58 -34.07
CA VAL C 132 -8.93 -9.78 -33.78
C VAL C 132 -8.78 -8.35 -34.17
N ILE C 133 -7.66 -7.70 -33.78
CA ILE C 133 -7.47 -6.28 -34.05
C ILE C 133 -7.41 -5.97 -35.54
N LEU C 134 -6.76 -6.87 -36.32
CA LEU C 134 -6.71 -6.83 -37.76
C LEU C 134 -8.06 -6.90 -38.46
N ARG C 135 -8.97 -7.82 -38.06
CA ARG C 135 -10.29 -7.91 -38.67
C ARG C 135 -11.06 -6.64 -38.49
N VAL C 136 -11.00 -6.10 -37.26
CA VAL C 136 -11.69 -4.88 -36.90
C VAL C 136 -11.16 -3.63 -37.60
N VAL C 137 -9.82 -3.42 -37.73
CA VAL C 137 -9.29 -2.30 -38.52
C VAL C 137 -9.58 -2.38 -40.00
N THR C 138 -9.55 -3.60 -40.58
CA THR C 138 -9.81 -3.89 -41.98
C THR C 138 -11.22 -3.56 -42.44
N GLU C 139 -12.27 -3.89 -41.64
CA GLU C 139 -13.66 -3.52 -41.91
C GLU C 139 -13.87 -2.01 -41.94
N TYR C 140 -13.15 -1.28 -41.07
CA TYR C 140 -13.18 0.19 -41.09
C TYR C 140 -12.24 0.81 -42.12
N ALA C 141 -11.38 0.01 -42.77
CA ALA C 141 -10.35 0.42 -43.71
C ALA C 141 -9.33 1.41 -43.19
N TRP C 142 -8.73 1.16 -42.03
CA TRP C 142 -7.75 2.10 -41.50
C TRP C 142 -6.38 1.95 -42.14
N GLN C 143 -5.77 3.09 -42.57
CA GLN C 143 -4.42 3.07 -43.07
C GLN C 143 -3.49 3.94 -42.25
N LYS C 144 -4.03 4.79 -41.36
CA LYS C 144 -3.21 5.62 -40.51
C LYS C 144 -3.91 5.71 -39.20
N PHE C 145 -3.21 5.38 -38.10
CA PHE C 145 -3.80 5.36 -36.79
C PHE C 145 -2.70 5.40 -35.76
N ILE C 146 -3.02 5.64 -34.49
CA ILE C 146 -2.01 5.62 -33.45
C ILE C 146 -2.38 4.59 -32.41
N ILE C 147 -1.39 3.79 -31.98
CA ILE C 147 -1.59 2.78 -30.97
C ILE C 147 -1.01 3.34 -29.70
N PHE C 148 -1.90 3.49 -28.71
CA PHE C 148 -1.54 3.92 -27.39
C PHE C 148 -1.54 2.70 -26.51
N TYR C 149 -0.42 2.49 -25.80
CA TYR C 149 -0.28 1.37 -24.91
C TYR C 149 0.17 1.90 -23.57
N ASP C 150 -0.15 1.21 -22.47
CA ASP C 150 0.32 1.61 -21.16
C ASP C 150 1.66 0.97 -20.83
N SER C 151 2.21 1.31 -19.66
CA SER C 151 3.40 0.67 -19.12
C SER C 151 3.20 -0.76 -18.68
N GLU C 152 1.98 -1.13 -18.23
CA GLU C 152 1.62 -2.45 -17.77
C GLU C 152 1.67 -3.49 -18.87
N TYR C 153 1.23 -3.08 -20.07
CA TYR C 153 1.19 -3.87 -21.26
C TYR C 153 2.53 -4.43 -21.76
N ASP C 154 2.55 -5.76 -22.03
CA ASP C 154 3.65 -6.38 -22.72
C ASP C 154 3.32 -6.44 -24.21
N ILE C 155 4.23 -5.98 -25.09
CA ILE C 155 3.89 -5.66 -26.47
C ILE C 155 3.91 -6.87 -27.41
N ARG C 156 4.28 -8.06 -26.88
CA ARG C 156 4.25 -9.34 -27.58
C ARG C 156 2.88 -9.69 -28.13
N GLY C 157 1.81 -9.29 -27.41
CA GLY C 157 0.45 -9.61 -27.78
C GLY C 157 -0.04 -9.04 -29.09
N ILE C 158 0.66 -8.01 -29.64
CA ILE C 158 0.35 -7.45 -30.96
C ILE C 158 1.54 -7.56 -31.92
N GLN C 159 2.54 -8.44 -31.68
CA GLN C 159 3.74 -8.47 -32.51
C GLN C 159 3.54 -8.78 -33.98
N GLU C 160 2.75 -9.81 -34.31
CA GLU C 160 2.41 -10.20 -35.66
C GLU C 160 1.60 -9.13 -36.40
N PHE C 161 0.70 -8.41 -35.68
CA PHE C 161 0.04 -7.22 -36.17
C PHE C 161 0.98 -6.05 -36.45
N LEU C 162 1.99 -5.80 -35.58
CA LEU C 162 2.99 -4.77 -35.81
C LEU C 162 3.79 -5.01 -37.07
N ASP C 163 4.21 -6.27 -37.31
CA ASP C 163 4.86 -6.65 -38.55
C ASP C 163 3.96 -6.43 -39.77
N LYS C 164 2.66 -6.77 -39.66
CA LYS C 164 1.66 -6.55 -40.69
C LYS C 164 1.40 -5.10 -41.08
N VAL C 165 1.29 -4.14 -40.14
CA VAL C 165 1.06 -2.74 -40.47
C VAL C 165 2.20 -2.14 -41.27
N SER C 166 3.45 -2.51 -40.95
CA SER C 166 4.64 -2.18 -41.71
C SER C 166 4.63 -2.74 -43.13
N GLN C 167 4.24 -4.03 -43.32
CA GLN C 167 4.16 -4.64 -44.64
C GLN C 167 3.10 -4.04 -45.52
N GLN C 168 1.97 -3.62 -44.93
CA GLN C 168 0.86 -3.08 -45.69
C GLN C 168 0.97 -1.58 -45.84
N GLY C 169 2.07 -0.97 -45.35
CA GLY C 169 2.38 0.43 -45.60
C GLY C 169 1.59 1.41 -44.78
N MET C 170 0.93 0.92 -43.72
CA MET C 170 0.13 1.75 -42.86
C MET C 170 0.98 2.66 -42.01
N ASP C 171 0.51 3.90 -41.78
CA ASP C 171 1.24 4.91 -41.05
C ASP C 171 0.80 4.81 -39.59
N VAL C 172 1.47 3.94 -38.82
CA VAL C 172 1.09 3.62 -37.45
C VAL C 172 2.11 4.14 -36.50
N ALA C 173 1.70 5.10 -35.66
CA ALA C 173 2.54 5.59 -34.59
C ALA C 173 2.33 4.79 -33.32
N LEU C 174 3.39 4.69 -32.51
CA LEU C 174 3.35 4.11 -31.18
C LEU C 174 3.74 5.18 -30.18
N GLN C 175 3.08 5.17 -29.01
CA GLN C 175 3.50 5.99 -27.90
C GLN C 175 3.17 5.27 -26.59
N LYS C 176 4.14 5.22 -25.66
CA LYS C 176 3.87 4.73 -24.32
C LYS C 176 3.21 5.80 -23.48
N VAL C 177 2.16 5.40 -22.76
CA VAL C 177 1.44 6.25 -21.86
C VAL C 177 1.64 5.68 -20.46
N GLU C 178 1.81 6.56 -19.47
CA GLU C 178 2.13 6.19 -18.10
C GLU C 178 1.42 7.21 -17.25
N ASN C 179 1.54 7.11 -15.92
CA ASN C 179 0.91 8.02 -14.98
C ASN C 179 1.22 9.50 -15.18
N ASN C 180 0.32 10.39 -14.69
CA ASN C 180 0.41 11.82 -14.88
C ASN C 180 0.21 12.19 -16.34
N ILE C 181 -0.81 11.59 -16.98
CA ILE C 181 -1.15 11.81 -18.38
C ILE C 181 -1.49 13.24 -18.70
N ASN C 182 -2.28 13.92 -17.85
CA ASN C 182 -2.69 15.30 -18.04
C ASN C 182 -1.47 16.26 -18.14
N LYS C 183 -0.43 16.06 -17.30
CA LYS C 183 0.86 16.71 -17.50
C LYS C 183 1.64 16.26 -18.74
N MET C 184 1.68 14.93 -19.01
CA MET C 184 2.41 14.34 -20.12
C MET C 184 1.95 14.88 -21.46
N ILE C 185 0.63 15.03 -21.62
CA ILE C 185 0.00 15.58 -22.80
C ILE C 185 0.24 17.08 -22.98
N THR C 186 0.20 17.90 -21.90
CA THR C 186 0.57 19.33 -21.98
C THR C 186 2.00 19.50 -22.47
N THR C 187 2.94 18.77 -21.86
CA THR C 187 4.35 18.76 -22.20
C THR C 187 4.65 18.32 -23.64
N LEU C 188 3.87 17.35 -24.18
CA LEU C 188 4.00 16.90 -25.56
C LEU C 188 3.67 17.98 -26.60
N PHE C 189 2.64 18.81 -26.28
CA PHE C 189 2.29 19.98 -27.07
C PHE C 189 3.35 21.07 -27.04
N ASP C 190 4.00 21.27 -25.87
CA ASP C 190 5.00 22.30 -25.66
C ASP C 190 6.25 22.12 -26.53
N THR C 191 6.59 20.85 -26.83
CA THR C 191 7.78 20.47 -27.56
C THR C 191 7.56 20.29 -29.05
N MET C 192 6.32 19.95 -29.46
CA MET C 192 5.95 19.88 -30.86
C MET C 192 5.53 21.24 -31.36
N ARG C 193 6.18 21.72 -32.44
CA ARG C 193 5.70 22.93 -33.07
C ARG C 193 4.46 22.64 -33.89
N ILE C 194 3.80 23.69 -34.42
CA ILE C 194 2.58 23.60 -35.20
C ILE C 194 2.52 22.52 -36.30
N GLU C 195 3.61 22.33 -37.09
CA GLU C 195 3.70 21.34 -38.15
C GLU C 195 3.52 19.93 -37.59
N GLU C 196 4.22 19.63 -36.48
CA GLU C 196 4.13 18.38 -35.80
C GLU C 196 2.81 18.17 -35.10
N LEU C 197 2.27 19.25 -34.50
CA LEU C 197 0.98 19.26 -33.85
C LEU C 197 -0.15 18.89 -34.79
N ASN C 198 -0.07 19.40 -36.04
CA ASN C 198 -0.91 19.00 -37.17
C ASN C 198 -0.79 17.54 -37.53
N ARG C 199 0.44 16.95 -37.56
CA ARG C 199 0.59 15.53 -37.83
C ARG C 199 -0.09 14.68 -36.75
N TYR C 200 0.06 15.09 -35.47
CA TYR C 200 -0.51 14.47 -34.29
C TYR C 200 -2.04 14.47 -34.28
N ARG C 201 -2.67 15.61 -34.62
CA ARG C 201 -4.11 15.72 -34.71
C ARG C 201 -4.72 14.76 -35.72
N ASP C 202 -4.07 14.61 -36.88
CA ASP C 202 -4.47 13.68 -37.90
C ASP C 202 -4.42 12.22 -37.46
N THR C 203 -3.38 11.84 -36.70
CA THR C 203 -3.27 10.49 -36.15
C THR C 203 -4.37 10.15 -35.17
N LEU C 204 -4.85 11.13 -34.38
CA LEU C 204 -5.81 10.97 -33.30
C LEU C 204 -7.23 10.65 -33.75
N ARG C 205 -7.54 10.82 -35.05
CA ARG C 205 -8.86 10.55 -35.58
C ARG C 205 -9.21 9.06 -35.52
N ARG C 206 -8.15 8.22 -35.53
CA ARG C 206 -8.27 6.79 -35.45
C ARG C 206 -7.27 6.33 -34.40
N ALA C 207 -7.72 5.83 -33.24
CA ALA C 207 -6.78 5.44 -32.23
C ALA C 207 -7.23 4.19 -31.52
N ILE C 208 -6.25 3.39 -31.08
CA ILE C 208 -6.49 2.17 -30.36
C ILE C 208 -5.92 2.35 -28.97
N LEU C 209 -6.73 2.07 -27.93
CA LEU C 209 -6.24 1.99 -26.58
C LEU C 209 -5.99 0.53 -26.26
N VAL C 210 -4.72 0.17 -26.05
CA VAL C 210 -4.28 -1.18 -25.73
C VAL C 210 -3.78 -1.16 -24.30
N MET C 211 -4.70 -1.14 -23.31
CA MET C 211 -4.30 -0.81 -21.96
C MET C 211 -5.29 -1.26 -20.92
N ASN C 212 -4.83 -1.37 -19.66
CA ASN C 212 -5.65 -1.65 -18.50
C ASN C 212 -6.76 -0.60 -18.24
N PRO C 213 -7.90 -0.89 -17.59
CA PRO C 213 -9.03 0.05 -17.60
C PRO C 213 -8.83 1.38 -16.89
N ALA C 214 -7.97 1.45 -15.84
CA ALA C 214 -7.71 2.67 -15.10
C ALA C 214 -7.07 3.77 -15.94
N THR C 215 -6.02 3.41 -16.70
CA THR C 215 -5.35 4.29 -17.64
C THR C 215 -6.28 4.72 -18.75
N ALA C 216 -7.06 3.78 -19.31
CA ALA C 216 -8.01 4.06 -20.38
C ALA C 216 -9.06 5.11 -20.05
N LYS C 217 -9.67 5.04 -18.85
CA LYS C 217 -10.61 6.05 -18.41
C LYS C 217 -10.01 7.43 -18.19
N SER C 218 -8.80 7.51 -17.58
CA SER C 218 -8.07 8.76 -17.38
C SER C 218 -7.63 9.40 -18.70
N PHE C 219 -7.13 8.58 -19.65
CA PHE C 219 -6.77 9.01 -20.99
C PHE C 219 -7.94 9.59 -21.78
N ILE C 220 -9.13 8.96 -21.70
CA ILE C 220 -10.31 9.43 -22.39
C ILE C 220 -10.75 10.80 -21.93
N SER C 221 -10.74 11.08 -20.61
CA SER C 221 -11.05 12.43 -20.13
C SER C 221 -10.11 13.48 -20.71
N GLU C 222 -8.78 13.19 -20.71
CA GLU C 222 -7.75 14.06 -21.24
C GLU C 222 -7.84 14.33 -22.74
N VAL C 223 -8.08 13.29 -23.61
CA VAL C 223 -8.19 13.55 -25.04
C VAL C 223 -9.42 14.35 -25.46
N VAL C 224 -10.51 14.18 -24.70
CA VAL C 224 -11.72 14.99 -24.77
C VAL C 224 -11.43 16.42 -24.38
N GLU C 225 -10.72 16.62 -23.25
CA GLU C 225 -10.31 17.92 -22.74
C GLU C 225 -9.36 18.68 -23.66
N THR C 226 -8.48 18.00 -24.39
CA THR C 226 -7.52 18.66 -25.26
C THR C 226 -8.01 18.89 -26.66
N ASN C 227 -9.29 18.55 -26.96
CA ASN C 227 -9.92 18.83 -28.24
C ASN C 227 -9.31 18.03 -29.38
N LEU C 228 -9.03 16.73 -29.14
CA LEU C 228 -8.59 15.80 -30.18
C LEU C 228 -9.74 14.95 -30.63
N VAL C 229 -10.85 15.04 -29.88
CA VAL C 229 -12.16 14.63 -30.31
C VAL C 229 -12.63 15.40 -31.52
N ALA C 230 -13.38 14.73 -32.39
CA ALA C 230 -13.76 15.25 -33.67
C ALA C 230 -15.00 14.50 -34.02
N PHE C 231 -15.74 14.89 -35.07
CA PHE C 231 -16.95 14.16 -35.42
C PHE C 231 -16.63 12.83 -36.10
N ASP C 232 -15.38 12.70 -36.62
CA ASP C 232 -14.87 11.52 -37.26
C ASP C 232 -14.04 10.66 -36.33
N CYS C 233 -13.91 11.05 -35.03
CA CYS C 233 -13.15 10.30 -34.04
C CYS C 233 -13.62 8.89 -33.86
N HIS C 234 -12.69 7.99 -33.56
CA HIS C 234 -13.01 6.61 -33.52
C HIS C 234 -12.00 5.97 -32.63
N TRP C 235 -12.48 5.46 -31.49
CA TRP C 235 -11.64 4.86 -30.50
C TRP C 235 -11.97 3.40 -30.50
N ILE C 236 -10.93 2.56 -30.42
CA ILE C 236 -11.09 1.14 -30.28
C ILE C 236 -10.46 0.81 -28.97
N ILE C 237 -11.22 0.15 -28.07
CA ILE C 237 -10.68 -0.33 -26.82
C ILE C 237 -10.70 -1.84 -26.89
N ILE C 238 -9.52 -2.45 -26.72
CA ILE C 238 -9.37 -3.89 -26.72
C ILE C 238 -8.66 -4.28 -25.46
N ASN C 239 -9.25 -5.27 -24.78
CA ASN C 239 -8.79 -5.77 -23.51
C ASN C 239 -9.76 -6.90 -23.26
N GLU C 240 -9.26 -8.13 -23.01
CA GLU C 240 -10.13 -9.26 -22.82
C GLU C 240 -10.69 -9.30 -21.42
N GLU C 241 -10.10 -8.48 -20.53
CA GLU C 241 -10.51 -8.30 -19.17
C GLU C 241 -11.50 -7.15 -19.03
N ILE C 242 -11.96 -6.56 -20.16
CA ILE C 242 -13.13 -5.69 -20.16
C ILE C 242 -14.43 -6.46 -19.89
N ASN C 243 -15.34 -5.84 -19.14
CA ASN C 243 -16.62 -6.39 -18.76
C ASN C 243 -17.70 -5.35 -19.05
N ASP C 244 -19.00 -5.69 -18.85
CA ASP C 244 -20.12 -4.80 -19.14
C ASP C 244 -20.10 -3.48 -18.38
N VAL C 245 -19.67 -3.51 -17.11
CA VAL C 245 -19.55 -2.32 -16.28
C VAL C 245 -18.53 -1.35 -16.85
N ASP C 246 -17.35 -1.86 -17.30
CA ASP C 246 -16.37 -1.04 -17.99
C ASP C 246 -16.90 -0.48 -19.30
N VAL C 247 -17.62 -1.27 -20.11
CA VAL C 247 -18.23 -0.78 -21.34
C VAL C 247 -19.14 0.39 -21.11
N GLN C 248 -20.05 0.31 -20.13
CA GLN C 248 -20.95 1.40 -19.83
C GLN C 248 -20.26 2.68 -19.36
N GLU C 249 -19.21 2.57 -18.52
CA GLU C 249 -18.42 3.71 -18.11
C GLU C 249 -17.59 4.32 -19.24
N LEU C 250 -16.94 3.47 -20.07
CA LEU C 250 -16.13 3.90 -21.21
C LEU C 250 -16.92 4.62 -22.28
N VAL C 251 -18.12 4.13 -22.59
CA VAL C 251 -19.04 4.75 -23.52
C VAL C 251 -19.49 6.16 -23.12
N ARG C 252 -19.79 6.39 -21.84
CA ARG C 252 -20.19 7.70 -21.35
C ARG C 252 -19.08 8.73 -21.40
N ARG C 253 -17.84 8.27 -21.18
CA ARG C 253 -16.67 9.12 -21.14
C ARG C 253 -16.24 9.63 -22.49
N SER C 254 -16.57 8.90 -23.58
CA SER C 254 -16.16 9.26 -24.91
C SER C 254 -17.31 9.86 -25.69
N ILE C 255 -16.98 10.57 -26.78
CA ILE C 255 -17.98 11.07 -27.71
C ILE C 255 -17.55 10.60 -29.06
N GLY C 256 -18.48 10.61 -30.04
CA GLY C 256 -18.23 10.09 -31.37
C GLY C 256 -18.38 8.60 -31.47
N ARG C 257 -17.48 7.94 -32.22
CA ARG C 257 -17.54 6.50 -32.34
C ARG C 257 -16.64 5.80 -31.34
N LEU C 258 -17.22 4.82 -30.64
CA LEU C 258 -16.47 3.94 -29.79
C LEU C 258 -16.71 2.55 -30.32
N THR C 259 -15.67 1.71 -30.35
CA THR C 259 -15.80 0.27 -30.53
C THR C 259 -15.22 -0.34 -29.28
N ILE C 260 -15.97 -1.21 -28.57
CA ILE C 260 -15.47 -1.85 -27.36
C ILE C 260 -15.37 -3.33 -27.65
N ILE C 261 -14.20 -3.94 -27.46
CA ILE C 261 -14.03 -5.34 -27.78
C ILE C 261 -13.63 -6.08 -26.53
N ARG C 262 -14.42 -7.12 -26.15
CA ARG C 262 -14.13 -7.88 -24.95
C ARG C 262 -14.32 -9.36 -25.17
N GLN C 263 -13.72 -10.18 -24.30
CA GLN C 263 -14.01 -11.60 -24.22
C GLN C 263 -15.29 -11.82 -23.43
N THR C 264 -16.11 -12.82 -23.82
CA THR C 264 -17.39 -13.09 -23.18
C THR C 264 -17.42 -14.54 -22.81
N PHE C 265 -18.27 -14.91 -21.83
CA PHE C 265 -18.23 -16.18 -21.15
C PHE C 265 -19.51 -16.93 -21.44
N PRO C 266 -19.54 -17.96 -22.29
CA PRO C 266 -20.82 -18.53 -22.67
C PRO C 266 -21.37 -19.43 -21.58
N VAL C 267 -22.67 -19.27 -21.25
CA VAL C 267 -23.33 -20.02 -20.21
C VAL C 267 -24.65 -20.51 -20.76
N PRO C 268 -25.24 -21.57 -20.21
CA PRO C 268 -26.57 -22.03 -20.58
C PRO C 268 -27.65 -20.98 -20.75
N GLN C 269 -28.45 -21.08 -21.83
CA GLN C 269 -29.50 -20.13 -22.13
C GLN C 269 -30.70 -20.27 -21.21
N ASN C 270 -30.93 -21.50 -20.73
CA ASN C 270 -32.04 -21.86 -19.92
C ASN C 270 -31.85 -21.32 -18.50
N ILE C 271 -32.94 -20.81 -17.90
CA ILE C 271 -32.89 -20.05 -16.66
C ILE C 271 -32.63 -20.93 -15.44
N SER C 272 -32.93 -22.25 -15.57
CA SER C 272 -32.72 -23.20 -14.51
C SER C 272 -31.36 -23.86 -14.62
N GLN C 273 -30.62 -23.60 -15.70
CA GLN C 273 -29.33 -24.23 -15.93
C GLN C 273 -28.20 -23.24 -15.78
N ARG C 274 -28.52 -22.02 -15.32
CA ARG C 274 -27.53 -21.03 -14.95
C ARG C 274 -26.64 -21.49 -13.80
N CYS C 275 -27.28 -22.07 -12.76
CA CYS C 275 -26.64 -22.55 -11.56
C CYS C 275 -26.73 -24.06 -11.49
N PHE C 276 -26.84 -24.74 -12.64
CA PHE C 276 -26.76 -26.19 -12.70
C PHE C 276 -25.76 -26.61 -13.74
N ARG C 277 -25.02 -27.70 -13.44
CA ARG C 277 -24.33 -28.47 -14.44
C ARG C 277 -24.82 -29.88 -14.23
N GLY C 278 -25.73 -30.33 -15.12
CA GLY C 278 -26.48 -31.56 -14.86
C GLY C 278 -27.36 -31.45 -13.63
N ASN C 279 -27.06 -32.30 -12.62
CA ASN C 279 -27.81 -32.35 -11.37
C ASN C 279 -27.00 -31.67 -10.26
N HIS C 280 -25.74 -31.32 -10.56
CA HIS C 280 -24.85 -30.63 -9.65
C HIS C 280 -25.22 -29.16 -9.62
N ARG C 281 -25.52 -28.62 -8.43
CA ARG C 281 -25.88 -27.23 -8.32
C ARG C 281 -24.62 -26.43 -8.10
N ILE C 282 -24.44 -25.33 -8.83
CA ILE C 282 -23.30 -24.47 -8.65
C ILE C 282 -23.62 -23.47 -7.54
N SER C 283 -22.65 -23.17 -6.68
CA SER C 283 -22.81 -22.16 -5.65
C SER C 283 -23.16 -20.76 -6.16
N SER C 284 -24.02 -20.06 -5.40
CA SER C 284 -24.62 -18.76 -5.68
C SER C 284 -23.68 -17.61 -5.43
N THR C 285 -22.48 -17.72 -6.04
CA THR C 285 -21.39 -16.74 -6.08
C THR C 285 -20.66 -16.88 -7.40
N LEU C 286 -20.79 -18.06 -8.04
CA LEU C 286 -20.13 -18.41 -9.28
C LEU C 286 -21.15 -18.39 -10.41
N CYS C 287 -22.38 -18.04 -10.05
CA CYS C 287 -23.54 -18.04 -10.91
C CYS C 287 -24.58 -17.03 -10.43
N ASP C 288 -24.18 -16.19 -9.47
CA ASP C 288 -25.03 -15.13 -8.95
C ASP C 288 -24.34 -13.79 -9.22
N PRO C 289 -24.76 -13.10 -10.29
CA PRO C 289 -24.18 -11.83 -10.75
C PRO C 289 -24.61 -10.57 -9.99
N LYS C 290 -25.39 -10.71 -8.92
CA LYS C 290 -25.83 -9.56 -8.16
C LYS C 290 -24.90 -9.38 -6.94
N ASP C 291 -23.84 -10.22 -6.86
CA ASP C 291 -22.82 -10.14 -5.82
C ASP C 291 -21.72 -9.16 -6.22
N PRO C 292 -21.07 -8.44 -5.31
CA PRO C 292 -19.92 -7.61 -5.66
C PRO C 292 -18.74 -8.40 -6.17
N PHE C 293 -18.48 -9.58 -5.57
CA PHE C 293 -17.42 -10.49 -5.96
C PHE C 293 -17.57 -10.97 -7.41
N ALA C 294 -18.80 -11.43 -7.77
CA ALA C 294 -19.09 -12.07 -9.04
C ALA C 294 -18.87 -11.23 -10.29
N GLN C 295 -19.23 -9.92 -10.26
CA GLN C 295 -19.11 -9.05 -11.43
C GLN C 295 -17.66 -8.74 -11.77
N ASN C 296 -16.78 -8.85 -10.74
CA ASN C 296 -15.41 -8.41 -10.78
C ASN C 296 -14.46 -9.60 -10.98
N MET C 297 -15.01 -10.80 -11.26
CA MET C 297 -14.21 -12.00 -11.50
C MET C 297 -13.37 -11.91 -12.76
N GLU C 298 -12.09 -12.33 -12.66
CA GLU C 298 -11.24 -12.48 -13.80
C GLU C 298 -11.54 -13.80 -14.49
N ILE C 299 -10.99 -13.99 -15.70
CA ILE C 299 -11.19 -15.18 -16.49
C ILE C 299 -10.57 -16.43 -15.84
N SER C 300 -9.46 -16.23 -15.09
CA SER C 300 -8.72 -17.24 -14.33
C SER C 300 -9.59 -17.98 -13.32
N ASN C 301 -10.53 -17.26 -12.64
CA ASN C 301 -11.45 -17.81 -11.68
C ASN C 301 -12.39 -18.84 -12.28
N LEU C 302 -12.87 -18.59 -13.51
CA LEU C 302 -13.80 -19.45 -14.20
C LEU C 302 -13.20 -20.80 -14.54
N TYR C 303 -11.96 -20.78 -15.03
CA TYR C 303 -11.18 -21.97 -15.27
C TYR C 303 -10.86 -22.74 -14.01
N ILE C 304 -10.61 -22.08 -12.86
CA ILE C 304 -10.41 -22.76 -11.58
C ILE C 304 -11.61 -23.58 -11.12
N TYR C 305 -12.85 -23.08 -11.32
CA TYR C 305 -14.07 -23.88 -11.12
C TYR C 305 -14.08 -25.13 -12.00
N ASP C 306 -13.76 -24.98 -13.30
CA ASP C 306 -13.69 -26.06 -14.26
C ASP C 306 -12.57 -27.05 -13.97
N THR C 307 -11.40 -26.57 -13.51
CA THR C 307 -10.23 -27.37 -13.14
C THR C 307 -10.53 -28.35 -12.05
N VAL C 308 -11.23 -27.92 -10.99
CA VAL C 308 -11.60 -28.78 -9.86
C VAL C 308 -12.60 -29.86 -10.25
N LEU C 309 -13.60 -29.48 -11.06
CA LEU C 309 -14.58 -30.40 -11.63
C LEU C 309 -13.93 -31.47 -12.48
N LEU C 310 -13.01 -31.01 -13.36
CA LEU C 310 -12.26 -31.84 -14.27
C LEU C 310 -11.32 -32.79 -13.59
N LEU C 311 -10.67 -32.29 -12.53
CA LEU C 311 -9.94 -33.11 -11.61
C LEU C 311 -10.82 -34.15 -10.97
N ALA C 312 -12.00 -33.80 -10.40
CA ALA C 312 -12.93 -34.76 -9.85
C ALA C 312 -13.38 -35.87 -10.85
N ASN C 313 -13.68 -35.51 -12.13
CA ASN C 313 -13.89 -36.46 -13.24
C ASN C 313 -12.74 -37.45 -13.40
N ALA C 314 -11.49 -36.94 -13.39
CA ALA C 314 -10.32 -37.76 -13.53
C ALA C 314 -10.08 -38.69 -12.36
N PHE C 315 -10.26 -38.21 -11.11
CA PHE C 315 -10.13 -39.08 -9.94
C PHE C 315 -11.11 -40.23 -10.00
N HIS C 316 -12.39 -39.99 -10.40
CA HIS C 316 -13.42 -41.04 -10.47
C HIS C 316 -13.22 -42.08 -11.42
N LYS C 317 -12.89 -41.62 -12.62
CA LYS C 317 -12.54 -42.55 -13.60
C LYS C 317 -11.25 -43.28 -13.24
N LYS C 318 -10.28 -42.61 -12.59
CA LYS C 318 -9.09 -43.27 -12.12
C LYS C 318 -9.33 -44.38 -11.08
N LEU C 319 -10.25 -44.15 -10.12
CA LEU C 319 -10.76 -45.18 -9.23
C LEU C 319 -11.63 -46.24 -9.91
N GLN C 320 -12.61 -45.81 -10.72
CA GLN C 320 -13.60 -46.63 -11.40
C GLN C 320 -12.98 -47.57 -12.43
N ASP C 321 -11.98 -47.08 -13.21
CA ASP C 321 -11.33 -47.89 -14.22
C ASP C 321 -10.22 -48.77 -13.62
N ARG C 322 -10.09 -48.74 -12.27
CA ARG C 322 -9.32 -49.66 -11.45
C ARG C 322 -7.83 -49.60 -11.68
N LYS C 323 -7.30 -48.37 -11.87
CA LYS C 323 -5.88 -48.14 -12.08
C LYS C 323 -5.26 -47.39 -10.94
N TRP C 324 -6.11 -47.02 -9.98
CA TRP C 324 -5.81 -46.21 -8.82
C TRP C 324 -4.46 -46.43 -8.14
N HIS C 325 -3.73 -45.31 -7.97
CA HIS C 325 -2.58 -45.23 -7.12
C HIS C 325 -2.90 -44.15 -6.11
N SER C 326 -2.55 -44.41 -4.85
CA SER C 326 -2.72 -43.53 -3.72
C SER C 326 -1.57 -42.54 -3.62
N MET C 327 -1.61 -41.66 -2.60
CA MET C 327 -0.50 -40.80 -2.22
C MET C 327 0.78 -41.57 -1.97
N ALA C 328 1.95 -41.01 -2.36
CA ALA C 328 3.18 -41.76 -2.27
C ALA C 328 4.33 -40.92 -1.78
N SER C 329 5.36 -41.61 -1.23
CA SER C 329 6.61 -40.99 -0.78
C SER C 329 7.39 -40.36 -1.89
N LEU C 330 7.72 -39.06 -1.73
CA LEU C 330 8.48 -38.31 -2.67
C LEU C 330 9.38 -37.51 -1.81
N SER C 331 10.56 -37.18 -2.34
CA SER C 331 11.52 -36.39 -1.59
C SER C 331 12.14 -35.49 -2.61
N CYS C 332 12.66 -34.30 -2.19
CA CYS C 332 13.22 -33.27 -3.06
C CYS C 332 14.60 -32.70 -2.64
N ILE C 333 15.44 -32.40 -3.66
CA ILE C 333 16.65 -31.54 -3.76
C ILE C 333 17.76 -31.63 -2.66
N ARG C 334 18.18 -32.84 -2.17
CA ARG C 334 19.37 -32.77 -1.28
C ARG C 334 20.47 -33.57 -1.85
N LYS C 335 20.29 -34.87 -1.80
CA LYS C 335 21.23 -35.80 -2.35
C LYS C 335 20.41 -36.97 -2.88
N ASN C 336 19.07 -36.83 -2.89
CA ASN C 336 18.17 -37.84 -3.39
C ASN C 336 16.90 -37.12 -3.81
N SER C 337 16.31 -37.52 -4.95
CA SER C 337 14.98 -37.11 -5.36
C SER C 337 14.36 -38.33 -5.98
N LYS C 338 13.02 -38.50 -5.81
CA LYS C 338 12.33 -39.69 -6.29
C LYS C 338 11.12 -39.28 -7.09
N PRO C 339 10.98 -39.61 -8.37
CA PRO C 339 9.73 -39.43 -9.11
C PRO C 339 8.53 -40.25 -8.63
N TRP C 340 7.30 -39.80 -8.97
CA TRP C 340 6.11 -40.58 -8.73
C TRP C 340 5.74 -41.39 -9.97
N GLN C 341 5.38 -42.69 -9.81
CA GLN C 341 5.06 -43.54 -10.95
C GLN C 341 3.59 -43.49 -11.29
N GLY C 342 2.77 -43.02 -10.33
CA GLY C 342 1.35 -42.88 -10.53
C GLY C 342 0.99 -41.63 -11.27
N GLY C 343 2.00 -40.77 -11.52
CA GLY C 343 1.85 -39.49 -12.16
C GLY C 343 1.53 -39.55 -13.61
N ARG C 344 2.15 -40.49 -14.35
CA ARG C 344 1.88 -40.64 -15.77
C ARG C 344 0.46 -41.07 -16.06
N SER C 345 -0.03 -42.09 -15.32
CA SER C 345 -1.38 -42.61 -15.46
C SER C 345 -2.45 -41.70 -14.88
N MET C 346 -2.08 -40.85 -13.90
CA MET C 346 -2.93 -39.77 -13.41
C MET C 346 -3.00 -38.60 -14.39
N LEU C 347 -1.87 -38.24 -15.02
CA LEU C 347 -1.84 -37.24 -16.08
C LEU C 347 -2.69 -37.62 -17.28
N GLU C 348 -2.61 -38.88 -17.75
CA GLU C 348 -3.40 -39.38 -18.86
C GLU C 348 -4.89 -39.33 -18.62
N THR C 349 -5.35 -39.67 -17.40
CA THR C 349 -6.77 -39.62 -17.05
C THR C 349 -7.32 -38.23 -16.99
N ILE C 350 -6.56 -37.27 -16.43
CA ILE C 350 -6.90 -35.86 -16.43
C ILE C 350 -6.95 -35.29 -17.85
N LYS C 351 -5.96 -35.65 -18.69
CA LYS C 351 -5.79 -35.16 -20.04
C LYS C 351 -6.92 -35.45 -21.02
N LYS C 352 -7.46 -36.68 -20.98
CA LYS C 352 -8.41 -37.16 -21.96
C LYS C 352 -9.83 -36.99 -21.44
N GLY C 353 -9.95 -36.23 -20.34
CA GLY C 353 -11.22 -35.80 -19.78
C GLY C 353 -11.70 -34.53 -20.40
N GLY C 354 -12.87 -34.07 -19.95
CA GLY C 354 -13.40 -32.81 -20.41
C GLY C 354 -14.67 -32.56 -19.67
N VAL C 355 -14.99 -31.28 -19.41
CA VAL C 355 -16.15 -30.89 -18.61
C VAL C 355 -16.90 -29.74 -19.26
N ASN C 356 -18.20 -29.61 -18.92
CA ASN C 356 -18.97 -28.40 -19.16
C ASN C 356 -18.78 -27.49 -17.96
N GLY C 357 -18.36 -26.24 -18.21
CA GLY C 357 -18.25 -25.22 -17.17
C GLY C 357 -18.77 -23.87 -17.57
N LEU C 358 -18.21 -22.82 -16.97
CA LEU C 358 -18.63 -21.46 -17.23
C LEU C 358 -17.88 -20.83 -18.40
N THR C 359 -16.76 -21.44 -18.85
CA THR C 359 -16.08 -20.97 -20.04
C THR C 359 -16.61 -21.65 -21.30
N GLY C 360 -17.52 -22.63 -21.12
CA GLY C 360 -18.02 -23.51 -22.15
C GLY C 360 -17.48 -24.88 -21.88
N ASP C 361 -16.62 -25.39 -22.79
CA ASP C 361 -15.98 -26.67 -22.64
C ASP C 361 -14.54 -26.43 -22.26
N LEU C 362 -14.08 -27.11 -21.19
CA LEU C 362 -12.67 -27.22 -20.91
C LEU C 362 -12.28 -28.67 -21.09
N GLU C 363 -11.28 -28.91 -21.97
CA GLU C 363 -10.71 -30.20 -22.28
C GLU C 363 -9.25 -29.96 -22.59
N PHE C 364 -8.39 -31.00 -22.64
CA PHE C 364 -6.97 -30.81 -22.86
C PHE C 364 -6.41 -31.68 -23.97
N GLY C 365 -5.40 -31.15 -24.68
CA GLY C 365 -4.57 -31.92 -25.61
C GLY C 365 -3.38 -32.54 -24.92
N GLU C 366 -2.29 -32.85 -25.68
CA GLU C 366 -1.06 -33.38 -25.11
C GLU C 366 -0.41 -32.45 -24.08
N ASN C 367 -0.41 -31.15 -24.42
CA ASN C 367 0.10 -30.02 -23.65
C ASN C 367 -1.04 -29.12 -23.20
N GLY C 368 -2.29 -29.51 -23.44
CA GLY C 368 -3.44 -28.67 -23.10
C GLY C 368 -3.69 -27.48 -23.99
N GLY C 369 -4.77 -26.76 -23.67
CA GLY C 369 -5.28 -25.65 -24.46
C GLY C 369 -6.75 -25.80 -24.61
N ASN C 370 -7.48 -24.67 -24.56
CA ASN C 370 -8.90 -24.62 -24.85
C ASN C 370 -9.02 -23.81 -26.13
N PRO C 371 -9.36 -24.38 -27.30
CA PRO C 371 -9.59 -23.62 -28.53
C PRO C 371 -10.91 -22.88 -28.52
N ASN C 372 -11.77 -23.04 -27.51
CA ASN C 372 -13.11 -22.50 -27.57
C ASN C 372 -13.25 -21.28 -26.68
N VAL C 373 -13.34 -20.11 -27.33
CA VAL C 373 -13.48 -18.84 -26.67
C VAL C 373 -14.41 -18.03 -27.54
N HIS C 374 -15.14 -17.06 -26.97
CA HIS C 374 -15.99 -16.18 -27.74
C HIS C 374 -15.64 -14.76 -27.37
N PHE C 375 -15.61 -13.87 -28.38
CA PHE C 375 -15.44 -12.45 -28.18
C PHE C 375 -16.69 -11.81 -28.72
N GLU C 376 -17.19 -10.77 -28.03
CA GLU C 376 -18.26 -9.97 -28.54
C GLU C 376 -17.74 -8.60 -28.87
N ILE C 377 -18.36 -7.98 -29.90
CA ILE C 377 -17.90 -6.73 -30.45
C ILE C 377 -18.98 -5.74 -30.23
N LEU C 378 -18.69 -4.76 -29.38
CA LEU C 378 -19.64 -3.79 -28.93
C LEU C 378 -19.35 -2.46 -29.60
N GLY C 379 -20.38 -1.63 -29.71
CA GLY C 379 -20.23 -0.34 -30.37
C GLY C 379 -20.66 0.90 -29.60
N THR C 380 -20.92 1.97 -30.36
CA THR C 380 -21.33 3.27 -29.82
C THR C 380 -22.73 3.27 -29.20
N ASN C 381 -22.94 4.14 -28.22
CA ASN C 381 -24.22 4.25 -27.52
C ASN C 381 -25.26 5.07 -28.30
N TYR C 382 -26.43 5.24 -27.69
CA TYR C 382 -27.52 5.94 -28.24
C TYR C 382 -28.41 6.40 -27.11
N GLY C 383 -29.18 7.48 -27.36
CA GLY C 383 -30.24 7.96 -26.48
C GLY C 383 -31.39 7.01 -26.33
N GLU C 384 -31.68 6.56 -25.10
CA GLU C 384 -32.75 5.61 -24.83
C GLU C 384 -33.30 5.90 -23.46
N GLU C 385 -34.52 5.38 -23.18
CA GLU C 385 -35.21 5.40 -21.91
C GLU C 385 -34.49 4.61 -20.81
N LEU C 386 -33.55 3.70 -21.18
CA LEU C 386 -32.72 2.98 -20.24
C LEU C 386 -31.41 3.70 -19.97
N GLY C 387 -31.14 4.81 -20.68
CA GLY C 387 -29.82 5.43 -20.69
C GLY C 387 -29.07 4.99 -21.90
N ARG C 388 -27.77 5.33 -21.96
CA ARG C 388 -26.92 4.95 -23.06
C ARG C 388 -26.83 3.43 -23.27
N GLY C 389 -26.91 2.98 -24.52
CA GLY C 389 -26.92 1.55 -24.81
C GLY C 389 -25.62 1.06 -25.33
N VAL C 390 -25.48 -0.25 -25.41
CA VAL C 390 -24.37 -0.85 -26.08
C VAL C 390 -24.97 -2.01 -26.83
N ARG C 391 -24.43 -2.35 -28.03
CA ARG C 391 -25.04 -3.36 -28.84
C ARG C 391 -23.98 -4.11 -29.61
N LYS C 392 -24.35 -5.30 -30.12
CA LYS C 392 -23.45 -6.16 -30.86
C LYS C 392 -23.33 -5.67 -32.30
N LEU C 393 -22.09 -5.35 -32.73
CA LEU C 393 -21.75 -5.10 -34.11
C LEU C 393 -21.57 -6.41 -34.86
N GLY C 394 -20.98 -7.39 -34.17
CA GLY C 394 -20.70 -8.68 -34.74
C GLY C 394 -20.19 -9.53 -33.62
N CYS C 395 -19.72 -10.73 -33.95
CA CYS C 395 -19.08 -11.62 -33.00
C CYS C 395 -17.80 -12.09 -33.64
N TRP C 396 -16.83 -12.47 -32.81
CA TRP C 396 -15.63 -13.13 -33.31
C TRP C 396 -15.40 -14.32 -32.45
N ASN C 397 -15.06 -15.44 -33.08
CA ASN C 397 -14.62 -16.60 -32.37
C ASN C 397 -13.60 -17.24 -33.29
N PRO C 398 -12.71 -18.14 -32.89
CA PRO C 398 -11.73 -18.71 -33.81
C PRO C 398 -12.37 -19.59 -34.87
N VAL C 399 -13.54 -20.17 -34.53
CA VAL C 399 -14.17 -21.23 -35.29
C VAL C 399 -14.69 -20.82 -36.65
N THR C 400 -15.50 -19.76 -36.71
CA THR C 400 -16.10 -19.32 -37.96
C THR C 400 -15.60 -17.94 -38.28
N GLY C 401 -14.53 -17.53 -37.58
CA GLY C 401 -13.92 -16.22 -37.67
C GLY C 401 -14.82 -15.11 -37.22
N LEU C 402 -14.76 -14.00 -37.96
CA LEU C 402 -15.70 -12.91 -37.78
C LEU C 402 -17.03 -13.26 -38.40
N ASN C 403 -18.12 -13.02 -37.66
CA ASN C 403 -19.45 -13.12 -38.16
C ASN C 403 -20.07 -11.75 -38.03
N GLY C 404 -20.75 -11.30 -39.10
CA GLY C 404 -21.32 -9.96 -39.16
C GLY C 404 -20.36 -9.01 -39.78
N SER C 405 -20.91 -7.97 -40.43
CA SER C 405 -20.12 -6.85 -40.93
C SER C 405 -20.11 -5.79 -39.85
N LEU C 406 -19.10 -4.90 -39.85
CA LEU C 406 -19.03 -3.80 -38.91
C LEU C 406 -19.49 -2.43 -39.49
N VAL C 418 -41.66 7.01 -49.39
CA VAL C 418 -42.69 7.74 -48.50
C VAL C 418 -42.55 9.17 -48.83
N VAL C 419 -43.62 9.90 -48.44
CA VAL C 419 -43.70 11.32 -48.54
C VAL C 419 -43.69 11.70 -47.10
N LEU C 420 -42.75 12.57 -46.61
CA LEU C 420 -42.79 13.00 -45.23
C LEU C 420 -43.54 14.24 -45.23
N ARG C 421 -44.27 14.45 -44.10
CA ARG C 421 -45.11 15.55 -43.87
C ARG C 421 -44.34 16.56 -43.16
N VAL C 422 -44.00 17.72 -43.83
CA VAL C 422 -42.94 18.57 -43.28
C VAL C 422 -43.66 19.71 -42.67
N VAL C 423 -43.42 19.96 -41.34
CA VAL C 423 -43.82 21.08 -40.63
C VAL C 423 -42.66 22.05 -40.35
N THR C 424 -42.89 23.35 -40.58
CA THR C 424 -41.79 24.36 -40.60
C THR C 424 -42.47 25.60 -39.98
N VAL C 425 -41.64 26.66 -39.76
CA VAL C 425 -42.14 27.93 -39.18
C VAL C 425 -41.50 28.96 -39.94
N LEU C 426 -42.23 29.98 -40.38
CA LEU C 426 -41.67 31.05 -41.18
C LEU C 426 -40.81 32.07 -40.42
N GLU C 427 -39.60 31.68 -40.08
CA GLU C 427 -38.68 32.58 -39.38
C GLU C 427 -37.46 32.84 -40.26
N GLU C 428 -37.18 34.12 -40.52
CA GLU C 428 -36.06 34.49 -41.38
C GLU C 428 -34.75 34.56 -40.59
N PRO C 429 -33.63 34.22 -41.25
CA PRO C 429 -33.49 33.82 -42.65
C PRO C 429 -33.59 32.31 -42.79
N PHE C 430 -33.99 31.61 -41.70
CA PHE C 430 -34.06 30.11 -41.61
C PHE C 430 -35.15 29.46 -42.43
N VAL C 431 -36.29 30.17 -42.52
CA VAL C 431 -37.42 29.98 -43.34
C VAL C 431 -38.07 31.18 -43.88
N MET C 432 -37.94 31.50 -45.16
CA MET C 432 -38.46 32.61 -45.85
C MET C 432 -39.25 32.13 -47.07
N VAL C 433 -40.41 32.67 -47.38
CA VAL C 433 -41.08 32.25 -48.56
C VAL C 433 -40.45 32.95 -49.84
N SER C 434 -39.91 32.18 -50.78
CA SER C 434 -39.11 32.70 -51.87
C SER C 434 -39.97 33.08 -53.05
N GLU C 435 -41.07 32.31 -53.27
CA GLU C 435 -41.84 32.51 -54.49
C GLU C 435 -43.23 32.24 -54.27
N ASN C 436 -44.11 33.13 -54.68
CA ASN C 436 -45.57 32.97 -54.69
C ASN C 436 -46.08 32.90 -56.09
N VAL C 437 -47.08 32.07 -56.33
CA VAL C 437 -47.62 31.97 -57.65
C VAL C 437 -49.17 32.05 -57.41
N LEU C 438 -49.81 33.06 -58.04
CA LEU C 438 -51.24 33.36 -57.98
C LEU C 438 -51.55 33.77 -56.57
N GLY C 439 -50.55 34.24 -55.80
CA GLY C 439 -50.67 34.63 -54.45
C GLY C 439 -50.79 33.54 -53.54
N LYS C 440 -50.00 32.43 -53.76
CA LYS C 440 -50.03 31.32 -52.86
C LYS C 440 -48.60 30.85 -52.88
N PRO C 441 -47.96 30.45 -51.80
CA PRO C 441 -46.62 30.03 -51.86
C PRO C 441 -46.39 28.78 -52.68
N LYS C 442 -45.24 28.83 -53.38
CA LYS C 442 -44.85 27.71 -54.19
C LYS C 442 -43.55 27.21 -53.66
N LYS C 443 -42.67 28.16 -53.26
CA LYS C 443 -41.34 27.80 -52.81
C LYS C 443 -40.96 28.51 -51.59
N TYR C 444 -40.31 27.76 -50.65
CA TYR C 444 -39.76 28.33 -49.44
C TYR C 444 -38.29 28.07 -49.62
N GLN C 445 -37.44 28.95 -49.05
CA GLN C 445 -35.98 29.01 -49.18
C GLN C 445 -35.60 29.37 -47.72
N GLY C 446 -34.32 29.26 -47.43
CA GLY C 446 -33.86 29.52 -46.09
C GLY C 446 -33.03 28.37 -45.73
N PHE C 447 -32.30 28.51 -44.62
CA PHE C 447 -31.24 27.57 -44.28
C PHE C 447 -31.67 26.10 -44.07
N SER C 448 -32.76 25.95 -43.30
CA SER C 448 -33.39 24.75 -43.03
C SER C 448 -34.10 24.05 -44.25
N ILE C 449 -34.70 24.77 -45.24
CA ILE C 449 -35.34 24.31 -46.51
C ILE C 449 -34.37 23.75 -47.44
N ASP C 450 -33.19 24.41 -47.56
CA ASP C 450 -32.14 23.98 -48.34
C ASP C 450 -31.51 22.71 -47.81
N VAL C 451 -31.51 22.53 -46.39
CA VAL C 451 -31.06 21.36 -45.73
C VAL C 451 -31.93 20.20 -46.02
N LEU C 452 -33.30 20.42 -46.12
CA LEU C 452 -34.33 19.37 -46.49
C LEU C 452 -34.03 18.90 -47.83
N ASP C 453 -33.62 19.78 -48.72
CA ASP C 453 -33.47 19.31 -50.12
C ASP C 453 -32.27 18.36 -50.21
N ALA C 454 -31.36 18.61 -49.32
CA ALA C 454 -30.13 17.75 -49.26
C ALA C 454 -30.35 16.33 -48.70
N LEU C 455 -31.22 16.26 -47.65
CA LEU C 455 -31.60 14.96 -47.06
C LEU C 455 -32.46 14.18 -48.00
N SER C 456 -33.48 14.81 -48.65
CA SER C 456 -34.47 14.16 -49.51
C SER C 456 -33.95 13.52 -50.76
N ASN C 457 -33.09 14.14 -51.47
CA ASN C 457 -32.54 13.65 -52.76
C ASN C 457 -31.62 12.44 -52.50
N TYR C 458 -30.92 12.39 -51.30
CA TYR C 458 -29.94 11.33 -51.05
C TYR C 458 -30.64 10.09 -50.53
N LEU C 459 -31.68 10.37 -49.70
CA LEU C 459 -32.43 9.34 -48.98
C LEU C 459 -33.59 8.84 -49.75
N GLY C 460 -33.97 9.58 -50.83
CA GLY C 460 -35.01 9.18 -51.75
C GLY C 460 -36.48 9.18 -51.14
N PHE C 461 -36.74 10.14 -50.15
CA PHE C 461 -38.03 10.43 -49.69
C PHE C 461 -38.41 11.77 -50.42
N ASN C 462 -39.76 12.05 -50.52
CA ASN C 462 -40.35 13.09 -51.23
C ASN C 462 -40.89 13.94 -50.06
N TYR C 463 -41.28 15.21 -50.18
CA TYR C 463 -41.75 15.96 -49.03
C TYR C 463 -42.86 16.79 -49.46
N GLU C 464 -43.67 17.24 -48.44
CA GLU C 464 -44.67 18.33 -48.74
C GLU C 464 -44.51 19.13 -47.56
N ILE C 465 -44.62 20.45 -47.73
CA ILE C 465 -44.33 21.37 -46.66
C ILE C 465 -45.61 22.06 -46.41
N TYR C 466 -45.98 22.18 -45.09
CA TYR C 466 -47.09 23.07 -44.60
C TYR C 466 -46.43 23.75 -43.50
N VAL C 467 -46.78 25.01 -43.21
CA VAL C 467 -46.24 25.81 -42.12
C VAL C 467 -47.05 25.56 -40.94
N ALA C 468 -46.41 25.59 -39.78
CA ALA C 468 -47.04 25.34 -38.46
C ALA C 468 -48.29 26.16 -38.18
N PRO C 469 -49.22 25.58 -37.39
CA PRO C 469 -50.41 26.31 -37.16
C PRO C 469 -50.34 27.59 -36.36
N ASP C 470 -49.45 27.84 -35.45
CA ASP C 470 -49.47 29.10 -34.74
C ASP C 470 -48.29 29.93 -35.26
N HIS C 471 -47.35 29.31 -36.13
CA HIS C 471 -46.20 29.93 -36.81
C HIS C 471 -45.16 30.25 -35.79
N LYS C 472 -45.17 29.60 -34.62
CA LYS C 472 -44.30 29.70 -33.51
C LYS C 472 -43.83 28.27 -33.24
N TYR C 473 -42.77 28.20 -32.33
CA TYR C 473 -42.15 27.00 -31.83
C TYR C 473 -42.83 26.39 -30.59
N GLY C 474 -44.15 26.45 -30.57
CA GLY C 474 -45.00 25.77 -29.55
C GLY C 474 -44.80 26.44 -28.21
N SER C 475 -45.53 25.90 -27.26
CA SER C 475 -45.35 26.36 -25.88
C SER C 475 -45.76 25.19 -24.98
N PRO C 476 -45.06 24.97 -23.83
CA PRO C 476 -45.47 23.96 -22.85
C PRO C 476 -46.92 24.08 -22.32
N GLN C 477 -47.55 22.91 -22.10
CA GLN C 477 -48.94 22.97 -21.74
C GLN C 477 -49.11 22.32 -20.46
N GLU C 478 -50.21 22.69 -19.80
CA GLU C 478 -50.68 22.07 -18.50
C GLU C 478 -51.20 20.64 -18.64
N ASP C 479 -51.54 20.29 -19.89
CA ASP C 479 -51.97 18.86 -20.11
C ASP C 479 -50.76 18.07 -20.55
N GLY C 480 -49.57 18.74 -20.72
CA GLY C 480 -48.27 18.10 -20.96
C GLY C 480 -48.00 17.87 -22.41
N THR C 481 -48.72 18.63 -23.21
CA THR C 481 -48.50 18.65 -24.61
C THR C 481 -47.86 19.95 -24.98
N TRP C 482 -47.67 20.15 -26.28
CA TRP C 482 -47.10 21.33 -26.93
C TRP C 482 -47.95 21.68 -28.08
N ASN C 483 -47.92 22.93 -28.55
CA ASN C 483 -48.73 23.32 -29.64
C ASN C 483 -47.71 23.65 -30.72
N GLY C 484 -48.28 24.25 -31.80
CA GLY C 484 -47.42 24.72 -32.84
C GLY C 484 -46.68 23.62 -33.50
N LEU C 485 -45.44 23.94 -34.05
CA LEU C 485 -44.64 22.97 -34.77
C LEU C 485 -44.26 21.76 -33.91
N VAL C 486 -43.87 21.96 -32.63
CA VAL C 486 -43.47 20.93 -31.66
C VAL C 486 -44.55 19.95 -31.42
N GLY C 487 -45.77 20.59 -31.38
CA GLY C 487 -46.99 19.95 -31.16
C GLY C 487 -47.39 18.98 -32.27
N GLU C 488 -47.00 19.35 -33.48
CA GLU C 488 -47.29 18.56 -34.67
C GLU C 488 -46.55 17.24 -34.59
N LEU C 489 -45.34 17.27 -34.02
CA LEU C 489 -44.58 16.07 -33.91
C LEU C 489 -45.09 15.20 -32.77
N VAL C 490 -45.51 15.70 -31.61
CA VAL C 490 -46.02 15.01 -30.46
C VAL C 490 -47.31 14.19 -30.74
N PHE C 491 -48.20 14.85 -31.46
CA PHE C 491 -49.46 14.21 -31.86
C PHE C 491 -49.38 13.41 -33.23
N LYS C 492 -48.15 13.33 -33.74
CA LYS C 492 -47.82 12.66 -35.00
C LYS C 492 -48.61 13.17 -36.19
N ARG C 493 -48.87 14.47 -36.22
CA ARG C 493 -49.58 15.09 -37.32
C ARG C 493 -48.58 15.22 -38.45
N ALA C 494 -47.41 15.76 -38.12
CA ALA C 494 -46.33 15.92 -39.07
C ALA C 494 -45.32 14.82 -38.74
N ASP C 495 -44.78 14.15 -39.74
CA ASP C 495 -43.84 13.05 -39.49
C ASP C 495 -42.51 13.63 -39.05
N ILE C 496 -42.06 14.70 -39.71
CA ILE C 496 -40.83 15.47 -39.48
C ILE C 496 -41.11 16.95 -39.38
N GLY C 497 -40.21 17.65 -38.70
CA GLY C 497 -40.11 19.11 -38.60
C GLY C 497 -38.76 19.60 -39.08
N ILE C 498 -38.76 20.48 -40.06
CA ILE C 498 -37.63 21.16 -40.66
C ILE C 498 -37.66 22.63 -40.30
N SER C 499 -36.78 23.01 -39.39
CA SER C 499 -36.89 24.39 -38.89
C SER C 499 -35.69 24.58 -37.92
N ALA C 500 -35.47 25.85 -37.41
CA ALA C 500 -34.47 26.21 -36.42
C ALA C 500 -35.01 25.87 -35.11
N LEU C 501 -35.29 24.54 -34.78
CA LEU C 501 -35.88 24.25 -33.49
C LEU C 501 -34.65 23.97 -32.55
N THR C 502 -34.39 24.79 -31.54
CA THR C 502 -33.33 24.56 -30.63
C THR C 502 -33.46 23.32 -29.78
N ILE C 503 -32.36 22.52 -29.87
CA ILE C 503 -32.13 21.42 -28.99
C ILE C 503 -31.87 21.88 -27.49
N THR C 504 -32.93 21.74 -26.64
CA THR C 504 -32.94 22.16 -25.29
C THR C 504 -33.57 20.98 -24.50
N PRO C 505 -33.50 20.89 -23.19
CA PRO C 505 -33.97 19.77 -22.40
C PRO C 505 -35.46 19.58 -22.43
N ASP C 506 -36.23 20.74 -22.51
CA ASP C 506 -37.70 20.66 -22.52
C ASP C 506 -38.20 19.80 -23.69
N ARG C 507 -37.68 20.10 -24.88
CA ARG C 507 -38.07 19.56 -26.14
C ARG C 507 -37.51 18.16 -26.32
N GLU C 508 -36.41 17.86 -25.64
CA GLU C 508 -35.84 16.51 -25.72
C GLU C 508 -36.77 15.37 -25.33
N ASN C 509 -37.65 15.61 -24.29
CA ASN C 509 -38.38 14.49 -23.79
C ASN C 509 -39.77 14.42 -24.48
N VAL C 510 -39.97 15.08 -25.66
CA VAL C 510 -41.29 15.13 -26.22
C VAL C 510 -41.19 14.97 -27.72
N VAL C 511 -39.96 15.34 -28.32
CA VAL C 511 -39.66 15.04 -29.63
C VAL C 511 -38.25 14.51 -29.74
N ASP C 512 -38.00 13.77 -30.88
CA ASP C 512 -36.76 13.08 -31.04
C ASP C 512 -35.89 14.07 -31.93
N PHE C 513 -34.68 14.44 -31.40
CA PHE C 513 -33.72 15.33 -32.02
C PHE C 513 -32.64 14.49 -32.77
N THR C 514 -32.19 15.06 -33.96
CA THR C 514 -30.94 14.58 -34.61
C THR C 514 -29.89 15.54 -34.11
N THR C 515 -28.59 15.17 -34.24
CA THR C 515 -27.38 15.89 -33.97
C THR C 515 -27.49 17.18 -34.69
N ARG C 516 -26.75 18.16 -34.05
CA ARG C 516 -26.55 19.59 -34.44
C ARG C 516 -25.74 19.80 -35.62
N TYR C 517 -26.15 20.82 -36.41
CA TYR C 517 -25.43 21.16 -37.63
C TYR C 517 -25.30 22.66 -37.73
N MET C 518 -25.92 23.44 -36.77
CA MET C 518 -25.72 24.86 -36.76
C MET C 518 -25.92 25.24 -35.33
N ASP C 519 -25.01 26.05 -34.78
CA ASP C 519 -24.95 26.43 -33.39
C ASP C 519 -25.93 27.57 -32.97
N TYR C 520 -26.65 27.41 -31.83
CA TYR C 520 -27.40 28.49 -31.22
C TYR C 520 -26.46 29.62 -30.78
N SER C 521 -26.95 30.88 -30.93
CA SER C 521 -26.13 32.04 -30.58
C SER C 521 -27.08 33.04 -30.00
N VAL C 522 -26.69 33.82 -29.00
CA VAL C 522 -27.49 34.84 -28.34
C VAL C 522 -26.82 36.18 -28.53
N GLY C 523 -27.51 37.24 -29.02
CA GLY C 523 -26.89 38.56 -29.27
C GLY C 523 -27.88 39.56 -28.96
N VAL C 524 -27.48 40.80 -29.25
CA VAL C 524 -28.34 41.94 -29.07
C VAL C 524 -28.29 42.81 -30.30
N LEU C 525 -29.53 43.19 -30.73
CA LEU C 525 -29.63 44.19 -31.78
C LEU C 525 -29.82 45.53 -31.09
N LEU C 526 -28.97 46.48 -31.39
CA LEU C 526 -28.81 47.74 -30.75
C LEU C 526 -28.95 48.83 -31.81
N ARG C 527 -29.48 50.00 -31.36
CA ARG C 527 -29.49 51.28 -32.10
C ARG C 527 -28.10 51.82 -32.29
N ARG C 528 -27.72 52.48 -33.47
CA ARG C 528 -26.40 53.02 -33.79
C ARG C 528 -25.96 54.18 -32.90
N SER C 641 -21.74 51.91 -27.13
CA SER C 641 -20.51 51.61 -26.40
C SER C 641 -20.51 50.12 -25.96
N ILE C 642 -21.69 49.47 -26.23
CA ILE C 642 -21.97 48.09 -25.88
C ILE C 642 -21.30 47.22 -26.92
N GLN C 643 -20.33 46.44 -26.48
CA GLN C 643 -19.58 45.57 -27.36
C GLN C 643 -19.86 44.14 -26.95
N SER C 644 -20.69 43.87 -25.90
CA SER C 644 -20.96 42.57 -25.43
C SER C 644 -22.26 42.69 -24.57
N LEU C 645 -22.82 41.54 -24.18
CA LEU C 645 -23.94 41.33 -23.27
C LEU C 645 -23.52 41.72 -21.79
N GLN C 646 -22.18 41.50 -21.33
CA GLN C 646 -21.59 42.03 -20.08
C GLN C 646 -21.64 43.55 -20.06
N ASP C 647 -21.23 44.20 -21.21
CA ASP C 647 -21.35 45.62 -21.41
C ASP C 647 -22.81 46.04 -21.32
N LEU C 648 -23.77 45.28 -21.89
CA LEU C 648 -25.21 45.53 -21.95
C LEU C 648 -25.85 45.65 -20.61
N SER C 649 -25.34 44.78 -19.71
CA SER C 649 -25.84 44.58 -18.32
C SER C 649 -25.38 45.70 -17.45
N LYS C 650 -24.25 46.42 -17.85
CA LYS C 650 -23.75 47.51 -17.11
C LYS C 650 -24.53 48.83 -17.21
N GLN C 651 -25.14 48.99 -18.39
CA GLN C 651 -26.07 50.05 -18.53
C GLN C 651 -27.47 49.51 -18.56
N THR C 652 -28.45 50.45 -18.38
CA THR C 652 -29.77 50.11 -18.19
C THR C 652 -30.58 51.32 -18.71
N ASP C 653 -29.88 52.31 -19.37
CA ASP C 653 -30.44 53.58 -19.80
C ASP C 653 -31.16 53.47 -21.17
N ILE C 654 -30.85 52.38 -21.91
CA ILE C 654 -31.50 51.98 -23.12
C ILE C 654 -32.28 50.78 -22.73
N PRO C 655 -33.64 50.81 -22.51
CA PRO C 655 -34.42 49.67 -22.17
C PRO C 655 -34.22 48.39 -23.02
N TYR C 656 -34.20 47.12 -22.48
CA TYR C 656 -33.97 45.90 -23.17
C TYR C 656 -34.86 44.85 -22.56
N GLY C 657 -35.09 43.73 -23.28
CA GLY C 657 -36.07 42.69 -22.96
C GLY C 657 -35.96 41.74 -24.10
N THR C 658 -37.01 40.96 -24.21
CA THR C 658 -36.99 39.93 -25.14
C THR C 658 -38.47 39.73 -25.21
N VAL C 659 -38.83 38.79 -26.19
CA VAL C 659 -40.09 38.14 -26.41
C VAL C 659 -40.63 37.59 -25.14
N LEU C 660 -41.90 37.89 -24.87
CA LEU C 660 -42.70 37.44 -23.76
C LEU C 660 -42.88 35.90 -23.79
N ASP C 661 -42.32 35.20 -22.83
CA ASP C 661 -42.43 33.78 -22.56
C ASP C 661 -41.63 32.96 -23.53
N SER C 662 -40.44 33.37 -23.91
CA SER C 662 -39.59 32.59 -24.76
C SER C 662 -38.60 31.90 -23.90
N ALA C 663 -37.58 31.34 -24.54
CA ALA C 663 -36.52 30.64 -23.84
C ALA C 663 -35.57 31.68 -23.24
N VAL C 664 -35.42 32.79 -23.95
CA VAL C 664 -34.56 33.87 -23.50
C VAL C 664 -35.20 34.56 -22.30
N TYR C 665 -36.52 34.67 -22.33
CA TYR C 665 -37.25 35.28 -21.23
C TYR C 665 -37.11 34.48 -19.94
N GLN C 666 -37.39 33.09 -19.92
CA GLN C 666 -37.31 32.27 -18.75
C GLN C 666 -35.89 32.15 -18.28
N HIS C 667 -34.89 32.23 -19.15
CA HIS C 667 -33.44 32.15 -18.79
C HIS C 667 -33.00 33.31 -17.99
N VAL C 668 -33.37 34.56 -18.40
CA VAL C 668 -33.22 35.72 -17.63
C VAL C 668 -33.89 35.76 -16.30
N ARG C 669 -35.16 35.30 -16.20
CA ARG C 669 -35.90 35.14 -15.00
C ARG C 669 -35.16 34.14 -14.08
N MET C 670 -34.61 33.02 -14.62
CA MET C 670 -33.91 32.02 -13.95
C MET C 670 -32.66 32.42 -13.32
N LYS C 671 -31.81 33.22 -14.08
CA LYS C 671 -30.59 33.79 -13.54
C LYS C 671 -30.84 34.80 -12.48
N GLY C 672 -31.91 35.60 -12.69
CA GLY C 672 -32.27 36.65 -11.84
C GLY C 672 -32.92 36.13 -10.60
N LEU C 673 -33.24 34.85 -10.54
CA LEU C 673 -33.94 34.25 -9.41
C LEU C 673 -33.06 33.08 -8.91
N ASN C 674 -31.80 33.01 -9.32
CA ASN C 674 -30.85 31.97 -9.01
C ASN C 674 -30.09 32.17 -7.74
N PRO C 675 -30.23 31.32 -6.71
CA PRO C 675 -29.43 31.56 -5.45
C PRO C 675 -28.02 31.10 -5.61
N PHE C 676 -27.82 30.17 -6.49
CA PHE C 676 -26.57 29.42 -6.67
C PHE C 676 -25.50 30.27 -7.17
N GLU C 677 -25.59 30.79 -8.39
CA GLU C 677 -24.55 31.65 -8.90
C GLU C 677 -25.17 33.08 -9.10
N ARG C 678 -24.48 34.07 -8.57
CA ARG C 678 -24.82 35.47 -8.79
C ARG C 678 -23.58 36.20 -9.45
N ASP C 679 -23.91 37.10 -10.34
CA ASP C 679 -23.04 38.13 -10.84
C ASP C 679 -23.81 39.40 -10.75
N SER C 680 -23.11 40.57 -10.79
CA SER C 680 -23.72 41.87 -10.88
C SER C 680 -24.60 41.96 -12.21
N MET C 681 -24.27 41.15 -13.24
CA MET C 681 -24.92 40.99 -14.53
C MET C 681 -26.33 40.70 -14.40
N TYR C 682 -26.61 39.64 -13.61
CA TYR C 682 -27.90 39.03 -13.36
C TYR C 682 -28.75 39.92 -12.46
N SER C 683 -28.20 40.76 -11.60
CA SER C 683 -28.97 41.57 -10.73
C SER C 683 -29.62 42.75 -11.48
N GLN C 684 -28.82 43.39 -12.37
CA GLN C 684 -29.33 44.43 -13.26
C GLN C 684 -30.25 43.85 -14.31
N MET C 685 -29.89 42.70 -14.80
CA MET C 685 -30.73 42.10 -15.82
C MET C 685 -32.12 41.75 -15.32
N TRP C 686 -32.21 41.20 -14.06
CA TRP C 686 -33.38 40.88 -13.34
C TRP C 686 -34.22 42.06 -12.96
N ARG C 687 -33.56 43.21 -12.53
CA ARG C 687 -34.27 44.42 -12.22
C ARG C 687 -34.95 44.98 -13.48
N MET C 688 -34.34 44.80 -14.70
CA MET C 688 -34.78 45.32 -15.96
C MET C 688 -35.94 44.63 -16.56
N ILE C 689 -35.84 43.30 -16.60
CA ILE C 689 -36.84 42.36 -17.14
C ILE C 689 -38.06 42.52 -16.35
N ASN C 690 -37.92 42.75 -15.02
CA ASN C 690 -39.05 42.75 -14.02
C ASN C 690 -39.57 44.23 -13.74
N ARG C 691 -39.26 45.21 -14.62
CA ARG C 691 -39.84 46.57 -14.52
C ARG C 691 -41.32 46.55 -14.86
N SER C 692 -42.10 47.20 -13.96
CA SER C 692 -43.56 47.30 -13.91
C SER C 692 -44.28 45.93 -13.99
N ASN C 693 -43.92 44.91 -13.13
CA ASN C 693 -44.52 43.56 -13.19
C ASN C 693 -44.01 42.83 -14.42
N GLY C 694 -42.85 43.31 -14.92
CA GLY C 694 -42.03 42.70 -15.96
C GLY C 694 -42.69 42.68 -17.22
N SER C 695 -43.17 43.88 -17.64
CA SER C 695 -43.91 43.84 -18.86
C SER C 695 -43.90 45.14 -19.57
N GLU C 696 -43.14 46.23 -19.06
CA GLU C 696 -43.04 47.54 -19.52
C GLU C 696 -42.34 47.64 -20.90
N ASN C 697 -41.26 46.84 -21.03
CA ASN C 697 -40.14 46.77 -21.95
C ASN C 697 -40.05 45.46 -22.62
N ASN C 698 -41.00 44.48 -22.45
CA ASN C 698 -40.99 43.20 -23.14
C ASN C 698 -41.79 43.44 -24.39
N VAL C 699 -41.54 42.61 -25.46
CA VAL C 699 -42.33 42.66 -26.67
C VAL C 699 -42.88 41.32 -26.86
N LEU C 700 -43.85 41.18 -27.78
CA LEU C 700 -44.69 39.99 -27.95
C LEU C 700 -44.34 39.13 -29.11
N GLU C 701 -43.46 39.59 -30.10
CA GLU C 701 -43.03 38.80 -31.32
C GLU C 701 -41.72 39.41 -31.66
N SER C 702 -40.89 38.52 -32.21
CA SER C 702 -39.51 38.87 -32.39
C SER C 702 -39.33 39.99 -33.37
N GLN C 703 -40.21 40.00 -34.40
CA GLN C 703 -40.28 41.08 -35.35
C GLN C 703 -40.52 42.47 -34.78
N ALA C 704 -41.39 42.52 -33.72
CA ALA C 704 -41.89 43.63 -32.96
C ALA C 704 -40.75 44.28 -32.19
N GLY C 705 -39.76 43.54 -31.71
CA GLY C 705 -38.56 44.00 -31.11
C GLY C 705 -37.65 44.59 -32.10
N ILE C 706 -37.58 43.98 -33.37
CA ILE C 706 -36.66 44.46 -34.36
C ILE C 706 -36.96 45.80 -34.85
N GLN C 707 -38.28 46.11 -35.09
CA GLN C 707 -38.67 47.48 -35.34
C GLN C 707 -38.54 48.46 -34.24
N LYS C 708 -38.62 47.93 -33.00
CA LYS C 708 -38.64 48.74 -31.80
C LYS C 708 -37.31 49.28 -31.53
N VAL C 709 -36.23 48.62 -31.94
CA VAL C 709 -34.85 49.12 -31.97
C VAL C 709 -34.71 50.09 -33.10
N LYS C 710 -35.33 49.81 -34.25
CA LYS C 710 -35.21 50.60 -35.44
C LYS C 710 -35.81 51.94 -35.33
N TYR C 711 -36.98 52.06 -34.64
CA TYR C 711 -37.82 53.28 -34.71
C TYR C 711 -37.90 53.86 -33.32
N GLY C 712 -37.14 53.34 -32.35
CA GLY C 712 -37.03 53.88 -31.00
C GLY C 712 -35.67 53.67 -30.40
N ASN C 713 -35.63 53.91 -29.06
CA ASN C 713 -34.46 53.75 -28.24
C ASN C 713 -34.82 52.52 -27.55
N TYR C 714 -34.19 51.37 -27.92
CA TYR C 714 -34.46 50.04 -27.44
C TYR C 714 -33.35 49.20 -27.96
N ALA C 715 -33.03 48.08 -27.19
CA ALA C 715 -32.12 47.05 -27.58
C ALA C 715 -32.86 45.80 -27.36
N PHE C 716 -32.84 44.90 -28.42
CA PHE C 716 -33.64 43.63 -28.44
C PHE C 716 -32.82 42.43 -28.40
N VAL C 717 -32.91 41.60 -27.32
CA VAL C 717 -32.09 40.46 -27.17
C VAL C 717 -32.77 39.30 -27.88
N TRP C 718 -32.05 38.55 -28.75
CA TRP C 718 -32.53 37.51 -29.64
C TRP C 718 -31.36 36.67 -30.08
N ASP C 719 -31.63 35.75 -31.01
CA ASP C 719 -30.60 35.01 -31.66
C ASP C 719 -29.66 35.87 -32.43
N ALA C 720 -28.33 35.86 -32.20
CA ALA C 720 -27.30 36.73 -32.79
C ALA C 720 -27.23 36.63 -34.27
N ALA C 721 -27.39 35.42 -34.87
CA ALA C 721 -27.42 35.21 -36.35
C ALA C 721 -28.58 35.91 -37.09
N VAL C 722 -29.80 35.92 -36.53
CA VAL C 722 -30.90 36.82 -37.00
C VAL C 722 -30.60 38.30 -36.88
N LEU C 723 -30.20 38.88 -35.76
CA LEU C 723 -29.85 40.29 -35.69
C LEU C 723 -28.65 40.80 -36.50
N GLU C 724 -27.65 39.96 -36.78
CA GLU C 724 -26.56 40.33 -37.66
C GLU C 724 -26.84 40.41 -39.10
N TYR C 725 -27.76 39.43 -39.56
CA TYR C 725 -28.24 39.34 -40.92
C TYR C 725 -29.06 40.68 -41.18
N VAL C 726 -29.96 41.09 -40.23
CA VAL C 726 -30.82 42.23 -40.21
C VAL C 726 -29.90 43.49 -40.26
N ALA C 727 -28.91 43.56 -39.31
CA ALA C 727 -28.06 44.73 -39.27
C ALA C 727 -27.22 44.95 -40.41
N ILE C 728 -26.54 43.91 -40.99
CA ILE C 728 -25.69 44.04 -42.15
C ILE C 728 -26.45 44.52 -43.41
N ASN C 729 -27.72 43.99 -43.55
CA ASN C 729 -28.50 44.11 -44.79
C ASN C 729 -29.51 45.25 -44.76
N ASP C 730 -29.48 45.97 -43.66
CA ASP C 730 -30.34 47.15 -43.50
C ASP C 730 -29.88 48.24 -44.49
N PRO C 731 -30.78 48.97 -45.13
CA PRO C 731 -30.41 49.89 -46.12
C PRO C 731 -29.79 51.09 -45.59
N ASP C 732 -30.26 51.45 -44.36
CA ASP C 732 -29.86 52.65 -43.67
C ASP C 732 -28.57 52.52 -42.90
N CYS C 733 -28.32 51.26 -42.48
CA CYS C 733 -27.24 50.78 -41.57
C CYS C 733 -27.54 51.48 -40.22
N SER C 734 -28.83 51.39 -39.73
CA SER C 734 -29.23 52.12 -38.59
C SER C 734 -29.31 51.30 -37.34
N PHE C 735 -28.82 50.02 -37.47
CA PHE C 735 -28.65 49.01 -36.49
C PHE C 735 -27.17 48.74 -36.25
N TYR C 736 -26.79 48.26 -35.06
CA TYR C 736 -25.47 47.60 -34.80
C TYR C 736 -25.69 46.33 -33.97
N THR C 737 -24.87 45.24 -34.04
CA THR C 737 -25.11 43.96 -33.33
C THR C 737 -23.73 43.42 -32.88
N VAL C 738 -23.70 42.88 -31.61
CA VAL C 738 -22.62 42.06 -31.09
C VAL C 738 -23.38 40.95 -30.51
N GLY C 739 -22.81 39.73 -30.37
CA GLY C 739 -23.43 38.57 -29.71
C GLY C 739 -22.44 37.48 -29.67
N ASN C 740 -22.60 36.63 -28.61
CA ASN C 740 -21.84 35.51 -28.23
C ASN C 740 -22.52 34.28 -28.54
N THR C 741 -21.74 33.32 -29.01
CA THR C 741 -22.20 32.01 -29.45
C THR C 741 -22.63 31.22 -28.18
N VAL C 742 -23.46 30.14 -28.30
CA VAL C 742 -23.84 29.30 -27.26
C VAL C 742 -23.50 27.90 -27.68
N ALA C 743 -22.53 27.25 -26.97
CA ALA C 743 -22.17 25.89 -27.21
C ALA C 743 -23.20 24.96 -26.62
N ASP C 744 -23.25 23.75 -27.18
CA ASP C 744 -24.11 22.60 -26.72
C ASP C 744 -25.54 22.95 -26.83
N ARG C 745 -25.87 23.78 -27.90
CA ARG C 745 -27.15 24.26 -28.19
C ARG C 745 -27.14 24.55 -29.69
N GLY C 746 -28.19 24.18 -30.45
CA GLY C 746 -28.12 24.30 -31.84
C GLY C 746 -29.39 23.73 -32.45
N TYR C 747 -29.59 23.76 -33.76
CA TYR C 747 -30.95 23.37 -34.27
C TYR C 747 -30.82 21.92 -34.73
N GLY C 748 -31.92 21.15 -34.48
CA GLY C 748 -31.96 19.84 -34.97
C GLY C 748 -33.29 19.62 -35.53
N ILE C 749 -33.46 18.50 -36.29
CA ILE C 749 -34.66 18.06 -37.01
C ILE C 749 -35.39 17.35 -35.89
N ALA C 750 -36.64 17.81 -35.76
CA ALA C 750 -37.41 17.27 -34.70
C ALA C 750 -38.32 16.27 -35.37
N LEU C 751 -38.66 15.21 -34.61
CA LEU C 751 -39.33 14.09 -35.21
C LEU C 751 -40.43 13.51 -34.33
N GLN C 752 -41.22 12.49 -34.85
CA GLN C 752 -42.10 11.77 -34.06
C GLN C 752 -41.47 11.14 -32.81
N HIS C 753 -42.23 10.97 -31.74
CA HIS C 753 -41.76 10.19 -30.60
C HIS C 753 -41.67 8.75 -31.02
N GLY C 754 -40.53 8.13 -30.84
CA GLY C 754 -40.16 6.90 -31.40
C GLY C 754 -39.99 6.74 -32.93
N SER C 755 -39.63 7.86 -33.56
CA SER C 755 -39.43 7.89 -35.04
C SER C 755 -38.25 7.00 -35.44
N PRO C 756 -38.41 6.10 -36.44
CA PRO C 756 -37.35 5.21 -36.92
C PRO C 756 -36.15 5.85 -37.63
N TYR C 757 -36.43 6.93 -38.37
CA TYR C 757 -35.53 7.64 -39.33
C TYR C 757 -34.41 8.45 -38.66
N ARG C 758 -34.36 8.52 -37.33
CA ARG C 758 -33.33 9.34 -36.64
C ARG C 758 -31.92 8.89 -37.04
N ASP C 759 -31.67 7.57 -37.16
CA ASP C 759 -30.32 7.03 -37.50
C ASP C 759 -29.84 7.52 -38.87
N VAL C 760 -30.71 7.51 -39.89
CA VAL C 760 -30.32 7.92 -41.24
C VAL C 760 -30.15 9.46 -41.48
N PHE C 761 -30.97 10.33 -40.86
CA PHE C 761 -30.96 11.78 -40.87
C PHE C 761 -29.64 12.15 -40.24
N SER C 762 -29.22 11.46 -39.14
CA SER C 762 -28.09 11.84 -38.35
C SER C 762 -26.84 11.62 -39.19
N GLN C 763 -26.74 10.49 -39.93
CA GLN C 763 -25.57 10.12 -40.73
C GLN C 763 -25.41 11.13 -41.81
N ARG C 764 -26.51 11.47 -42.54
CA ARG C 764 -26.39 12.41 -43.57
C ARG C 764 -25.93 13.82 -43.14
N ILE C 765 -26.42 14.21 -41.95
CA ILE C 765 -26.09 15.48 -41.27
C ILE C 765 -24.62 15.57 -41.04
N LEU C 766 -24.05 14.52 -40.50
CA LEU C 766 -22.62 14.31 -40.24
C LEU C 766 -21.76 14.50 -41.54
N GLU C 767 -22.24 13.84 -42.62
CA GLU C 767 -21.51 13.87 -43.91
C GLU C 767 -21.41 15.29 -44.43
N LEU C 768 -22.60 15.95 -44.33
CA LEU C 768 -22.64 17.29 -44.86
C LEU C 768 -21.68 18.24 -44.20
N GLN C 769 -21.54 18.15 -42.88
CA GLN C 769 -20.67 19.05 -42.13
C GLN C 769 -19.24 18.72 -42.43
N GLN C 770 -18.95 17.43 -42.52
CA GLN C 770 -17.60 16.99 -42.82
C GLN C 770 -17.03 17.43 -44.18
N SER C 771 -17.82 17.27 -45.29
CA SER C 771 -17.48 17.70 -46.66
C SER C 771 -17.49 19.24 -46.84
N GLY C 772 -18.13 19.92 -45.88
CA GLY C 772 -18.19 21.35 -45.75
C GLY C 772 -19.20 21.89 -46.75
N ASP C 773 -20.23 21.03 -47.19
CA ASP C 773 -21.28 21.39 -48.11
C ASP C 773 -22.24 22.27 -47.21
N MET C 774 -22.30 21.94 -45.89
CA MET C 774 -23.14 22.64 -44.87
C MET C 774 -22.71 24.05 -44.59
N ASP C 775 -21.35 24.31 -44.66
CA ASP C 775 -20.62 25.63 -44.43
C ASP C 775 -20.83 26.56 -45.60
N ILE C 776 -21.28 26.02 -46.77
CA ILE C 776 -21.65 26.77 -47.93
C ILE C 776 -23.12 27.23 -47.78
N LEU C 777 -23.94 26.48 -47.05
CA LEU C 777 -25.25 26.89 -46.73
C LEU C 777 -25.22 28.08 -45.80
N LYS C 778 -24.24 28.10 -44.82
CA LYS C 778 -24.07 29.18 -43.84
C LYS C 778 -23.59 30.46 -44.55
N HIS C 779 -22.83 30.41 -45.64
CA HIS C 779 -22.31 31.52 -46.41
C HIS C 779 -23.36 32.20 -47.15
N LYS C 780 -24.47 31.50 -47.56
CA LYS C 780 -25.52 32.03 -48.43
C LYS C 780 -26.23 33.09 -47.70
N TRP C 781 -26.38 33.02 -46.36
CA TRP C 781 -27.14 34.04 -45.60
C TRP C 781 -26.20 34.88 -44.86
N TRP C 782 -24.99 34.41 -44.48
CA TRP C 782 -24.06 35.14 -43.66
C TRP C 782 -22.66 35.00 -44.18
N PRO C 783 -22.02 35.95 -44.86
CA PRO C 783 -20.72 35.77 -45.43
C PRO C 783 -19.65 35.41 -44.43
N ASP D 1 37.36 -25.94 -0.54
CA ASP D 1 38.70 -26.36 -1.02
C ASP D 1 39.74 -25.47 -0.33
N SER D 2 40.48 -24.61 -1.09
CA SER D 2 41.40 -23.62 -0.50
C SER D 2 40.65 -22.53 0.26
N ILE D 3 41.36 -21.72 1.07
CA ILE D 3 40.82 -20.54 1.73
C ILE D 3 40.55 -19.42 0.75
N ILE D 4 41.13 -19.48 -0.47
CA ILE D 4 40.68 -18.68 -1.60
C ILE D 4 40.24 -19.63 -2.69
N HIS D 5 38.92 -19.93 -2.72
CA HIS D 5 38.30 -20.83 -3.67
C HIS D 5 37.09 -20.13 -4.26
N ILE D 6 36.91 -20.20 -5.58
CA ILE D 6 35.79 -19.56 -6.27
C ILE D 6 35.05 -20.54 -7.16
N GLY D 7 33.75 -20.27 -7.39
CA GLY D 7 32.91 -21.12 -8.21
C GLY D 7 32.58 -20.47 -9.51
N ALA D 8 32.54 -21.26 -10.59
CA ALA D 8 32.14 -20.78 -11.90
C ALA D 8 31.03 -21.65 -12.45
N ILE D 9 29.95 -21.00 -12.92
CA ILE D 9 28.82 -21.69 -13.54
C ILE D 9 28.80 -21.24 -14.98
N PHE D 10 29.06 -22.17 -15.92
CA PHE D 10 29.19 -21.83 -17.32
C PHE D 10 28.16 -22.53 -18.18
N ASP D 11 27.62 -21.76 -19.15
CA ASP D 11 26.80 -22.19 -20.25
C ASP D 11 27.50 -23.24 -21.10
N GLU D 12 26.74 -24.12 -21.77
CA GLU D 12 27.31 -25.19 -22.57
C GLU D 12 27.98 -24.68 -23.83
N SER D 13 27.62 -23.44 -24.24
CA SER D 13 28.27 -22.74 -25.33
C SER D 13 29.42 -21.87 -24.83
N ALA D 14 29.61 -21.74 -23.49
CA ALA D 14 30.60 -20.86 -22.88
C ALA D 14 31.94 -21.56 -22.68
N LYS D 15 32.31 -22.45 -23.62
CA LYS D 15 33.55 -23.20 -23.61
C LYS D 15 34.78 -22.33 -23.65
N LYS D 16 34.74 -21.27 -24.48
CA LYS D 16 35.82 -20.30 -24.56
C LYS D 16 36.00 -19.49 -23.29
N ASP D 17 34.88 -19.15 -22.61
CA ASP D 17 34.90 -18.50 -21.32
C ASP D 17 35.59 -19.38 -20.25
N ASP D 18 35.32 -20.72 -20.21
CA ASP D 18 36.06 -21.65 -19.34
C ASP D 18 37.55 -21.70 -19.65
N GLU D 19 37.94 -21.78 -20.95
CA GLU D 19 39.34 -21.77 -21.39
C GLU D 19 40.11 -20.55 -20.92
N VAL D 20 39.52 -19.35 -21.09
CA VAL D 20 40.07 -18.09 -20.62
C VAL D 20 40.05 -17.92 -19.10
N PHE D 21 38.98 -18.34 -18.40
CA PHE D 21 38.86 -18.32 -16.95
C PHE D 21 39.98 -19.12 -16.27
N ARG D 22 40.23 -20.36 -16.74
CA ARG D 22 41.30 -21.23 -16.25
C ARG D 22 42.69 -20.68 -16.50
N THR D 23 42.89 -20.11 -17.70
CA THR D 23 44.14 -19.45 -18.11
C THR D 23 44.47 -18.27 -17.23
N ALA D 24 43.46 -17.47 -16.82
CA ALA D 24 43.63 -16.36 -15.92
C ALA D 24 44.13 -16.78 -14.54
N VAL D 25 43.58 -17.88 -13.98
CA VAL D 25 44.10 -18.48 -12.75
C VAL D 25 45.52 -18.98 -12.92
N GLY D 26 45.82 -19.63 -14.06
CA GLY D 26 47.16 -19.98 -14.51
C GLY D 26 48.16 -18.85 -14.47
N ASP D 27 47.84 -17.69 -15.11
CA ASP D 27 48.66 -16.49 -15.10
C ASP D 27 48.94 -15.97 -13.68
N LEU D 28 47.93 -15.96 -12.79
CA LEU D 28 48.10 -15.60 -11.37
C LEU D 28 49.09 -16.50 -10.62
N ASN D 29 49.17 -17.79 -11.01
CA ASN D 29 50.05 -18.74 -10.36
C ASN D 29 51.50 -18.57 -10.78
N GLN D 30 51.77 -17.85 -11.89
CA GLN D 30 53.11 -17.67 -12.40
C GLN D 30 53.87 -16.52 -11.71
N ASN D 31 53.14 -15.68 -10.92
CA ASN D 31 53.78 -14.56 -10.22
C ASN D 31 53.00 -14.14 -8.96
N GLU D 32 53.71 -14.01 -7.80
CA GLU D 32 53.07 -13.65 -6.54
C GLU D 32 53.07 -12.14 -6.38
N GLU D 33 52.10 -11.45 -7.03
CA GLU D 33 51.98 -10.00 -6.90
C GLU D 33 50.73 -9.63 -6.12
N ILE D 34 49.60 -10.30 -6.40
CA ILE D 34 48.34 -10.08 -5.71
C ILE D 34 47.97 -11.39 -5.03
N LEU D 35 47.52 -11.32 -3.76
CA LEU D 35 47.19 -12.46 -2.93
C LEU D 35 48.39 -13.23 -2.35
N GLN D 36 48.86 -12.79 -1.15
CA GLN D 36 49.88 -13.44 -0.35
C GLN D 36 49.40 -14.65 0.46
N THR D 37 48.10 -14.67 0.89
CA THR D 37 47.58 -15.78 1.71
C THR D 37 47.39 -17.09 0.99
N GLU D 38 46.79 -17.08 -0.21
CA GLU D 38 46.59 -18.27 -1.01
C GLU D 38 46.35 -17.83 -2.43
N LYS D 39 46.42 -18.77 -3.38
CA LYS D 39 46.13 -18.53 -4.77
C LYS D 39 44.70 -18.98 -5.08
N ILE D 40 44.12 -18.50 -6.19
CA ILE D 40 42.78 -18.91 -6.60
C ILE D 40 42.72 -20.38 -7.02
N THR D 41 41.93 -21.20 -6.28
CA THR D 41 41.45 -22.48 -6.80
C THR D 41 40.03 -22.30 -7.32
N PHE D 42 39.57 -23.26 -8.14
CA PHE D 42 38.33 -23.10 -8.85
C PHE D 42 37.60 -24.40 -9.04
N SER D 43 36.26 -24.37 -8.97
CA SER D 43 35.42 -25.45 -9.44
C SER D 43 34.56 -24.89 -10.53
N VAL D 44 34.62 -25.47 -11.73
CA VAL D 44 33.81 -25.06 -12.87
C VAL D 44 32.73 -26.09 -13.06
N THR D 45 31.45 -25.67 -13.10
CA THR D 45 30.36 -26.59 -13.41
C THR D 45 29.74 -26.17 -14.71
N PHE D 46 29.39 -27.17 -15.55
CA PHE D 46 28.70 -26.94 -16.80
C PHE D 46 27.25 -27.31 -16.57
N VAL D 47 26.34 -26.39 -16.93
CA VAL D 47 24.93 -26.53 -16.66
C VAL D 47 24.14 -26.19 -17.89
N ASP D 48 23.01 -26.88 -18.10
CA ASP D 48 22.04 -26.52 -19.12
C ASP D 48 21.49 -25.09 -18.86
N GLY D 49 21.63 -24.21 -19.89
CA GLY D 49 21.19 -22.83 -19.82
C GLY D 49 19.68 -22.69 -19.93
N ASN D 50 18.97 -23.79 -20.22
CA ASN D 50 17.53 -23.82 -20.27
C ASN D 50 16.94 -24.49 -19.03
N ASN D 51 17.79 -25.01 -18.12
CA ASN D 51 17.37 -25.70 -16.91
C ASN D 51 17.82 -24.89 -15.68
N PRO D 52 16.93 -24.10 -15.05
CA PRO D 52 17.32 -23.25 -13.93
C PRO D 52 17.60 -24.02 -12.67
N PHE D 53 16.95 -25.19 -12.51
CA PHE D 53 17.12 -26.07 -11.36
C PHE D 53 18.54 -26.62 -11.30
N GLN D 54 19.08 -27.09 -12.45
CA GLN D 54 20.43 -27.61 -12.55
C GLN D 54 21.50 -26.56 -12.25
N ALA D 55 21.28 -25.31 -12.70
CA ALA D 55 22.16 -24.21 -12.40
C ALA D 55 22.29 -23.93 -10.91
N VAL D 56 21.17 -23.88 -10.18
CA VAL D 56 21.12 -23.79 -8.72
C VAL D 56 21.67 -25.02 -8.01
N GLN D 57 21.36 -26.25 -8.48
CA GLN D 57 21.82 -27.51 -7.87
C GLN D 57 23.32 -27.60 -7.71
N GLU D 58 24.07 -27.39 -8.81
CA GLU D 58 25.53 -27.38 -8.80
C GLU D 58 26.10 -26.25 -7.95
N ALA D 59 25.51 -25.03 -8.04
CA ALA D 59 25.92 -23.85 -7.31
C ALA D 59 25.83 -24.00 -5.80
N CYS D 60 24.78 -24.67 -5.30
CA CYS D 60 24.59 -24.98 -3.90
C CYS D 60 25.71 -25.84 -3.31
N GLU D 61 26.22 -26.84 -4.06
CA GLU D 61 27.34 -27.67 -3.62
C GLU D 61 28.62 -26.86 -3.42
N LEU D 62 28.89 -25.92 -4.35
CA LEU D 62 29.98 -24.97 -4.23
C LEU D 62 29.84 -24.07 -3.01
N MET D 63 28.63 -23.54 -2.74
CA MET D 63 28.33 -22.76 -1.57
C MET D 63 28.46 -23.51 -0.25
N ASN D 64 28.16 -24.82 -0.21
CA ASN D 64 28.37 -25.68 0.94
C ASN D 64 29.83 -25.81 1.32
N GLN D 65 30.73 -25.93 0.31
CA GLN D 65 32.16 -25.83 0.52
C GLN D 65 32.58 -24.44 0.95
N GLY D 66 31.92 -23.44 0.35
CA GLY D 66 32.20 -22.04 0.48
C GLY D 66 32.95 -21.55 -0.73
N ILE D 67 32.46 -20.47 -1.32
CA ILE D 67 33.10 -19.79 -2.42
C ILE D 67 33.04 -18.32 -2.11
N LEU D 68 34.08 -17.55 -2.47
CA LEU D 68 34.15 -16.18 -2.00
C LEU D 68 33.58 -15.21 -3.03
N ALA D 69 33.28 -15.76 -4.21
CA ALA D 69 32.60 -15.08 -5.27
C ALA D 69 32.05 -16.16 -6.18
N LEU D 70 31.01 -15.84 -6.97
CA LEU D 70 30.49 -16.72 -8.00
C LEU D 70 30.56 -16.01 -9.33
N VAL D 71 31.16 -16.66 -10.34
CA VAL D 71 31.24 -16.15 -11.69
C VAL D 71 30.23 -16.89 -12.55
N SER D 72 29.40 -16.16 -13.32
CA SER D 72 28.54 -16.81 -14.30
C SER D 72 28.60 -16.11 -15.62
N SER D 73 28.81 -16.90 -16.68
CA SER D 73 28.64 -16.44 -18.05
C SER D 73 27.66 -17.38 -18.70
N ILE D 74 26.40 -16.95 -18.84
CA ILE D 74 25.29 -17.84 -19.09
C ILE D 74 24.12 -17.08 -19.68
N GLY D 75 23.32 -17.73 -20.53
CA GLY D 75 22.05 -17.23 -21.03
C GLY D 75 21.04 -16.78 -19.99
N CYS D 76 20.12 -15.89 -20.41
CA CYS D 76 19.16 -15.18 -19.57
C CYS D 76 18.27 -16.05 -18.71
N THR D 77 17.77 -17.19 -19.24
CA THR D 77 16.87 -18.12 -18.58
C THR D 77 17.38 -18.67 -17.25
N SER D 78 18.62 -19.17 -17.20
CA SER D 78 19.14 -19.75 -15.96
C SER D 78 20.01 -18.78 -15.20
N ALA D 79 20.36 -17.63 -15.82
CA ALA D 79 21.12 -16.58 -15.19
C ALA D 79 20.44 -15.98 -13.97
N GLY D 80 19.11 -15.76 -14.05
CA GLY D 80 18.34 -15.15 -12.97
C GLY D 80 18.17 -16.00 -11.75
N SER D 81 18.03 -17.32 -11.93
CA SER D 81 17.93 -18.29 -10.83
C SER D 81 19.21 -18.32 -10.00
N LEU D 82 20.37 -18.24 -10.69
CA LEU D 82 21.66 -18.00 -10.07
C LEU D 82 21.80 -16.63 -9.40
N GLN D 83 21.31 -15.54 -10.02
CA GLN D 83 21.34 -14.21 -9.43
C GLN D 83 20.55 -14.14 -8.14
N SER D 84 19.32 -14.71 -8.12
CA SER D 84 18.49 -14.76 -6.93
C SER D 84 19.09 -15.60 -5.81
N LEU D 85 19.73 -16.74 -6.14
CA LEU D 85 20.48 -17.55 -5.19
C LEU D 85 21.67 -16.79 -4.58
N ALA D 86 22.44 -16.07 -5.41
CA ALA D 86 23.55 -15.25 -4.99
C ALA D 86 23.14 -14.09 -4.10
N ASP D 87 22.03 -13.40 -4.44
CA ASP D 87 21.40 -12.39 -3.62
C ASP D 87 20.97 -12.94 -2.25
N ALA D 88 20.35 -14.13 -2.24
CA ALA D 88 19.87 -14.79 -1.05
C ALA D 88 20.97 -15.25 -0.10
N MET D 89 22.09 -15.81 -0.63
CA MET D 89 23.14 -16.42 0.17
C MET D 89 24.27 -15.45 0.48
N HIS D 90 24.16 -14.20 -0.01
CA HIS D 90 25.12 -13.12 0.15
C HIS D 90 26.49 -13.46 -0.43
N ILE D 91 26.48 -14.02 -1.65
CA ILE D 91 27.68 -14.35 -2.39
C ILE D 91 27.68 -13.43 -3.60
N PRO D 92 28.71 -12.63 -3.87
CA PRO D 92 28.76 -11.77 -5.05
C PRO D 92 28.51 -12.44 -6.39
N HIS D 93 27.54 -11.94 -7.16
CA HIS D 93 27.23 -12.49 -8.47
C HIS D 93 27.94 -11.68 -9.52
N LEU D 94 28.95 -12.29 -10.17
CA LEU D 94 29.65 -11.65 -11.27
C LEU D 94 29.01 -12.09 -12.57
N PHE D 95 28.04 -11.30 -13.10
CA PHE D 95 27.30 -11.68 -14.29
C PHE D 95 27.94 -11.11 -15.53
N ILE D 96 28.38 -12.00 -16.44
CA ILE D 96 28.76 -11.64 -17.78
C ILE D 96 27.63 -12.09 -18.68
N GLN D 97 26.81 -11.13 -19.13
CA GLN D 97 25.68 -11.43 -20.00
C GLN D 97 26.10 -11.95 -21.36
N ARG D 98 25.61 -13.15 -21.71
CA ARG D 98 25.84 -13.77 -22.99
C ARG D 98 24.62 -13.62 -23.88
N SER D 99 24.88 -13.45 -25.19
CA SER D 99 23.90 -13.54 -26.26
C SER D 99 24.39 -14.65 -27.15
N THR D 100 23.48 -15.29 -27.92
CA THR D 100 23.84 -16.36 -28.83
C THR D 100 24.36 -15.84 -30.15
N ALA D 101 25.40 -16.53 -30.66
CA ALA D 101 25.97 -16.34 -31.97
C ALA D 101 26.46 -14.94 -32.30
N GLY D 102 26.87 -14.14 -31.30
CA GLY D 102 27.34 -12.78 -31.53
C GLY D 102 26.25 -11.78 -31.82
N THR D 103 24.96 -12.15 -31.67
CA THR D 103 23.86 -11.22 -31.99
C THR D 103 23.76 -10.06 -30.98
N PRO D 104 23.34 -8.84 -31.35
CA PRO D 104 23.09 -7.70 -30.44
C PRO D 104 22.38 -8.01 -29.16
N ARG D 105 22.76 -7.35 -28.05
CA ARG D 105 22.18 -7.67 -26.76
C ARG D 105 20.92 -6.87 -26.42
N SER D 106 20.09 -7.50 -25.57
CA SER D 106 18.86 -6.95 -25.03
C SER D 106 18.81 -7.39 -23.59
N GLY D 107 17.82 -6.91 -22.79
CA GLY D 107 17.62 -7.39 -21.43
C GLY D 107 17.13 -8.83 -21.35
N CYS D 108 17.07 -9.39 -20.12
CA CYS D 108 16.55 -10.75 -19.94
C CYS D 108 15.09 -10.75 -19.51
N GLY D 109 14.57 -9.60 -19.02
CA GLY D 109 13.20 -9.43 -18.55
C GLY D 109 12.91 -9.89 -17.14
N LEU D 110 13.91 -10.48 -16.44
CA LEU D 110 13.81 -10.90 -15.04
C LEU D 110 14.39 -9.83 -14.10
N THR D 111 15.62 -9.38 -14.41
CA THR D 111 16.42 -8.46 -13.60
C THR D 111 16.99 -9.06 -12.30
N ARG D 112 17.19 -8.25 -11.26
CA ARG D 112 17.75 -8.66 -9.97
C ARG D 112 16.60 -9.04 -9.05
N SER D 113 16.83 -9.89 -8.02
CA SER D 113 15.77 -10.22 -7.07
C SER D 113 15.30 -9.04 -6.23
N ASN D 114 14.05 -8.59 -6.45
CA ASN D 114 13.47 -7.40 -5.86
C ASN D 114 13.30 -7.42 -4.34
N ARG D 115 13.04 -8.60 -3.73
CA ARG D 115 12.84 -8.66 -2.27
C ARG D 115 14.14 -9.01 -1.56
N ASN D 116 15.27 -8.96 -2.28
CA ASN D 116 16.56 -9.27 -1.71
C ASN D 116 17.42 -8.04 -1.89
N ASP D 117 18.42 -7.86 -1.02
CA ASP D 117 19.48 -6.88 -1.22
C ASP D 117 20.25 -7.03 -2.53
N ASP D 118 21.13 -6.05 -2.81
CA ASP D 118 21.93 -6.07 -4.01
C ASP D 118 23.28 -6.78 -3.80
N TYR D 119 23.48 -7.95 -4.46
CA TYR D 119 24.74 -8.66 -4.50
C TYR D 119 25.21 -8.88 -5.93
N THR D 120 24.61 -8.16 -6.89
CA THR D 120 24.79 -8.43 -8.31
C THR D 120 25.66 -7.38 -8.95
N LEU D 121 26.74 -7.81 -9.64
CA LEU D 121 27.66 -6.94 -10.34
C LEU D 121 27.53 -7.20 -11.83
N SER D 122 27.27 -6.13 -12.61
CA SER D 122 27.07 -6.21 -14.04
C SER D 122 28.38 -5.88 -14.71
N VAL D 123 29.09 -6.94 -15.14
CA VAL D 123 30.47 -6.84 -15.59
C VAL D 123 30.55 -6.30 -17.01
N ARG D 124 29.42 -6.32 -17.74
CA ARG D 124 29.31 -5.76 -19.08
C ARG D 124 28.44 -4.52 -19.02
N PRO D 125 28.73 -3.48 -19.81
CA PRO D 125 27.96 -2.24 -19.83
C PRO D 125 26.47 -2.43 -20.12
N PRO D 126 25.58 -1.59 -19.57
CA PRO D 126 24.21 -1.46 -20.02
C PRO D 126 24.07 -1.27 -21.53
N VAL D 127 22.93 -1.67 -22.11
CA VAL D 127 22.70 -1.53 -23.53
C VAL D 127 22.45 -0.07 -23.91
N TYR D 128 23.38 0.56 -24.67
CA TYR D 128 23.23 1.95 -25.10
C TYR D 128 22.81 2.04 -26.57
N LEU D 129 22.33 0.92 -27.15
CA LEU D 129 22.07 0.75 -28.58
C LEU D 129 21.16 1.81 -29.19
N ASN D 130 20.03 2.13 -28.50
CA ASN D 130 19.10 3.18 -28.90
C ASN D 130 19.70 4.57 -28.97
N GLU D 131 20.52 4.97 -27.97
CA GLU D 131 21.18 6.26 -27.93
C GLU D 131 22.21 6.45 -29.04
N VAL D 132 23.03 5.41 -29.28
CA VAL D 132 24.04 5.43 -30.31
C VAL D 132 23.44 5.47 -31.70
N ILE D 133 22.45 4.58 -32.00
CA ILE D 133 21.85 4.53 -33.32
C ILE D 133 21.09 5.77 -33.70
N LEU D 134 20.36 6.37 -32.73
CA LEU D 134 19.62 7.61 -32.87
C LEU D 134 20.50 8.80 -33.22
N ARG D 135 21.70 8.90 -32.60
CA ARG D 135 22.68 9.91 -32.96
C ARG D 135 23.18 9.74 -34.39
N VAL D 136 23.56 8.51 -34.78
CA VAL D 136 24.13 8.25 -36.11
C VAL D 136 23.14 8.50 -37.24
N VAL D 137 21.86 8.07 -37.11
CA VAL D 137 20.84 8.31 -38.12
C VAL D 137 20.49 9.78 -38.33
N THR D 138 20.45 10.56 -37.23
CA THR D 138 20.20 12.01 -37.23
C THR D 138 21.26 12.79 -38.00
N GLU D 139 22.55 12.46 -37.77
CA GLU D 139 23.69 13.08 -38.40
C GLU D 139 23.69 12.92 -39.92
N TYR D 140 23.26 11.74 -40.41
CA TYR D 140 23.18 11.46 -41.83
C TYR D 140 21.82 11.85 -42.43
N ALA D 141 20.93 12.48 -41.65
CA ALA D 141 19.61 12.90 -42.04
C ALA D 141 18.70 11.78 -42.55
N TRP D 142 18.62 10.65 -41.81
CA TRP D 142 17.78 9.55 -42.23
C TRP D 142 16.36 9.72 -41.70
N GLN D 143 15.47 10.27 -42.53
CA GLN D 143 14.06 10.40 -42.20
C GLN D 143 13.23 9.25 -42.73
N LYS D 144 13.87 8.37 -43.52
CA LYS D 144 13.22 7.22 -44.13
C LYS D 144 14.19 6.06 -44.08
N PHE D 145 13.88 5.02 -43.30
CA PHE D 145 14.75 3.85 -43.19
C PHE D 145 14.02 2.61 -42.75
N ILE D 146 14.65 1.44 -42.92
CA ILE D 146 14.11 0.16 -42.48
C ILE D 146 15.09 -0.48 -41.53
N ILE D 147 14.58 -1.04 -40.41
CA ILE D 147 15.38 -1.82 -39.49
C ILE D 147 15.14 -3.30 -39.73
N PHE D 148 16.21 -4.00 -40.14
CA PHE D 148 16.21 -5.43 -40.31
C PHE D 148 16.90 -6.03 -39.11
N TYR D 149 16.25 -7.00 -38.50
CA TYR D 149 16.77 -7.72 -37.37
C TYR D 149 16.50 -9.18 -37.63
N ASP D 150 17.34 -10.07 -37.09
CA ASP D 150 17.21 -11.51 -37.24
C ASP D 150 16.34 -12.05 -36.12
N SER D 151 16.12 -13.38 -36.06
CA SER D 151 15.17 -13.95 -35.13
C SER D 151 15.79 -14.33 -33.81
N GLU D 152 17.08 -14.00 -33.57
CA GLU D 152 17.71 -14.23 -32.29
C GLU D 152 17.70 -12.98 -31.41
N TYR D 153 17.26 -11.84 -31.96
CA TYR D 153 17.20 -10.56 -31.28
C TYR D 153 15.82 -10.31 -30.66
N ASP D 154 15.74 -9.78 -29.41
CA ASP D 154 14.49 -9.39 -28.77
C ASP D 154 14.28 -7.90 -28.98
N ILE D 155 13.05 -7.53 -29.43
CA ILE D 155 12.70 -6.18 -29.84
C ILE D 155 12.12 -5.36 -28.72
N ARG D 156 12.18 -5.87 -27.49
CA ARG D 156 11.89 -5.04 -26.32
C ARG D 156 13.05 -4.12 -25.97
N GLY D 157 14.07 -4.01 -26.84
CA GLY D 157 15.20 -3.11 -26.70
C GLY D 157 15.15 -1.94 -27.65
N ILE D 158 14.22 -1.92 -28.65
CA ILE D 158 14.03 -0.75 -29.52
C ILE D 158 12.70 -0.07 -29.27
N GLN D 159 11.97 -0.41 -28.18
CA GLN D 159 10.68 0.19 -27.89
C GLN D 159 10.71 1.71 -27.68
N GLU D 160 11.68 2.21 -26.89
CA GLU D 160 11.89 3.61 -26.61
C GLU D 160 12.40 4.36 -27.84
N PHE D 161 13.15 3.64 -28.69
CA PHE D 161 13.61 4.17 -29.96
C PHE D 161 12.45 4.52 -30.88
N LEU D 162 11.44 3.62 -30.96
CA LEU D 162 10.24 3.80 -31.75
C LEU D 162 9.41 4.98 -31.30
N ASP D 163 9.31 5.21 -29.98
CA ASP D 163 8.70 6.40 -29.42
C ASP D 163 9.39 7.68 -29.89
N LYS D 164 10.75 7.73 -29.81
CA LYS D 164 11.51 8.90 -30.19
C LYS D 164 11.46 9.23 -31.66
N VAL D 165 11.66 8.23 -32.54
CA VAL D 165 11.64 8.46 -33.97
C VAL D 165 10.28 8.86 -34.49
N SER D 166 9.19 8.28 -33.94
CA SER D 166 7.82 8.70 -34.22
C SER D 166 7.53 10.14 -33.82
N GLN D 167 8.04 10.59 -32.64
CA GLN D 167 7.96 11.98 -32.17
C GLN D 167 8.66 12.95 -33.11
N GLN D 168 9.72 12.48 -33.79
CA GLN D 168 10.50 13.26 -34.72
C GLN D 168 10.03 13.10 -36.16
N GLY D 169 8.94 12.30 -36.38
CA GLY D 169 8.28 12.17 -37.67
C GLY D 169 8.99 11.27 -38.65
N MET D 170 9.88 10.38 -38.18
CA MET D 170 10.67 9.53 -39.07
C MET D 170 9.90 8.30 -39.53
N ASP D 171 10.08 7.92 -40.81
CA ASP D 171 9.54 6.72 -41.40
C ASP D 171 10.50 5.57 -41.11
N VAL D 172 10.18 4.76 -40.08
CA VAL D 172 10.99 3.63 -39.68
C VAL D 172 10.17 2.38 -39.91
N ALA D 173 10.51 1.63 -40.97
CA ALA D 173 9.88 0.38 -41.28
C ALA D 173 10.53 -0.75 -40.48
N LEU D 174 9.75 -1.80 -40.15
CA LEU D 174 10.22 -2.94 -39.39
C LEU D 174 10.16 -4.14 -40.31
N GLN D 175 11.21 -4.97 -40.36
CA GLN D 175 11.05 -6.27 -40.98
C GLN D 175 11.92 -7.25 -40.24
N LYS D 176 11.36 -8.43 -39.90
CA LYS D 176 12.12 -9.53 -39.36
C LYS D 176 12.72 -10.31 -40.51
N VAL D 177 14.01 -10.61 -40.44
CA VAL D 177 14.64 -11.47 -41.42
C VAL D 177 14.43 -12.91 -41.00
N GLU D 178 13.52 -13.60 -41.70
CA GLU D 178 13.15 -14.97 -41.43
C GLU D 178 13.85 -15.92 -42.37
N ASN D 179 13.96 -17.22 -41.97
CA ASN D 179 14.60 -18.28 -42.72
C ASN D 179 16.08 -18.02 -43.09
N ASN D 180 16.67 -18.82 -43.99
CA ASN D 180 17.85 -18.44 -44.72
C ASN D 180 17.53 -17.22 -45.59
N ILE D 181 18.36 -16.17 -45.48
CA ILE D 181 18.18 -14.87 -46.06
C ILE D 181 18.06 -14.91 -47.57
N ASN D 182 18.96 -15.67 -48.23
CA ASN D 182 18.94 -15.83 -49.68
C ASN D 182 17.68 -16.52 -50.16
N LYS D 183 17.23 -17.57 -49.43
CA LYS D 183 16.00 -18.26 -49.76
C LYS D 183 14.77 -17.35 -49.60
N MET D 184 14.71 -16.56 -48.51
CA MET D 184 13.60 -15.62 -48.32
C MET D 184 13.58 -14.51 -49.37
N ILE D 185 14.74 -13.89 -49.69
CA ILE D 185 14.84 -12.82 -50.68
C ILE D 185 14.51 -13.30 -52.09
N THR D 186 15.00 -14.49 -52.51
CA THR D 186 14.64 -15.08 -53.79
C THR D 186 13.14 -15.37 -53.90
N THR D 187 12.53 -15.96 -52.84
CA THR D 187 11.09 -16.20 -52.74
C THR D 187 10.30 -14.90 -52.79
N LEU D 188 10.82 -13.84 -52.17
CA LEU D 188 10.24 -12.52 -52.14
C LEU D 188 10.15 -11.88 -53.52
N PHE D 189 11.16 -12.09 -54.41
CA PHE D 189 11.08 -11.63 -55.79
C PHE D 189 9.94 -12.26 -56.57
N ASP D 190 9.76 -13.59 -56.41
CA ASP D 190 8.75 -14.37 -57.07
C ASP D 190 7.31 -13.97 -56.73
N THR D 191 7.02 -13.64 -55.44
CA THR D 191 5.65 -13.34 -55.02
C THR D 191 5.34 -11.86 -55.02
N MET D 192 6.36 -10.98 -54.91
CA MET D 192 6.14 -9.55 -55.04
C MET D 192 6.00 -9.16 -56.49
N ARG D 193 5.38 -7.99 -56.72
CA ARG D 193 5.18 -7.43 -58.03
C ARG D 193 5.92 -6.10 -58.12
N ILE D 194 5.96 -5.50 -59.33
CA ILE D 194 6.86 -4.41 -59.71
C ILE D 194 6.85 -3.20 -58.78
N GLU D 195 5.67 -2.70 -58.35
CA GLU D 195 5.51 -1.62 -57.38
C GLU D 195 6.05 -1.96 -56.00
N GLU D 196 5.77 -3.18 -55.51
CA GLU D 196 6.20 -3.67 -54.23
C GLU D 196 7.70 -3.87 -54.19
N LEU D 197 8.27 -4.39 -55.30
CA LEU D 197 9.70 -4.49 -55.51
C LEU D 197 10.37 -3.12 -55.51
N ASN D 198 9.75 -2.11 -56.15
CA ASN D 198 10.18 -0.72 -56.09
C ASN D 198 10.14 -0.12 -54.68
N ARG D 199 9.08 -0.41 -53.89
CA ARG D 199 9.02 -0.04 -52.50
C ARG D 199 10.10 -0.69 -51.63
N TYR D 200 10.38 -1.98 -51.86
CA TYR D 200 11.47 -2.71 -51.23
C TYR D 200 12.83 -2.11 -51.58
N ARG D 201 13.05 -1.75 -52.87
CA ARG D 201 14.23 -1.03 -53.31
C ARG D 201 14.42 0.34 -52.68
N ASP D 202 13.33 1.14 -52.52
CA ASP D 202 13.39 2.43 -51.82
C ASP D 202 13.75 2.28 -50.35
N THR D 203 13.17 1.30 -49.61
CA THR D 203 13.53 1.08 -48.21
C THR D 203 14.99 0.68 -48.05
N LEU D 204 15.50 -0.20 -48.93
CA LEU D 204 16.88 -0.63 -48.97
C LEU D 204 17.92 0.45 -49.26
N ARG D 205 17.53 1.67 -49.71
CA ARG D 205 18.46 2.77 -49.82
C ARG D 205 19.10 3.11 -48.48
N ARG D 206 18.30 3.03 -47.40
CA ARG D 206 18.77 3.32 -46.06
C ARG D 206 18.29 2.21 -45.15
N ALA D 207 19.20 1.35 -44.66
CA ALA D 207 18.78 0.25 -43.81
C ALA D 207 19.75 0.02 -42.67
N ILE D 208 19.20 -0.28 -41.49
CA ILE D 208 19.96 -0.62 -40.30
C ILE D 208 19.91 -2.11 -40.12
N LEU D 209 21.07 -2.75 -39.95
CA LEU D 209 21.16 -4.18 -39.75
C LEU D 209 21.51 -4.42 -38.30
N VAL D 210 20.51 -4.86 -37.50
CA VAL D 210 20.66 -5.15 -36.08
C VAL D 210 20.62 -6.66 -35.92
N MET D 211 21.71 -7.34 -36.31
CA MET D 211 21.73 -8.76 -36.54
C MET D 211 23.17 -9.25 -36.44
N ASN D 212 23.39 -10.58 -36.31
CA ASN D 212 24.72 -11.16 -36.23
C ASN D 212 25.57 -11.01 -37.51
N PRO D 213 26.93 -10.99 -37.46
CA PRO D 213 27.72 -10.54 -38.61
C PRO D 213 27.65 -11.43 -39.83
N ALA D 214 27.51 -12.76 -39.67
CA ALA D 214 27.39 -13.69 -40.76
C ALA D 214 26.11 -13.47 -41.59
N THR D 215 24.99 -13.26 -40.89
CA THR D 215 23.69 -12.91 -41.49
C THR D 215 23.74 -11.59 -42.21
N ALA D 216 24.41 -10.57 -41.63
CA ALA D 216 24.60 -9.29 -42.29
C ALA D 216 25.45 -9.37 -43.56
N LYS D 217 26.58 -10.11 -43.54
CA LYS D 217 27.39 -10.35 -44.73
C LYS D 217 26.65 -11.10 -45.83
N SER D 218 25.81 -12.08 -45.47
CA SER D 218 24.94 -12.78 -46.40
C SER D 218 23.89 -11.85 -47.02
N PHE D 219 23.25 -10.99 -46.18
CA PHE D 219 22.28 -9.99 -46.62
C PHE D 219 22.88 -8.98 -47.61
N ILE D 220 24.09 -8.45 -47.31
CA ILE D 220 24.80 -7.51 -48.14
C ILE D 220 25.13 -8.06 -49.52
N SER D 221 25.60 -9.33 -49.66
CA SER D 221 25.90 -9.91 -50.97
C SER D 221 24.68 -9.96 -51.88
N GLU D 222 23.55 -10.45 -51.35
CA GLU D 222 22.32 -10.69 -52.09
C GLU D 222 21.71 -9.43 -52.70
N VAL D 223 21.65 -8.34 -51.90
CA VAL D 223 21.15 -7.07 -52.38
C VAL D 223 22.10 -6.36 -53.33
N VAL D 224 23.44 -6.48 -53.14
CA VAL D 224 24.45 -5.93 -54.04
C VAL D 224 24.47 -6.66 -55.37
N GLU D 225 24.49 -8.02 -55.39
CA GLU D 225 24.55 -8.83 -56.59
C GLU D 225 23.33 -8.71 -57.49
N THR D 226 22.12 -8.55 -56.92
CA THR D 226 20.89 -8.42 -57.68
C THR D 226 20.56 -6.95 -57.97
N ASN D 227 21.50 -6.03 -57.62
CA ASN D 227 21.45 -4.59 -57.82
C ASN D 227 20.10 -3.95 -57.50
N LEU D 228 19.62 -4.18 -56.28
CA LEU D 228 18.39 -3.56 -55.83
C LEU D 228 18.85 -2.15 -55.47
N VAL D 229 19.48 -2.04 -54.31
CA VAL D 229 20.05 -0.76 -53.86
C VAL D 229 21.52 -1.04 -53.60
N ALA D 230 22.41 -0.27 -54.23
CA ALA D 230 23.85 -0.48 -54.06
C ALA D 230 24.71 0.73 -54.42
N PHE D 231 24.42 1.36 -55.54
CA PHE D 231 25.18 2.50 -56.01
C PHE D 231 25.19 3.57 -54.93
N ASP D 232 24.01 3.88 -54.36
CA ASP D 232 23.78 4.90 -53.37
C ASP D 232 23.40 4.32 -52.02
N CYS D 233 23.50 2.97 -51.86
CA CYS D 233 23.16 2.31 -50.61
C CYS D 233 23.97 2.77 -49.41
N HIS D 234 23.29 2.98 -48.28
CA HIS D 234 23.93 3.31 -47.02
C HIS D 234 23.46 2.32 -45.99
N TRP D 235 24.37 1.44 -45.56
CA TRP D 235 24.06 0.42 -44.58
C TRP D 235 24.66 0.80 -43.23
N ILE D 236 23.86 0.80 -42.15
CA ILE D 236 24.38 1.01 -40.80
C ILE D 236 24.36 -0.32 -40.09
N ILE D 237 25.54 -0.75 -39.62
CA ILE D 237 25.68 -2.01 -38.90
C ILE D 237 25.96 -1.68 -37.46
N ILE D 238 25.04 -2.06 -36.56
CA ILE D 238 25.16 -1.73 -35.16
C ILE D 238 25.20 -3.04 -34.35
N ASN D 239 26.43 -3.59 -34.22
CA ASN D 239 26.63 -4.74 -33.38
C ASN D 239 27.88 -4.46 -32.56
N GLU D 240 27.77 -4.56 -31.21
CA GLU D 240 28.91 -4.43 -30.30
C GLU D 240 29.96 -5.49 -30.61
N GLU D 241 29.46 -6.72 -30.90
CA GLU D 241 30.24 -7.89 -31.21
C GLU D 241 30.50 -7.94 -32.71
N ILE D 242 31.72 -7.57 -33.12
CA ILE D 242 32.21 -7.81 -34.46
C ILE D 242 33.71 -7.91 -34.32
N ASN D 243 34.33 -8.81 -35.11
CA ASN D 243 35.77 -9.03 -35.12
C ASN D 243 36.38 -8.55 -36.43
N ASP D 244 37.72 -8.41 -36.45
CA ASP D 244 38.49 -7.74 -37.50
C ASP D 244 38.38 -8.39 -38.88
N VAL D 245 38.35 -9.74 -38.91
CA VAL D 245 38.18 -10.58 -40.09
C VAL D 245 36.83 -10.30 -40.74
N ASP D 246 35.79 -10.17 -39.90
CA ASP D 246 34.46 -9.81 -40.31
C ASP D 246 34.36 -8.39 -40.85
N VAL D 247 35.06 -7.41 -40.24
CA VAL D 247 35.15 -6.05 -40.77
C VAL D 247 35.72 -6.01 -42.17
N GLN D 248 36.83 -6.74 -42.43
CA GLN D 248 37.45 -6.83 -43.73
C GLN D 248 36.58 -7.46 -44.83
N GLU D 249 35.93 -8.59 -44.50
CA GLU D 249 34.99 -9.25 -45.41
C GLU D 249 33.72 -8.45 -45.64
N LEU D 250 33.19 -7.73 -44.61
CA LEU D 250 32.07 -6.81 -44.72
C LEU D 250 32.32 -5.68 -45.72
N VAL D 251 33.50 -5.04 -45.63
CA VAL D 251 34.01 -4.02 -46.54
C VAL D 251 34.15 -4.53 -47.96
N ARG D 252 34.60 -5.79 -48.11
CA ARG D 252 34.84 -6.39 -49.41
C ARG D 252 33.56 -6.75 -50.15
N ARG D 253 32.41 -6.76 -49.46
CA ARG D 253 31.13 -7.04 -50.07
C ARG D 253 30.32 -5.79 -50.35
N SER D 254 30.74 -4.61 -49.83
CA SER D 254 29.97 -3.39 -50.00
C SER D 254 30.68 -2.41 -50.90
N ILE D 255 30.14 -2.23 -52.12
CA ILE D 255 30.25 -0.98 -52.85
C ILE D 255 29.17 -0.05 -52.32
N GLY D 256 29.41 1.28 -52.37
CA GLY D 256 28.56 2.23 -51.66
C GLY D 256 29.01 2.43 -50.23
N ARG D 257 28.12 2.94 -49.35
CA ARG D 257 28.53 3.37 -48.02
C ARG D 257 28.14 2.37 -46.95
N LEU D 258 29.14 1.93 -46.16
CA LEU D 258 28.99 1.03 -45.06
C LEU D 258 29.38 1.84 -43.82
N THR D 259 28.61 1.73 -42.74
CA THR D 259 28.98 2.32 -41.45
C THR D 259 29.05 1.19 -40.45
N ILE D 260 30.23 0.95 -39.84
CA ILE D 260 30.42 -0.08 -38.82
C ILE D 260 30.61 0.62 -37.49
N ILE D 261 29.84 0.20 -36.47
CA ILE D 261 29.93 0.75 -35.13
C ILE D 261 30.23 -0.43 -34.24
N ARG D 262 31.41 -0.50 -33.58
CA ARG D 262 31.81 -1.65 -32.77
C ARG D 262 32.61 -1.20 -31.57
N GLN D 263 32.79 -2.08 -30.55
CA GLN D 263 33.68 -1.83 -29.43
C GLN D 263 35.16 -1.75 -29.84
N THR D 264 35.90 -0.88 -29.13
CA THR D 264 37.33 -0.67 -29.30
C THR D 264 37.89 -0.63 -27.90
N PHE D 265 39.21 -0.81 -27.79
CA PHE D 265 39.90 -0.82 -26.50
C PHE D 265 41.11 0.11 -26.49
N PRO D 266 41.50 0.59 -25.29
CA PRO D 266 42.63 1.50 -25.06
C PRO D 266 43.98 0.83 -24.78
N VAL D 267 44.02 -0.50 -24.69
CA VAL D 267 45.27 -1.21 -24.41
C VAL D 267 46.41 -0.85 -25.35
N PRO D 268 47.65 -0.75 -24.81
CA PRO D 268 48.80 -0.41 -25.64
C PRO D 268 48.97 -1.14 -26.96
N GLN D 269 49.41 -0.43 -28.02
CA GLN D 269 49.72 -1.04 -29.30
C GLN D 269 51.02 -1.84 -29.28
N ASN D 270 51.90 -1.51 -28.31
CA ASN D 270 53.07 -2.29 -27.97
C ASN D 270 52.67 -3.64 -27.37
N ILE D 271 53.22 -4.74 -27.93
CA ILE D 271 53.01 -6.10 -27.49
C ILE D 271 53.43 -6.31 -26.04
N SER D 272 54.60 -5.75 -25.66
CA SER D 272 55.13 -5.85 -24.31
C SER D 272 54.25 -5.26 -23.24
N GLN D 273 53.67 -4.05 -23.47
CA GLN D 273 52.88 -3.41 -22.43
C GLN D 273 51.42 -3.79 -22.48
N ARG D 274 51.05 -4.69 -23.41
CA ARG D 274 49.71 -5.26 -23.45
C ARG D 274 49.71 -6.65 -22.84
N CYS D 275 50.90 -7.29 -22.74
CA CYS D 275 51.04 -8.63 -22.18
C CYS D 275 51.73 -8.64 -20.82
N PHE D 276 52.07 -7.45 -20.28
CA PHE D 276 52.56 -7.34 -18.92
C PHE D 276 51.80 -6.20 -18.27
N ARG D 277 51.45 -6.32 -16.98
CA ARG D 277 50.90 -5.22 -16.21
C ARG D 277 51.67 -5.11 -14.92
N GLY D 278 52.67 -4.19 -14.83
CA GLY D 278 53.60 -4.18 -13.71
C GLY D 278 54.48 -5.40 -13.70
N ASN D 279 54.21 -6.37 -12.83
CA ASN D 279 54.94 -7.63 -12.83
C ASN D 279 54.07 -8.80 -13.28
N HIS D 280 52.73 -8.62 -13.31
CA HIS D 280 51.79 -9.61 -13.81
C HIS D 280 51.95 -9.96 -15.28
N ARG D 281 52.24 -11.24 -15.55
CA ARG D 281 52.38 -11.80 -16.87
C ARG D 281 51.04 -12.26 -17.41
N ILE D 282 50.73 -11.88 -18.65
CA ILE D 282 49.53 -12.28 -19.34
C ILE D 282 49.88 -13.24 -20.45
N SER D 283 49.11 -14.34 -20.59
CA SER D 283 49.22 -15.26 -21.71
C SER D 283 49.14 -14.61 -23.09
N SER D 284 50.26 -14.70 -23.80
CA SER D 284 50.39 -14.13 -25.14
C SER D 284 49.29 -14.60 -26.09
N THR D 285 48.47 -15.53 -25.64
CA THR D 285 47.40 -16.08 -26.46
C THR D 285 46.37 -15.03 -26.85
N LEU D 286 46.03 -14.13 -25.92
CA LEU D 286 45.04 -13.09 -26.18
C LEU D 286 45.60 -11.67 -26.31
N CYS D 287 46.53 -11.30 -25.44
CA CYS D 287 47.09 -9.97 -25.47
C CYS D 287 47.85 -9.73 -26.77
N ASP D 288 47.95 -10.73 -27.68
CA ASP D 288 48.73 -10.59 -28.89
C ASP D 288 47.84 -10.28 -30.10
N PRO D 289 47.98 -9.12 -30.77
CA PRO D 289 47.18 -8.80 -31.95
C PRO D 289 47.90 -9.27 -33.21
N LYS D 290 48.92 -10.15 -33.10
CA LYS D 290 49.49 -10.86 -34.24
C LYS D 290 49.02 -12.32 -34.29
N ASP D 291 48.05 -12.68 -33.42
CA ASP D 291 47.41 -13.98 -33.41
C ASP D 291 45.98 -13.79 -33.96
N PRO D 292 45.54 -14.56 -34.97
CA PRO D 292 44.15 -14.59 -35.39
C PRO D 292 43.19 -15.06 -34.32
N PHE D 293 43.60 -15.92 -33.35
CA PHE D 293 42.70 -16.36 -32.28
C PHE D 293 42.31 -15.19 -31.38
N ALA D 294 43.30 -14.39 -30.94
CA ALA D 294 43.13 -13.22 -30.10
C ALA D 294 42.22 -12.14 -30.70
N GLN D 295 42.29 -11.95 -32.03
CA GLN D 295 41.44 -11.01 -32.75
C GLN D 295 39.99 -11.46 -32.87
N ASN D 296 39.72 -12.78 -32.71
CA ASN D 296 38.40 -13.37 -32.93
C ASN D 296 37.71 -13.70 -31.61
N MET D 297 38.25 -13.23 -30.47
CA MET D 297 37.60 -13.40 -29.18
C MET D 297 36.31 -12.58 -29.02
N GLU D 298 35.20 -13.20 -28.57
CA GLU D 298 34.02 -12.50 -28.12
C GLU D 298 34.31 -11.60 -26.89
N ILE D 299 33.56 -10.49 -26.77
CA ILE D 299 33.64 -9.49 -25.71
C ILE D 299 33.49 -10.07 -24.30
N SER D 300 32.65 -11.10 -24.14
CA SER D 300 32.50 -11.86 -22.90
C SER D 300 33.79 -12.50 -22.40
N ASN D 301 34.65 -13.04 -23.31
CA ASN D 301 35.90 -13.69 -23.00
C ASN D 301 36.87 -12.71 -22.34
N LEU D 302 36.92 -11.47 -22.86
CA LEU D 302 37.79 -10.41 -22.37
C LEU D 302 37.48 -10.03 -20.93
N TYR D 303 36.18 -9.82 -20.61
CA TYR D 303 35.71 -9.56 -19.27
C TYR D 303 35.89 -10.75 -18.33
N ILE D 304 35.76 -11.99 -18.84
CA ILE D 304 36.04 -13.20 -18.06
C ILE D 304 37.48 -13.30 -17.57
N TYR D 305 38.49 -12.93 -18.40
CA TYR D 305 39.88 -12.84 -17.95
C TYR D 305 40.04 -11.80 -16.85
N ASP D 306 39.51 -10.58 -17.11
CA ASP D 306 39.58 -9.43 -16.25
C ASP D 306 38.86 -9.68 -14.90
N THR D 307 37.73 -10.42 -14.89
CA THR D 307 37.01 -10.84 -13.69
C THR D 307 37.84 -11.66 -12.72
N VAL D 308 38.59 -12.69 -13.18
CA VAL D 308 39.48 -13.45 -12.31
C VAL D 308 40.59 -12.58 -11.72
N LEU D 309 41.20 -11.71 -12.54
CA LEU D 309 42.22 -10.76 -12.13
C LEU D 309 41.71 -9.74 -11.09
N LEU D 310 40.49 -9.18 -11.31
CA LEU D 310 39.83 -8.27 -10.39
C LEU D 310 39.44 -8.94 -9.07
N LEU D 311 38.88 -10.17 -9.10
CA LEU D 311 38.55 -10.94 -7.90
C LEU D 311 39.77 -11.21 -7.02
N ALA D 312 40.91 -11.53 -7.70
CA ALA D 312 42.20 -11.64 -7.03
C ALA D 312 42.68 -10.34 -6.40
N ASN D 313 42.47 -9.18 -7.00
CA ASN D 313 42.73 -7.87 -6.44
C ASN D 313 41.83 -7.59 -5.21
N ALA D 314 40.54 -7.98 -5.32
CA ALA D 314 39.57 -7.77 -4.27
C ALA D 314 39.89 -8.47 -2.99
N PHE D 315 40.31 -9.76 -3.03
CA PHE D 315 40.63 -10.54 -1.86
C PHE D 315 41.88 -10.03 -1.11
N HIS D 316 42.80 -9.41 -1.93
CA HIS D 316 44.04 -8.81 -1.44
C HIS D 316 43.69 -7.63 -0.58
N LYS D 317 42.90 -6.72 -1.13
CA LYS D 317 42.49 -5.53 -0.41
C LYS D 317 41.59 -5.86 0.78
N LYS D 318 40.90 -6.99 0.67
CA LYS D 318 40.00 -7.43 1.73
C LYS D 318 40.77 -7.86 2.98
N LEU D 319 41.97 -8.39 2.78
CA LEU D 319 42.81 -8.83 3.88
C LEU D 319 43.65 -7.69 4.45
N GLN D 320 43.66 -6.57 3.72
CA GLN D 320 44.42 -5.40 4.16
C GLN D 320 43.55 -4.43 4.97
N ASP D 321 42.24 -4.61 4.85
CA ASP D 321 41.29 -3.75 5.57
C ASP D 321 40.78 -4.44 6.83
N ARG D 322 41.45 -5.52 7.22
CA ARG D 322 41.09 -6.30 8.41
C ARG D 322 39.61 -6.66 8.44
N LYS D 323 39.10 -7.17 7.33
CA LYS D 323 37.69 -7.57 7.23
C LYS D 323 37.61 -8.98 6.67
N TRP D 324 38.76 -9.64 6.63
CA TRP D 324 38.88 -10.99 6.13
C TRP D 324 37.96 -12.03 6.79
N HIS D 325 37.33 -12.84 5.94
CA HIS D 325 36.58 -14.01 6.32
C HIS D 325 36.84 -14.95 5.19
N SER D 326 37.05 -16.24 5.49
CA SER D 326 37.26 -17.27 4.49
C SER D 326 35.92 -17.83 4.01
N MET D 327 35.90 -19.13 3.64
CA MET D 327 34.72 -19.88 3.30
C MET D 327 33.70 -20.02 4.43
N ALA D 328 32.41 -20.08 4.06
CA ALA D 328 31.31 -20.27 5.00
C ALA D 328 30.58 -21.54 4.64
N SER D 329 30.20 -22.37 5.65
CA SER D 329 29.44 -23.58 5.42
C SER D 329 27.96 -23.26 5.44
N LEU D 330 27.37 -23.17 4.23
CA LEU D 330 26.00 -22.77 4.02
C LEU D 330 25.22 -23.90 3.39
N SER D 331 23.88 -23.82 3.45
CA SER D 331 23.01 -24.84 2.92
C SER D 331 21.96 -24.23 2.03
N CYS D 332 21.41 -25.03 1.11
CA CYS D 332 20.30 -24.65 0.25
C CYS D 332 19.09 -25.49 0.63
N ILE D 333 17.91 -24.83 0.76
CA ILE D 333 16.63 -25.46 1.09
C ILE D 333 16.68 -26.28 2.40
N ARG D 334 17.11 -25.61 3.49
CA ARG D 334 17.20 -26.19 4.81
C ARG D 334 16.85 -25.11 5.79
N LYS D 335 16.68 -25.46 7.08
CA LYS D 335 16.48 -24.48 8.14
C LYS D 335 17.83 -23.89 8.55
N ASN D 336 18.90 -24.46 7.97
CA ASN D 336 20.29 -24.11 8.18
C ASN D 336 20.78 -23.20 7.08
N SER D 337 19.90 -22.87 6.10
CA SER D 337 20.09 -21.83 5.10
C SER D 337 20.30 -20.48 5.75
N LYS D 338 21.47 -19.87 5.53
CA LYS D 338 21.84 -18.61 6.11
C LYS D 338 22.77 -17.97 5.09
N PRO D 339 22.96 -16.66 5.07
CA PRO D 339 23.90 -16.03 4.17
C PRO D 339 25.28 -15.93 4.79
N TRP D 340 26.24 -15.39 4.05
CA TRP D 340 27.56 -15.07 4.54
C TRP D 340 27.62 -13.66 5.10
N GLN D 341 27.86 -13.50 6.42
CA GLN D 341 27.99 -12.21 7.10
C GLN D 341 29.13 -11.36 6.53
N GLY D 342 30.26 -12.01 6.17
CA GLY D 342 31.40 -11.38 5.51
C GLY D 342 31.18 -11.12 4.04
N GLY D 343 30.01 -11.51 3.49
CA GLY D 343 29.64 -11.38 2.10
C GLY D 343 29.33 -9.97 1.69
N ARG D 344 28.59 -9.21 2.54
CA ARG D 344 28.31 -7.82 2.24
C ARG D 344 29.58 -6.98 2.19
N SER D 345 30.47 -7.19 3.17
CA SER D 345 31.74 -6.51 3.23
C SER D 345 32.69 -6.92 2.11
N MET D 346 32.58 -8.18 1.60
CA MET D 346 33.24 -8.65 0.41
C MET D 346 32.77 -7.96 -0.87
N LEU D 347 31.45 -7.79 -1.05
CA LEU D 347 30.87 -7.18 -2.24
C LEU D 347 31.37 -5.77 -2.46
N GLU D 348 31.35 -4.94 -1.40
CA GLU D 348 31.82 -3.56 -1.45
C GLU D 348 33.32 -3.44 -1.70
N THR D 349 34.11 -4.47 -1.31
CA THR D 349 35.54 -4.59 -1.63
C THR D 349 35.80 -4.94 -3.08
N ILE D 350 35.07 -5.92 -3.68
CA ILE D 350 35.17 -6.26 -5.11
C ILE D 350 34.77 -5.08 -5.98
N LYS D 351 33.70 -4.40 -5.57
CA LYS D 351 33.11 -3.26 -6.24
C LYS D 351 34.05 -2.06 -6.36
N LYS D 352 34.97 -1.84 -5.39
CA LYS D 352 35.99 -0.81 -5.50
C LYS D 352 37.36 -1.35 -5.96
N GLY D 353 37.38 -2.55 -6.56
CA GLY D 353 38.56 -3.06 -7.21
C GLY D 353 38.68 -2.52 -8.61
N GLY D 354 39.92 -2.35 -9.09
CA GLY D 354 40.17 -1.80 -10.41
C GLY D 354 41.41 -2.41 -10.99
N VAL D 355 41.35 -2.86 -12.26
CA VAL D 355 42.46 -3.50 -12.94
C VAL D 355 42.63 -2.96 -14.35
N ASN D 356 43.89 -2.88 -14.82
CA ASN D 356 44.21 -2.70 -16.22
C ASN D 356 44.32 -4.10 -16.81
N GLY D 357 43.38 -4.45 -17.69
CA GLY D 357 43.16 -5.78 -18.22
C GLY D 357 43.13 -5.76 -19.71
N LEU D 358 42.27 -6.58 -20.33
CA LEU D 358 42.28 -6.70 -21.78
C LEU D 358 41.21 -5.86 -22.41
N THR D 359 40.30 -5.29 -21.60
CA THR D 359 39.28 -4.37 -22.08
C THR D 359 39.72 -2.93 -21.94
N GLY D 360 40.90 -2.73 -21.33
CA GLY D 360 41.32 -1.43 -20.83
C GLY D 360 41.23 -1.50 -19.35
N ASP D 361 40.48 -0.57 -18.74
CA ASP D 361 40.22 -0.57 -17.31
C ASP D 361 38.91 -1.30 -17.01
N LEU D 362 38.98 -2.38 -16.20
CA LEU D 362 37.79 -2.98 -15.60
C LEU D 362 37.79 -2.57 -14.14
N GLU D 363 36.73 -1.87 -13.73
CA GLU D 363 36.45 -1.48 -12.37
C GLU D 363 34.95 -1.42 -12.32
N PHE D 364 34.36 -1.15 -11.15
CA PHE D 364 32.93 -1.03 -11.03
C PHE D 364 32.61 0.30 -10.40
N GLY D 365 31.38 0.80 -10.62
CA GLY D 365 30.81 1.89 -9.85
C GLY D 365 30.27 1.34 -8.53
N GLU D 366 29.30 2.06 -7.91
CA GLU D 366 28.83 1.67 -6.59
C GLU D 366 27.51 0.89 -6.66
N ASN D 367 26.97 0.74 -7.89
CA ASN D 367 25.76 0.00 -8.21
C ASN D 367 26.09 -1.29 -8.94
N GLY D 368 27.38 -1.71 -8.90
CA GLY D 368 27.84 -2.93 -9.56
C GLY D 368 28.04 -2.81 -11.05
N GLY D 369 27.79 -1.62 -11.64
CA GLY D 369 27.97 -1.44 -13.08
C GLY D 369 29.41 -1.17 -13.47
N ASN D 370 29.91 -1.87 -14.53
CA ASN D 370 31.14 -1.49 -15.23
C ASN D 370 30.96 -0.09 -15.87
N PRO D 371 31.84 0.89 -15.68
CA PRO D 371 31.58 2.25 -16.17
C PRO D 371 32.24 2.47 -17.51
N ASN D 372 33.19 1.62 -17.95
CA ASN D 372 33.97 1.90 -19.15
C ASN D 372 33.57 1.04 -20.34
N VAL D 373 33.27 1.70 -21.46
CA VAL D 373 33.13 1.08 -22.76
C VAL D 373 33.51 2.15 -23.76
N HIS D 374 34.14 1.76 -24.88
CA HIS D 374 34.52 2.69 -25.91
C HIS D 374 34.08 2.09 -27.22
N PHE D 375 33.41 2.89 -28.08
CA PHE D 375 32.98 2.45 -29.38
C PHE D 375 33.69 3.29 -30.40
N GLU D 376 34.03 2.70 -31.56
CA GLU D 376 34.61 3.42 -32.67
C GLU D 376 33.62 3.41 -33.82
N ILE D 377 33.52 4.55 -34.54
CA ILE D 377 32.61 4.69 -35.66
C ILE D 377 33.43 4.70 -36.93
N LEU D 378 33.25 3.65 -37.76
CA LEU D 378 34.05 3.37 -38.93
C LEU D 378 33.26 3.65 -40.20
N GLY D 379 33.87 4.36 -41.18
CA GLY D 379 33.18 4.75 -42.42
C GLY D 379 33.32 3.89 -43.66
N THR D 380 33.31 4.53 -44.85
CA THR D 380 33.67 3.88 -46.11
C THR D 380 35.10 3.37 -46.10
N ASN D 381 35.35 2.22 -46.77
CA ASN D 381 36.67 1.70 -46.94
C ASN D 381 37.60 2.52 -47.81
N TYR D 382 38.91 2.52 -47.50
CA TYR D 382 39.90 3.16 -48.33
C TYR D 382 41.11 2.23 -48.39
N GLY D 383 41.99 2.40 -49.39
CA GLY D 383 43.24 1.67 -49.46
C GLY D 383 44.43 2.56 -49.30
N GLU D 384 45.33 2.25 -48.35
CA GLU D 384 46.52 3.02 -48.06
C GLU D 384 47.53 2.12 -47.39
N GLU D 385 48.84 2.37 -47.55
CA GLU D 385 49.92 1.59 -46.95
C GLU D 385 49.83 0.07 -47.06
N LEU D 386 49.38 -0.45 -48.23
CA LEU D 386 49.20 -1.88 -48.53
C LEU D 386 48.01 -2.51 -47.84
N GLY D 387 47.18 -1.73 -47.11
CA GLY D 387 46.01 -2.23 -46.44
C GLY D 387 44.78 -1.62 -47.04
N ARG D 388 43.68 -2.38 -47.05
CA ARG D 388 42.36 -1.84 -47.29
C ARG D 388 41.62 -1.98 -45.99
N GLY D 389 40.94 -0.92 -45.54
CA GLY D 389 40.31 -1.00 -44.25
C GLY D 389 39.49 0.21 -44.01
N VAL D 390 39.07 0.42 -42.76
CA VAL D 390 38.10 1.42 -42.45
C VAL D 390 38.67 2.41 -41.47
N ARG D 391 38.45 3.70 -41.77
CA ARG D 391 38.97 4.80 -40.99
C ARG D 391 37.92 5.25 -39.98
N LYS D 392 38.39 5.91 -38.91
CA LYS D 392 37.52 6.49 -37.90
C LYS D 392 36.89 7.78 -38.40
N LEU D 393 35.55 7.82 -38.43
CA LEU D 393 34.80 9.05 -38.64
C LEU D 393 34.60 9.73 -37.29
N GLY D 394 34.46 8.91 -36.24
CA GLY D 394 34.35 9.39 -34.89
C GLY D 394 34.48 8.25 -33.92
N CYS D 395 34.17 8.53 -32.65
CA CYS D 395 34.11 7.55 -31.59
C CYS D 395 32.91 7.87 -30.73
N TRP D 396 32.39 6.88 -30.00
CA TRP D 396 31.33 7.10 -29.05
C TRP D 396 31.73 6.50 -27.71
N ASN D 397 31.41 7.17 -26.60
CA ASN D 397 31.55 6.57 -25.29
C ASN D 397 30.43 7.16 -24.47
N PRO D 398 30.02 6.59 -23.35
CA PRO D 398 28.83 7.02 -22.64
C PRO D 398 29.22 8.07 -21.61
N VAL D 399 30.37 8.76 -21.83
CA VAL D 399 30.84 9.86 -21.03
C VAL D 399 30.66 11.17 -21.78
N THR D 400 31.37 11.38 -22.92
CA THR D 400 31.26 12.60 -23.74
C THR D 400 30.33 12.40 -24.90
N GLY D 401 29.82 11.17 -25.12
CA GLY D 401 28.89 10.91 -26.21
C GLY D 401 29.60 10.76 -27.50
N LEU D 402 29.16 11.51 -28.54
CA LEU D 402 29.73 11.42 -29.87
C LEU D 402 30.90 12.35 -29.99
N ASN D 403 32.07 11.84 -30.42
CA ASN D 403 33.22 12.65 -30.72
C ASN D 403 33.47 12.58 -32.23
N GLY D 404 33.61 13.74 -32.90
CA GLY D 404 33.68 13.85 -34.36
C GLY D 404 32.35 14.22 -34.98
N SER D 405 32.32 14.32 -36.32
CA SER D 405 31.15 14.66 -37.12
C SER D 405 31.17 13.64 -38.25
N LEU D 406 30.04 12.98 -38.60
CA LEU D 406 30.07 11.70 -39.31
C LEU D 406 29.87 11.70 -40.87
N VAL D 418 34.61 24.97 -63.63
CA VAL D 418 33.12 24.82 -63.88
C VAL D 418 32.40 26.13 -63.59
N VAL D 419 31.53 26.55 -64.57
CA VAL D 419 30.86 27.91 -64.44
C VAL D 419 29.37 27.64 -64.26
N LEU D 420 28.76 28.15 -63.12
CA LEU D 420 27.35 28.20 -62.81
C LEU D 420 26.80 29.53 -63.33
N ARG D 421 25.48 29.58 -63.80
CA ARG D 421 24.79 30.79 -64.21
C ARG D 421 23.85 31.09 -63.03
N VAL D 422 24.04 32.33 -62.44
CA VAL D 422 23.38 32.80 -61.22
C VAL D 422 22.41 33.81 -61.66
N VAL D 423 21.11 33.55 -61.41
CA VAL D 423 20.13 34.61 -61.58
C VAL D 423 20.02 35.19 -60.14
N THR D 424 19.85 36.48 -59.94
CA THR D 424 19.72 37.17 -58.70
C THR D 424 18.77 38.33 -58.89
N VAL D 425 18.27 38.85 -57.74
CA VAL D 425 17.34 39.96 -57.71
C VAL D 425 17.79 40.84 -56.52
N LEU D 426 17.77 42.14 -56.72
CA LEU D 426 18.22 43.09 -55.69
C LEU D 426 17.21 43.37 -54.58
N GLU D 427 17.31 42.63 -53.48
CA GLU D 427 16.43 42.83 -52.34
C GLU D 427 17.25 43.19 -51.09
N GLU D 428 16.93 44.32 -50.48
CA GLU D 428 17.64 44.78 -49.29
C GLU D 428 17.44 43.87 -48.08
N PRO D 429 18.51 43.68 -47.28
CA PRO D 429 19.91 43.93 -47.66
C PRO D 429 20.51 42.69 -48.32
N PHE D 430 19.76 41.60 -48.27
CA PHE D 430 20.15 40.28 -48.86
C PHE D 430 20.92 40.31 -50.10
N VAL D 431 20.49 41.15 -51.09
CA VAL D 431 21.22 41.27 -52.38
C VAL D 431 21.23 42.74 -52.52
N MET D 432 22.47 43.38 -52.53
CA MET D 432 22.66 44.81 -52.80
C MET D 432 23.79 44.90 -53.87
N VAL D 433 23.61 45.83 -54.85
CA VAL D 433 24.55 46.08 -55.96
C VAL D 433 25.68 46.93 -55.35
N SER D 434 26.98 46.43 -55.47
CA SER D 434 28.18 46.94 -54.86
C SER D 434 28.78 47.86 -55.91
N GLU D 435 28.57 47.49 -57.22
CA GLU D 435 29.16 48.26 -58.31
C GLU D 435 28.20 48.00 -59.44
N ASN D 436 27.78 49.08 -60.19
CA ASN D 436 27.08 48.92 -61.50
C ASN D 436 28.17 49.40 -62.44
N VAL D 437 28.39 48.60 -63.56
CA VAL D 437 29.28 48.88 -64.64
C VAL D 437 28.44 48.51 -65.89
N LEU D 438 28.26 49.50 -66.84
CA LEU D 438 27.48 49.47 -68.03
C LEU D 438 26.06 49.81 -67.76
N GLY D 439 25.64 50.33 -66.57
CA GLY D 439 24.31 50.63 -66.13
C GLY D 439 23.64 49.30 -65.80
N LYS D 440 24.41 48.24 -65.36
CA LYS D 440 23.96 46.94 -65.02
C LYS D 440 24.94 46.60 -63.86
N PRO D 441 24.37 45.88 -62.78
CA PRO D 441 25.16 45.45 -61.59
C PRO D 441 26.22 44.47 -62.01
N LYS D 442 27.43 44.73 -61.48
CA LYS D 442 28.64 44.07 -61.78
C LYS D 442 29.13 43.30 -60.58
N LYS D 443 28.96 43.92 -59.43
CA LYS D 443 29.50 43.34 -58.22
C LYS D 443 28.40 43.48 -57.25
N TYR D 444 28.20 42.36 -56.51
CA TYR D 444 27.02 42.22 -55.61
C TYR D 444 27.63 42.07 -54.26
N GLN D 445 26.86 42.49 -53.23
CA GLN D 445 27.23 42.40 -51.87
C GLN D 445 25.92 41.94 -51.20
N GLY D 446 25.97 41.46 -49.95
CA GLY D 446 24.78 41.08 -49.29
C GLY D 446 24.93 39.75 -48.78
N PHE D 447 23.92 39.36 -47.95
CA PHE D 447 23.92 38.16 -47.17
C PHE D 447 23.89 36.84 -47.89
N SER D 448 23.04 36.77 -48.92
CA SER D 448 22.83 35.64 -49.81
C SER D 448 24.07 35.51 -50.72
N ILE D 449 24.71 36.67 -51.06
CA ILE D 449 25.94 36.77 -51.81
C ILE D 449 27.10 36.15 -51.02
N ASP D 450 27.15 36.44 -49.65
CA ASP D 450 28.14 35.89 -48.73
C ASP D 450 28.04 34.44 -48.57
N VAL D 451 26.80 33.91 -48.51
CA VAL D 451 26.52 32.48 -48.42
C VAL D 451 27.04 31.74 -49.65
N LEU D 452 26.83 32.37 -50.87
CA LEU D 452 27.23 31.89 -52.16
C LEU D 452 28.72 31.78 -52.23
N ASP D 453 29.48 32.76 -51.70
CA ASP D 453 30.92 32.81 -51.71
C ASP D 453 31.46 31.70 -50.85
N ALA D 454 30.72 31.26 -49.81
CA ALA D 454 31.10 30.22 -48.98
C ALA D 454 31.03 28.91 -49.64
N LEU D 455 29.97 28.79 -50.48
CA LEU D 455 29.62 27.58 -51.31
C LEU D 455 30.57 27.42 -52.48
N SER D 456 30.96 28.53 -53.10
CA SER D 456 31.83 28.46 -54.27
C SER D 456 33.22 27.94 -53.97
N ASN D 457 33.78 28.45 -52.82
CA ASN D 457 35.11 28.01 -52.42
C ASN D 457 35.13 26.55 -52.03
N TYR D 458 34.10 26.03 -51.39
CA TYR D 458 34.06 24.65 -50.86
C TYR D 458 33.87 23.62 -51.85
N LEU D 459 32.91 23.97 -52.84
CA LEU D 459 32.57 22.95 -53.78
C LEU D 459 33.43 22.98 -54.97
N GLY D 460 34.17 24.12 -55.15
CA GLY D 460 35.11 24.26 -56.21
C GLY D 460 34.51 24.62 -57.47
N PHE D 461 33.44 25.46 -57.44
CA PHE D 461 32.86 25.92 -58.69
C PHE D 461 33.13 27.49 -58.73
N ASN D 462 33.16 28.01 -60.01
CA ASN D 462 33.17 29.48 -60.32
C ASN D 462 31.77 29.79 -60.88
N TYR D 463 31.45 31.06 -60.88
CA TYR D 463 30.21 31.59 -61.31
C TYR D 463 30.32 32.82 -62.08
N GLU D 464 29.18 33.25 -62.73
CA GLU D 464 28.96 34.59 -63.25
C GLU D 464 27.52 34.89 -62.80
N ILE D 465 27.26 36.14 -62.35
CA ILE D 465 25.92 36.53 -61.82
C ILE D 465 25.43 37.59 -62.80
N TYR D 466 24.22 37.43 -63.25
CA TYR D 466 23.38 38.37 -64.07
C TYR D 466 22.03 38.43 -63.31
N VAL D 467 21.40 39.57 -63.31
CA VAL D 467 20.15 39.87 -62.66
C VAL D 467 19.08 39.48 -63.61
N ALA D 468 17.91 39.05 -63.13
CA ALA D 468 16.84 38.66 -64.06
C ALA D 468 16.48 39.90 -64.91
N PRO D 469 15.91 39.75 -66.12
CA PRO D 469 15.62 40.92 -66.98
C PRO D 469 14.69 41.90 -66.26
N ASP D 470 13.66 41.37 -65.57
CA ASP D 470 12.78 42.20 -64.73
C ASP D 470 13.33 42.03 -63.31
N HIS D 471 13.57 43.13 -62.58
CA HIS D 471 14.18 43.02 -61.22
C HIS D 471 13.13 42.70 -60.15
N LYS D 472 12.54 41.50 -60.23
CA LYS D 472 11.52 41.00 -59.27
C LYS D 472 11.40 39.48 -59.43
N TYR D 473 10.82 38.82 -58.43
CA TYR D 473 10.53 37.36 -58.44
C TYR D 473 9.23 37.19 -59.24
N GLY D 474 8.78 38.26 -59.95
CA GLY D 474 7.66 38.17 -60.81
C GLY D 474 6.37 38.30 -60.04
N SER D 475 5.33 37.72 -60.69
CA SER D 475 3.93 37.60 -60.13
C SER D 475 3.46 36.32 -60.67
N PRO D 476 2.54 35.61 -60.14
CA PRO D 476 2.05 34.30 -60.60
C PRO D 476 1.63 34.17 -62.04
N GLN D 477 2.26 33.30 -62.75
CA GLN D 477 1.88 33.01 -64.12
C GLN D 477 1.19 31.66 -64.05
N GLU D 478 0.38 31.39 -65.08
CA GLU D 478 -0.55 30.22 -65.20
C GLU D 478 0.19 28.87 -65.17
N ASP D 479 -0.52 27.85 -64.67
CA ASP D 479 -0.09 26.44 -64.45
C ASP D 479 0.68 26.33 -63.13
N GLY D 480 0.61 27.39 -62.31
CA GLY D 480 1.31 27.49 -61.02
C GLY D 480 2.72 28.05 -61.19
N THR D 481 3.09 28.39 -62.43
CA THR D 481 4.43 28.94 -62.72
C THR D 481 4.52 30.44 -62.41
N TRP D 482 5.77 30.88 -62.28
CA TRP D 482 6.26 32.22 -61.99
C TRP D 482 7.11 32.69 -63.20
N ASN D 483 7.15 34.00 -63.44
CA ASN D 483 8.14 34.57 -64.35
C ASN D 483 9.32 35.05 -63.47
N GLY D 484 10.16 36.02 -64.02
CA GLY D 484 11.25 36.58 -63.29
C GLY D 484 12.27 35.56 -62.92
N LEU D 485 12.88 35.69 -61.68
CA LEU D 485 13.99 34.80 -61.22
C LEU D 485 13.58 33.34 -61.05
N VAL D 486 12.38 33.17 -60.44
CA VAL D 486 11.75 31.88 -60.23
C VAL D 486 11.45 31.17 -61.55
N GLY D 487 11.04 31.96 -62.64
CA GLY D 487 10.74 31.47 -63.97
C GLY D 487 12.03 31.04 -64.73
N GLU D 488 13.15 31.68 -64.44
CA GLU D 488 14.41 31.41 -65.10
C GLU D 488 14.91 30.01 -64.71
N LEU D 489 14.50 29.54 -63.54
CA LEU D 489 14.91 28.23 -63.05
C LEU D 489 14.02 27.12 -63.61
N VAL D 490 12.75 27.45 -63.83
CA VAL D 490 11.80 26.47 -64.35
C VAL D 490 12.03 26.17 -65.83
N PHE D 491 12.33 27.20 -66.61
CA PHE D 491 12.58 27.03 -68.07
C PHE D 491 13.94 26.54 -68.33
N LYS D 492 14.80 26.31 -67.20
CA LYS D 492 16.19 25.76 -67.10
C LYS D 492 17.19 26.57 -67.94
N ARG D 493 17.29 27.83 -67.48
CA ARG D 493 18.10 28.79 -68.07
C ARG D 493 19.10 29.41 -67.13
N ALA D 494 19.01 29.07 -65.88
CA ALA D 494 19.94 29.50 -64.91
C ALA D 494 19.88 28.31 -63.91
N ASP D 495 21.10 28.00 -63.44
CA ASP D 495 21.35 26.90 -62.56
C ASP D 495 20.76 27.09 -61.22
N ILE D 496 21.03 28.25 -60.55
CA ILE D 496 20.64 28.56 -59.22
C ILE D 496 20.05 29.94 -59.24
N GLY D 497 19.19 30.25 -58.24
CA GLY D 497 18.67 31.60 -58.03
C GLY D 497 19.28 31.92 -56.61
N ILE D 498 20.14 32.97 -56.49
CA ILE D 498 20.75 33.33 -55.25
C ILE D 498 20.07 34.63 -55.07
N SER D 499 19.14 34.67 -54.06
CA SER D 499 18.45 35.84 -53.57
C SER D 499 17.79 35.30 -52.30
N ALA D 500 17.07 36.23 -51.60
CA ALA D 500 16.28 36.00 -50.47
C ALA D 500 14.94 35.56 -51.01
N LEU D 501 14.88 34.33 -51.56
CA LEU D 501 13.60 33.87 -52.23
C LEU D 501 12.85 33.16 -51.19
N THR D 502 11.70 33.74 -50.80
CA THR D 502 10.82 33.23 -49.78
C THR D 502 10.22 31.83 -50.12
N ILE D 503 10.42 30.86 -49.19
CA ILE D 503 9.92 29.47 -49.27
C ILE D 503 8.46 29.59 -48.88
N THR D 504 7.60 29.76 -49.96
CA THR D 504 6.20 29.77 -49.95
C THR D 504 5.81 28.50 -50.62
N PRO D 505 4.60 27.91 -50.55
CA PRO D 505 4.11 26.64 -51.24
C PRO D 505 4.13 26.72 -52.73
N ASP D 506 3.83 27.94 -53.30
CA ASP D 506 3.92 28.13 -54.70
C ASP D 506 5.29 27.84 -55.32
N ARG D 507 6.34 28.38 -54.68
CA ARG D 507 7.64 28.24 -55.11
C ARG D 507 8.34 26.90 -54.75
N GLU D 508 7.83 26.28 -53.68
CA GLU D 508 8.25 24.91 -53.32
C GLU D 508 7.98 23.91 -54.40
N ASN D 509 6.79 24.04 -55.07
CA ASN D 509 6.32 23.12 -55.98
C ASN D 509 6.98 23.16 -57.31
N VAL D 510 7.46 24.35 -57.78
CA VAL D 510 8.07 24.50 -59.09
C VAL D 510 9.57 24.71 -58.98
N VAL D 511 10.13 25.23 -57.87
CA VAL D 511 11.60 25.34 -57.73
C VAL D 511 12.03 24.57 -56.53
N ASP D 512 13.14 23.84 -56.59
CA ASP D 512 13.59 23.04 -55.44
C ASP D 512 14.60 23.88 -54.69
N PHE D 513 14.27 24.04 -53.39
CA PHE D 513 14.87 24.82 -52.35
C PHE D 513 15.67 23.90 -51.50
N THR D 514 16.83 24.49 -51.13
CA THR D 514 17.68 23.98 -50.08
C THR D 514 17.12 24.32 -48.74
N THR D 515 17.56 23.57 -47.67
CA THR D 515 17.44 23.88 -46.27
C THR D 515 17.71 25.34 -45.94
N ARG D 516 16.96 25.87 -44.97
CA ARG D 516 16.94 27.17 -44.47
C ARG D 516 18.12 27.59 -43.72
N TYR D 517 18.42 28.94 -43.87
CA TYR D 517 19.48 29.67 -43.29
C TYR D 517 19.04 30.95 -42.60
N MET D 518 17.88 31.49 -43.04
CA MET D 518 17.25 32.58 -42.28
C MET D 518 15.76 32.46 -42.49
N ASP D 519 15.05 32.71 -41.36
CA ASP D 519 13.63 32.70 -41.22
C ASP D 519 13.07 34.01 -41.67
N TYR D 520 12.00 33.99 -42.44
CA TYR D 520 11.06 35.03 -42.87
C TYR D 520 10.30 35.42 -41.64
N SER D 521 10.03 36.78 -41.59
CA SER D 521 9.42 37.50 -40.56
C SER D 521 8.63 38.59 -41.20
N VAL D 522 7.46 38.90 -40.47
CA VAL D 522 6.63 40.02 -40.87
C VAL D 522 6.64 40.89 -39.57
N GLY D 523 6.73 42.20 -39.74
CA GLY D 523 6.90 43.20 -38.71
C GLY D 523 6.20 44.40 -39.14
N VAL D 524 6.31 45.42 -38.25
CA VAL D 524 5.69 46.69 -38.52
C VAL D 524 6.61 47.79 -38.09
N LEU D 525 6.82 48.73 -39.08
CA LEU D 525 7.61 49.86 -38.90
C LEU D 525 6.67 50.94 -38.38
N LEU D 526 7.06 51.56 -37.28
CA LEU D 526 6.20 52.55 -36.65
C LEU D 526 6.72 53.98 -36.68
N ARG D 527 5.82 54.91 -36.38
CA ARG D 527 6.14 56.33 -36.34
C ARG D 527 6.44 56.71 -34.90
N ARG D 528 7.32 57.69 -34.75
CA ARG D 528 7.72 58.21 -33.44
C ARG D 528 6.44 58.62 -32.75
N SER D 641 1.04 53.85 -29.87
CA SER D 641 0.51 52.94 -28.89
C SER D 641 0.58 51.51 -29.49
N ILE D 642 1.26 51.33 -30.62
CA ILE D 642 1.29 50.12 -31.36
C ILE D 642 2.54 49.41 -30.95
N GLN D 643 2.45 48.08 -30.58
CA GLN D 643 3.61 47.35 -30.22
C GLN D 643 3.51 45.93 -30.70
N SER D 644 2.48 45.58 -31.48
CA SER D 644 2.34 44.28 -31.99
C SER D 644 1.36 44.44 -33.07
N LEU D 645 1.26 43.50 -33.99
CA LEU D 645 0.24 43.49 -35.02
C LEU D 645 -1.23 43.41 -34.41
N GLN D 646 -1.38 42.70 -33.26
CA GLN D 646 -2.68 42.43 -32.61
C GLN D 646 -3.24 43.73 -32.18
N ASP D 647 -2.41 44.66 -31.55
CA ASP D 647 -2.77 45.98 -31.16
C ASP D 647 -3.20 46.80 -32.41
N LEU D 648 -2.41 46.69 -33.53
CA LEU D 648 -2.63 47.45 -34.77
C LEU D 648 -4.02 47.32 -35.44
N SER D 649 -4.64 46.10 -35.27
CA SER D 649 -5.99 45.88 -35.89
C SER D 649 -7.06 46.40 -35.06
N LYS D 650 -6.83 46.72 -33.80
CA LYS D 650 -7.82 47.07 -32.90
C LYS D 650 -7.97 48.56 -32.73
N GLN D 651 -7.16 49.36 -33.43
CA GLN D 651 -7.36 50.78 -33.48
C GLN D 651 -7.03 51.21 -34.91
N THR D 652 -7.79 52.27 -35.34
CA THR D 652 -7.92 52.85 -36.63
C THR D 652 -7.34 54.26 -36.61
N ASP D 653 -6.62 54.43 -35.49
CA ASP D 653 -6.03 55.69 -35.12
C ASP D 653 -4.82 56.05 -35.93
N ILE D 654 -4.11 54.98 -36.38
CA ILE D 654 -2.94 55.16 -37.22
C ILE D 654 -3.30 54.48 -38.59
N PRO D 655 -3.27 55.06 -39.80
CA PRO D 655 -3.52 54.27 -41.07
C PRO D 655 -2.30 53.38 -41.29
N TYR D 656 -2.57 52.12 -41.80
CA TYR D 656 -1.49 51.15 -42.14
C TYR D 656 -1.90 50.45 -43.44
N GLY D 657 -0.85 49.81 -44.03
CA GLY D 657 -0.97 49.00 -45.20
C GLY D 657 0.33 48.33 -45.59
N THR D 658 0.50 47.77 -46.84
CA THR D 658 1.64 46.97 -47.14
C THR D 658 1.65 47.18 -48.63
N VAL D 659 2.75 46.73 -49.36
CA VAL D 659 2.88 46.71 -50.82
C VAL D 659 1.65 45.92 -51.40
N LEU D 660 1.19 46.42 -52.57
CA LEU D 660 0.04 45.83 -53.28
C LEU D 660 0.51 44.69 -54.09
N ASP D 661 -0.12 43.52 -53.82
CA ASP D 661 0.25 42.31 -54.48
C ASP D 661 1.66 41.87 -54.03
N SER D 662 1.90 41.72 -52.69
CA SER D 662 3.13 41.16 -52.19
C SER D 662 2.63 39.94 -51.49
N ALA D 663 3.50 39.26 -50.71
CA ALA D 663 3.26 38.16 -49.79
C ALA D 663 2.40 38.51 -48.58
N VAL D 664 2.73 39.67 -47.88
CA VAL D 664 2.08 40.32 -46.72
C VAL D 664 0.59 40.66 -47.10
N TYR D 665 0.41 41.30 -48.32
CA TYR D 665 -0.84 41.72 -48.85
C TYR D 665 -1.84 40.60 -49.03
N GLN D 666 -1.34 39.49 -49.60
CA GLN D 666 -2.10 38.30 -49.87
C GLN D 666 -2.52 37.45 -48.63
N HIS D 667 -1.70 37.64 -47.57
CA HIS D 667 -2.05 36.96 -46.35
C HIS D 667 -3.30 37.51 -45.68
N VAL D 668 -3.31 38.90 -45.55
CA VAL D 668 -4.35 39.79 -45.10
C VAL D 668 -5.55 39.74 -46.00
N ARG D 669 -5.35 39.69 -47.33
CA ARG D 669 -6.34 39.47 -48.27
C ARG D 669 -7.07 38.16 -48.15
N MET D 670 -6.31 37.05 -48.03
CA MET D 670 -6.89 35.74 -47.88
C MET D 670 -7.76 35.47 -46.67
N LYS D 671 -7.27 35.92 -45.52
CA LYS D 671 -7.86 35.71 -44.26
C LYS D 671 -9.11 36.51 -44.17
N GLY D 672 -9.10 37.72 -44.70
CA GLY D 672 -10.23 38.58 -44.61
C GLY D 672 -11.27 38.21 -45.67
N LEU D 673 -11.02 37.31 -46.71
CA LEU D 673 -12.12 37.07 -47.74
C LEU D 673 -12.40 35.60 -47.72
N ASN D 674 -12.02 34.88 -46.66
CA ASN D 674 -12.29 33.47 -46.48
C ASN D 674 -13.24 33.26 -45.38
N PRO D 675 -14.50 32.78 -45.46
CA PRO D 675 -15.45 32.50 -44.36
C PRO D 675 -15.01 31.17 -43.68
N PHE D 676 -14.20 30.37 -44.50
CA PHE D 676 -13.81 28.98 -44.09
C PHE D 676 -12.62 29.05 -43.18
N GLU D 677 -12.00 30.31 -43.02
CA GLU D 677 -10.75 30.59 -42.23
C GLU D 677 -10.74 32.18 -42.04
N ARG D 678 -11.86 32.66 -41.34
CA ARG D 678 -12.10 34.06 -41.04
C ARG D 678 -11.75 34.28 -39.55
N ASP D 679 -10.67 35.11 -39.25
CA ASP D 679 -10.36 35.42 -37.95
C ASP D 679 -10.51 36.90 -38.01
N SER D 680 -11.11 37.55 -36.97
CA SER D 680 -11.54 38.96 -36.96
C SER D 680 -10.28 39.87 -36.96
N MET D 681 -9.10 39.39 -36.56
CA MET D 681 -7.96 40.26 -36.57
C MET D 681 -7.61 40.76 -37.91
N TYR D 682 -7.45 39.78 -38.78
CA TYR D 682 -7.04 39.92 -40.15
C TYR D 682 -8.10 40.59 -40.96
N SER D 683 -9.37 40.48 -40.58
CA SER D 683 -10.49 41.09 -41.22
C SER D 683 -10.45 42.57 -41.03
N GLN D 684 -10.14 43.03 -39.76
CA GLN D 684 -10.07 44.45 -39.42
C GLN D 684 -8.94 45.17 -40.14
N MET D 685 -7.83 44.43 -40.30
CA MET D 685 -6.63 44.84 -41.03
C MET D 685 -6.86 44.98 -42.47
N TRP D 686 -7.65 44.02 -43.07
CA TRP D 686 -8.13 44.03 -44.43
C TRP D 686 -9.09 45.21 -44.69
N ARG D 687 -9.92 45.57 -43.65
CA ARG D 687 -10.84 46.71 -43.64
C ARG D 687 -10.15 48.04 -43.79
N MET D 688 -8.95 48.23 -43.17
CA MET D 688 -8.10 49.40 -43.36
C MET D 688 -7.33 49.38 -44.65
N ILE D 689 -6.68 48.27 -45.04
CA ILE D 689 -6.01 48.11 -46.32
C ILE D 689 -6.84 48.34 -47.51
N ASN D 690 -8.06 47.88 -47.36
CA ASN D 690 -9.05 47.90 -48.42
C ASN D 690 -9.98 49.08 -48.26
N ARG D 691 -9.59 50.16 -47.52
CA ARG D 691 -10.33 51.39 -47.46
C ARG D 691 -10.03 52.01 -48.79
N SER D 692 -11.12 52.63 -49.30
CA SER D 692 -11.12 53.33 -50.59
C SER D 692 -10.75 52.38 -51.71
N ASN D 693 -11.38 51.18 -51.47
CA ASN D 693 -11.29 50.03 -52.34
C ASN D 693 -9.87 49.52 -52.60
N GLY D 694 -8.99 49.81 -51.68
CA GLY D 694 -7.59 49.48 -51.67
C GLY D 694 -6.56 50.51 -52.13
N SER D 695 -7.01 51.75 -52.38
CA SER D 695 -6.06 52.79 -52.83
C SER D 695 -5.53 53.57 -51.73
N GLU D 696 -6.32 53.80 -50.60
CA GLU D 696 -5.83 54.68 -49.54
C GLU D 696 -4.59 54.15 -48.85
N ASN D 697 -4.57 52.85 -48.54
CA ASN D 697 -3.41 52.31 -47.78
C ASN D 697 -2.79 51.15 -48.55
N ASN D 698 -2.18 51.48 -49.69
CA ASN D 698 -1.44 50.51 -50.55
C ASN D 698 -0.23 51.24 -51.10
N VAL D 699 0.87 50.53 -51.31
CA VAL D 699 2.11 51.14 -51.88
C VAL D 699 2.63 50.20 -52.97
N LEU D 700 3.30 50.74 -54.00
CA LEU D 700 3.78 49.84 -55.03
C LEU D 700 5.17 49.36 -54.65
N GLU D 701 5.87 50.09 -53.78
CA GLU D 701 7.21 49.70 -53.37
C GLU D 701 7.43 49.93 -51.88
N SER D 702 8.18 49.04 -51.26
CA SER D 702 8.47 49.15 -49.84
C SER D 702 9.12 50.50 -49.54
N GLN D 703 9.85 51.03 -50.50
CA GLN D 703 10.51 52.30 -50.36
C GLN D 703 9.47 53.49 -50.12
N ALA D 704 8.33 53.51 -50.90
CA ALA D 704 7.26 54.54 -50.69
C ALA D 704 6.58 54.43 -49.35
N GLY D 705 6.33 53.17 -48.87
CA GLY D 705 5.68 53.06 -47.55
C GLY D 705 6.59 53.64 -46.46
N ILE D 706 7.90 53.44 -46.58
CA ILE D 706 8.90 53.76 -45.57
C ILE D 706 8.92 55.32 -45.43
N GLN D 707 8.87 56.02 -46.60
CA GLN D 707 8.83 57.48 -46.70
C GLN D 707 7.61 58.09 -46.07
N LYS D 708 6.46 57.25 -46.04
CA LYS D 708 5.15 57.66 -45.48
C LYS D 708 5.23 57.76 -43.97
N VAL D 709 6.05 56.87 -43.36
CA VAL D 709 6.20 56.90 -41.94
C VAL D 709 7.05 58.11 -41.58
N LYS D 710 8.03 58.45 -42.45
CA LYS D 710 9.03 59.44 -42.23
C LYS D 710 8.42 60.78 -42.25
N TYR D 711 7.49 61.09 -43.16
CA TYR D 711 6.94 62.48 -43.35
C TYR D 711 5.47 62.46 -42.97
N GLY D 712 4.83 61.34 -42.52
CA GLY D 712 3.44 61.30 -42.22
C GLY D 712 3.32 60.34 -41.08
N ASN D 713 2.08 60.21 -40.46
CA ASN D 713 1.68 59.24 -39.49
C ASN D 713 1.04 58.11 -40.23
N TYR D 714 1.83 57.02 -40.22
CA TYR D 714 1.51 55.83 -40.93
C TYR D 714 2.36 54.77 -40.21
N ALA D 715 1.92 53.50 -40.35
CA ALA D 715 2.62 52.34 -39.85
C ALA D 715 2.81 51.46 -41.07
N PHE D 716 3.98 50.86 -41.38
CA PHE D 716 4.19 50.16 -42.60
C PHE D 716 4.38 48.70 -42.23
N VAL D 717 3.54 47.76 -42.72
CA VAL D 717 3.70 46.35 -42.45
C VAL D 717 4.58 45.80 -43.50
N TRP D 718 5.71 45.11 -43.20
CA TRP D 718 6.61 44.58 -44.21
C TRP D 718 7.38 43.54 -43.49
N ASP D 719 8.34 42.91 -44.21
CA ASP D 719 9.32 42.02 -43.69
C ASP D 719 10.21 42.73 -42.73
N ALA D 720 10.34 42.18 -41.53
CA ALA D 720 10.92 42.77 -40.39
C ALA D 720 12.37 43.10 -40.54
N ALA D 721 13.13 42.22 -41.22
CA ALA D 721 14.54 42.45 -41.41
C ALA D 721 14.88 43.63 -42.26
N VAL D 722 14.03 43.82 -43.30
CA VAL D 722 14.18 44.96 -44.21
C VAL D 722 13.85 46.21 -43.33
N LEU D 723 12.71 46.23 -42.54
CA LEU D 723 12.36 47.38 -41.74
C LEU D 723 13.33 47.69 -40.62
N GLU D 724 13.97 46.65 -40.08
CA GLU D 724 14.99 46.73 -39.10
C GLU D 724 16.25 47.36 -39.55
N TYR D 725 16.63 47.01 -40.82
CA TYR D 725 17.76 47.59 -41.47
C TYR D 725 17.57 49.02 -41.74
N VAL D 726 16.41 49.41 -42.27
CA VAL D 726 15.99 50.80 -42.54
C VAL D 726 15.94 51.64 -41.33
N ALA D 727 15.40 51.16 -40.20
CA ALA D 727 15.30 51.85 -38.92
C ALA D 727 16.68 52.15 -38.39
N ILE D 728 17.64 51.22 -38.51
CA ILE D 728 19.01 51.33 -38.07
C ILE D 728 19.69 52.40 -38.84
N ASN D 729 19.36 52.48 -40.16
CA ASN D 729 20.04 53.35 -41.08
C ASN D 729 19.31 54.62 -41.32
N ASP D 730 18.18 54.83 -40.54
CA ASP D 730 17.46 56.10 -40.58
C ASP D 730 18.37 57.16 -40.02
N PRO D 731 18.73 58.28 -40.62
CA PRO D 731 19.58 59.29 -40.03
C PRO D 731 18.84 60.11 -39.11
N ASP D 732 17.52 60.21 -39.30
CA ASP D 732 16.60 60.97 -38.53
C ASP D 732 16.48 60.37 -37.16
N CYS D 733 16.41 59.01 -37.09
CA CYS D 733 16.26 58.24 -35.88
C CYS D 733 14.89 58.49 -35.28
N SER D 734 13.86 58.68 -36.08
CA SER D 734 12.47 58.86 -35.78
C SER D 734 11.61 57.55 -36.06
N PHE D 735 12.28 56.40 -36.17
CA PHE D 735 11.64 55.17 -36.36
C PHE D 735 11.75 54.25 -35.12
N TYR D 736 10.68 53.40 -34.94
CA TYR D 736 10.70 52.39 -33.96
C TYR D 736 10.23 51.16 -34.73
N THR D 737 10.74 49.98 -34.44
CA THR D 737 10.36 48.88 -35.24
C THR D 737 10.24 47.76 -34.20
N VAL D 738 9.21 46.94 -34.41
CA VAL D 738 8.87 45.69 -33.63
C VAL D 738 8.58 44.73 -34.75
N GLY D 739 8.72 43.44 -34.44
CA GLY D 739 8.28 42.42 -35.42
C GLY D 739 8.41 41.00 -34.84
N ASN D 740 7.55 39.97 -35.22
CA ASN D 740 7.57 38.55 -34.95
C ASN D 740 7.95 37.72 -36.11
N THR D 741 8.74 36.65 -35.84
CA THR D 741 9.23 35.75 -36.84
C THR D 741 8.08 34.80 -37.18
N VAL D 742 8.10 34.14 -38.34
CA VAL D 742 7.04 33.30 -38.86
C VAL D 742 7.85 32.09 -39.10
N ALA D 743 7.51 31.05 -38.27
CA ALA D 743 8.24 29.80 -38.32
C ALA D 743 7.92 29.07 -39.64
N ASP D 744 8.77 28.09 -40.18
CA ASP D 744 8.46 27.46 -41.51
C ASP D 744 8.23 28.28 -42.74
N ARG D 745 8.93 29.44 -42.81
CA ARG D 745 8.97 30.28 -43.95
C ARG D 745 10.31 30.90 -43.79
N GLY D 746 11.05 31.02 -44.84
CA GLY D 746 12.47 31.48 -44.75
C GLY D 746 12.89 31.52 -46.14
N TYR D 747 14.13 32.02 -46.30
CA TYR D 747 14.83 32.18 -47.56
C TYR D 747 15.72 30.97 -47.81
N GLY D 748 15.78 30.62 -49.08
CA GLY D 748 16.53 29.46 -49.48
C GLY D 748 17.07 29.66 -50.88
N ILE D 749 18.03 28.81 -51.20
CA ILE D 749 18.68 28.83 -52.49
C ILE D 749 17.68 28.10 -53.34
N ALA D 750 17.32 28.70 -54.44
CA ALA D 750 16.30 28.14 -55.35
C ALA D 750 17.17 27.49 -56.42
N LEU D 751 16.76 26.29 -57.02
CA LEU D 751 17.49 25.56 -57.97
C LEU D 751 16.35 25.15 -58.89
N GLN D 752 16.79 24.57 -60.01
CA GLN D 752 15.95 23.99 -61.08
C GLN D 752 15.14 22.83 -60.43
N HIS D 753 14.18 22.23 -61.25
CA HIS D 753 13.41 21.16 -60.74
C HIS D 753 14.19 19.90 -61.17
N GLY D 754 14.95 19.33 -60.16
CA GLY D 754 15.86 18.23 -60.28
C GLY D 754 17.24 18.55 -60.65
N SER D 755 17.74 19.67 -60.03
CA SER D 755 19.06 20.13 -60.14
C SER D 755 19.98 19.15 -59.45
N PRO D 756 21.19 18.85 -60.05
CA PRO D 756 22.09 17.94 -59.44
C PRO D 756 23.00 18.63 -58.43
N TYR D 757 22.73 19.91 -58.06
CA TYR D 757 23.66 20.65 -57.20
C TYR D 757 23.04 20.82 -55.77
N ARG D 758 21.72 20.47 -55.65
CA ARG D 758 20.84 20.78 -54.50
C ARG D 758 21.32 20.29 -53.18
N ASP D 759 21.65 18.96 -53.11
CA ASP D 759 22.09 18.17 -51.96
C ASP D 759 23.37 18.74 -51.43
N VAL D 760 24.38 18.98 -52.27
CA VAL D 760 25.66 19.48 -51.77
C VAL D 760 25.60 20.90 -51.24
N PHE D 761 24.67 21.63 -51.90
CA PHE D 761 24.32 22.98 -51.47
C PHE D 761 23.73 22.99 -50.11
N SER D 762 22.85 22.02 -49.85
CA SER D 762 22.14 21.92 -48.58
C SER D 762 23.07 21.55 -47.46
N GLN D 763 24.08 20.58 -47.67
CA GLN D 763 25.12 20.23 -46.74
C GLN D 763 25.86 21.52 -46.35
N ARG D 764 26.25 22.36 -47.33
CA ARG D 764 27.10 23.43 -47.05
C ARG D 764 26.48 24.55 -46.17
N ILE D 765 25.16 24.76 -46.43
CA ILE D 765 24.24 25.55 -45.58
C ILE D 765 24.16 25.08 -44.20
N LEU D 766 23.97 23.79 -43.99
CA LEU D 766 23.99 23.15 -42.71
C LEU D 766 25.29 23.35 -41.98
N GLU D 767 26.44 23.14 -42.67
CA GLU D 767 27.73 23.32 -42.05
C GLU D 767 28.02 24.74 -41.54
N LEU D 768 27.72 25.72 -42.38
CA LEU D 768 27.84 27.13 -42.19
C LEU D 768 26.99 27.59 -41.03
N GLN D 769 25.77 26.92 -40.80
CA GLN D 769 24.91 27.25 -39.70
C GLN D 769 25.49 26.72 -38.36
N GLN D 770 25.98 25.45 -38.46
CA GLN D 770 26.40 24.75 -37.27
C GLN D 770 27.68 25.39 -36.67
N SER D 771 28.64 25.83 -37.57
CA SER D 771 29.83 26.46 -37.07
C SER D 771 29.53 27.85 -36.50
N GLY D 772 28.37 28.51 -36.88
CA GLY D 772 28.09 29.88 -36.44
C GLY D 772 28.74 30.94 -37.25
N ASP D 773 29.19 30.51 -38.48
CA ASP D 773 29.83 31.28 -39.59
C ASP D 773 28.69 32.04 -40.17
N MET D 774 27.42 31.57 -40.19
CA MET D 774 26.27 32.25 -40.79
C MET D 774 25.91 33.52 -40.02
N ASP D 775 26.10 33.52 -38.68
CA ASP D 775 25.84 34.68 -37.80
C ASP D 775 26.91 35.82 -37.90
N ILE D 776 28.13 35.51 -38.46
CA ILE D 776 29.24 36.44 -38.52
C ILE D 776 29.00 37.29 -39.76
N LEU D 777 28.48 36.64 -40.81
CA LEU D 777 28.09 37.36 -42.04
C LEU D 777 26.88 38.30 -41.75
N LYS D 778 25.96 37.87 -40.90
CA LYS D 778 24.84 38.54 -40.36
C LYS D 778 25.18 39.81 -39.51
N HIS D 779 26.37 39.92 -38.81
CA HIS D 779 26.57 41.16 -38.12
C HIS D 779 26.94 42.29 -38.99
N LYS D 780 27.55 42.11 -40.17
CA LYS D 780 27.91 42.98 -41.19
C LYS D 780 26.75 43.60 -41.96
N TRP D 781 25.60 42.86 -42.07
CA TRP D 781 24.54 43.30 -42.87
C TRP D 781 23.41 43.97 -42.02
N TRP D 782 23.25 43.63 -40.77
CA TRP D 782 22.37 44.30 -39.85
C TRP D 782 23.42 44.49 -38.77
N PRO D 783 23.82 45.78 -38.58
CA PRO D 783 24.82 46.14 -37.58
C PRO D 783 24.22 46.06 -36.16
#